data_8R61
#
_entry.id   8R61
#
_cell.length_a   154.100
_cell.length_b   132.490
_cell.length_c   154.530
_cell.angle_alpha   90.000
_cell.angle_beta   118.843
_cell.angle_gamma   90.000
#
_symmetry.space_group_name_H-M   'P 1 21 1'
#
loop_
_entity.id
_entity.type
_entity.pdbx_description
1 polymer 'Immunoglobulin E VH-Ceps1-Ceps1'
2 polymer 'HMM5 IgE light chain'
3 polymer 'kappa binding nanobody'
#
loop_
_entity_poly.entity_id
_entity_poly.type
_entity_poly.pdbx_seq_one_letter_code
_entity_poly.pdbx_strand_id
1 'polypeptide(L)'
;QSLEESGGRLVTPGTPLTLTCTVSGFSLSTYNIHWVRQAPGKGLEWIGVIDTGGGTYFASWAKGRFAISKTSSTTVDLKM
TSLTAADTATYFCAKGFDYSASTNLWGPGTLVTISSASTQSPSVFPLTRCCKNIPSNATSVTLGCLATGYFPEPVMVTWD
TGSLNGTTMTLPATTLTLSGHYATISLLTVSGAWAKQMFTCRVAHTPSSTDWVDNKTFSVCSRDFTPPTVKILQSSCDGG
GHFPPTIQLLCLVSGYTPGTINITWLEDGQVMDVDLSTASTTQEGELASTQSELTLSQKHWLSDRTYTCQVTYQGHTFED
STKKCADGSGSENLYFQGHHHHHHHH
;
A,D,G,J,M,P
2 'polypeptide(L)'
;ELDMTQTPSSVSAPVGGSVTINCQSSQSVYGNNYLAWYQQKAGQPPKLLIYRASTLASGAPSRFKGSGSGTQFTLTISDL
ESDDAATYYCLGYYNGVINVFGGGTNVEIKRTVGAPSVFIFPPSDEQLKSGTASVVCLLNNFYPREAKVQWKVDNALQSG
NSQESVTEQDSKDSTYSLSSTLTLSKADYEKHKVYACEVTHQGLSSPVTKSFNRGEC
;
B,E,H,K,N,Q
3 'polypeptide(L)'
;EVQLQESGGGLVQPGGSLRLSCAASGRTISRYAMSWFRQAPGKEREFVATARRSGDGAFYADSVQGRFTVSRDDAKNTVY
LQMNSLKPEDTAVYYCAIDSDTFYSGSYDYWGQGTQVTVS
;
C,F,I,L,O,R
#
# COMPACT_ATOMS: atom_id res chain seq x y z
N GLN A 1 61.82 -27.07 53.44
CA GLN A 1 62.44 -27.04 52.11
C GLN A 1 61.47 -26.48 51.06
N SER A 2 61.74 -25.23 50.64
CA SER A 2 60.85 -24.54 49.72
C SER A 2 61.61 -23.43 49.02
N LEU A 3 60.99 -22.86 48.00
CA LEU A 3 61.51 -21.70 47.32
C LEU A 3 60.39 -20.68 47.17
N GLU A 4 60.79 -19.41 47.09
CA GLU A 4 59.84 -18.32 46.93
C GLU A 4 60.49 -17.21 46.13
N GLU A 5 59.77 -16.71 45.13
CA GLU A 5 60.21 -15.62 44.28
C GLU A 5 59.74 -14.27 44.82
N SER A 6 60.48 -13.21 44.48
CA SER A 6 60.08 -11.85 44.84
C SER A 6 60.65 -10.87 43.81
N GLY A 7 60.05 -9.68 43.75
CA GLY A 7 60.51 -8.64 42.86
C GLY A 7 59.68 -8.42 41.60
N GLY A 8 58.67 -9.26 41.36
CA GLY A 8 57.80 -9.06 40.21
C GLY A 8 56.87 -7.87 40.44
N ARG A 9 56.86 -6.96 39.48
CA ARG A 9 56.10 -5.72 39.61
C ARG A 9 55.79 -5.19 38.22
N LEU A 10 55.18 -4.02 38.17
CA LEU A 10 54.87 -3.35 36.91
C LEU A 10 55.97 -2.35 36.58
N VAL A 11 56.60 -2.52 35.41
CA VAL A 11 57.60 -1.57 34.93
C VAL A 11 57.30 -1.22 33.48
N THR A 12 57.82 -0.07 33.06
CA THR A 12 57.74 0.38 31.68
C THR A 12 58.66 -0.45 30.79
N PRO A 13 58.43 -0.48 29.47
CA PRO A 13 59.38 -1.16 28.59
C PRO A 13 60.73 -0.47 28.55
N GLY A 14 61.79 -1.28 28.56
CA GLY A 14 63.15 -0.78 28.63
C GLY A 14 63.73 -0.67 30.02
N THR A 15 62.92 -0.82 31.06
CA THR A 15 63.40 -0.73 32.44
C THR A 15 64.06 -2.04 32.83
N PRO A 16 65.25 -2.00 33.45
CA PRO A 16 65.84 -3.24 34.00
C PRO A 16 65.03 -3.73 35.19
N LEU A 17 65.01 -5.05 35.35
CA LEU A 17 64.24 -5.68 36.43
C LEU A 17 65.01 -6.86 37.02
N THR A 18 65.08 -6.91 38.36
CA THR A 18 65.79 -7.96 39.09
C THR A 18 64.81 -8.73 39.97
N LEU A 19 64.74 -10.04 39.76
CA LEU A 19 63.97 -10.93 40.62
C LEU A 19 64.90 -11.69 41.56
N THR A 20 64.34 -12.15 42.67
CA THR A 20 65.12 -12.86 43.68
C THR A 20 64.41 -14.15 44.07
N CYS A 21 65.13 -15.27 43.94
CA CYS A 21 64.67 -16.56 44.43
C CYS A 21 65.30 -16.81 45.81
N THR A 22 64.49 -16.81 46.86
CA THR A 22 64.96 -17.03 48.23
C THR A 22 64.71 -18.48 48.64
N VAL A 23 65.79 -19.23 48.88
CA VAL A 23 65.66 -20.64 49.20
C VAL A 23 65.81 -20.85 50.69
N SER A 24 65.05 -21.80 51.21
CA SER A 24 65.08 -22.24 52.61
C SER A 24 65.09 -23.77 52.63
N GLY A 25 65.98 -24.36 53.42
CA GLY A 25 65.99 -25.81 53.55
C GLY A 25 67.18 -26.57 52.98
N PHE A 26 67.54 -26.29 51.73
CA PHE A 26 68.64 -26.94 51.02
C PHE A 26 69.77 -25.92 50.79
N SER A 27 70.90 -26.43 50.31
CA SER A 27 72.09 -25.62 50.07
C SER A 27 72.31 -25.42 48.58
N LEU A 28 72.80 -24.23 48.23
CA LEU A 28 73.11 -23.93 46.84
C LEU A 28 74.49 -24.44 46.44
N SER A 29 75.31 -24.90 47.40
CA SER A 29 76.54 -25.60 47.06
C SER A 29 76.30 -27.06 46.71
N THR A 30 75.05 -27.53 46.81
CA THR A 30 74.67 -28.86 46.38
C THR A 30 73.73 -28.85 45.18
N TYR A 31 72.83 -27.87 45.09
CA TYR A 31 71.74 -27.87 44.12
C TYR A 31 71.84 -26.67 43.20
N ASN A 32 71.30 -26.83 42.00
CA ASN A 32 71.22 -25.76 41.02
C ASN A 32 69.88 -25.04 41.15
N ILE A 33 69.74 -23.91 40.45
CA ILE A 33 68.51 -23.14 40.45
C ILE A 33 68.11 -22.87 39.00
N HIS A 34 66.94 -23.36 38.59
CA HIS A 34 66.40 -23.08 37.27
C HIS A 34 65.53 -21.84 37.32
N TRP A 35 65.31 -21.24 36.15
CA TRP A 35 64.35 -20.16 35.98
C TRP A 35 63.44 -20.54 34.83
N VAL A 36 62.13 -20.53 35.09
CA VAL A 36 61.09 -20.88 34.13
C VAL A 36 60.06 -19.77 34.20
N ARG A 37 59.61 -19.26 33.06
CA ARG A 37 58.53 -18.29 33.03
C ARG A 37 57.31 -18.86 32.29
N GLN A 38 56.20 -18.13 32.38
CA GLN A 38 54.94 -18.56 31.78
C GLN A 38 54.06 -17.34 31.51
N ALA A 39 53.82 -17.05 30.22
CA ALA A 39 52.93 -15.98 29.83
C ALA A 39 51.48 -16.31 30.22
N PRO A 40 50.64 -15.30 30.46
CA PRO A 40 49.24 -15.55 30.84
C PRO A 40 48.47 -16.27 29.75
N GLY A 41 47.92 -17.43 30.11
CA GLY A 41 47.24 -18.31 29.19
C GLY A 41 48.15 -19.10 28.26
N LYS A 42 49.46 -19.08 28.51
CA LYS A 42 50.40 -19.76 27.64
C LYS A 42 51.18 -20.81 28.42
N GLY A 43 52.10 -21.48 27.74
CA GLY A 43 52.78 -22.62 28.31
C GLY A 43 54.03 -22.25 29.05
N LEU A 44 54.66 -23.28 29.61
CA LEU A 44 55.90 -23.09 30.34
C LEU A 44 57.05 -22.89 29.34
N GLU A 45 58.03 -22.11 29.76
CA GLU A 45 59.16 -21.74 28.92
C GLU A 45 60.39 -21.64 29.80
N TRP A 46 61.43 -22.43 29.47
CA TRP A 46 62.67 -22.44 30.25
C TRP A 46 63.54 -21.22 29.92
N ILE A 47 64.13 -20.61 30.97
CA ILE A 47 65.00 -19.43 30.79
C ILE A 47 66.48 -19.79 30.93
N GLY A 48 66.87 -20.30 32.10
CA GLY A 48 68.28 -20.56 32.33
C GLY A 48 68.49 -21.32 33.63
N VAL A 49 69.75 -21.59 33.94
CA VAL A 49 70.10 -22.36 35.14
C VAL A 49 71.46 -21.86 35.62
N ILE A 50 71.65 -21.80 36.94
CA ILE A 50 72.96 -21.53 37.53
C ILE A 50 73.41 -22.76 38.30
N ASP A 51 74.67 -23.15 38.13
CA ASP A 51 75.16 -24.34 38.81
C ASP A 51 75.76 -23.95 40.16
N THR A 52 76.37 -24.92 40.85
CA THR A 52 76.95 -24.65 42.16
C THR A 52 78.23 -23.83 42.06
N GLY A 53 78.96 -23.94 40.94
CA GLY A 53 80.17 -23.19 40.68
C GLY A 53 79.96 -21.78 40.16
N GLY A 54 78.74 -21.43 39.77
CA GLY A 54 78.39 -20.10 39.30
C GLY A 54 78.20 -19.96 37.81
N GLY A 55 78.36 -21.05 37.04
CA GLY A 55 78.18 -20.99 35.58
C GLY A 55 76.73 -21.01 35.14
N THR A 56 76.38 -20.09 34.25
CA THR A 56 75.00 -19.97 33.78
C THR A 56 74.88 -20.38 32.32
N TYR A 57 73.81 -21.14 32.02
CA TYR A 57 73.48 -21.56 30.67
C TYR A 57 72.01 -21.25 30.43
N PHE A 58 71.69 -20.73 29.23
CA PHE A 58 70.39 -20.15 28.94
C PHE A 58 69.78 -20.80 27.71
N ALA A 59 68.58 -20.33 27.36
CA ALA A 59 67.87 -20.76 26.17
C ALA A 59 68.37 -20.01 24.94
N SER A 60 67.94 -20.48 23.76
CA SER A 60 68.39 -19.88 22.50
C SER A 60 67.82 -18.49 22.28
N TRP A 61 66.60 -18.25 22.75
CA TRP A 61 65.94 -16.97 22.56
C TRP A 61 66.36 -15.92 23.57
N ALA A 62 67.17 -16.28 24.57
CA ALA A 62 67.51 -15.34 25.64
C ALA A 62 68.41 -14.22 25.13
N LYS A 63 69.46 -14.59 24.39
CA LYS A 63 70.34 -13.67 23.64
C LYS A 63 71.03 -12.66 24.56
N GLY A 64 71.43 -13.12 25.74
CA GLY A 64 72.16 -12.31 26.70
C GLY A 64 71.35 -11.31 27.47
N ARG A 65 70.02 -11.32 27.33
CA ARG A 65 69.20 -10.40 28.09
C ARG A 65 69.01 -10.84 29.53
N PHE A 66 69.31 -12.09 29.83
CA PHE A 66 69.09 -12.63 31.16
C PHE A 66 70.42 -13.00 31.76
N ALA A 67 70.55 -12.76 33.05
CA ALA A 67 71.75 -13.07 33.81
C ALA A 67 71.34 -13.57 35.18
N ILE A 68 71.99 -14.63 35.63
CA ILE A 68 71.73 -15.25 36.93
C ILE A 68 72.97 -15.13 37.79
N SER A 69 72.78 -14.77 39.06
CA SER A 69 73.87 -14.55 39.99
C SER A 69 73.51 -15.03 41.39
N LYS A 70 74.47 -15.68 42.04
CA LYS A 70 74.34 -16.08 43.44
C LYS A 70 74.75 -14.90 44.30
N THR A 71 73.80 -14.37 45.06
CA THR A 71 74.03 -13.18 45.89
C THR A 71 74.35 -13.49 47.34
N SER A 72 73.70 -14.49 47.93
CA SER A 72 74.03 -14.95 49.28
C SER A 72 73.90 -16.48 49.29
N SER A 73 73.97 -17.09 50.49
CA SER A 73 73.82 -18.53 50.59
C SER A 73 72.38 -18.98 50.40
N THR A 74 71.42 -18.06 50.52
CA THR A 74 70.01 -18.39 50.40
C THR A 74 69.30 -17.67 49.26
N THR A 75 69.95 -16.74 48.57
CA THR A 75 69.31 -15.92 47.55
C THR A 75 70.04 -16.07 46.23
N VAL A 76 69.27 -16.12 45.14
CA VAL A 76 69.79 -16.17 43.78
C VAL A 76 69.03 -15.12 42.98
N ASP A 77 69.75 -14.25 42.28
CA ASP A 77 69.12 -13.18 41.53
C ASP A 77 69.04 -13.49 40.04
N LEU A 78 67.97 -12.99 39.41
CA LEU A 78 67.76 -13.05 37.97
C LEU A 78 67.57 -11.61 37.47
N LYS A 79 68.53 -11.12 36.69
CA LYS A 79 68.50 -9.78 36.13
C LYS A 79 68.03 -9.84 34.68
N MET A 80 67.03 -9.03 34.35
CA MET A 80 66.43 -9.00 33.02
C MET A 80 66.56 -7.61 32.43
N THR A 81 67.02 -7.53 31.18
CA THR A 81 67.14 -6.28 30.43
C THR A 81 66.38 -6.39 29.11
N SER A 82 66.18 -5.21 28.48
CA SER A 82 65.48 -5.04 27.18
C SER A 82 64.06 -5.61 27.21
N LEU A 83 63.34 -5.33 28.28
CA LEU A 83 62.02 -5.91 28.49
C LEU A 83 60.97 -5.21 27.65
N THR A 84 60.17 -5.99 26.94
CA THR A 84 59.00 -5.54 26.23
C THR A 84 57.80 -6.27 26.77
N ALA A 85 56.64 -6.04 26.13
CA ALA A 85 55.36 -6.60 26.58
C ALA A 85 55.30 -8.11 26.43
N ALA A 86 56.15 -8.71 25.59
CA ALA A 86 56.21 -10.17 25.47
C ALA A 86 56.82 -10.84 26.70
N ASP A 87 57.46 -10.09 27.59
CA ASP A 87 58.02 -10.66 28.80
C ASP A 87 57.06 -10.60 29.98
N THR A 88 55.80 -10.20 29.77
CA THR A 88 54.82 -10.23 30.83
C THR A 88 54.49 -11.68 31.13
N ALA A 89 54.92 -12.15 32.31
CA ALA A 89 54.85 -13.57 32.63
C ALA A 89 54.93 -13.73 34.13
N THR A 90 54.56 -14.93 34.60
CA THR A 90 54.79 -15.38 35.96
C THR A 90 56.07 -16.18 35.98
N TYR A 91 57.03 -15.76 36.81
CA TYR A 91 58.39 -16.29 36.77
C TYR A 91 58.60 -17.22 37.95
N PHE A 92 58.97 -18.46 37.67
CA PHE A 92 59.20 -19.48 38.70
C PHE A 92 60.69 -19.74 38.79
N CYS A 93 61.14 -20.08 40.01
CA CYS A 93 62.46 -20.64 40.23
C CYS A 93 62.28 -22.04 40.81
N ALA A 94 63.25 -22.91 40.57
CA ALA A 94 63.10 -24.30 40.96
C ALA A 94 64.45 -24.87 41.39
N LYS A 95 64.41 -25.75 42.38
CA LYS A 95 65.61 -26.41 42.87
C LYS A 95 66.00 -27.52 41.90
N GLY A 96 67.15 -27.38 41.25
CA GLY A 96 67.59 -28.34 40.26
C GLY A 96 68.60 -29.31 40.87
N PHE A 97 68.37 -30.59 40.61
CA PHE A 97 69.32 -31.63 41.00
C PHE A 97 70.47 -31.69 40.02
N ASP A 98 70.18 -31.57 38.74
CA ASP A 98 71.20 -31.51 37.70
C ASP A 98 70.87 -30.36 36.75
N TYR A 99 71.43 -30.41 35.55
CA TYR A 99 71.17 -29.41 34.52
C TYR A 99 69.81 -29.59 33.86
N SER A 100 69.18 -30.74 34.03
CA SER A 100 67.81 -30.94 33.56
C SER A 100 66.83 -30.19 34.44
N ALA A 101 65.78 -29.66 33.81
CA ALA A 101 64.74 -28.96 34.55
C ALA A 101 63.62 -29.91 34.97
N SER A 102 64.00 -31.06 35.54
CA SER A 102 63.06 -32.08 36.04
C SER A 102 63.16 -32.06 37.56
N THR A 103 62.17 -31.45 38.21
CA THR A 103 62.24 -31.26 39.65
C THR A 103 60.85 -31.15 40.25
N ASN A 104 60.76 -31.50 41.54
CA ASN A 104 59.51 -31.49 42.27
C ASN A 104 59.38 -30.33 43.24
N LEU A 105 60.35 -29.42 43.26
CA LEU A 105 60.37 -28.32 44.22
C LEU A 105 60.43 -27.01 43.44
N TRP A 106 59.31 -26.30 43.42
CA TRP A 106 59.15 -25.07 42.65
C TRP A 106 58.68 -23.93 43.55
N GLY A 107 59.03 -22.70 43.17
CA GLY A 107 58.49 -21.56 43.87
C GLY A 107 57.05 -21.28 43.44
N PRO A 108 56.31 -20.48 44.20
CA PRO A 108 54.94 -20.16 43.78
C PRO A 108 54.88 -19.23 42.60
N GLY A 109 55.95 -18.52 42.30
CA GLY A 109 55.96 -17.66 41.15
C GLY A 109 55.67 -16.23 41.53
N THR A 110 56.31 -15.31 40.81
CA THR A 110 56.05 -13.89 40.97
C THR A 110 55.63 -13.35 39.60
N LEU A 111 54.75 -12.35 39.60
CA LEU A 111 54.10 -11.87 38.39
C LEU A 111 54.78 -10.58 37.92
N VAL A 112 55.27 -10.60 36.69
CA VAL A 112 55.96 -9.47 36.09
C VAL A 112 55.07 -8.91 34.99
N THR A 113 54.82 -7.59 35.03
CA THR A 113 54.02 -6.90 34.02
C THR A 113 54.85 -5.81 33.36
N ILE A 114 54.96 -5.88 32.03
CA ILE A 114 55.68 -4.89 31.26
C ILE A 114 54.64 -4.12 30.45
N SER A 115 54.36 -2.90 30.88
CA SER A 115 53.37 -2.07 30.21
C SER A 115 53.66 -0.60 30.52
N SER A 116 53.03 0.28 29.74
CA SER A 116 53.11 1.71 29.98
C SER A 116 51.86 2.25 30.64
N ALA A 117 51.06 1.38 31.27
CA ALA A 117 49.87 1.80 31.98
C ALA A 117 50.19 2.08 33.45
N SER A 118 49.29 2.82 34.09
CA SER A 118 49.49 3.25 35.46
C SER A 118 48.91 2.25 36.44
N THR A 119 49.56 2.14 37.61
CA THR A 119 49.05 1.32 38.70
C THR A 119 47.74 1.92 39.20
N GLN A 120 46.64 1.23 38.92
CA GLN A 120 45.31 1.70 39.29
C GLN A 120 44.66 0.73 40.27
N SER A 121 44.00 1.28 41.27
CA SER A 121 43.32 0.50 42.28
C SER A 121 41.93 0.08 41.78
N PRO A 122 41.44 -1.09 42.20
CA PRO A 122 40.14 -1.56 41.70
C PRO A 122 38.96 -0.79 42.27
N SER A 123 37.93 -0.63 41.44
CA SER A 123 36.63 -0.18 41.90
C SER A 123 35.73 -1.38 42.16
N VAL A 124 35.18 -1.48 43.37
CA VAL A 124 34.41 -2.64 43.81
C VAL A 124 32.94 -2.25 43.83
N PHE A 125 32.10 -3.01 43.12
CA PHE A 125 30.67 -2.75 43.03
C PHE A 125 29.89 -4.02 43.34
N PRO A 126 28.80 -3.93 44.09
CA PRO A 126 28.03 -5.14 44.42
C PRO A 126 27.19 -5.62 43.24
N LEU A 127 27.00 -6.93 43.18
CA LEU A 127 26.19 -7.54 42.14
C LEU A 127 25.02 -8.24 42.81
N THR A 128 23.83 -7.62 42.74
CA THR A 128 22.60 -8.21 43.23
C THR A 128 21.57 -8.17 42.11
N ARG A 129 20.71 -9.20 42.07
CA ARG A 129 19.66 -9.30 41.07
C ARG A 129 18.51 -8.34 41.37
N CYS A 130 17.60 -8.22 40.38
CA CYS A 130 16.34 -7.52 40.62
C CYS A 130 15.53 -8.29 41.65
N CYS A 131 15.05 -7.58 42.68
CA CYS A 131 14.40 -8.24 43.79
C CYS A 131 13.02 -8.79 43.41
N LYS A 132 12.37 -8.19 42.40
CA LYS A 132 11.14 -8.77 41.88
C LYS A 132 11.41 -10.04 41.07
N ASN A 133 12.62 -10.18 40.54
CA ASN A 133 13.00 -11.37 39.80
C ASN A 133 13.56 -12.47 40.70
N ILE A 134 13.76 -12.20 41.99
CA ILE A 134 14.13 -13.25 42.94
C ILE A 134 12.84 -13.85 43.50
N PRO A 135 12.66 -15.16 43.48
CA PRO A 135 11.45 -15.77 44.07
C PRO A 135 11.41 -15.62 45.58
N SER A 136 10.18 -15.50 46.10
CA SER A 136 10.00 -15.35 47.55
C SER A 136 10.26 -16.65 48.30
N ASN A 137 10.10 -17.80 47.64
CA ASN A 137 10.37 -19.10 48.26
C ASN A 137 11.75 -19.64 47.88
N ALA A 138 12.71 -18.76 47.61
CA ALA A 138 14.05 -19.18 47.23
C ALA A 138 14.87 -19.54 48.46
N THR A 139 15.33 -20.78 48.52
CA THR A 139 16.13 -21.25 49.65
C THR A 139 17.58 -20.77 49.58
N SER A 140 18.11 -20.51 48.38
CA SER A 140 19.47 -20.00 48.22
C SER A 140 19.47 -18.82 47.26
N VAL A 141 20.53 -18.02 47.33
CA VAL A 141 20.65 -16.83 46.49
C VAL A 141 22.11 -16.70 46.02
N THR A 142 22.28 -16.11 44.84
CA THR A 142 23.60 -15.87 44.26
C THR A 142 23.85 -14.36 44.19
N LEU A 143 24.91 -13.90 44.83
CA LEU A 143 25.29 -12.51 44.82
C LEU A 143 26.77 -12.43 44.46
N GLY A 144 27.27 -11.21 44.25
CA GLY A 144 28.66 -11.12 43.84
C GLY A 144 29.23 -9.72 43.93
N CYS A 145 30.53 -9.63 43.64
CA CYS A 145 31.28 -8.39 43.64
C CYS A 145 32.05 -8.26 42.34
N LEU A 146 32.00 -7.06 41.76
CA LEU A 146 32.73 -6.74 40.53
C LEU A 146 33.88 -5.80 40.91
N ALA A 147 35.11 -6.29 40.77
CA ALA A 147 36.31 -5.48 40.96
C ALA A 147 36.89 -5.16 39.60
N THR A 148 36.76 -3.91 39.16
CA THR A 148 37.06 -3.58 37.77
C THR A 148 37.97 -2.35 37.71
N GLY A 149 38.70 -2.22 36.60
CA GLY A 149 39.52 -1.06 36.34
C GLY A 149 40.88 -0.99 37.02
N TYR A 150 41.40 -2.12 37.49
CA TYR A 150 42.69 -2.17 38.17
C TYR A 150 43.77 -2.67 37.22
N PHE A 151 45.01 -2.33 37.56
CA PHE A 151 46.18 -2.77 36.81
C PHE A 151 47.41 -2.66 37.71
N PRO A 152 48.29 -3.67 37.75
CA PRO A 152 48.19 -4.99 37.10
C PRO A 152 47.52 -6.09 37.94
N GLU A 153 47.71 -7.34 37.53
CA GLU A 153 47.22 -8.47 38.30
C GLU A 153 48.07 -8.65 39.55
N PRO A 154 47.52 -9.23 40.64
CA PRO A 154 46.17 -9.76 40.87
C PRO A 154 45.30 -9.00 41.87
N VAL A 155 44.05 -9.43 41.97
CA VAL A 155 43.21 -9.09 43.11
C VAL A 155 42.86 -10.39 43.82
N MET A 156 42.51 -10.24 45.10
CA MET A 156 42.10 -11.33 45.97
C MET A 156 40.80 -10.95 46.62
N VAL A 157 39.74 -11.73 46.37
CA VAL A 157 38.44 -11.48 46.97
C VAL A 157 38.15 -12.56 48.00
N THR A 158 37.94 -12.15 49.24
CA THR A 158 37.45 -13.05 50.27
C THR A 158 36.07 -12.55 50.70
N TRP A 159 35.32 -13.41 51.38
CA TRP A 159 33.95 -13.10 51.72
C TRP A 159 33.69 -13.29 53.21
N ASP A 160 32.94 -12.36 53.78
CA ASP A 160 32.37 -12.48 55.12
C ASP A 160 30.90 -12.81 54.94
N THR A 161 30.49 -13.99 55.44
CA THR A 161 29.11 -14.44 55.27
C THR A 161 28.31 -14.39 56.57
N GLY A 162 28.90 -13.91 57.67
CA GLY A 162 28.22 -13.91 58.95
C GLY A 162 28.05 -15.29 59.55
N SER A 163 26.80 -15.68 59.84
CA SER A 163 26.52 -16.99 60.41
C SER A 163 26.18 -18.02 59.33
N LEU A 164 26.03 -17.60 58.08
CA LEU A 164 25.64 -18.48 57.00
C LEU A 164 26.87 -19.16 56.39
N ASN A 165 26.65 -20.39 55.89
CA ASN A 165 27.67 -21.11 55.14
C ASN A 165 27.50 -20.85 53.65
N GLY A 166 28.60 -20.52 52.97
CA GLY A 166 28.54 -20.20 51.57
C GLY A 166 29.74 -20.76 50.82
N THR A 167 29.55 -20.93 49.52
CA THR A 167 30.60 -21.36 48.60
C THR A 167 30.98 -20.19 47.70
N THR A 168 32.28 -19.94 47.58
CA THR A 168 32.79 -18.81 46.81
C THR A 168 33.37 -19.29 45.49
N MET A 169 33.34 -18.41 44.49
CA MET A 169 33.89 -18.73 43.18
C MET A 169 34.39 -17.46 42.52
N THR A 170 35.66 -17.43 42.15
CA THR A 170 36.25 -16.24 41.53
C THR A 170 36.56 -16.61 40.08
N LEU A 171 36.05 -15.82 39.14
CA LEU A 171 36.35 -16.05 37.74
C LEU A 171 37.72 -15.47 37.37
N PRO A 172 38.36 -15.99 36.30
CA PRO A 172 39.62 -15.40 35.84
C PRO A 172 39.43 -13.96 35.36
N ALA A 173 40.52 -13.20 35.40
CA ALA A 173 40.45 -11.80 35.04
C ALA A 173 40.32 -11.63 33.54
N THR A 174 39.58 -10.61 33.14
CA THR A 174 39.45 -10.22 31.74
C THR A 174 40.16 -8.89 31.52
N THR A 175 40.86 -8.78 30.39
CA THR A 175 41.47 -7.51 29.99
C THR A 175 40.40 -6.65 29.37
N LEU A 176 40.14 -5.47 29.96
CA LEU A 176 39.20 -4.54 29.36
C LEU A 176 39.78 -4.01 28.06
N THR A 177 38.96 -4.00 27.01
CA THR A 177 39.51 -3.73 25.68
C THR A 177 39.86 -2.26 25.49
N LEU A 178 39.17 -1.34 26.17
CA LEU A 178 39.45 0.07 25.89
C LEU A 178 40.65 0.60 26.67
N SER A 179 40.81 0.16 27.94
CA SER A 179 41.81 0.73 28.85
C SER A 179 43.01 -0.17 29.13
N GLY A 180 42.92 -1.47 28.87
CA GLY A 180 43.96 -2.41 29.22
C GLY A 180 43.96 -2.87 30.66
N HIS A 181 43.10 -2.29 31.50
CA HIS A 181 43.01 -2.72 32.89
C HIS A 181 42.21 -4.02 32.98
N TYR A 182 42.29 -4.67 34.13
CA TYR A 182 41.66 -5.96 34.36
C TYR A 182 40.34 -5.81 35.12
N ALA A 183 39.53 -6.86 35.07
CA ALA A 183 38.29 -6.92 35.85
C ALA A 183 37.98 -8.37 36.21
N THR A 184 37.49 -8.58 37.44
CA THR A 184 37.11 -9.91 37.92
C THR A 184 35.75 -9.87 38.57
N ILE A 185 35.15 -11.05 38.65
CA ILE A 185 33.85 -11.24 39.28
C ILE A 185 34.01 -12.37 40.28
N SER A 186 33.77 -12.07 41.55
CA SER A 186 33.74 -13.08 42.59
C SER A 186 32.29 -13.26 43.00
N LEU A 187 31.87 -14.51 43.13
CA LEU A 187 30.48 -14.83 43.41
C LEU A 187 30.37 -15.63 44.69
N LEU A 188 29.28 -15.40 45.41
CA LEU A 188 29.00 -16.06 46.68
C LEU A 188 27.59 -16.61 46.63
N THR A 189 27.43 -17.90 46.96
CA THR A 189 26.14 -18.56 47.00
C THR A 189 25.88 -19.04 48.42
N VAL A 190 24.92 -18.42 49.11
CA VAL A 190 24.58 -18.77 50.48
C VAL A 190 23.15 -19.32 50.53
N SER A 191 22.87 -20.09 51.58
CA SER A 191 21.55 -20.62 51.84
C SER A 191 21.15 -20.25 53.28
N GLY A 192 19.85 -20.19 53.51
CA GLY A 192 19.37 -19.87 54.85
C GLY A 192 18.69 -18.51 54.96
N ALA A 193 19.05 -17.74 55.98
CA ALA A 193 18.42 -16.45 56.23
C ALA A 193 19.17 -15.31 55.52
N TRP A 194 19.20 -15.41 54.19
CA TRP A 194 19.92 -14.41 53.41
C TRP A 194 19.13 -13.12 53.24
N ALA A 195 17.84 -13.12 53.59
CA ALA A 195 17.00 -11.96 53.36
C ALA A 195 17.35 -10.82 54.30
N LYS A 196 17.77 -11.14 55.53
CA LYS A 196 18.10 -10.14 56.54
C LYS A 196 19.59 -10.05 56.83
N GLN A 197 20.40 -10.80 56.09
CA GLN A 197 21.85 -10.91 56.32
C GLN A 197 22.63 -9.89 55.50
N MET A 198 23.62 -9.27 56.14
CA MET A 198 24.55 -8.40 55.44
C MET A 198 25.79 -9.19 55.04
N PHE A 199 26.22 -9.01 53.79
CA PHE A 199 27.35 -9.72 53.20
C PHE A 199 28.43 -8.72 52.81
N THR A 200 29.69 -9.12 53.00
CA THR A 200 30.84 -8.27 52.72
C THR A 200 31.86 -9.02 51.86
N CYS A 201 32.29 -8.41 50.75
CA CYS A 201 33.45 -8.91 50.03
C CYS A 201 34.67 -8.04 50.33
N ARG A 202 35.81 -8.68 50.51
CA ARG A 202 37.05 -8.01 50.89
C ARG A 202 38.03 -8.16 49.73
N VAL A 203 38.20 -7.09 48.96
CA VAL A 203 39.01 -7.10 47.73
C VAL A 203 40.36 -6.46 48.02
N ALA A 204 41.42 -7.26 47.96
CA ALA A 204 42.78 -6.79 48.22
C ALA A 204 43.58 -6.72 46.93
N HIS A 205 44.34 -5.65 46.78
CA HIS A 205 45.14 -5.41 45.58
C HIS A 205 46.54 -5.01 46.02
N THR A 206 47.42 -6.01 46.18
CA THR A 206 48.81 -5.79 46.54
C THR A 206 49.70 -4.99 45.58
N PRO A 207 49.47 -4.91 44.26
CA PRO A 207 50.27 -3.95 43.46
C PRO A 207 50.04 -2.49 43.79
N SER A 208 48.87 -2.11 44.31
CA SER A 208 48.66 -0.73 44.72
C SER A 208 49.43 -0.44 46.01
N SER A 209 49.18 -1.24 47.03
CA SER A 209 49.88 -1.20 48.31
C SER A 209 49.63 -2.56 48.96
N THR A 210 50.53 -2.95 49.87
CA THR A 210 50.42 -4.24 50.55
C THR A 210 49.22 -4.34 51.48
N ASP A 211 48.69 -3.22 51.94
CA ASP A 211 47.49 -3.21 52.78
C ASP A 211 46.29 -2.56 52.10
N TRP A 212 46.26 -2.51 50.77
CA TRP A 212 45.10 -1.96 50.07
C TRP A 212 43.96 -2.98 50.19
N VAL A 213 42.90 -2.61 50.89
CA VAL A 213 41.75 -3.47 51.15
C VAL A 213 40.48 -2.66 50.95
N ASP A 214 39.55 -3.18 50.14
CA ASP A 214 38.22 -2.57 49.97
C ASP A 214 37.16 -3.53 50.47
N ASN A 215 36.36 -3.08 51.43
CA ASN A 215 35.27 -3.86 52.00
C ASN A 215 33.96 -3.26 51.54
N LYS A 216 33.21 -4.02 50.75
CA LYS A 216 31.91 -3.60 50.23
C LYS A 216 30.84 -4.39 50.97
N THR A 217 30.12 -3.73 51.87
CA THR A 217 29.07 -4.35 52.67
C THR A 217 27.72 -3.99 52.05
N PHE A 218 26.91 -5.02 51.81
CA PHE A 218 25.64 -4.86 51.13
C PHE A 218 24.76 -6.05 51.46
N SER A 219 23.47 -5.89 51.17
CA SER A 219 22.47 -6.94 51.30
C SER A 219 21.96 -7.36 49.92
N VAL A 220 21.19 -8.44 49.89
CA VAL A 220 20.63 -8.93 48.64
C VAL A 220 19.53 -8.00 48.15
N CYS A 221 18.66 -7.57 49.05
CA CYS A 221 17.52 -6.73 48.68
C CYS A 221 17.53 -5.48 49.53
N SER A 222 17.45 -4.32 48.87
CA SER A 222 17.36 -3.03 49.56
C SER A 222 15.91 -2.71 49.92
N ARG A 223 15.33 -3.55 50.78
CA ARG A 223 13.98 -3.33 51.32
C ARG A 223 13.96 -2.31 52.45
N GLU B 1 66.15 -23.72 17.54
CA GLU B 1 66.30 -24.54 16.35
C GLU B 1 65.53 -25.87 16.52
N LEU B 2 65.85 -26.62 17.58
CA LEU B 2 65.22 -27.92 17.80
C LEU B 2 63.83 -27.80 18.42
N ASP B 3 62.97 -28.76 18.09
CA ASP B 3 61.55 -28.71 18.44
C ASP B 3 61.17 -29.84 19.37
N MET B 4 60.22 -29.55 20.26
CA MET B 4 59.58 -30.57 21.10
C MET B 4 58.08 -30.46 20.85
N THR B 5 57.51 -31.48 20.18
CA THR B 5 56.16 -31.42 19.62
C THR B 5 55.22 -32.26 20.46
N GLN B 6 54.27 -31.61 21.14
CA GLN B 6 53.33 -32.27 22.02
C GLN B 6 51.96 -32.34 21.35
N THR B 7 51.43 -33.55 21.15
CA THR B 7 50.12 -33.77 20.54
C THR B 7 49.33 -34.74 21.41
N PRO B 8 48.01 -34.56 21.52
CA PRO B 8 47.18 -33.46 20.99
C PRO B 8 47.23 -32.25 21.91
N SER B 9 46.73 -31.07 21.54
CA SER B 9 46.70 -29.97 22.47
C SER B 9 45.52 -30.07 23.44
N SER B 10 44.50 -30.85 23.09
CA SER B 10 43.31 -31.03 23.92
C SER B 10 42.83 -32.46 23.79
N VAL B 11 42.31 -33.03 24.88
CA VAL B 11 41.78 -34.39 24.88
C VAL B 11 40.72 -34.53 25.99
N SER B 12 39.67 -35.30 25.70
CA SER B 12 38.54 -35.51 26.61
C SER B 12 38.30 -37.00 26.83
N ALA B 13 38.09 -37.38 28.09
CA ALA B 13 37.86 -38.77 28.47
C ALA B 13 37.10 -38.77 29.79
N PRO B 14 36.21 -39.74 30.03
CA PRO B 14 35.39 -39.72 31.25
C PRO B 14 36.18 -40.23 32.45
N VAL B 15 35.51 -40.18 33.60
CA VAL B 15 36.08 -40.75 34.83
C VAL B 15 36.14 -42.26 34.67
N GLY B 16 37.34 -42.82 34.86
CA GLY B 16 37.60 -44.22 34.64
C GLY B 16 38.18 -44.54 33.28
N GLY B 17 38.21 -43.58 32.35
CA GLY B 17 38.80 -43.78 31.05
C GLY B 17 40.29 -43.53 31.07
N SER B 18 40.87 -43.34 29.89
CA SER B 18 42.31 -43.22 29.78
C SER B 18 42.65 -42.18 28.72
N VAL B 19 43.78 -41.49 28.89
CA VAL B 19 44.30 -40.58 27.87
C VAL B 19 45.77 -40.89 27.59
N THR B 20 46.19 -40.59 26.35
CA THR B 20 47.58 -40.71 25.92
C THR B 20 48.04 -39.38 25.34
N ILE B 21 49.14 -38.85 25.87
CA ILE B 21 49.74 -37.59 25.45
C ILE B 21 51.13 -37.91 24.90
N ASN B 22 51.43 -37.48 23.67
CA ASN B 22 52.70 -37.80 23.03
C ASN B 22 53.59 -36.58 22.89
N CYS B 23 54.90 -36.79 23.06
CA CYS B 23 55.92 -35.78 22.82
C CYS B 23 56.97 -36.33 21.87
N GLN B 24 57.18 -35.62 20.77
CA GLN B 24 58.11 -36.02 19.73
C GLN B 24 59.14 -34.91 19.58
N SER B 25 60.42 -35.27 19.71
CA SER B 25 61.51 -34.31 19.64
C SER B 25 62.24 -34.41 18.31
N SER B 26 62.76 -33.27 17.84
CA SER B 26 63.49 -33.26 16.56
C SER B 26 64.87 -33.88 16.66
N GLN B 27 65.45 -33.89 17.85
CA GLN B 27 66.75 -34.50 18.11
C GLN B 27 66.59 -35.33 19.39
N SER B 28 67.32 -36.45 19.48
CA SER B 28 67.27 -37.32 20.66
C SER B 28 67.70 -36.59 21.93
N VAL B 29 66.99 -36.85 23.02
CA VAL B 29 67.27 -36.21 24.30
C VAL B 29 68.56 -36.78 24.91
N TYR B 30 69.06 -36.12 25.97
CA TYR B 30 70.33 -36.48 26.60
C TYR B 30 70.25 -37.85 27.23
N GLY B 31 71.15 -38.75 26.83
CA GLY B 31 71.15 -40.11 27.31
C GLY B 31 69.95 -40.94 26.91
N ASN B 32 69.21 -40.49 25.88
CA ASN B 32 68.01 -41.11 25.29
C ASN B 32 66.83 -41.20 26.25
N ASN B 33 66.90 -40.62 27.44
CA ASN B 33 65.78 -40.77 28.35
C ASN B 33 65.56 -39.57 29.27
N TYR B 34 66.31 -38.48 29.13
CA TYR B 34 66.10 -37.30 29.97
C TYR B 34 64.86 -36.55 29.49
N LEU B 35 63.71 -37.03 29.94
CA LEU B 35 62.41 -36.46 29.56
C LEU B 35 61.50 -36.50 30.78
N ALA B 36 60.89 -35.38 31.12
CA ALA B 36 60.05 -35.31 32.30
C ALA B 36 58.61 -35.00 31.90
N TRP B 37 57.68 -35.19 32.82
CA TRP B 37 56.28 -34.84 32.61
C TRP B 37 55.76 -34.06 33.80
N TYR B 38 55.02 -32.99 33.51
CA TYR B 38 54.50 -32.11 34.53
C TYR B 38 52.99 -32.04 34.48
N GLN B 39 52.38 -31.74 35.63
CA GLN B 39 50.96 -31.45 35.74
C GLN B 39 50.81 -30.06 36.34
N GLN B 40 50.02 -29.19 35.71
CA GLN B 40 49.86 -27.84 36.23
C GLN B 40 48.39 -27.46 36.27
N LYS B 41 47.96 -26.86 37.37
CA LYS B 41 46.64 -26.25 37.48
C LYS B 41 46.76 -24.73 37.59
N ALA B 42 45.60 -24.06 37.64
CA ALA B 42 45.56 -22.60 37.52
C ALA B 42 46.14 -21.91 38.75
N GLY B 43 47.08 -21.00 38.49
CA GLY B 43 47.72 -20.22 39.53
C GLY B 43 48.77 -20.96 40.33
N GLN B 44 49.13 -22.17 39.93
CA GLN B 44 50.03 -23.02 40.68
C GLN B 44 51.27 -23.37 39.87
N PRO B 45 52.40 -23.65 40.52
CA PRO B 45 53.56 -24.17 39.80
C PRO B 45 53.31 -25.58 39.34
N PRO B 46 53.98 -26.04 38.29
CA PRO B 46 53.77 -27.41 37.80
C PRO B 46 54.30 -28.46 38.77
N LYS B 47 53.64 -29.61 38.78
CA LYS B 47 54.00 -30.70 39.67
C LYS B 47 54.58 -31.86 38.87
N LEU B 48 55.75 -32.34 39.31
CA LEU B 48 56.46 -33.39 38.61
C LEU B 48 55.72 -34.71 38.79
N LEU B 49 55.50 -35.42 37.69
CA LEU B 49 54.88 -36.73 37.72
C LEU B 49 55.83 -37.83 37.31
N ILE B 50 56.54 -37.63 36.21
CA ILE B 50 57.47 -38.59 35.64
C ILE B 50 58.78 -37.86 35.40
N TYR B 51 59.90 -38.49 35.75
CA TYR B 51 61.20 -38.03 35.30
C TYR B 51 61.97 -39.23 34.77
N ARG B 52 63.03 -38.95 33.99
CA ARG B 52 63.83 -39.96 33.28
C ARG B 52 62.97 -40.89 32.44
N ALA B 53 62.01 -40.29 31.73
CA ALA B 53 61.03 -40.88 30.79
C ALA B 53 60.01 -41.84 31.40
N SER B 54 60.34 -42.55 32.48
CA SER B 54 59.42 -43.58 32.98
C SER B 54 59.42 -43.71 34.50
N THR B 55 60.36 -43.08 35.20
CA THR B 55 60.39 -43.20 36.65
C THR B 55 59.33 -42.31 37.26
N LEU B 56 58.51 -42.88 38.12
CA LEU B 56 57.45 -42.16 38.79
C LEU B 56 58.03 -41.28 39.89
N ALA B 57 57.56 -40.03 39.97
CA ALA B 57 58.01 -39.12 41.02
C ALA B 57 57.40 -39.48 42.37
N SER B 58 58.06 -39.03 43.42
CA SER B 58 57.59 -39.28 44.79
C SER B 58 56.33 -38.48 45.07
N GLY B 59 55.24 -39.16 45.42
CA GLY B 59 53.98 -38.54 45.69
C GLY B 59 52.98 -38.57 44.54
N ALA B 60 53.45 -38.83 43.32
CA ALA B 60 52.53 -38.99 42.19
C ALA B 60 51.92 -40.39 42.24
N PRO B 61 50.64 -40.53 41.88
CA PRO B 61 50.01 -41.86 41.94
C PRO B 61 50.53 -42.80 40.86
N SER B 62 50.24 -44.09 41.06
CA SER B 62 50.71 -45.14 40.16
C SER B 62 49.99 -45.13 38.82
N ARG B 63 48.88 -44.43 38.72
CA ARG B 63 48.11 -44.42 37.47
C ARG B 63 48.76 -43.55 36.39
N PHE B 64 49.79 -42.76 36.73
CA PHE B 64 50.55 -42.01 35.74
C PHE B 64 51.71 -42.87 35.26
N LYS B 65 51.70 -43.20 33.97
CA LYS B 65 52.72 -44.08 33.40
C LYS B 65 53.34 -43.43 32.17
N GLY B 66 54.64 -43.23 32.21
CA GLY B 66 55.39 -42.72 31.08
C GLY B 66 56.15 -43.83 30.39
N SER B 67 56.42 -43.64 29.11
CA SER B 67 57.19 -44.61 28.34
C SER B 67 57.83 -43.88 27.17
N GLY B 68 58.85 -44.51 26.59
CA GLY B 68 59.51 -43.98 25.41
C GLY B 68 61.02 -43.94 25.58
N SER B 69 61.66 -43.61 24.47
CA SER B 69 63.10 -43.55 24.35
C SER B 69 63.45 -42.68 23.14
N GLY B 70 64.60 -42.02 23.22
CA GLY B 70 65.13 -41.31 22.07
C GLY B 70 64.40 -40.05 21.68
N THR B 71 63.48 -40.18 20.73
CA THR B 71 62.73 -39.02 20.24
C THR B 71 61.23 -39.11 20.47
N GLN B 72 60.68 -40.28 20.80
CA GLN B 72 59.25 -40.49 20.91
C GLN B 72 58.90 -40.91 22.33
N PHE B 73 58.05 -40.11 22.99
CA PHE B 73 57.68 -40.33 24.39
C PHE B 73 56.17 -40.23 24.55
N THR B 74 55.65 -40.94 25.54
CA THR B 74 54.20 -41.05 25.75
C THR B 74 53.89 -41.05 27.25
N LEU B 75 52.98 -40.18 27.67
CA LEU B 75 52.40 -40.21 29.01
C LEU B 75 50.99 -40.78 28.91
N THR B 76 50.72 -41.82 29.69
CA THR B 76 49.42 -42.48 29.73
C THR B 76 48.82 -42.31 31.12
N ILE B 77 47.66 -41.68 31.20
CA ILE B 77 46.94 -41.51 32.47
C ILE B 77 45.76 -42.46 32.44
N SER B 78 45.89 -43.59 33.12
CA SER B 78 44.76 -44.49 33.25
C SER B 78 43.98 -44.19 34.53
N ASP B 79 42.75 -44.72 34.60
CA ASP B 79 41.85 -44.63 35.76
C ASP B 79 41.59 -43.18 36.19
N LEU B 80 40.98 -42.43 35.27
CA LEU B 80 40.90 -40.98 35.41
C LEU B 80 39.95 -40.55 36.52
N GLU B 81 40.37 -39.54 37.27
CA GLU B 81 39.58 -38.89 38.29
C GLU B 81 39.34 -37.44 37.88
N SER B 82 38.40 -36.79 38.55
CA SER B 82 38.11 -35.38 38.27
C SER B 82 39.25 -34.46 38.70
N ASP B 83 40.11 -34.93 39.61
CA ASP B 83 41.27 -34.15 40.05
C ASP B 83 42.28 -33.98 38.93
N ASP B 84 42.30 -34.88 37.95
CA ASP B 84 43.30 -34.87 36.88
C ASP B 84 43.01 -33.85 35.78
N ALA B 85 41.94 -33.06 35.88
CA ALA B 85 41.63 -32.03 34.91
C ALA B 85 42.62 -30.88 35.07
N ALA B 86 43.61 -30.86 34.18
CA ALA B 86 44.72 -29.92 34.27
C ALA B 86 45.40 -29.89 32.90
N THR B 87 46.45 -29.06 32.80
CA THR B 87 47.29 -28.99 31.62
C THR B 87 48.62 -29.67 31.90
N TYR B 88 49.06 -30.54 30.99
CA TYR B 88 50.23 -31.37 31.19
C TYR B 88 51.30 -30.99 30.18
N TYR B 89 52.56 -30.99 30.62
CA TYR B 89 53.69 -30.59 29.80
C TYR B 89 54.76 -31.67 29.83
N CYS B 90 55.47 -31.84 28.72
CA CYS B 90 56.70 -32.63 28.78
C CYS B 90 57.91 -31.70 28.72
N LEU B 91 59.03 -32.18 29.24
CA LEU B 91 60.24 -31.38 29.33
C LEU B 91 61.44 -32.23 28.96
N GLY B 92 62.11 -31.88 27.87
CA GLY B 92 63.28 -32.62 27.41
C GLY B 92 64.55 -31.82 27.66
N TYR B 93 65.56 -32.54 28.14
CA TYR B 93 66.89 -31.98 28.34
C TYR B 93 67.80 -32.50 27.23
N TYR B 94 68.69 -31.65 26.76
CA TYR B 94 69.46 -31.93 25.56
C TYR B 94 70.95 -31.71 25.83
N ASN B 95 71.78 -32.33 24.98
CA ASN B 95 73.20 -31.99 24.92
C ASN B 95 73.39 -30.51 24.61
N GLY B 96 74.33 -29.90 25.32
CA GLY B 96 74.55 -28.48 25.25
C GLY B 96 73.97 -27.69 26.41
N VAL B 97 73.42 -28.35 27.42
CA VAL B 97 72.64 -27.81 28.54
C VAL B 97 71.49 -26.96 28.00
N ILE B 98 70.48 -27.64 27.44
CA ILE B 98 69.29 -27.03 26.85
C ILE B 98 68.08 -27.77 27.38
N ASN B 99 67.10 -27.04 27.92
CA ASN B 99 65.80 -27.58 28.31
C ASN B 99 64.72 -26.94 27.45
N VAL B 100 63.83 -27.77 26.90
CA VAL B 100 62.74 -27.33 26.03
C VAL B 100 61.45 -27.94 26.53
N PHE B 101 60.48 -27.10 26.88
CA PHE B 101 59.17 -27.59 27.28
C PHE B 101 58.30 -27.90 26.06
N GLY B 102 57.41 -28.88 26.24
CA GLY B 102 56.40 -29.13 25.23
C GLY B 102 55.33 -28.06 25.22
N GLY B 103 54.51 -28.09 24.17
CA GLY B 103 53.50 -27.06 23.99
C GLY B 103 52.35 -27.11 24.97
N GLY B 104 52.10 -28.25 25.56
CA GLY B 104 51.04 -28.43 26.54
C GLY B 104 49.86 -29.22 25.96
N THR B 105 49.15 -29.94 26.83
CA THR B 105 47.95 -30.69 26.46
C THR B 105 46.91 -30.51 27.55
N ASN B 106 45.73 -30.03 27.19
CA ASN B 106 44.66 -29.84 28.14
C ASN B 106 43.83 -31.11 28.25
N VAL B 107 43.74 -31.66 29.47
CA VAL B 107 42.94 -32.84 29.74
C VAL B 107 41.63 -32.38 30.37
N GLU B 108 40.53 -32.69 29.69
CA GLU B 108 39.18 -32.39 30.12
C GLU B 108 38.50 -33.68 30.54
N ILE B 109 37.83 -33.66 31.67
CA ILE B 109 37.03 -34.80 32.12
C ILE B 109 35.66 -34.75 31.45
N LYS B 110 35.33 -35.78 30.68
CA LYS B 110 34.04 -35.85 29.99
C LYS B 110 32.94 -36.32 30.95
N ARG B 111 31.82 -35.61 30.95
CA ARG B 111 30.71 -35.95 31.83
C ARG B 111 29.40 -35.76 31.09
N THR B 112 28.29 -35.85 31.81
CA THR B 112 26.98 -35.71 31.22
C THR B 112 26.70 -34.24 30.90
N VAL B 113 25.71 -34.02 30.05
CA VAL B 113 25.33 -32.68 29.66
C VAL B 113 24.57 -32.02 30.81
N GLY B 114 25.01 -30.83 31.20
CA GLY B 114 24.26 -30.02 32.14
C GLY B 114 23.90 -28.68 31.53
N ALA B 115 22.63 -28.29 31.56
CA ALA B 115 22.24 -26.98 31.05
C ALA B 115 22.65 -25.89 32.04
N PRO B 116 23.05 -24.71 31.55
CA PRO B 116 23.45 -23.63 32.47
C PRO B 116 22.26 -22.97 33.18
N SER B 117 22.50 -22.61 34.44
CA SER B 117 21.60 -21.74 35.18
C SER B 117 22.00 -20.29 34.91
N VAL B 118 21.08 -19.50 34.39
CA VAL B 118 21.36 -18.14 33.98
C VAL B 118 20.85 -17.17 35.04
N PHE B 119 21.67 -16.16 35.35
CA PHE B 119 21.30 -15.06 36.23
C PHE B 119 21.77 -13.76 35.60
N ILE B 120 21.01 -12.68 35.81
CA ILE B 120 21.39 -11.37 35.30
C ILE B 120 21.49 -10.38 36.45
N PHE B 121 22.47 -9.48 36.37
CA PHE B 121 22.76 -8.51 37.42
C PHE B 121 22.70 -7.11 36.84
N PRO B 122 21.79 -6.26 37.30
CA PRO B 122 21.80 -4.86 36.91
C PRO B 122 22.99 -4.13 37.53
N PRO B 123 23.46 -3.05 36.91
CA PRO B 123 24.56 -2.29 37.49
C PRO B 123 24.14 -1.57 38.76
N SER B 124 25.10 -1.45 39.67
CA SER B 124 24.84 -0.84 40.96
C SER B 124 24.74 0.68 40.83
N ASP B 125 24.09 1.29 41.82
CA ASP B 125 23.95 2.75 41.84
C ASP B 125 25.28 3.45 42.13
N GLU B 126 26.21 2.76 42.81
CA GLU B 126 27.53 3.32 43.05
C GLU B 126 28.35 3.43 41.78
N GLN B 127 28.18 2.47 40.86
CA GLN B 127 28.93 2.49 39.61
C GLN B 127 28.38 3.54 38.66
N LEU B 128 27.07 3.80 38.72
CA LEU B 128 26.44 4.79 37.85
C LEU B 128 26.87 6.22 38.19
N LYS B 129 27.35 6.46 39.41
CA LYS B 129 27.87 7.77 39.74
C LYS B 129 29.20 8.05 39.05
N SER B 130 29.90 7.02 38.59
CA SER B 130 31.21 7.17 37.98
C SER B 130 31.15 7.23 36.46
N GLY B 131 29.97 7.12 35.87
CA GLY B 131 29.87 7.32 34.44
C GLY B 131 29.98 6.06 33.60
N THR B 132 30.03 4.89 34.23
CA THR B 132 30.14 3.62 33.53
C THR B 132 29.06 2.70 34.10
N ALA B 133 28.46 1.86 33.25
CA ALA B 133 27.47 0.87 33.68
C ALA B 133 27.86 -0.49 33.15
N SER B 134 28.03 -1.46 34.06
CA SER B 134 28.33 -2.84 33.69
C SER B 134 27.13 -3.73 34.01
N VAL B 135 26.62 -4.42 33.01
CA VAL B 135 25.56 -5.40 33.19
C VAL B 135 26.20 -6.78 33.06
N VAL B 136 25.90 -7.66 34.02
CA VAL B 136 26.59 -8.94 34.16
C VAL B 136 25.59 -10.06 33.96
N CYS B 137 25.93 -11.00 33.07
CA CYS B 137 25.15 -12.22 32.84
C CYS B 137 25.99 -13.42 33.27
N LEU B 138 25.45 -14.24 34.17
CA LEU B 138 26.18 -15.39 34.71
C LEU B 138 25.58 -16.69 34.17
N LEU B 139 26.45 -17.60 33.71
CA LEU B 139 26.07 -18.95 33.30
C LEU B 139 26.69 -19.94 34.27
N ASN B 140 25.87 -20.64 35.02
CA ASN B 140 26.35 -21.41 36.16
C ASN B 140 26.20 -22.91 35.92
N ASN B 141 27.30 -23.64 36.09
CA ASN B 141 27.36 -25.10 36.25
C ASN B 141 26.82 -25.83 35.03
N PHE B 142 27.58 -25.76 33.94
CA PHE B 142 27.16 -26.38 32.70
C PHE B 142 28.27 -27.24 32.12
N TYR B 143 27.88 -28.19 31.28
CA TYR B 143 28.82 -29.02 30.52
C TYR B 143 28.09 -29.40 29.25
N PRO B 144 28.76 -29.36 28.07
CA PRO B 144 30.15 -28.96 27.76
C PRO B 144 30.41 -27.46 27.77
N ARG B 145 31.63 -27.05 27.39
CA ARG B 145 32.04 -25.65 27.52
C ARG B 145 31.31 -24.74 26.53
N GLU B 146 30.88 -25.28 25.40
CA GLU B 146 30.41 -24.49 24.26
C GLU B 146 29.03 -23.92 24.53
N ALA B 147 28.95 -22.59 24.67
CA ALA B 147 27.70 -21.86 24.85
C ALA B 147 27.86 -20.50 24.19
N LYS B 148 26.73 -19.85 23.87
CA LYS B 148 26.76 -18.55 23.20
C LYS B 148 25.87 -17.57 23.93
N VAL B 149 26.40 -16.39 24.25
CA VAL B 149 25.70 -15.36 25.01
C VAL B 149 25.50 -14.13 24.13
N GLN B 150 24.24 -13.71 23.98
CA GLN B 150 23.87 -12.53 23.19
C GLN B 150 23.19 -11.49 24.06
N TRP B 151 23.63 -10.24 23.91
CA TRP B 151 23.07 -9.11 24.61
C TRP B 151 22.07 -8.38 23.73
N LYS B 152 20.94 -7.99 24.30
CA LYS B 152 19.93 -7.22 23.59
C LYS B 152 19.57 -6.01 24.45
N VAL B 153 19.78 -4.83 23.89
CA VAL B 153 19.47 -3.58 24.57
C VAL B 153 18.37 -2.91 23.77
N ASP B 154 17.16 -2.89 24.34
CA ASP B 154 15.90 -2.51 23.66
C ASP B 154 15.73 -3.26 22.35
N ASN B 155 15.88 -4.59 22.44
CA ASN B 155 15.78 -5.59 21.36
C ASN B 155 16.86 -5.45 20.28
N ALA B 156 17.82 -4.55 20.45
CA ALA B 156 18.90 -4.35 19.50
C ALA B 156 20.10 -5.18 19.90
N LEU B 157 20.59 -5.99 18.96
CA LEU B 157 21.68 -6.91 19.25
C LEU B 157 23.00 -6.14 19.34
N GLN B 158 23.69 -6.30 20.46
CA GLN B 158 24.93 -5.60 20.73
C GLN B 158 26.10 -6.28 20.03
N SER B 159 27.13 -5.49 19.77
CA SER B 159 28.37 -6.01 19.22
C SER B 159 29.51 -5.11 19.64
N GLY B 160 30.58 -5.69 20.19
CA GLY B 160 31.79 -4.98 20.49
C GLY B 160 31.93 -4.42 21.90
N ASN B 161 30.94 -4.59 22.76
CA ASN B 161 30.99 -3.99 24.09
C ASN B 161 30.77 -5.02 25.19
N SER B 162 31.15 -6.27 24.95
CA SER B 162 30.98 -7.32 25.93
C SER B 162 32.22 -8.19 25.97
N GLN B 163 32.52 -8.73 27.15
CA GLN B 163 33.64 -9.63 27.37
C GLN B 163 33.24 -10.78 28.28
N GLU B 164 33.80 -11.95 28.00
CA GLU B 164 33.45 -13.16 28.72
C GLU B 164 34.62 -13.69 29.51
N SER B 165 34.30 -14.40 30.60
CA SER B 165 35.30 -15.08 31.40
C SER B 165 34.81 -16.48 31.72
N VAL B 166 35.65 -17.49 31.51
CA VAL B 166 35.31 -18.88 31.75
C VAL B 166 36.25 -19.40 32.84
N THR B 167 35.69 -20.10 33.83
CA THR B 167 36.54 -20.74 34.82
C THR B 167 37.18 -22.01 34.23
N GLU B 168 38.17 -22.54 34.95
CA GLU B 168 38.69 -23.86 34.67
C GLU B 168 37.63 -24.90 35.06
N GLN B 169 37.81 -26.11 34.55
CA GLN B 169 36.87 -27.19 34.84
C GLN B 169 36.93 -27.56 36.31
N ASP B 170 35.74 -27.73 36.90
CA ASP B 170 35.64 -27.93 38.34
C ASP B 170 36.19 -29.31 38.72
N SER B 171 36.84 -29.37 39.87
CA SER B 171 37.47 -30.60 40.33
C SER B 171 36.52 -31.56 41.04
N LYS B 172 35.24 -31.19 41.17
CA LYS B 172 34.25 -32.06 41.82
C LYS B 172 33.18 -32.53 40.83
N ASP B 173 32.43 -31.60 40.22
CA ASP B 173 31.35 -31.98 39.32
C ASP B 173 31.70 -31.78 37.84
N SER B 174 32.93 -31.35 37.54
CA SER B 174 33.50 -31.25 36.19
C SER B 174 32.72 -30.30 35.26
N THR B 175 32.14 -29.25 35.83
CA THR B 175 31.35 -28.28 35.08
C THR B 175 32.17 -27.01 34.85
N TYR B 176 31.65 -26.15 33.98
CA TYR B 176 32.22 -24.83 33.75
C TYR B 176 31.26 -23.75 34.22
N SER B 177 31.80 -22.57 34.51
CA SER B 177 30.97 -21.41 34.78
C SER B 177 31.49 -20.24 33.98
N LEU B 178 30.56 -19.42 33.49
CA LEU B 178 30.89 -18.34 32.56
C LEU B 178 30.14 -17.08 32.96
N SER B 179 30.84 -15.94 32.85
CA SER B 179 30.25 -14.62 33.08
C SER B 179 30.52 -13.76 31.86
N SER B 180 29.51 -13.03 31.42
CA SER B 180 29.63 -12.07 30.33
C SER B 180 29.26 -10.68 30.84
N THR B 181 30.16 -9.71 30.64
CA THR B 181 29.99 -8.36 31.20
C THR B 181 29.75 -7.37 30.06
N LEU B 182 28.56 -6.76 30.04
CA LEU B 182 28.23 -5.74 29.05
C LEU B 182 28.58 -4.35 29.59
N THR B 183 29.53 -3.69 28.93
CA THR B 183 30.06 -2.38 29.35
C THR B 183 29.47 -1.27 28.49
N LEU B 184 28.73 -0.36 29.13
CA LEU B 184 28.14 0.80 28.46
C LEU B 184 28.50 2.04 29.26
N SER B 185 28.38 3.21 28.62
CA SER B 185 28.47 4.45 29.37
C SER B 185 27.18 4.70 30.14
N LYS B 186 27.23 5.65 31.07
CA LYS B 186 26.05 6.02 31.86
C LYS B 186 25.00 6.70 30.99
N ALA B 187 25.44 7.54 30.05
CA ALA B 187 24.50 8.20 29.14
C ALA B 187 23.85 7.21 28.19
N ASP B 188 24.60 6.19 27.74
CA ASP B 188 24.00 5.16 26.90
C ASP B 188 23.09 4.23 27.69
N TYR B 189 23.37 4.04 28.98
CA TYR B 189 22.57 3.14 29.81
C TYR B 189 21.20 3.73 30.10
N GLU B 190 21.14 5.03 30.40
CA GLU B 190 19.90 5.67 30.78
C GLU B 190 19.03 6.07 29.59
N LYS B 191 19.48 5.81 28.37
CA LYS B 191 18.65 6.03 27.19
C LYS B 191 17.79 4.84 26.83
N HIS B 192 18.01 3.69 27.45
CA HIS B 192 17.32 2.46 27.09
C HIS B 192 16.62 1.87 28.29
N LYS B 193 15.70 0.94 28.02
CA LYS B 193 14.80 0.38 29.03
C LYS B 193 15.04 -1.10 29.27
N VAL B 194 14.93 -1.94 28.24
CA VAL B 194 14.99 -3.40 28.40
C VAL B 194 16.42 -3.88 28.17
N TYR B 195 16.95 -4.64 29.13
CA TYR B 195 18.29 -5.22 29.05
C TYR B 195 18.18 -6.72 29.22
N ALA B 196 18.47 -7.47 28.15
CA ALA B 196 18.23 -8.91 28.09
C ALA B 196 19.52 -9.65 27.77
N CYS B 197 19.67 -10.83 28.36
CA CYS B 197 20.79 -11.73 28.09
C CYS B 197 20.22 -13.04 27.55
N GLU B 198 20.58 -13.39 26.33
CA GLU B 198 20.06 -14.59 25.68
C GLU B 198 21.16 -15.63 25.59
N VAL B 199 20.92 -16.80 26.17
CA VAL B 199 21.93 -17.85 26.36
C VAL B 199 21.52 -19.08 25.57
N THR B 200 22.43 -19.57 24.75
CA THR B 200 22.23 -20.75 23.90
C THR B 200 23.23 -21.83 24.30
N HIS B 201 22.75 -23.04 24.57
CA HIS B 201 23.60 -24.16 24.97
C HIS B 201 23.02 -25.42 24.38
N GLN B 202 23.87 -26.46 24.21
CA GLN B 202 23.41 -27.69 23.59
C GLN B 202 22.43 -28.47 24.47
N GLY B 203 22.46 -28.27 25.79
CA GLY B 203 21.51 -28.82 26.72
C GLY B 203 20.17 -28.11 26.79
N LEU B 204 20.05 -26.93 26.17
CA LEU B 204 18.81 -26.18 26.11
C LEU B 204 18.16 -26.39 24.76
N SER B 205 16.88 -26.74 24.77
CA SER B 205 16.16 -26.95 23.51
C SER B 205 15.88 -25.65 22.79
N SER B 206 15.78 -24.55 23.53
CA SER B 206 15.52 -23.22 22.99
C SER B 206 16.39 -22.23 23.76
N PRO B 207 16.72 -21.08 23.16
CA PRO B 207 17.55 -20.11 23.90
C PRO B 207 16.80 -19.50 25.07
N VAL B 208 17.39 -19.58 26.27
CA VAL B 208 16.79 -19.03 27.47
C VAL B 208 17.21 -17.56 27.63
N THR B 209 16.30 -16.73 28.10
CA THR B 209 16.53 -15.29 28.21
C THR B 209 16.16 -14.82 29.61
N LYS B 210 17.06 -14.11 30.25
CA LYS B 210 16.74 -13.42 31.49
C LYS B 210 16.96 -11.92 31.29
N SER B 211 15.98 -11.12 31.71
CA SER B 211 15.99 -9.71 31.41
C SER B 211 15.46 -8.89 32.58
N PHE B 212 15.70 -7.58 32.52
CA PHE B 212 15.15 -6.65 33.49
C PHE B 212 14.90 -5.32 32.80
N ASN B 213 14.12 -4.47 33.46
CA ASN B 213 13.90 -3.10 33.03
C ASN B 213 14.65 -2.16 33.95
N ARG B 214 15.17 -1.08 33.38
CA ARG B 214 15.96 -0.13 34.14
C ARG B 214 15.06 0.67 35.07
N GLY B 215 15.39 0.66 36.37
CA GLY B 215 14.62 1.38 37.37
C GLY B 215 13.39 0.67 37.87
N GLU B 216 12.97 -0.43 37.24
CA GLU B 216 11.78 -1.16 37.63
C GLU B 216 12.10 -2.38 38.51
N CYS B 217 13.32 -2.49 39.03
CA CYS B 217 13.73 -3.58 39.93
C CYS B 217 12.82 -3.78 41.16
N GLU C 1 14.45 -25.86 2.31
CA GLU C 1 15.77 -26.20 2.81
C GLU C 1 15.80 -27.65 3.28
N VAL C 2 16.43 -27.92 4.41
CA VAL C 2 16.62 -29.29 4.86
C VAL C 2 15.43 -29.71 5.70
N GLN C 3 14.95 -30.93 5.46
CA GLN C 3 13.84 -31.51 6.19
C GLN C 3 14.38 -32.69 7.00
N LEU C 4 13.95 -32.79 8.26
CA LEU C 4 14.32 -33.89 9.13
C LEU C 4 13.12 -34.80 9.33
N GLN C 5 13.32 -36.11 9.16
CA GLN C 5 12.25 -37.09 9.30
C GLN C 5 12.70 -38.21 10.23
N GLU C 6 12.07 -38.29 11.39
CA GLU C 6 12.39 -39.33 12.34
C GLU C 6 11.66 -40.61 11.99
N SER C 7 12.25 -41.73 12.40
CA SER C 7 11.65 -43.04 12.18
C SER C 7 12.19 -44.00 13.23
N GLY C 8 11.48 -45.10 13.41
CA GLY C 8 11.94 -46.17 14.28
C GLY C 8 11.32 -46.26 15.65
N GLY C 9 10.30 -45.45 15.95
CA GLY C 9 9.63 -45.53 17.24
C GLY C 9 8.60 -46.64 17.28
N GLY C 10 7.78 -46.62 18.33
CA GLY C 10 6.68 -47.54 18.49
C GLY C 10 6.63 -48.16 19.87
N LEU C 11 5.80 -49.18 20.02
CA LEU C 11 5.55 -49.80 21.32
C LEU C 11 6.57 -50.90 21.62
N VAL C 12 7.03 -50.92 22.87
CA VAL C 12 8.10 -51.84 23.28
C VAL C 12 7.89 -52.19 24.74
N GLN C 13 8.24 -53.43 25.09
CA GLN C 13 8.21 -53.89 26.47
C GLN C 13 9.35 -53.25 27.26
N PRO C 14 9.21 -53.17 28.59
CA PRO C 14 10.35 -52.75 29.42
C PRO C 14 11.52 -53.71 29.30
N GLY C 15 12.71 -53.14 29.13
CA GLY C 15 13.89 -53.90 28.82
C GLY C 15 14.13 -54.12 27.35
N GLY C 16 13.20 -53.69 26.48
CA GLY C 16 13.37 -53.89 25.06
C GLY C 16 14.33 -52.89 24.45
N SER C 17 14.42 -52.95 23.13
CA SER C 17 15.35 -52.10 22.38
C SER C 17 14.61 -51.46 21.21
N LEU C 18 15.01 -50.24 20.88
CA LEU C 18 14.56 -49.55 19.67
C LEU C 18 15.72 -48.76 19.09
N ARG C 19 15.73 -48.64 17.77
CA ARG C 19 16.69 -47.80 17.06
C ARG C 19 15.94 -46.71 16.31
N LEU C 20 16.11 -45.47 16.75
CA LEU C 20 15.56 -44.35 16.02
C LEU C 20 16.51 -43.92 14.92
N SER C 21 15.96 -43.48 13.80
CA SER C 21 16.76 -42.91 12.74
C SER C 21 16.17 -41.56 12.35
N CYS C 22 17.04 -40.65 11.94
CA CYS C 22 16.63 -39.30 11.53
C CYS C 22 17.32 -38.98 10.22
N ALA C 23 16.59 -39.09 9.12
CA ALA C 23 17.14 -38.85 7.80
C ALA C 23 16.95 -37.39 7.42
N ALA C 24 18.04 -36.72 7.03
CA ALA C 24 17.99 -35.34 6.59
C ALA C 24 18.11 -35.28 5.08
N SER C 25 17.29 -34.44 4.46
CA SER C 25 17.25 -34.29 3.02
C SER C 25 17.17 -32.83 2.67
N GLY C 26 18.08 -32.37 1.84
CA GLY C 26 18.14 -30.99 1.44
C GLY C 26 19.52 -30.39 1.66
N ARG C 27 20.10 -30.59 2.85
CA ARG C 27 21.42 -30.06 3.15
C ARG C 27 22.29 -31.15 3.78
N THR C 28 23.59 -31.11 3.46
CA THR C 28 24.55 -32.06 4.00
C THR C 28 24.81 -31.78 5.47
N ILE C 29 24.48 -32.75 6.33
CA ILE C 29 24.55 -32.56 7.77
C ILE C 29 25.87 -33.09 8.34
N SER C 30 26.87 -33.32 7.49
CA SER C 30 28.18 -33.74 7.99
C SER C 30 28.92 -32.57 8.63
N ARG C 31 28.46 -31.33 8.41
CA ARG C 31 29.06 -30.17 9.04
C ARG C 31 28.36 -29.78 10.33
N TYR C 32 27.26 -30.42 10.69
CA TYR C 32 26.49 -30.00 11.85
C TYR C 32 26.37 -31.13 12.88
N ALA C 33 26.33 -30.73 14.15
CA ALA C 33 25.98 -31.66 15.22
C ALA C 33 24.49 -31.94 15.19
N MET C 34 24.10 -33.17 15.48
CA MET C 34 22.72 -33.60 15.50
C MET C 34 22.32 -34.06 16.90
N SER C 35 21.27 -33.46 17.44
CA SER C 35 20.87 -33.73 18.81
C SER C 35 19.51 -34.39 18.86
N TRP C 36 19.29 -35.16 19.92
CA TRP C 36 18.02 -35.79 20.20
C TRP C 36 17.39 -35.18 21.45
N PHE C 37 16.09 -34.94 21.37
CA PHE C 37 15.30 -34.41 22.47
C PHE C 37 14.06 -35.25 22.64
N ARG C 38 13.43 -35.16 23.80
CA ARG C 38 12.20 -35.89 24.03
C ARG C 38 11.25 -35.02 24.85
N GLN C 39 9.96 -35.22 24.62
CA GLN C 39 8.94 -34.44 25.31
C GLN C 39 7.74 -35.34 25.57
N ALA C 40 7.50 -35.62 26.84
CA ALA C 40 6.26 -36.25 27.24
C ALA C 40 5.11 -35.25 27.05
N PRO C 41 3.88 -35.73 26.82
CA PRO C 41 2.74 -34.81 26.71
C PRO C 41 2.47 -34.09 28.02
N GLY C 42 2.46 -32.77 27.96
CA GLY C 42 2.29 -31.94 29.14
C GLY C 42 3.53 -31.74 29.98
N LYS C 43 4.71 -32.08 29.47
CA LYS C 43 5.96 -31.89 30.19
C LYS C 43 6.89 -31.02 29.34
N GLU C 44 8.03 -30.66 29.92
CA GLU C 44 9.00 -29.85 29.21
C GLU C 44 9.85 -30.71 28.30
N ARG C 45 10.35 -30.10 27.22
CA ARG C 45 11.25 -30.77 26.30
C ARG C 45 12.65 -30.84 26.91
N GLU C 46 13.17 -32.05 27.06
CA GLU C 46 14.43 -32.28 27.74
C GLU C 46 15.46 -32.91 26.80
N PHE C 47 16.73 -32.78 27.16
CA PHE C 47 17.82 -33.27 26.33
C PHE C 47 17.98 -34.79 26.46
N VAL C 48 18.38 -35.43 25.35
CA VAL C 48 18.65 -36.87 25.34
C VAL C 48 20.11 -37.13 24.99
N ALA C 49 20.52 -36.80 23.76
CA ALA C 49 21.86 -37.14 23.30
C ALA C 49 22.26 -36.20 22.16
N THR C 50 23.57 -36.02 21.97
CA THR C 50 24.06 -35.30 20.81
C THR C 50 25.21 -36.03 20.13
N ALA C 51 25.24 -35.96 18.81
CA ALA C 51 26.34 -36.48 18.03
C ALA C 51 26.99 -35.34 17.29
N ARG C 52 28.22 -35.01 17.66
CA ARG C 52 28.92 -33.93 16.97
C ARG C 52 29.52 -34.47 15.67
N ARG C 53 30.41 -33.71 15.05
CA ARG C 53 31.03 -34.15 13.82
C ARG C 53 31.96 -35.33 14.09
N SER C 54 32.22 -36.11 13.05
CA SER C 54 32.98 -37.35 13.16
C SER C 54 34.41 -37.09 13.64
N GLY C 55 34.71 -37.54 14.84
CA GLY C 55 35.96 -37.24 15.51
C GLY C 55 35.81 -36.33 16.72
N ASP C 56 34.68 -35.66 16.87
CA ASP C 56 34.42 -34.74 17.96
C ASP C 56 33.59 -35.35 19.08
N GLY C 57 33.18 -36.62 18.94
CA GLY C 57 32.55 -37.35 20.03
C GLY C 57 31.04 -37.19 20.10
N ALA C 58 30.51 -37.82 21.14
CA ALA C 58 29.08 -37.82 21.47
C ALA C 58 28.90 -37.58 22.96
N PHE C 59 27.82 -36.88 23.31
CA PHE C 59 27.52 -36.52 24.69
C PHE C 59 26.08 -36.91 24.99
N TYR C 60 25.80 -37.22 26.27
CA TYR C 60 24.53 -37.83 26.66
C TYR C 60 23.95 -37.14 27.88
N ALA C 61 22.65 -37.32 28.07
CA ALA C 61 22.03 -36.84 29.29
C ALA C 61 22.28 -37.83 30.43
N ASP C 62 22.00 -37.35 31.64
CA ASP C 62 22.29 -38.17 32.81
C ASP C 62 21.29 -39.30 32.97
N SER C 63 20.04 -39.09 32.54
CA SER C 63 19.03 -40.13 32.67
C SER C 63 19.23 -41.27 31.68
N VAL C 64 19.98 -41.04 30.60
CA VAL C 64 20.08 -42.01 29.51
C VAL C 64 21.48 -42.56 29.33
N GLN C 65 22.47 -42.12 30.11
CA GLN C 65 23.85 -42.54 29.91
C GLN C 65 24.03 -44.00 30.31
N GLY C 66 24.74 -44.75 29.45
CA GLY C 66 24.96 -46.16 29.65
C GLY C 66 23.94 -47.06 28.98
N ARG C 67 22.81 -46.52 28.57
CA ARG C 67 21.77 -47.29 27.90
C ARG C 67 21.55 -46.87 26.46
N PHE C 68 21.66 -45.58 26.17
CA PHE C 68 21.42 -45.06 24.83
C PHE C 68 22.76 -44.74 24.19
N THR C 69 22.83 -44.90 22.87
CA THR C 69 24.04 -44.67 22.10
C THR C 69 23.65 -43.93 20.83
N VAL C 70 24.25 -42.76 20.60
CA VAL C 70 23.98 -41.99 19.39
C VAL C 70 25.14 -42.21 18.42
N SER C 71 24.82 -42.22 17.11
CA SER C 71 25.80 -42.48 16.08
C SER C 71 25.38 -41.79 14.78
N ARG C 72 26.30 -41.78 13.81
CA ARG C 72 26.10 -41.10 12.54
C ARG C 72 26.40 -42.00 11.35
N ASP C 73 25.69 -41.75 10.25
CA ASP C 73 26.03 -42.27 8.92
C ASP C 73 26.04 -41.04 8.02
N ASP C 74 27.21 -40.40 7.90
CA ASP C 74 27.32 -39.14 7.17
C ASP C 74 27.19 -39.30 5.67
N ALA C 75 27.39 -40.51 5.15
CA ALA C 75 27.22 -40.73 3.72
C ALA C 75 25.75 -40.71 3.32
N LYS C 76 24.85 -41.10 4.23
CA LYS C 76 23.43 -41.14 3.93
C LYS C 76 22.63 -40.00 4.57
N ASN C 77 23.32 -39.02 5.19
CA ASN C 77 22.71 -37.86 5.86
C ASN C 77 21.73 -38.26 6.97
N THR C 78 22.12 -39.27 7.75
CA THR C 78 21.24 -39.88 8.73
C THR C 78 22.01 -40.11 10.01
N VAL C 79 21.40 -39.76 11.14
CA VAL C 79 21.93 -40.11 12.46
C VAL C 79 20.99 -41.08 13.14
N TYR C 80 21.54 -41.82 14.10
CA TYR C 80 20.82 -42.90 14.74
C TYR C 80 20.88 -42.74 16.26
N LEU C 81 19.83 -43.22 16.92
CA LEU C 81 19.80 -43.31 18.38
C LEU C 81 19.40 -44.75 18.72
N GLN C 82 20.39 -45.55 19.05
CA GLN C 82 20.15 -46.91 19.52
C GLN C 82 19.75 -46.84 20.99
N MET C 83 18.55 -47.30 21.30
CA MET C 83 18.00 -47.21 22.64
C MET C 83 17.93 -48.62 23.24
N ASN C 84 18.81 -48.90 24.21
CA ASN C 84 18.82 -50.18 24.90
C ASN C 84 18.30 -50.01 26.33
N SER C 85 17.74 -51.10 26.88
CA SER C 85 17.28 -51.21 28.27
C SER C 85 16.25 -50.14 28.64
N LEU C 86 15.17 -50.10 27.87
CA LEU C 86 14.18 -49.02 27.98
C LEU C 86 13.34 -49.17 29.23
N LYS C 87 13.04 -48.04 29.89
CA LYS C 87 12.25 -47.92 31.11
C LYS C 87 10.94 -47.18 30.84
N PRO C 88 9.93 -47.29 31.72
CA PRO C 88 8.68 -46.51 31.53
C PRO C 88 8.85 -44.99 31.58
N GLU C 89 9.94 -44.49 32.18
CA GLU C 89 10.22 -43.06 32.21
C GLU C 89 10.71 -42.51 30.88
N ASP C 90 11.12 -43.40 29.95
CA ASP C 90 11.57 -43.08 28.59
C ASP C 90 10.43 -42.90 27.60
N THR C 91 9.18 -43.01 28.04
CA THR C 91 8.02 -42.84 27.15
C THR C 91 7.85 -41.36 26.84
N ALA C 92 8.06 -40.98 25.58
CA ALA C 92 8.01 -39.60 25.11
C ALA C 92 8.01 -39.61 23.58
N VAL C 93 7.72 -38.45 22.99
CA VAL C 93 7.94 -38.22 21.57
C VAL C 93 9.37 -37.74 21.39
N TYR C 94 10.14 -38.42 20.55
CA TYR C 94 11.56 -38.15 20.40
C TYR C 94 11.81 -37.29 19.16
N TYR C 95 12.47 -36.16 19.35
CA TYR C 95 12.67 -35.18 18.30
C TYR C 95 14.14 -35.14 17.88
N CYS C 96 14.36 -34.81 16.62
CA CYS C 96 15.67 -34.70 16.03
C CYS C 96 15.93 -33.23 15.68
N ALA C 97 17.14 -32.76 15.95
CA ALA C 97 17.45 -31.34 15.78
C ALA C 97 18.88 -31.17 15.26
N ILE C 98 19.05 -30.15 14.43
CA ILE C 98 20.34 -29.78 13.87
C ILE C 98 20.89 -28.60 14.66
N ASP C 99 22.13 -28.73 15.12
CA ASP C 99 22.82 -27.56 15.65
C ASP C 99 23.40 -26.78 14.48
N SER C 100 22.80 -25.61 14.20
CA SER C 100 23.21 -24.77 13.09
C SER C 100 24.55 -24.08 13.34
N ASP C 101 24.99 -23.98 14.60
CA ASP C 101 26.35 -23.50 14.89
C ASP C 101 27.34 -24.64 14.73
N THR C 102 28.37 -24.42 13.91
CA THR C 102 29.36 -25.48 13.70
C THR C 102 30.29 -25.67 14.90
N PHE C 103 30.31 -24.73 15.85
CA PHE C 103 31.12 -24.80 17.07
C PHE C 103 30.29 -25.18 18.30
N TYR C 104 29.13 -25.80 18.07
CA TYR C 104 28.38 -26.59 19.06
C TYR C 104 27.81 -25.76 20.20
N SER C 105 27.35 -24.54 19.92
CA SER C 105 26.73 -23.72 20.95
C SER C 105 25.24 -23.98 21.12
N GLY C 106 24.66 -24.91 20.37
CA GLY C 106 23.28 -25.31 20.56
C GLY C 106 22.24 -24.47 19.85
N SER C 107 22.55 -23.93 18.67
CA SER C 107 21.59 -23.09 17.96
C SER C 107 20.68 -24.00 17.14
N TYR C 108 19.62 -24.51 17.77
CA TYR C 108 18.74 -25.50 17.16
C TYR C 108 17.66 -24.77 16.38
N ASP C 109 17.93 -24.55 15.08
CA ASP C 109 16.97 -23.90 14.20
C ASP C 109 16.07 -24.90 13.47
N TYR C 110 16.57 -26.11 13.18
CA TYR C 110 15.87 -27.10 12.36
C TYR C 110 15.47 -28.30 13.20
N TRP C 111 14.20 -28.71 13.13
CA TRP C 111 13.67 -29.79 13.96
C TRP C 111 12.87 -30.78 13.13
N GLY C 112 12.89 -32.05 13.55
CA GLY C 112 12.01 -33.04 12.94
C GLY C 112 10.60 -32.98 13.51
N GLN C 113 9.71 -33.79 12.92
CA GLN C 113 8.32 -33.84 13.38
C GLN C 113 8.11 -34.75 14.57
N GLY C 114 9.10 -35.57 14.91
CA GLY C 114 9.05 -36.42 16.08
C GLY C 114 8.57 -37.82 15.77
N THR C 115 8.92 -38.76 16.66
CA THR C 115 8.44 -40.13 16.56
C THR C 115 8.12 -40.63 17.96
N GLN C 116 7.05 -41.43 18.06
CA GLN C 116 6.53 -41.86 19.36
C GLN C 116 7.22 -43.13 19.86
N VAL C 117 7.71 -43.07 21.09
CA VAL C 117 8.29 -44.20 21.79
C VAL C 117 7.45 -44.45 23.04
N THR C 118 6.89 -45.64 23.14
CA THR C 118 6.02 -46.04 24.24
C THR C 118 6.60 -47.30 24.89
N VAL C 119 6.83 -47.24 26.19
CA VAL C 119 7.35 -48.35 26.97
C VAL C 119 6.27 -48.75 27.97
N SER C 120 5.67 -49.92 27.79
CA SER C 120 4.66 -50.41 28.72
C SER C 120 4.54 -51.93 28.64
N GLN D 1 0.28 -21.98 17.81
CA GLN D 1 0.73 -21.21 16.65
C GLN D 1 0.32 -19.75 16.79
N SER D 2 1.29 -18.88 17.10
CA SER D 2 1.04 -17.47 17.31
C SER D 2 2.33 -16.71 17.09
N LEU D 3 2.20 -15.38 17.02
CA LEU D 3 3.33 -14.48 16.91
C LEU D 3 3.14 -13.35 17.90
N GLU D 4 4.22 -12.68 18.26
CA GLU D 4 4.14 -11.52 19.14
C GLU D 4 5.25 -10.55 18.78
N GLU D 5 4.89 -9.29 18.57
CA GLU D 5 5.85 -8.22 18.34
C GLU D 5 6.25 -7.58 19.66
N SER D 6 7.46 -7.04 19.69
CA SER D 6 7.93 -6.29 20.85
C SER D 6 8.92 -5.24 20.37
N GLY D 7 9.17 -4.25 21.22
CA GLY D 7 10.13 -3.20 20.93
C GLY D 7 9.55 -1.87 20.52
N GLY D 8 8.25 -1.77 20.34
CA GLY D 8 7.63 -0.49 20.00
C GLY D 8 7.64 0.43 21.20
N ARG D 9 8.15 1.64 21.00
CA ARG D 9 8.33 2.61 22.08
C ARG D 9 8.40 4.00 21.44
N LEU D 10 8.66 5.00 22.27
CA LEU D 10 8.85 6.37 21.80
C LEU D 10 10.34 6.65 21.62
N VAL D 11 10.75 7.05 20.42
CA VAL D 11 12.12 7.50 20.18
C VAL D 11 12.09 8.83 19.44
N THR D 12 13.18 9.59 19.61
CA THR D 12 13.38 10.84 18.90
C THR D 12 13.74 10.54 17.44
N PRO D 13 13.53 11.50 16.52
CA PRO D 13 13.94 11.28 15.12
C PRO D 13 15.45 11.13 14.96
N GLY D 14 15.85 10.21 14.08
CA GLY D 14 17.23 9.85 13.91
C GLY D 14 17.69 8.70 14.77
N THR D 15 16.90 8.27 15.73
CA THR D 15 17.30 7.17 16.60
C THR D 15 17.06 5.83 15.92
N PRO D 16 18.05 4.92 15.91
CA PRO D 16 17.79 3.57 15.41
C PRO D 16 16.88 2.80 16.33
N LEU D 17 16.03 1.96 15.73
CA LEU D 17 15.02 1.22 16.49
C LEU D 17 14.91 -0.19 15.94
N THR D 18 14.88 -1.17 16.84
CA THR D 18 14.79 -2.59 16.47
C THR D 18 13.54 -3.20 17.11
N LEU D 19 12.70 -3.80 16.27
CA LEU D 19 11.54 -4.57 16.70
C LEU D 19 11.80 -6.07 16.54
N THR D 20 11.08 -6.88 17.31
CA THR D 20 11.30 -8.31 17.37
C THR D 20 9.98 -9.04 17.22
N CYS D 21 9.91 -9.98 16.28
CA CYS D 21 8.79 -10.89 16.13
C CYS D 21 9.18 -12.19 16.82
N THR D 22 8.51 -12.53 17.93
CA THR D 22 8.83 -13.75 18.67
C THR D 22 7.80 -14.84 18.33
N VAL D 23 8.26 -15.95 17.76
CA VAL D 23 7.38 -17.02 17.30
C VAL D 23 7.30 -18.11 18.36
N SER D 24 6.14 -18.79 18.40
CA SER D 24 5.82 -19.81 19.39
C SER D 24 6.73 -21.06 19.39
N GLY D 25 6.51 -22.00 18.47
CA GLY D 25 7.27 -23.23 18.44
C GLY D 25 8.54 -23.22 17.60
N PHE D 26 8.86 -24.37 17.02
CA PHE D 26 10.10 -24.57 16.28
C PHE D 26 9.88 -24.74 14.78
N SER D 27 9.34 -23.73 14.08
CA SER D 27 9.05 -23.86 12.63
C SER D 27 9.32 -22.58 11.85
N LEU D 28 10.44 -21.91 12.11
CA LEU D 28 10.82 -20.79 11.26
C LEU D 28 11.61 -21.21 10.05
N SER D 29 12.05 -22.46 9.99
CA SER D 29 12.73 -22.97 8.82
C SER D 29 11.80 -23.40 7.71
N THR D 30 10.49 -23.37 7.95
CA THR D 30 9.48 -23.71 6.97
C THR D 30 8.73 -22.49 6.48
N TYR D 31 8.57 -21.48 7.33
CA TYR D 31 7.72 -20.34 7.02
C TYR D 31 8.51 -19.04 7.01
N ASN D 32 8.02 -18.07 6.23
CA ASN D 32 8.62 -16.75 6.12
C ASN D 32 7.97 -15.77 7.07
N ILE D 33 8.63 -14.63 7.27
CA ILE D 33 8.12 -13.60 8.18
C ILE D 33 8.02 -12.29 7.42
N HIS D 34 6.80 -11.78 7.29
CA HIS D 34 6.51 -10.50 6.67
C HIS D 34 6.51 -9.42 7.74
N TRP D 35 6.65 -8.18 7.31
CA TRP D 35 6.49 -7.02 8.18
C TRP D 35 5.54 -6.03 7.51
N VAL D 36 4.49 -5.64 8.22
CA VAL D 36 3.47 -4.73 7.70
C VAL D 36 3.25 -3.64 8.75
N ARG D 37 3.25 -2.39 8.33
CA ARG D 37 2.93 -1.29 9.23
C ARG D 37 1.64 -0.59 8.82
N GLN D 38 1.14 0.25 9.72
CA GLN D 38 -0.13 0.93 9.50
C GLN D 38 -0.14 2.21 10.31
N ALA D 39 -0.15 3.35 9.62
CA ALA D 39 -0.22 4.66 10.27
C ALA D 39 -1.57 4.84 10.95
N PRO D 40 -1.65 5.66 12.01
CA PRO D 40 -2.93 5.85 12.72
C PRO D 40 -4.01 6.46 11.83
N GLY D 41 -5.13 5.74 11.73
CA GLY D 41 -6.23 6.09 10.86
C GLY D 41 -5.99 5.82 9.38
N LYS D 42 -4.91 5.14 9.02
CA LYS D 42 -4.56 4.91 7.63
C LYS D 42 -4.57 3.41 7.35
N GLY D 43 -4.21 3.05 6.11
CA GLY D 43 -4.29 1.68 5.66
C GLY D 43 -3.02 0.89 5.89
N LEU D 44 -3.09 -0.39 5.53
CA LEU D 44 -1.96 -1.29 5.65
C LEU D 44 -0.94 -1.00 4.55
N GLU D 45 0.33 -1.18 4.89
CA GLU D 45 1.47 -0.88 4.03
C GLU D 45 2.54 -1.92 4.28
N TRP D 46 2.88 -2.67 3.23
CA TRP D 46 3.87 -3.73 3.33
C TRP D 46 5.27 -3.14 3.42
N ILE D 47 6.12 -3.75 4.24
CA ILE D 47 7.52 -3.32 4.41
C ILE D 47 8.46 -4.30 3.72
N GLY D 48 8.47 -5.55 4.14
CA GLY D 48 9.43 -6.51 3.62
C GLY D 48 9.16 -7.91 4.12
N VAL D 49 10.04 -8.82 3.71
CA VAL D 49 9.92 -10.24 4.04
C VAL D 49 11.33 -10.85 4.06
N ILE D 50 11.55 -11.81 4.97
CA ILE D 50 12.76 -12.63 4.97
C ILE D 50 12.33 -14.06 4.66
N ASP D 51 13.12 -14.79 3.86
CA ASP D 51 12.76 -16.17 3.53
C ASP D 51 13.43 -17.10 4.53
N THR D 52 13.34 -18.42 4.28
CA THR D 52 13.97 -19.37 5.21
C THR D 52 15.49 -19.41 5.06
N GLY D 53 16.00 -19.10 3.86
CA GLY D 53 17.44 -19.06 3.64
C GLY D 53 18.13 -17.79 4.09
N GLY D 54 17.37 -16.75 4.45
CA GLY D 54 17.89 -15.49 4.95
C GLY D 54 17.84 -14.34 3.97
N GLY D 55 17.36 -14.56 2.74
CA GLY D 55 17.29 -13.49 1.75
C GLY D 55 16.11 -12.58 2.01
N THR D 56 16.38 -11.27 2.04
CA THR D 56 15.36 -10.30 2.36
C THR D 56 15.00 -9.48 1.12
N TYR D 57 13.70 -9.28 0.95
CA TYR D 57 13.14 -8.47 -0.11
C TYR D 57 12.19 -7.47 0.53
N PHE D 58 12.19 -6.25 0.02
CA PHE D 58 11.52 -5.11 0.62
C PHE D 58 10.63 -4.42 -0.39
N ALA D 59 9.96 -3.36 0.04
CA ALA D 59 9.12 -2.52 -0.78
C ALA D 59 9.93 -1.47 -1.53
N SER D 60 9.25 -0.77 -2.45
CA SER D 60 9.91 0.22 -3.30
C SER D 60 10.31 1.47 -2.52
N TRP D 61 9.51 1.85 -1.54
CA TRP D 61 9.74 3.07 -0.77
C TRP D 61 10.72 2.87 0.38
N ALA D 62 11.17 1.62 0.62
CA ALA D 62 12.00 1.32 1.78
C ALA D 62 13.39 1.94 1.62
N LYS D 63 14.02 1.72 0.46
CA LYS D 63 15.26 2.38 0.05
C LYS D 63 16.41 2.07 1.02
N GLY D 64 16.45 0.84 1.51
CA GLY D 64 17.52 0.43 2.41
C GLY D 64 17.37 0.92 3.83
N ARG D 65 16.23 1.50 4.20
CA ARG D 65 16.02 1.93 5.58
C ARG D 65 15.64 0.81 6.52
N PHE D 66 15.25 -0.35 5.99
CA PHE D 66 14.81 -1.47 6.80
C PHE D 66 15.73 -2.66 6.51
N ALA D 67 16.00 -3.47 7.52
CA ALA D 67 16.78 -4.69 7.36
C ALA D 67 16.20 -5.73 8.29
N ILE D 68 16.07 -6.96 7.79
CA ILE D 68 15.47 -8.06 8.55
C ILE D 68 16.52 -9.13 8.78
N SER D 69 16.55 -9.66 10.01
CA SER D 69 17.54 -10.66 10.39
C SER D 69 16.92 -11.67 11.35
N LYS D 70 17.21 -12.95 11.12
CA LYS D 70 16.82 -14.02 12.04
C LYS D 70 17.94 -14.16 13.07
N THR D 71 17.64 -13.80 14.33
CA THR D 71 18.66 -13.76 15.37
C THR D 71 18.75 -15.04 16.18
N SER D 72 17.62 -15.70 16.42
CA SER D 72 17.60 -16.97 17.11
C SER D 72 16.59 -17.86 16.41
N SER D 73 16.33 -19.04 16.99
CA SER D 73 15.36 -19.96 16.42
C SER D 73 13.93 -19.48 16.59
N THR D 74 13.69 -18.53 17.49
CA THR D 74 12.36 -18.04 17.77
C THR D 74 12.16 -16.56 17.48
N THR D 75 13.22 -15.81 17.16
CA THR D 75 13.13 -14.37 17.01
C THR D 75 13.60 -13.92 15.64
N VAL D 76 12.86 -12.95 15.09
CA VAL D 76 13.16 -12.30 13.83
C VAL D 76 13.15 -10.81 14.09
N ASP D 77 14.26 -10.14 13.80
CA ASP D 77 14.45 -8.73 14.10
C ASP D 77 14.26 -7.87 12.86
N LEU D 78 13.71 -6.67 13.08
CA LEU D 78 13.54 -5.65 12.05
C LEU D 78 14.24 -4.38 12.53
N LYS D 79 15.32 -3.99 11.86
CA LYS D 79 16.09 -2.81 12.25
C LYS D 79 15.72 -1.65 11.35
N MET D 80 15.38 -0.51 11.96
CA MET D 80 14.91 0.67 11.23
C MET D 80 15.84 1.84 11.49
N THR D 81 16.28 2.50 10.41
CA THR D 81 17.13 3.68 10.51
C THR D 81 16.48 4.85 9.78
N SER D 82 17.00 6.05 10.08
CA SER D 82 16.57 7.34 9.52
C SER D 82 15.08 7.61 9.74
N LEU D 83 14.62 7.32 10.96
CA LEU D 83 13.20 7.39 11.27
C LEU D 83 12.74 8.83 11.48
N THR D 84 11.68 9.22 10.78
CA THR D 84 11.01 10.50 10.91
C THR D 84 9.58 10.27 11.42
N ALA D 85 8.82 11.37 11.57
CA ALA D 85 7.50 11.29 12.18
C ALA D 85 6.48 10.54 11.31
N ALA D 86 6.74 10.41 10.01
CA ALA D 86 5.89 9.66 9.10
C ALA D 86 5.94 8.15 9.33
N ASP D 87 6.92 7.66 10.09
CA ASP D 87 7.05 6.24 10.40
C ASP D 87 6.35 5.85 11.70
N THR D 88 5.62 6.79 12.32
CA THR D 88 4.81 6.46 13.49
C THR D 88 3.65 5.59 13.02
N ALA D 89 3.64 4.33 13.45
CA ALA D 89 2.70 3.33 12.94
C ALA D 89 2.64 2.16 13.92
N THR D 90 1.65 1.29 13.75
CA THR D 90 1.60 0.03 14.46
C THR D 90 2.22 -1.03 13.54
N TYR D 91 3.22 -1.75 14.03
CA TYR D 91 4.01 -2.63 13.18
C TYR D 91 3.59 -4.07 13.42
N PHE D 92 3.20 -4.76 12.35
CA PHE D 92 2.77 -6.15 12.42
C PHE D 92 3.81 -7.05 11.77
N CYS D 93 3.93 -8.27 12.28
CA CYS D 93 4.63 -9.35 11.59
C CYS D 93 3.62 -10.46 11.31
N ALA D 94 3.91 -11.26 10.30
CA ALA D 94 2.99 -12.33 9.93
C ALA D 94 3.76 -13.56 9.45
N LYS D 95 3.28 -14.74 9.86
CA LYS D 95 3.89 -16.01 9.45
C LYS D 95 3.50 -16.34 8.02
N GLY D 96 4.49 -16.38 7.13
CA GLY D 96 4.24 -16.51 5.70
C GLY D 96 4.44 -17.92 5.18
N PHE D 97 3.50 -18.36 4.34
CA PHE D 97 3.66 -19.64 3.67
C PHE D 97 4.65 -19.50 2.50
N ASP D 98 4.49 -18.46 1.68
CA ASP D 98 5.37 -18.19 0.55
C ASP D 98 5.77 -16.72 0.60
N TYR D 99 6.18 -16.17 -0.54
CA TYR D 99 6.56 -14.76 -0.59
C TYR D 99 5.35 -13.83 -0.60
N SER D 100 4.16 -14.35 -0.90
CA SER D 100 2.94 -13.54 -0.84
C SER D 100 2.55 -13.25 0.59
N ALA D 101 2.02 -12.05 0.81
CA ALA D 101 1.58 -11.69 2.16
C ALA D 101 0.12 -12.09 2.39
N SER D 102 -0.21 -13.32 2.03
CA SER D 102 -1.56 -13.87 2.20
C SER D 102 -1.49 -14.95 3.28
N THR D 103 -1.91 -14.58 4.49
CA THR D 103 -1.81 -15.45 5.65
C THR D 103 -2.85 -15.04 6.68
N ASN D 104 -3.21 -16.02 7.51
CA ASN D 104 -4.18 -15.82 8.57
C ASN D 104 -3.54 -15.71 9.94
N LEU D 105 -2.21 -15.69 10.01
CA LEU D 105 -1.49 -15.73 11.29
C LEU D 105 -0.63 -14.47 11.43
N TRP D 106 -1.12 -13.54 12.26
CA TRP D 106 -0.51 -12.23 12.46
C TRP D 106 -0.23 -12.01 13.93
N GLY D 107 0.79 -11.19 14.20
CA GLY D 107 1.05 -10.74 15.54
C GLY D 107 0.07 -9.65 15.92
N PRO D 108 -0.06 -9.35 17.21
CA PRO D 108 -1.01 -8.31 17.64
C PRO D 108 -0.58 -6.91 17.26
N GLY D 109 0.70 -6.70 16.95
CA GLY D 109 1.22 -5.41 16.56
C GLY D 109 1.88 -4.66 17.70
N THR D 110 2.94 -3.90 17.42
CA THR D 110 3.55 -3.04 18.44
C THR D 110 3.56 -1.60 17.96
N LEU D 111 3.43 -0.66 18.89
CA LEU D 111 3.18 0.75 18.57
C LEU D 111 4.48 1.52 18.65
N VAL D 112 4.89 2.08 17.51
CA VAL D 112 6.12 2.84 17.39
C VAL D 112 5.75 4.30 17.21
N THR D 113 6.34 5.17 18.04
CA THR D 113 6.11 6.61 17.96
C THR D 113 7.46 7.31 17.77
N ILE D 114 7.57 8.08 16.69
CA ILE D 114 8.74 8.89 16.39
C ILE D 114 8.33 10.34 16.58
N SER D 115 8.73 10.94 17.70
CA SER D 115 8.34 12.32 17.98
C SER D 115 9.37 12.92 18.91
N SER D 116 9.31 14.24 19.05
CA SER D 116 10.18 14.96 19.98
C SER D 116 9.46 15.37 21.27
N ALA D 117 8.32 14.74 21.57
CA ALA D 117 7.64 15.03 22.82
C ALA D 117 8.14 14.08 23.90
N SER D 118 7.92 14.45 25.15
CA SER D 118 8.42 13.69 26.29
C SER D 118 7.40 12.65 26.70
N THR D 119 7.90 11.53 27.23
CA THR D 119 7.04 10.51 27.80
C THR D 119 6.34 11.09 29.03
N GLN D 120 5.04 11.37 28.90
CA GLN D 120 4.26 11.99 29.94
C GLN D 120 3.15 11.07 30.42
N SER D 121 2.97 11.03 31.73
CA SER D 121 1.97 10.23 32.41
C SER D 121 0.61 10.95 32.40
N PRO D 122 -0.49 10.21 32.28
CA PRO D 122 -1.80 10.86 32.19
C PRO D 122 -2.27 11.46 33.50
N SER D 123 -2.95 12.58 33.39
CA SER D 123 -3.69 13.19 34.48
C SER D 123 -5.14 12.72 34.39
N VAL D 124 -5.63 12.08 35.44
CA VAL D 124 -6.95 11.44 35.43
C VAL D 124 -7.90 12.28 36.26
N PHE D 125 -9.02 12.68 35.65
CA PHE D 125 -10.02 13.53 36.27
C PHE D 125 -11.38 12.88 36.12
N PRO D 126 -12.23 12.96 37.14
CA PRO D 126 -13.57 12.39 37.03
C PRO D 126 -14.50 13.26 36.20
N LEU D 127 -15.42 12.60 35.52
CA LEU D 127 -16.44 13.24 34.69
C LEU D 127 -17.79 12.87 35.30
N THR D 128 -18.40 13.82 36.02
CA THR D 128 -19.75 13.65 36.55
C THR D 128 -20.64 14.79 36.08
N ARG D 129 -21.90 14.48 35.84
CA ARG D 129 -22.86 15.52 35.46
C ARG D 129 -23.24 16.35 36.68
N CYS D 130 -23.95 17.44 36.40
CA CYS D 130 -24.55 18.24 37.46
C CYS D 130 -25.65 17.48 38.19
N CYS D 131 -25.58 17.51 39.52
CA CYS D 131 -26.50 16.73 40.34
C CYS D 131 -27.92 17.32 40.32
N LYS D 132 -28.02 18.63 40.08
CA LYS D 132 -29.34 19.25 39.86
C LYS D 132 -29.87 18.94 38.46
N ASN D 133 -28.99 18.67 37.50
CA ASN D 133 -29.45 18.33 36.16
C ASN D 133 -29.73 16.85 35.97
N ILE D 134 -29.40 16.01 36.94
CA ILE D 134 -29.80 14.60 36.91
C ILE D 134 -31.18 14.50 37.54
N PRO D 135 -32.15 13.86 36.89
CA PRO D 135 -33.48 13.69 37.50
C PRO D 135 -33.42 12.78 38.71
N SER D 136 -34.32 13.03 39.66
CA SER D 136 -34.38 12.23 40.87
C SER D 136 -34.92 10.83 40.61
N ASN D 137 -35.70 10.64 39.55
CA ASN D 137 -36.23 9.33 39.17
C ASN D 137 -35.41 8.67 38.07
N ALA D 138 -34.10 8.94 38.03
CA ALA D 138 -33.23 8.39 37.00
C ALA D 138 -32.84 6.96 37.37
N THR D 139 -33.22 6.00 36.54
CA THR D 139 -32.89 4.60 36.80
C THR D 139 -31.45 4.27 36.44
N SER D 140 -30.88 4.99 35.47
CA SER D 140 -29.50 4.79 35.05
C SER D 140 -28.78 6.13 34.98
N VAL D 141 -27.45 6.09 35.10
CA VAL D 141 -26.62 7.28 35.08
C VAL D 141 -25.36 6.97 34.29
N THR D 142 -24.83 7.98 33.62
CA THR D 142 -23.59 7.87 32.87
C THR D 142 -22.54 8.76 33.50
N LEU D 143 -21.40 8.17 33.87
CA LEU D 143 -20.26 8.88 34.40
C LEU D 143 -19.02 8.46 33.63
N GLY D 144 -17.90 9.09 33.93
CA GLY D 144 -16.70 8.78 33.17
C GLY D 144 -15.44 9.32 33.79
N CYS D 145 -14.33 9.01 33.13
CA CYS D 145 -12.98 9.45 33.48
C CYS D 145 -12.32 10.04 32.25
N LEU D 146 -11.63 11.17 32.46
CA LEU D 146 -10.87 11.84 31.42
C LEU D 146 -9.39 11.63 31.71
N ALA D 147 -8.71 10.88 30.85
CA ALA D 147 -7.27 10.70 30.93
C ALA D 147 -6.64 11.57 29.85
N THR D 148 -5.98 12.66 30.25
CA THR D 148 -5.54 13.64 29.28
C THR D 148 -4.07 14.01 29.52
N GLY D 149 -3.44 14.49 28.46
CA GLY D 149 -2.08 14.99 28.53
C GLY D 149 -0.99 13.95 28.55
N TYR D 150 -1.27 12.72 28.12
CA TYR D 150 -0.28 11.65 28.14
C TYR D 150 0.35 11.47 26.77
N PHE D 151 1.56 10.88 26.78
CA PHE D 151 2.32 10.60 25.57
C PHE D 151 3.35 9.51 25.83
N PRO D 152 3.47 8.51 24.94
CA PRO D 152 2.63 8.24 23.76
C PRO D 152 1.46 7.32 24.07
N GLU D 153 0.88 6.79 23.00
CA GLU D 153 -0.18 5.81 23.11
C GLU D 153 0.42 4.47 23.58
N PRO D 154 -0.38 3.60 24.22
CA PRO D 154 -1.79 3.71 24.64
C PRO D 154 -1.99 3.74 26.15
N VAL D 155 -3.23 3.98 26.58
CA VAL D 155 -3.65 3.72 27.94
C VAL D 155 -4.76 2.67 27.89
N MET D 156 -4.96 2.03 29.03
CA MET D 156 -6.00 1.01 29.20
C MET D 156 -6.82 1.39 30.42
N VAL D 157 -8.10 1.66 30.22
CA VAL D 157 -8.97 2.06 31.31
C VAL D 157 -9.92 0.91 31.63
N THR D 158 -9.86 0.43 32.87
CA THR D 158 -10.79 -0.58 33.38
C THR D 158 -11.58 0.09 34.50
N TRP D 159 -12.74 -0.48 34.84
CA TRP D 159 -13.65 0.13 35.80
C TRP D 159 -14.00 -0.85 36.92
N ASP D 160 -14.04 -0.34 38.14
CA ASP D 160 -14.58 -1.06 39.28
C ASP D 160 -15.96 -0.49 39.59
N THR D 161 -16.98 -1.33 39.47
CA THR D 161 -18.36 -0.90 39.66
C THR D 161 -18.97 -1.40 40.96
N GLY D 162 -18.21 -2.15 41.77
CA GLY D 162 -18.75 -2.72 42.99
C GLY D 162 -19.75 -3.82 42.73
N SER D 163 -20.97 -3.67 43.26
CA SER D 163 -22.02 -4.66 43.08
C SER D 163 -22.91 -4.37 41.89
N LEU D 164 -22.76 -3.21 41.26
CA LEU D 164 -23.60 -2.80 40.14
C LEU D 164 -23.04 -3.32 38.82
N ASN D 165 -23.94 -3.61 37.89
CA ASN D 165 -23.55 -4.01 36.55
C ASN D 165 -23.49 -2.77 35.67
N GLY D 166 -22.41 -2.64 34.90
CA GLY D 166 -22.22 -1.46 34.08
C GLY D 166 -21.65 -1.83 32.72
N THR D 167 -21.91 -0.95 31.77
CA THR D 167 -21.40 -1.06 30.41
C THR D 167 -20.33 0.01 30.20
N THR D 168 -19.18 -0.40 29.67
CA THR D 168 -18.05 0.51 29.49
C THR D 168 -17.88 0.86 28.01
N MET D 169 -17.41 2.07 27.77
CA MET D 169 -17.15 2.52 26.40
C MET D 169 -16.03 3.54 26.42
N THR D 170 -14.95 3.26 25.68
CA THR D 170 -13.80 4.13 25.62
C THR D 170 -13.68 4.73 24.23
N LEU D 171 -13.70 6.05 24.14
CA LEU D 171 -13.58 6.72 22.87
C LEU D 171 -12.12 6.71 22.42
N PRO D 172 -11.87 6.80 21.11
CA PRO D 172 -10.48 6.86 20.62
C PRO D 172 -9.76 8.12 21.06
N ALA D 173 -8.44 8.01 21.13
CA ALA D 173 -7.65 9.10 21.65
C ALA D 173 -7.57 10.24 20.64
N THR D 174 -7.60 11.46 21.13
CA THR D 174 -7.42 12.64 20.31
C THR D 174 -6.10 13.30 20.66
N THR D 175 -5.38 13.72 19.64
CA THR D 175 -4.14 14.46 19.83
C THR D 175 -4.49 15.90 20.16
N LEU D 176 -4.03 16.35 21.34
CA LEU D 176 -4.22 17.73 21.77
C LEU D 176 -3.44 18.65 20.83
N THR D 177 -4.08 19.74 20.39
CA THR D 177 -3.49 20.53 19.32
C THR D 177 -2.31 21.37 19.81
N LEU D 178 -2.31 21.80 21.07
CA LEU D 178 -1.27 22.72 21.52
C LEU D 178 0.00 21.97 21.90
N SER D 179 -0.13 20.80 22.53
CA SER D 179 1.03 20.07 23.04
C SER D 179 1.39 18.84 22.23
N GLY D 180 0.48 18.27 21.46
CA GLY D 180 0.75 17.02 20.77
C GLY D 180 0.53 15.78 21.60
N HIS D 181 0.20 15.92 22.88
CA HIS D 181 -0.10 14.78 23.72
C HIS D 181 -1.50 14.27 23.43
N TYR D 182 -1.82 13.10 23.97
CA TYR D 182 -3.10 12.47 23.70
C TYR D 182 -4.07 12.69 24.85
N ALA D 183 -5.35 12.45 24.57
CA ALA D 183 -6.40 12.52 25.57
C ALA D 183 -7.46 11.49 25.21
N THR D 184 -7.98 10.80 26.20
CA THR D 184 -9.01 9.79 26.00
C THR D 184 -10.11 9.96 27.05
N ILE D 185 -11.29 9.46 26.69
CA ILE D 185 -12.48 9.50 27.55
C ILE D 185 -13.04 8.09 27.60
N SER D 186 -13.09 7.53 28.80
CA SER D 186 -13.75 6.25 29.06
C SER D 186 -15.00 6.52 29.88
N LEU D 187 -16.10 5.91 29.48
CA LEU D 187 -17.41 6.17 30.07
C LEU D 187 -18.01 4.90 30.64
N LEU D 188 -18.77 5.06 31.73
CA LEU D 188 -19.43 3.95 32.40
C LEU D 188 -20.89 4.31 32.59
N THR D 189 -21.77 3.40 32.18
CA THR D 189 -23.22 3.54 32.32
C THR D 189 -23.73 2.42 33.22
N VAL D 190 -24.18 2.77 34.43
CA VAL D 190 -24.67 1.80 35.40
C VAL D 190 -26.15 2.03 35.65
N SER D 191 -26.83 0.98 36.11
CA SER D 191 -28.24 1.05 36.48
C SER D 191 -28.43 0.48 37.88
N GLY D 192 -29.49 0.94 38.54
CA GLY D 192 -29.80 0.45 39.87
C GLY D 192 -29.59 1.48 40.95
N ALA D 193 -28.92 1.08 42.05
CA ALA D 193 -28.69 1.96 43.19
C ALA D 193 -27.37 2.72 43.04
N TRP D 194 -27.31 3.55 42.00
CA TRP D 194 -26.10 4.27 41.68
C TRP D 194 -25.88 5.49 42.58
N ALA D 195 -26.87 5.86 43.39
CA ALA D 195 -26.77 7.08 44.18
C ALA D 195 -25.75 6.96 45.31
N LYS D 196 -25.64 5.78 45.92
CA LYS D 196 -24.77 5.57 47.07
C LYS D 196 -23.52 4.77 46.74
N GLN D 197 -23.29 4.46 45.47
CA GLN D 197 -22.18 3.62 45.05
C GLN D 197 -20.94 4.45 44.72
N MET D 198 -19.78 3.98 45.18
CA MET D 198 -18.49 4.56 44.81
C MET D 198 -17.93 3.81 43.61
N PHE D 199 -17.45 4.57 42.63
CA PHE D 199 -16.93 4.01 41.39
C PHE D 199 -15.46 4.34 41.25
N THR D 200 -14.69 3.41 40.69
CA THR D 200 -13.26 3.58 40.49
C THR D 200 -12.88 3.22 39.06
N CYS D 201 -12.22 4.15 38.35
CA CYS D 201 -11.60 3.83 37.06
C CYS D 201 -10.11 3.63 37.27
N ARG D 202 -9.56 2.64 36.58
CA ARG D 202 -8.16 2.26 36.72
C ARG D 202 -7.47 2.54 35.38
N VAL D 203 -6.66 3.60 35.35
CA VAL D 203 -5.96 4.04 34.14
C VAL D 203 -4.53 3.56 34.21
N ALA D 204 -4.16 2.66 33.29
CA ALA D 204 -2.80 2.14 33.22
C ALA D 204 -2.11 2.73 31.99
N HIS D 205 -0.84 3.10 32.13
CA HIS D 205 -0.06 3.72 31.05
C HIS D 205 1.30 3.03 30.99
N THR D 206 1.38 1.94 30.23
CA THR D 206 2.61 1.19 30.01
C THR D 206 3.78 1.93 29.35
N PRO D 207 3.61 3.01 28.55
CA PRO D 207 4.80 3.81 28.19
C PRO D 207 5.50 4.53 29.34
N SER D 208 4.79 4.87 30.43
CA SER D 208 5.47 5.47 31.57
C SER D 208 6.23 4.43 32.37
N SER D 209 5.54 3.37 32.77
CA SER D 209 6.13 2.28 33.52
C SER D 209 5.21 1.08 33.33
N THR D 210 5.79 -0.11 33.50
CA THR D 210 5.00 -1.33 33.37
C THR D 210 3.98 -1.49 34.50
N ASP D 211 4.18 -0.83 35.64
CA ASP D 211 3.23 -0.89 36.73
C ASP D 211 2.58 0.46 37.03
N TRP D 212 2.61 1.39 36.08
CA TRP D 212 1.98 2.69 36.29
C TRP D 212 0.47 2.53 36.23
N VAL D 213 -0.21 2.76 37.34
CA VAL D 213 -1.66 2.65 37.47
C VAL D 213 -2.16 3.85 38.26
N ASP D 214 -3.15 4.56 37.73
CA ASP D 214 -3.81 5.63 38.45
C ASP D 214 -5.25 5.24 38.71
N ASN D 215 -5.66 5.26 39.98
CA ASN D 215 -7.00 4.88 40.40
C ASN D 215 -7.74 6.14 40.86
N LYS D 216 -8.82 6.47 40.15
CA LYS D 216 -9.65 7.63 40.50
C LYS D 216 -10.96 7.10 41.08
N THR D 217 -11.12 7.24 42.39
CA THR D 217 -12.31 6.81 43.11
C THR D 217 -13.17 8.04 43.44
N PHE D 218 -14.44 7.98 43.06
CA PHE D 218 -15.36 9.09 43.19
C PHE D 218 -16.78 8.54 43.11
N SER D 219 -17.74 9.39 43.47
CA SER D 219 -19.15 9.08 43.33
C SER D 219 -19.76 10.01 42.28
N VAL D 220 -21.02 9.71 41.91
CA VAL D 220 -21.73 10.50 40.92
C VAL D 220 -22.10 11.86 41.50
N CYS D 221 -22.59 11.88 42.73
CA CYS D 221 -23.03 13.10 43.38
C CYS D 221 -22.29 13.27 44.69
N SER D 222 -21.66 14.44 44.87
CA SER D 222 -20.95 14.75 46.11
C SER D 222 -21.92 15.34 47.14
N ARG D 223 -22.90 14.52 47.53
CA ARG D 223 -23.83 14.90 48.60
C ARG D 223 -23.20 14.69 49.97
N GLU E 1 6.08 2.28 -8.17
CA GLU E 1 5.68 2.53 -9.54
C GLU E 1 4.28 1.94 -9.79
N LEU E 2 4.11 0.66 -9.50
CA LEU E 2 2.85 -0.03 -9.77
C LEU E 2 1.78 0.26 -8.70
N ASP E 3 0.52 0.26 -9.15
CA ASP E 3 -0.60 0.68 -8.32
C ASP E 3 -1.60 -0.45 -8.09
N MET E 4 -2.19 -0.44 -6.90
CA MET E 4 -3.31 -1.29 -6.52
C MET E 4 -4.43 -0.38 -6.06
N THR E 5 -5.48 -0.28 -6.86
CA THR E 5 -6.53 0.73 -6.67
C THR E 5 -7.78 0.06 -6.12
N GLN E 6 -8.14 0.41 -4.91
CA GLN E 6 -9.29 -0.17 -4.23
C GLN E 6 -10.41 0.87 -4.20
N THR E 7 -11.56 0.52 -4.79
CA THR E 7 -12.73 1.37 -4.88
C THR E 7 -13.97 0.59 -4.48
N PRO E 8 -14.92 1.20 -3.75
CA PRO E 8 -14.92 2.57 -3.21
C PRO E 8 -14.17 2.66 -1.90
N SER E 9 -13.89 3.87 -1.40
CA SER E 9 -13.26 3.96 -0.10
C SER E 9 -14.24 3.69 1.03
N SER E 10 -15.52 3.91 0.80
CA SER E 10 -16.54 3.68 1.80
C SER E 10 -17.81 3.23 1.09
N VAL E 11 -18.56 2.32 1.74
CA VAL E 11 -19.81 1.82 1.18
C VAL E 11 -20.71 1.46 2.36
N SER E 12 -22.01 1.74 2.20
CA SER E 12 -22.99 1.56 3.25
C SER E 12 -24.13 0.71 2.71
N ALA E 13 -24.54 -0.28 3.49
CA ALA E 13 -25.61 -1.19 3.07
C ALA E 13 -26.24 -1.77 4.32
N PRO E 14 -27.52 -2.06 4.32
CA PRO E 14 -28.17 -2.54 5.54
C PRO E 14 -27.85 -4.00 5.84
N VAL E 15 -28.43 -4.48 6.92
CA VAL E 15 -28.34 -5.88 7.30
C VAL E 15 -29.13 -6.72 6.30
N GLY E 16 -28.47 -7.73 5.72
CA GLY E 16 -29.08 -8.59 4.73
C GLY E 16 -28.81 -8.18 3.29
N GLY E 17 -28.27 -7.00 3.06
CA GLY E 17 -27.93 -6.54 1.74
C GLY E 17 -26.57 -7.04 1.31
N SER E 18 -26.01 -6.38 0.29
CA SER E 18 -24.77 -6.79 -0.33
C SER E 18 -23.89 -5.59 -0.65
N VAL E 19 -22.57 -5.81 -0.61
CA VAL E 19 -21.61 -4.83 -1.08
C VAL E 19 -20.61 -5.51 -2.01
N THR E 20 -20.08 -4.74 -2.96
CA THR E 20 -19.02 -5.18 -3.87
C THR E 20 -17.85 -4.22 -3.77
N ILE E 21 -16.66 -4.76 -3.54
CA ILE E 21 -15.43 -4.01 -3.40
C ILE E 21 -14.49 -4.41 -4.52
N ASN E 22 -14.00 -3.43 -5.28
CA ASN E 22 -13.16 -3.73 -6.43
C ASN E 22 -11.71 -3.36 -6.16
N CYS E 23 -10.79 -4.19 -6.64
CA CYS E 23 -9.36 -3.89 -6.64
C CYS E 23 -8.82 -4.05 -8.04
N GLN E 24 -8.23 -2.98 -8.56
CA GLN E 24 -7.73 -2.92 -9.92
C GLN E 24 -6.24 -2.67 -9.88
N SER E 25 -5.48 -3.55 -10.51
CA SER E 25 -4.03 -3.44 -10.51
C SER E 25 -3.53 -2.92 -11.85
N SER E 26 -2.45 -2.14 -11.80
CA SER E 26 -1.85 -1.58 -13.01
C SER E 26 -1.11 -2.63 -13.81
N GLN E 27 -0.66 -3.69 -13.17
CA GLN E 27 0.02 -4.82 -13.81
C GLN E 27 -0.60 -6.09 -13.24
N SER E 28 -0.68 -7.13 -14.09
CA SER E 28 -1.25 -8.41 -13.68
C SER E 28 -0.46 -9.03 -12.53
N VAL E 29 -1.17 -9.61 -11.57
CA VAL E 29 -0.56 -10.21 -10.39
C VAL E 29 0.15 -11.51 -10.78
N TYR E 30 0.90 -12.07 -9.83
CA TYR E 30 1.68 -13.29 -10.06
C TYR E 30 0.74 -14.47 -10.33
N GLY E 31 0.92 -15.09 -11.49
CA GLY E 31 0.10 -16.21 -11.88
C GLY E 31 -1.34 -15.88 -12.16
N ASN E 32 -1.65 -14.59 -12.35
CA ASN E 32 -2.96 -14.00 -12.65
C ASN E 32 -3.99 -14.16 -11.53
N ASN E 33 -3.61 -14.68 -10.35
CA ASN E 33 -4.61 -14.87 -9.30
C ASN E 33 -4.07 -14.72 -7.89
N TYR E 34 -2.80 -14.38 -7.68
CA TYR E 34 -2.28 -14.20 -6.33
C TYR E 34 -2.80 -12.87 -5.77
N LEU E 35 -4.01 -12.94 -5.23
CA LEU E 35 -4.68 -11.76 -4.71
C LEU E 35 -5.44 -12.20 -3.47
N ALA E 36 -5.27 -11.46 -2.37
CA ALA E 36 -5.90 -11.81 -1.11
C ALA E 36 -6.88 -10.73 -0.70
N TRP E 37 -7.71 -11.04 0.29
CA TRP E 37 -8.63 -10.08 0.88
C TRP E 37 -8.54 -10.17 2.40
N TYR E 38 -8.47 -9.01 3.05
CA TYR E 38 -8.36 -8.95 4.49
C TYR E 38 -9.53 -8.17 5.05
N GLN E 39 -9.86 -8.45 6.31
CA GLN E 39 -10.82 -7.70 7.10
C GLN E 39 -10.11 -7.23 8.35
N GLN E 40 -10.22 -5.94 8.65
CA GLN E 40 -9.54 -5.37 9.80
C GLN E 40 -10.51 -4.52 10.60
N LYS E 41 -10.50 -4.69 11.92
CA LYS E 41 -11.23 -3.82 12.81
C LYS E 41 -10.25 -2.99 13.64
N ALA E 42 -10.79 -2.13 14.50
CA ALA E 42 -9.96 -1.21 15.27
C ALA E 42 -9.18 -1.96 16.33
N GLY E 43 -7.87 -1.76 16.36
CA GLY E 43 -7.03 -2.37 17.37
C GLY E 43 -6.73 -3.83 17.16
N GLN E 44 -7.08 -4.40 16.01
CA GLN E 44 -6.86 -5.82 15.79
C GLN E 44 -5.97 -6.03 14.57
N PRO E 45 -5.23 -7.13 14.53
CA PRO E 45 -4.53 -7.50 13.31
C PRO E 45 -5.53 -7.90 12.24
N PRO E 46 -5.14 -7.81 10.96
CA PRO E 46 -6.04 -8.14 9.86
C PRO E 46 -6.38 -9.63 9.83
N LYS E 47 -7.58 -9.96 9.38
CA LYS E 47 -8.02 -11.34 9.32
C LYS E 47 -8.20 -11.76 7.87
N LEU E 48 -7.62 -12.90 7.50
CA LEU E 48 -7.73 -13.38 6.12
C LEU E 48 -9.12 -13.94 5.86
N LEU E 49 -9.71 -13.53 4.73
CA LEU E 49 -10.98 -14.04 4.23
C LEU E 49 -10.80 -14.82 2.95
N ILE E 50 -10.12 -14.25 1.96
CA ILE E 50 -9.92 -14.86 0.65
C ILE E 50 -8.43 -14.86 0.37
N TYR E 51 -7.92 -15.97 -0.17
CA TYR E 51 -6.59 -16.01 -0.79
C TYR E 51 -6.72 -16.72 -2.12
N ARG E 52 -5.70 -16.50 -2.97
CA ARG E 52 -5.67 -16.98 -4.37
C ARG E 52 -6.90 -16.56 -5.16
N ALA E 53 -7.29 -15.29 -4.98
CA ALA E 53 -8.37 -14.54 -5.62
C ALA E 53 -9.79 -15.03 -5.34
N SER E 54 -10.00 -16.30 -5.04
CA SER E 54 -11.35 -16.81 -4.89
C SER E 54 -11.49 -17.95 -3.89
N THR E 55 -10.39 -18.52 -3.41
CA THR E 55 -10.47 -19.62 -2.43
C THR E 55 -10.73 -19.08 -1.03
N LEU E 56 -11.78 -19.59 -0.39
CA LEU E 56 -12.19 -19.10 0.92
C LEU E 56 -11.23 -19.60 2.00
N ALA E 57 -10.82 -18.70 2.88
CA ALA E 57 -9.92 -19.07 3.97
C ALA E 57 -10.67 -19.86 5.04
N SER E 58 -9.91 -20.64 5.79
CA SER E 58 -10.47 -21.49 6.84
C SER E 58 -10.96 -20.60 7.98
N GLY E 59 -12.25 -20.72 8.31
CA GLY E 59 -12.86 -19.91 9.34
C GLY E 59 -13.59 -18.68 8.85
N ALA E 60 -13.35 -18.27 7.59
CA ALA E 60 -14.13 -17.18 7.00
C ALA E 60 -15.49 -17.72 6.55
N PRO E 61 -16.56 -16.95 6.69
CA PRO E 61 -17.89 -17.44 6.30
C PRO E 61 -18.03 -17.57 4.80
N SER E 62 -19.07 -18.32 4.38
CA SER E 62 -19.31 -18.49 2.95
C SER E 62 -19.86 -17.24 2.30
N ARG E 63 -20.31 -16.26 3.10
CA ARG E 63 -20.89 -15.04 2.56
C ARG E 63 -19.83 -14.09 2.00
N PHE E 64 -18.55 -14.35 2.24
CA PHE E 64 -17.48 -13.61 1.58
C PHE E 64 -17.09 -14.35 0.31
N LYS E 65 -17.29 -13.72 -0.84
CA LYS E 65 -17.02 -14.36 -2.12
C LYS E 65 -16.10 -13.49 -2.95
N GLY E 66 -14.94 -14.04 -3.30
CA GLY E 66 -13.98 -13.35 -4.14
C GLY E 66 -14.01 -13.89 -5.56
N SER E 67 -13.64 -13.02 -6.51
CA SER E 67 -13.62 -13.39 -7.91
C SER E 67 -12.65 -12.48 -8.63
N GLY E 68 -12.24 -12.90 -9.82
CA GLY E 68 -11.42 -12.08 -10.68
C GLY E 68 -10.19 -12.82 -11.18
N SER E 69 -9.49 -12.16 -12.09
CA SER E 69 -8.31 -12.69 -12.74
C SER E 69 -7.53 -11.55 -13.35
N GLY E 70 -6.21 -11.72 -13.38
CA GLY E 70 -5.33 -10.76 -14.03
C GLY E 70 -5.20 -9.46 -13.29
N THR E 71 -5.99 -8.44 -13.70
CA THR E 71 -5.91 -7.12 -13.11
C THR E 71 -7.19 -6.65 -12.43
N GLN E 72 -8.32 -7.32 -12.65
CA GLN E 72 -9.63 -6.89 -12.14
C GLN E 72 -10.14 -7.93 -11.17
N PHE E 73 -10.39 -7.52 -9.92
CA PHE E 73 -10.80 -8.41 -8.84
C PHE E 73 -11.95 -7.78 -8.06
N THR E 74 -12.78 -8.65 -7.47
CA THR E 74 -14.02 -8.24 -6.81
C THR E 74 -14.29 -9.09 -5.56
N LEU E 75 -14.51 -8.42 -4.43
CA LEU E 75 -14.99 -9.05 -3.20
C LEU E 75 -16.47 -8.74 -3.01
N THR E 76 -17.27 -9.79 -2.86
CA THR E 76 -18.70 -9.63 -2.65
C THR E 76 -19.05 -10.13 -1.26
N ILE E 77 -19.61 -9.25 -0.45
CA ILE E 77 -20.12 -9.61 0.87
C ILE E 77 -21.63 -9.56 0.76
N SER E 78 -22.24 -10.72 0.58
CA SER E 78 -23.68 -10.84 0.63
C SER E 78 -24.10 -11.18 2.05
N ASP E 79 -25.39 -10.99 2.33
CA ASP E 79 -26.05 -11.32 3.60
C ASP E 79 -25.34 -10.65 4.79
N LEU E 80 -25.40 -9.31 4.78
CA LEU E 80 -24.61 -8.51 5.71
C LEU E 80 -25.15 -8.63 7.13
N GLU E 81 -24.23 -8.70 8.08
CA GLU E 81 -24.50 -8.68 9.51
C GLU E 81 -23.84 -7.44 10.10
N SER E 82 -24.22 -7.12 11.34
CA SER E 82 -23.61 -5.99 12.02
C SER E 82 -22.15 -6.25 12.41
N ASP E 83 -21.73 -7.52 12.45
CA ASP E 83 -20.33 -7.86 12.74
C ASP E 83 -19.40 -7.49 11.58
N ASP E 84 -19.93 -7.38 10.37
CA ASP E 84 -19.15 -7.14 9.15
C ASP E 84 -18.75 -5.69 8.96
N ALA E 85 -19.13 -4.79 9.88
CA ALA E 85 -18.71 -3.41 9.81
C ALA E 85 -17.23 -3.33 10.17
N ALA E 86 -16.39 -3.15 9.15
CA ALA E 86 -14.94 -3.17 9.31
C ALA E 86 -14.32 -2.50 8.10
N THR E 87 -12.99 -2.43 8.11
CA THR E 87 -12.21 -1.92 6.99
C THR E 87 -11.57 -3.07 6.22
N TYR E 88 -11.75 -3.10 4.90
CA TYR E 88 -11.37 -4.23 4.06
C TYR E 88 -10.26 -3.84 3.10
N TYR E 89 -9.29 -4.73 2.94
CA TYR E 89 -8.12 -4.48 2.12
C TYR E 89 -7.89 -5.64 1.18
N CYS E 90 -7.44 -5.34 -0.02
CA CYS E 90 -6.94 -6.37 -0.92
C CYS E 90 -5.42 -6.33 -0.94
N LEU E 91 -4.82 -7.47 -1.27
CA LEU E 91 -3.37 -7.63 -1.24
C LEU E 91 -2.94 -8.46 -2.44
N GLY E 92 -2.18 -7.84 -3.35
CA GLY E 92 -1.67 -8.52 -4.53
C GLY E 92 -0.19 -8.83 -4.42
N TYR E 93 0.19 -10.01 -4.87
CA TYR E 93 1.58 -10.40 -4.97
C TYR E 93 2.02 -10.34 -6.43
N TYR E 94 3.25 -9.87 -6.66
CA TYR E 94 3.72 -9.53 -8.00
C TYR E 94 5.05 -10.21 -8.29
N ASN E 95 5.35 -10.33 -9.58
CA ASN E 95 6.68 -10.71 -10.02
C ASN E 95 7.71 -9.70 -9.53
N GLY E 96 8.82 -10.21 -9.03
CA GLY E 96 9.84 -9.41 -8.38
C GLY E 96 9.87 -9.48 -6.89
N VAL E 97 9.04 -10.34 -6.28
CA VAL E 97 8.77 -10.45 -4.84
C VAL E 97 8.36 -9.09 -4.30
N ILE E 98 7.16 -8.63 -4.67
CA ILE E 98 6.59 -7.35 -4.23
C ILE E 98 5.14 -7.60 -3.84
N ASN E 99 4.76 -7.13 -2.65
CA ASN E 99 3.37 -7.13 -2.20
C ASN E 99 2.91 -5.68 -2.07
N VAL E 100 1.70 -5.39 -2.53
CA VAL E 100 1.11 -4.05 -2.48
C VAL E 100 -0.29 -4.16 -1.90
N PHE E 101 -0.55 -3.47 -0.78
CA PHE E 101 -1.89 -3.43 -0.22
C PHE E 101 -2.73 -2.37 -0.90
N GLY E 102 -4.04 -2.63 -0.98
CA GLY E 102 -4.97 -1.64 -1.45
C GLY E 102 -5.22 -0.54 -0.43
N GLY E 103 -5.90 0.50 -0.90
CA GLY E 103 -6.16 1.68 -0.07
C GLY E 103 -7.17 1.46 1.02
N GLY E 104 -8.02 0.47 0.90
CA GLY E 104 -8.94 0.16 1.97
C GLY E 104 -10.37 0.55 1.65
N THR E 105 -11.31 -0.22 2.18
CA THR E 105 -12.73 0.04 2.00
C THR E 105 -13.42 -0.12 3.33
N ASN E 106 -14.04 0.94 3.81
CA ASN E 106 -14.78 0.89 5.05
C ASN E 106 -16.23 0.55 4.75
N VAL E 107 -16.73 -0.53 5.35
CA VAL E 107 -18.11 -0.97 5.18
C VAL E 107 -18.89 -0.53 6.42
N GLU E 108 -19.94 0.25 6.19
CA GLU E 108 -20.86 0.73 7.21
C GLU E 108 -22.18 -0.01 7.09
N ILE E 109 -22.72 -0.47 8.22
CA ILE E 109 -24.04 -1.08 8.23
C ILE E 109 -25.11 0.01 8.32
N LYS E 110 -26.00 0.05 7.33
CA LYS E 110 -27.10 1.02 7.31
C LYS E 110 -28.26 0.59 8.21
N ARG E 111 -28.76 1.52 9.02
CA ARG E 111 -29.86 1.23 9.94
C ARG E 111 -30.79 2.43 9.98
N THR E 112 -31.75 2.39 10.90
CA THR E 112 -32.72 3.48 11.03
C THR E 112 -32.09 4.66 11.76
N VAL E 113 -32.70 5.82 11.59
CA VAL E 113 -32.19 7.06 12.14
C VAL E 113 -32.43 7.07 13.65
N GLY E 114 -31.35 7.30 14.40
CA GLY E 114 -31.44 7.53 15.82
C GLY E 114 -30.88 8.88 16.18
N ALA E 115 -31.62 9.65 16.93
CA ALA E 115 -31.19 10.94 17.43
C ALA E 115 -30.22 10.76 18.61
N PRO E 116 -29.22 11.62 18.76
CA PRO E 116 -28.29 11.48 19.89
C PRO E 116 -28.89 11.94 21.22
N SER E 117 -28.53 11.21 22.27
CA SER E 117 -28.79 11.63 23.64
C SER E 117 -27.58 12.44 24.11
N VAL E 118 -27.80 13.70 24.49
CA VAL E 118 -26.72 14.63 24.79
C VAL E 118 -26.50 14.70 26.30
N PHE E 119 -25.23 14.70 26.71
CA PHE E 119 -24.85 14.94 28.09
C PHE E 119 -23.71 15.93 28.14
N ILE E 120 -23.70 16.76 29.18
CA ILE E 120 -22.64 17.74 29.40
C ILE E 120 -22.00 17.48 30.76
N PHE E 121 -20.68 17.67 30.83
CA PHE E 121 -19.89 17.42 32.02
C PHE E 121 -19.11 18.69 32.34
N PRO E 122 -19.29 19.29 33.52
CA PRO E 122 -18.45 20.41 33.93
C PRO E 122 -17.06 19.94 34.28
N PRO E 123 -16.06 20.83 34.22
CA PRO E 123 -14.71 20.43 34.64
C PRO E 123 -14.66 20.16 36.13
N SER E 124 -13.84 19.20 36.47
CA SER E 124 -13.67 18.72 37.83
C SER E 124 -12.86 19.73 38.64
N ASP E 125 -13.02 19.67 39.98
CA ASP E 125 -12.25 20.57 40.83
C ASP E 125 -10.79 20.19 40.88
N GLU E 126 -10.45 18.93 40.62
CA GLU E 126 -9.06 18.52 40.59
C GLU E 126 -8.32 19.12 39.40
N GLN E 127 -9.01 19.24 38.26
CA GLN E 127 -8.40 19.78 37.06
C GLN E 127 -8.21 21.28 37.14
N LEU E 128 -9.12 21.96 37.85
CA LEU E 128 -9.03 23.42 38.01
C LEU E 128 -7.84 23.83 38.85
N LYS E 129 -7.30 22.93 39.67
CA LYS E 129 -6.08 23.24 40.41
C LYS E 129 -4.86 23.31 39.51
N SER E 130 -4.93 22.75 38.30
CA SER E 130 -3.78 22.73 37.40
C SER E 130 -3.81 23.85 36.37
N GLY E 131 -4.85 24.67 36.35
CA GLY E 131 -4.90 25.83 35.49
C GLY E 131 -5.60 25.63 34.16
N THR E 132 -6.18 24.46 33.92
CA THR E 132 -6.87 24.14 32.68
C THR E 132 -8.25 23.61 33.07
N ALA E 133 -9.26 23.96 32.27
CA ALA E 133 -10.61 23.46 32.49
C ALA E 133 -11.13 22.84 31.20
N SER E 134 -11.49 21.57 31.26
CA SER E 134 -12.05 20.83 30.12
C SER E 134 -13.52 20.60 30.37
N VAL E 135 -14.35 21.07 29.43
CA VAL E 135 -15.79 20.83 29.41
C VAL E 135 -16.05 19.77 28.36
N VAL E 136 -16.82 18.74 28.71
CA VAL E 136 -17.01 17.59 27.84
C VAL E 136 -18.48 17.46 27.49
N CYS E 137 -18.79 17.43 26.20
CA CYS E 137 -20.14 17.22 25.69
C CYS E 137 -20.17 15.87 24.99
N LEU E 138 -21.05 14.99 25.46
CA LEU E 138 -21.12 13.63 24.96
C LEU E 138 -22.39 13.44 24.14
N LEU E 139 -22.24 12.89 22.93
CA LEU E 139 -23.34 12.51 22.06
C LEU E 139 -23.38 11.00 21.99
N ASN E 140 -24.47 10.41 22.47
CA ASN E 140 -24.55 8.98 22.70
C ASN E 140 -25.58 8.31 21.79
N ASN E 141 -25.14 7.26 21.07
CA ASN E 141 -25.98 6.29 20.35
C ASN E 141 -26.85 6.95 19.28
N PHE E 142 -26.19 7.36 18.19
CA PHE E 142 -26.87 8.00 17.08
C PHE E 142 -26.49 7.35 15.76
N TYR E 143 -27.38 7.49 14.78
CA TYR E 143 -27.13 7.05 13.42
C TYR E 143 -27.94 8.00 12.55
N PRO E 144 -27.38 8.53 11.43
CA PRO E 144 -26.02 8.34 10.86
C PRO E 144 -24.89 9.09 11.58
N ARG E 145 -23.65 8.98 11.07
CA ARG E 145 -22.48 9.51 11.76
C ARG E 145 -22.46 11.04 11.82
N GLU E 146 -23.07 11.70 10.84
CA GLU E 146 -22.95 13.15 10.63
C GLU E 146 -23.72 13.92 11.70
N ALA E 147 -22.98 14.65 12.54
CA ALA E 147 -23.55 15.51 13.57
C ALA E 147 -22.66 16.73 13.74
N LYS E 148 -23.21 17.76 14.38
CA LYS E 148 -22.52 19.03 14.55
C LYS E 148 -22.60 19.47 16.02
N VAL E 149 -21.46 19.82 16.61
CA VAL E 149 -21.40 20.27 18.00
C VAL E 149 -20.89 21.71 17.99
N GLN E 150 -21.63 22.61 18.66
CA GLN E 150 -21.25 24.01 18.78
C GLN E 150 -21.12 24.36 20.26
N TRP E 151 -20.02 25.02 20.61
CA TRP E 151 -19.78 25.47 21.97
C TRP E 151 -20.13 26.95 22.11
N LYS E 152 -20.84 27.29 23.18
CA LYS E 152 -21.24 28.66 23.47
C LYS E 152 -20.87 28.98 24.91
N VAL E 153 -20.02 30.00 25.10
CA VAL E 153 -19.57 30.43 26.42
C VAL E 153 -20.07 31.87 26.61
N ASP E 154 -21.06 32.03 27.49
CA ASP E 154 -21.83 33.26 27.69
C ASP E 154 -22.38 33.77 26.36
N ASN E 155 -23.03 32.86 25.62
CA ASN E 155 -23.68 33.03 24.31
C ASN E 155 -22.71 33.40 23.19
N ALA E 156 -21.41 33.36 23.42
CA ALA E 156 -20.40 33.65 22.41
C ALA E 156 -19.93 32.34 21.79
N LEU E 157 -19.98 32.27 20.47
CA LEU E 157 -19.66 31.04 19.75
C LEU E 157 -18.14 30.82 19.76
N GLN E 158 -17.70 29.65 20.24
CA GLN E 158 -16.28 29.35 20.37
C GLN E 158 -15.71 28.87 19.05
N SER E 159 -14.42 29.14 18.86
CA SER E 159 -13.75 28.64 17.67
C SER E 159 -12.27 28.43 17.99
N GLY E 160 -11.75 27.25 17.66
CA GLY E 160 -10.35 26.95 17.84
C GLY E 160 -9.96 26.27 19.13
N ASN E 161 -10.92 25.99 20.02
CA ASN E 161 -10.59 25.40 21.32
C ASN E 161 -11.41 24.14 21.63
N SER E 162 -11.81 23.38 20.60
CA SER E 162 -12.56 22.15 20.83
C SER E 162 -12.05 21.06 19.91
N GLN E 163 -12.15 19.81 20.38
CA GLN E 163 -11.76 18.64 19.61
C GLN E 163 -12.75 17.51 19.78
N GLU E 164 -13.00 16.77 18.71
CA GLU E 164 -13.99 15.69 18.72
C GLU E 164 -13.36 14.33 18.53
N SER E 165 -14.04 13.32 19.07
CA SER E 165 -13.67 11.92 18.92
C SER E 165 -14.92 11.10 18.61
N VAL E 166 -14.85 10.28 17.57
CA VAL E 166 -15.95 9.44 17.13
C VAL E 166 -15.53 7.99 17.32
N THR E 167 -16.41 7.19 17.92
CA THR E 167 -16.17 5.76 18.04
C THR E 167 -16.34 5.09 16.69
N GLU E 168 -15.86 3.84 16.60
CA GLU E 168 -16.21 3.01 15.46
C GLU E 168 -17.67 2.58 15.59
N GLN E 169 -18.23 2.10 14.48
CA GLN E 169 -19.62 1.67 14.46
C GLN E 169 -19.77 0.43 15.33
N ASP E 170 -20.77 0.46 16.21
CA ASP E 170 -20.94 -0.60 17.19
C ASP E 170 -21.37 -1.88 16.51
N SER E 171 -20.90 -3.02 17.01
CA SER E 171 -21.21 -4.28 16.38
C SER E 171 -22.56 -4.85 16.78
N LYS E 172 -23.32 -4.16 17.64
CA LYS E 172 -24.62 -4.64 18.10
C LYS E 172 -25.76 -3.80 17.55
N ASP E 173 -25.79 -2.50 17.86
CA ASP E 173 -26.89 -1.63 17.42
C ASP E 173 -26.50 -0.72 16.26
N SER E 174 -25.25 -0.84 15.75
CA SER E 174 -24.74 -0.14 14.57
C SER E 174 -24.78 1.38 14.71
N THR E 175 -24.59 1.87 15.93
CA THR E 175 -24.61 3.30 16.22
C THR E 175 -23.21 3.86 16.40
N TYR E 176 -23.15 5.19 16.43
CA TYR E 176 -21.93 5.91 16.74
C TYR E 176 -22.12 6.70 18.03
N SER E 177 -21.01 7.05 18.65
CA SER E 177 -20.97 7.95 19.79
C SER E 177 -19.86 8.97 19.56
N LEU E 178 -20.08 10.20 20.02
CA LEU E 178 -19.15 11.28 19.78
C LEU E 178 -18.97 12.08 21.06
N SER E 179 -17.75 12.50 21.33
CA SER E 179 -17.48 13.39 22.45
C SER E 179 -16.72 14.60 21.92
N SER E 180 -17.10 15.78 22.38
CA SER E 180 -16.40 17.02 22.06
C SER E 180 -15.89 17.65 23.35
N THR E 181 -14.60 17.96 23.39
CA THR E 181 -13.93 18.47 24.59
C THR E 181 -13.54 19.92 24.36
N LEU E 182 -14.14 20.84 25.12
CA LEU E 182 -13.79 22.26 25.08
C LEU E 182 -12.71 22.54 26.10
N THR E 183 -11.54 22.97 25.64
CA THR E 183 -10.38 23.23 26.49
C THR E 183 -10.20 24.73 26.67
N LEU E 184 -10.26 25.20 27.92
CA LEU E 184 -10.02 26.60 28.27
C LEU E 184 -8.99 26.65 29.38
N SER E 185 -8.37 27.81 29.56
CA SER E 185 -7.57 28.00 30.77
C SER E 185 -8.48 28.27 31.96
N LYS E 186 -7.91 28.18 33.17
CA LYS E 186 -8.68 28.44 34.38
C LYS E 186 -9.10 29.91 34.49
N ALA E 187 -8.23 30.82 34.05
CA ALA E 187 -8.57 32.24 34.07
C ALA E 187 -9.68 32.55 33.07
N ASP E 188 -9.68 31.87 31.92
CA ASP E 188 -10.79 32.02 30.97
C ASP E 188 -12.05 31.32 31.45
N TYR E 189 -11.91 30.24 32.23
CA TYR E 189 -13.08 29.51 32.69
C TYR E 189 -13.81 30.27 33.79
N GLU E 190 -13.07 30.83 34.75
CA GLU E 190 -13.65 31.50 35.91
C GLU E 190 -14.08 32.93 35.61
N LYS E 191 -13.91 33.39 34.37
CA LYS E 191 -14.39 34.69 33.95
C LYS E 191 -15.81 34.64 33.39
N HIS E 192 -16.36 33.45 33.14
CA HIS E 192 -17.65 33.33 32.47
C HIS E 192 -18.60 32.45 33.28
N LYS E 193 -19.89 32.53 32.92
CA LYS E 193 -20.97 31.88 33.67
C LYS E 193 -21.65 30.77 32.89
N VAL E 194 -22.18 31.05 31.72
CA VAL E 194 -23.00 30.10 30.98
C VAL E 194 -22.15 29.29 30.01
N TYR E 195 -22.21 27.97 30.15
CA TYR E 195 -21.49 27.04 29.29
C TYR E 195 -22.50 26.10 28.67
N ALA E 196 -22.67 26.21 27.35
CA ALA E 196 -23.73 25.52 26.61
C ALA E 196 -23.11 24.68 25.50
N CYS E 197 -23.74 23.55 25.22
CA CYS E 197 -23.37 22.68 24.11
C CYS E 197 -24.58 22.52 23.19
N GLU E 198 -24.47 22.96 21.95
CA GLU E 198 -25.58 22.93 20.99
C GLU E 198 -25.32 21.85 19.95
N VAL E 199 -26.24 20.88 19.86
CA VAL E 199 -26.02 19.68 19.08
C VAL E 199 -27.03 19.63 17.95
N THR E 200 -26.52 19.45 16.74
CA THR E 200 -27.32 19.39 15.53
C THR E 200 -27.17 18.00 14.91
N HIS E 201 -28.29 17.35 14.59
CA HIS E 201 -28.30 16.05 13.94
C HIS E 201 -29.54 15.96 13.06
N GLN E 202 -29.46 15.10 12.03
CA GLN E 202 -30.56 14.96 11.08
C GLN E 202 -31.80 14.33 11.69
N GLY E 203 -31.66 13.57 12.77
CA GLY E 203 -32.80 13.04 13.50
C GLY E 203 -33.48 14.02 14.43
N LEU E 204 -32.90 15.20 14.61
CA LEU E 204 -33.45 16.23 15.47
C LEU E 204 -34.11 17.28 14.59
N SER E 205 -35.34 17.65 14.93
CA SER E 205 -36.01 18.69 14.17
C SER E 205 -35.47 20.09 14.49
N SER E 206 -34.93 20.30 15.69
CA SER E 206 -34.37 21.57 16.11
C SER E 206 -33.13 21.29 16.94
N PRO E 207 -32.19 22.26 17.02
CA PRO E 207 -30.96 22.00 17.80
C PRO E 207 -31.21 21.86 19.29
N VAL E 208 -30.74 20.73 19.87
CA VAL E 208 -30.89 20.50 21.31
C VAL E 208 -29.67 21.09 22.03
N THR E 209 -29.91 21.73 23.18
CA THR E 209 -28.89 22.44 23.92
C THR E 209 -28.91 21.94 25.35
N LYS E 210 -27.74 21.56 25.85
CA LYS E 210 -27.55 21.24 27.25
C LYS E 210 -26.52 22.22 27.82
N SER E 211 -26.84 22.79 28.98
CA SER E 211 -26.04 23.87 29.53
C SER E 211 -25.94 23.75 31.05
N PHE E 212 -24.99 24.50 31.62
CA PHE E 212 -24.86 24.65 33.06
C PHE E 212 -24.27 26.02 33.36
N ASN E 213 -24.36 26.43 34.62
CA ASN E 213 -23.70 27.62 35.15
C ASN E 213 -22.56 27.21 36.06
N ARG E 214 -21.46 27.96 35.99
CA ARG E 214 -20.27 27.66 36.78
C ARG E 214 -20.47 28.04 38.24
N GLY E 215 -20.29 27.07 39.16
CA GLY E 215 -20.39 27.33 40.58
C GLY E 215 -21.81 27.42 41.13
N GLU E 216 -22.80 27.50 40.25
CA GLU E 216 -24.20 27.62 40.60
C GLU E 216 -24.88 26.26 40.61
N CYS E 217 -24.30 25.32 39.89
CA CYS E 217 -24.84 23.99 39.72
C CYS E 217 -24.27 23.00 40.73
N GLU F 1 -36.31 34.52 -0.29
CA GLU F 1 -35.51 33.33 -0.54
C GLU F 1 -36.39 32.14 -0.95
N VAL F 2 -36.08 30.97 -0.40
CA VAL F 2 -36.73 29.73 -0.81
C VAL F 2 -37.97 29.50 0.07
N GLN F 3 -39.07 29.14 -0.58
CA GLN F 3 -40.30 28.76 0.11
C GLN F 3 -40.58 27.29 -0.13
N LEU F 4 -41.01 26.59 0.91
CA LEU F 4 -41.38 25.19 0.82
C LEU F 4 -42.89 25.06 0.94
N GLN F 5 -43.50 24.29 0.04
CA GLN F 5 -44.94 24.09 0.03
C GLN F 5 -45.27 22.61 -0.06
N GLU F 6 -45.86 22.08 1.00
CA GLU F 6 -46.28 20.68 1.00
C GLU F 6 -47.62 20.53 0.31
N SER F 7 -47.83 19.33 -0.23
CA SER F 7 -49.05 18.98 -0.93
C SER F 7 -49.22 17.48 -0.89
N GLY F 8 -50.45 17.03 -1.12
CA GLY F 8 -50.71 15.62 -1.25
C GLY F 8 -51.33 14.96 -0.04
N GLY F 9 -51.69 15.70 1.00
CA GLY F 9 -52.30 15.10 2.15
C GLY F 9 -53.80 14.87 1.95
N GLY F 10 -54.46 14.51 3.04
CA GLY F 10 -55.88 14.32 3.10
C GLY F 10 -56.24 13.03 3.81
N LEU F 11 -57.51 12.67 3.73
CA LEU F 11 -58.06 11.53 4.47
C LEU F 11 -57.87 10.25 3.67
N VAL F 12 -57.55 9.16 4.38
CA VAL F 12 -57.25 7.89 3.73
C VAL F 12 -57.64 6.75 4.69
N GLN F 13 -58.05 5.62 4.11
CA GLN F 13 -58.37 4.45 4.91
C GLN F 13 -57.09 3.79 5.43
N PRO F 14 -57.20 3.01 6.51
CA PRO F 14 -56.05 2.19 6.95
C PRO F 14 -55.64 1.15 5.92
N GLY F 15 -54.33 1.07 5.69
CA GLY F 15 -53.77 0.30 4.60
C GLY F 15 -53.68 1.04 3.30
N GLY F 16 -54.21 2.26 3.22
CA GLY F 16 -54.19 3.01 1.98
C GLY F 16 -52.84 3.64 1.70
N SER F 17 -52.81 4.43 0.62
CA SER F 17 -51.58 5.06 0.12
C SER F 17 -51.80 6.54 -0.14
N LEU F 18 -50.75 7.31 0.09
CA LEU F 18 -50.69 8.72 -0.25
C LEU F 18 -49.29 9.05 -0.71
N ARG F 19 -49.19 10.04 -1.60
CA ARG F 19 -47.90 10.58 -2.00
C ARG F 19 -47.86 12.05 -1.61
N LEU F 20 -47.00 12.38 -0.66
CA LEU F 20 -46.77 13.78 -0.34
C LEU F 20 -45.70 14.35 -1.27
N SER F 21 -45.87 15.62 -1.63
CA SER F 21 -44.91 16.31 -2.45
C SER F 21 -44.52 17.59 -1.73
N CYS F 22 -43.28 18.02 -1.94
CA CYS F 22 -42.80 19.26 -1.34
C CYS F 22 -42.05 20.03 -2.41
N ALA F 23 -42.71 21.03 -2.99
CA ALA F 23 -42.13 21.82 -4.07
C ALA F 23 -41.42 23.03 -3.49
N ALA F 24 -40.17 23.23 -3.88
CA ALA F 24 -39.38 24.36 -3.44
C ALA F 24 -39.26 25.38 -4.55
N SER F 25 -39.38 26.65 -4.21
CA SER F 25 -39.28 27.72 -5.20
C SER F 25 -38.46 28.87 -4.65
N GLY F 26 -37.47 29.29 -5.42
CA GLY F 26 -36.60 30.39 -5.07
C GLY F 26 -35.14 30.03 -5.14
N ARG F 27 -34.77 28.91 -4.51
CA ARG F 27 -33.39 28.44 -4.52
C ARG F 27 -33.38 26.97 -4.94
N THR F 28 -32.36 26.60 -5.71
CA THR F 28 -32.23 25.24 -6.22
C THR F 28 -31.83 24.28 -5.11
N ILE F 29 -32.69 23.29 -4.85
CA ILE F 29 -32.51 22.38 -3.72
C ILE F 29 -31.85 21.06 -4.14
N SER F 30 -31.20 21.02 -5.29
CA SER F 30 -30.49 19.79 -5.65
C SER F 30 -29.21 19.62 -4.84
N ARG F 31 -28.72 20.68 -4.19
CA ARG F 31 -27.51 20.61 -3.39
C ARG F 31 -27.75 20.30 -1.91
N TYR F 32 -29.00 20.24 -1.45
CA TYR F 32 -29.28 20.07 -0.05
C TYR F 32 -30.08 18.80 0.20
N ALA F 33 -29.89 18.20 1.37
CA ALA F 33 -30.76 17.12 1.79
C ALA F 33 -32.13 17.65 2.17
N MET F 34 -33.16 16.87 1.87
CA MET F 34 -34.55 17.20 2.16
C MET F 34 -35.12 16.15 3.12
N SER F 35 -35.73 16.63 4.21
CA SER F 35 -36.25 15.74 5.23
C SER F 35 -37.75 15.91 5.40
N TRP F 36 -38.39 14.83 5.84
CA TRP F 36 -39.80 14.82 6.21
C TRP F 36 -39.91 14.61 7.71
N PHE F 37 -40.79 15.40 8.33
CA PHE F 37 -41.09 15.30 9.76
C PHE F 37 -42.60 15.25 9.93
N ARG F 38 -43.05 14.80 11.10
CA ARG F 38 -44.48 14.82 11.36
C ARG F 38 -44.70 15.19 12.82
N GLN F 39 -45.83 15.85 13.06
CA GLN F 39 -46.20 16.31 14.40
C GLN F 39 -47.70 16.21 14.57
N ALA F 40 -48.14 15.27 15.40
CA ALA F 40 -49.53 15.22 15.80
C ALA F 40 -49.84 16.40 16.71
N PRO F 41 -51.10 16.85 16.76
CA PRO F 41 -51.46 17.91 17.70
C PRO F 41 -51.28 17.45 19.14
N GLY F 42 -50.53 18.22 19.91
CA GLY F 42 -50.23 17.88 21.29
C GLY F 42 -49.13 16.86 21.49
N LYS F 43 -48.35 16.55 20.47
CA LYS F 43 -47.24 15.60 20.53
C LYS F 43 -45.96 16.33 20.13
N GLU F 44 -44.85 15.60 20.22
CA GLU F 44 -43.57 16.16 19.78
C GLU F 44 -43.40 15.94 18.28
N ARG F 45 -42.63 16.82 17.65
CA ARG F 45 -42.30 16.67 16.23
C ARG F 45 -41.24 15.60 16.04
N GLU F 46 -41.56 14.56 15.27
CA GLU F 46 -40.64 13.45 15.13
C GLU F 46 -40.18 13.30 13.69
N PHE F 47 -39.03 12.65 13.55
CA PHE F 47 -38.38 12.42 12.26
C PHE F 47 -39.11 11.30 11.53
N VAL F 48 -39.18 11.43 10.21
CA VAL F 48 -39.77 10.40 9.36
C VAL F 48 -38.71 9.84 8.42
N ALA F 49 -38.19 10.69 7.53
CA ALA F 49 -37.28 10.23 6.49
C ALA F 49 -36.47 11.42 6.00
N THR F 50 -35.31 11.11 5.41
CA THR F 50 -34.52 12.11 4.71
C THR F 50 -34.08 11.55 3.36
N ALA F 51 -34.07 12.44 2.38
CA ALA F 51 -33.52 12.13 1.06
C ALA F 51 -32.29 13.00 0.90
N ARG F 52 -31.12 12.37 0.81
CA ARG F 52 -29.91 13.15 0.60
C ARG F 52 -29.76 13.45 -0.89
N ARG F 53 -28.60 13.96 -1.29
CA ARG F 53 -28.35 14.23 -2.70
C ARG F 53 -28.25 12.94 -3.48
N SER F 54 -28.45 13.07 -4.79
CA SER F 54 -28.51 11.94 -5.71
C SER F 54 -27.18 11.19 -5.73
N GLY F 55 -27.19 9.99 -5.19
CA GLY F 55 -25.99 9.20 -4.98
C GLY F 55 -25.62 9.03 -3.52
N ASP F 56 -26.19 9.83 -2.63
CA ASP F 56 -25.88 9.77 -1.21
C ASP F 56 -26.93 9.02 -0.39
N GLY F 57 -28.00 8.55 -1.03
CA GLY F 57 -28.91 7.63 -0.39
C GLY F 57 -30.03 8.28 0.39
N ALA F 58 -30.84 7.42 1.00
CA ALA F 58 -31.99 7.83 1.80
C ALA F 58 -32.01 7.07 3.12
N PHE F 59 -32.45 7.77 4.18
CA PHE F 59 -32.50 7.21 5.51
C PHE F 59 -33.90 7.44 6.08
N TYR F 60 -34.34 6.53 6.96
CA TYR F 60 -35.73 6.45 7.42
C TYR F 60 -35.80 6.31 8.93
N ALA F 61 -36.96 6.64 9.50
CA ALA F 61 -37.19 6.39 10.91
C ALA F 61 -37.59 4.92 11.11
N ASP F 62 -37.53 4.47 12.37
CA ASP F 62 -37.85 3.06 12.63
C ASP F 62 -39.34 2.79 12.52
N SER F 63 -40.18 3.77 12.86
CA SER F 63 -41.62 3.52 12.79
C SER F 63 -42.12 3.46 11.35
N VAL F 64 -41.39 4.00 10.38
CA VAL F 64 -41.88 4.08 9.01
C VAL F 64 -41.05 3.25 8.03
N GLN F 65 -40.05 2.52 8.50
CA GLN F 65 -39.15 1.78 7.62
C GLN F 65 -39.90 0.62 6.97
N GLY F 66 -39.75 0.48 5.65
CA GLY F 66 -40.41 -0.56 4.91
C GLY F 66 -41.75 -0.18 4.33
N ARG F 67 -42.34 0.90 4.83
CA ARG F 67 -43.64 1.39 4.37
C ARG F 67 -43.55 2.71 3.63
N PHE F 68 -42.69 3.62 4.07
CA PHE F 68 -42.59 4.93 3.44
C PHE F 68 -41.33 4.96 2.60
N THR F 69 -41.39 5.73 1.51
CA THR F 69 -40.28 5.84 0.57
C THR F 69 -40.13 7.28 0.16
N VAL F 70 -38.94 7.81 0.37
CA VAL F 70 -38.63 9.19 0.02
C VAL F 70 -37.85 9.20 -1.28
N SER F 71 -38.07 10.23 -2.09
CA SER F 71 -37.47 10.32 -3.41
C SER F 71 -37.32 11.79 -3.79
N ARG F 72 -36.61 12.03 -4.89
CA ARG F 72 -36.33 13.38 -5.36
C ARG F 72 -36.65 13.51 -6.84
N ASP F 73 -37.04 14.72 -7.23
CA ASP F 73 -37.07 15.14 -8.62
C ASP F 73 -36.30 16.46 -8.65
N ASP F 74 -34.98 16.37 -8.85
CA ASP F 74 -34.13 17.55 -8.77
C ASP F 74 -34.33 18.51 -9.94
N ALA F 75 -34.87 18.02 -11.06
CA ALA F 75 -35.14 18.88 -12.20
C ALA F 75 -36.33 19.78 -11.95
N LYS F 76 -37.27 19.35 -11.11
CA LYS F 76 -38.48 20.11 -10.80
C LYS F 76 -38.47 20.74 -9.41
N ASN F 77 -37.33 20.68 -8.69
CA ASN F 77 -37.14 21.25 -7.35
C ASN F 77 -38.15 20.72 -6.34
N THR F 78 -38.42 19.42 -6.40
CA THR F 78 -39.49 18.80 -5.65
C THR F 78 -39.04 17.45 -5.12
N VAL F 79 -39.31 17.19 -3.84
CA VAL F 79 -39.11 15.85 -3.29
C VAL F 79 -40.46 15.26 -2.90
N TYR F 80 -40.48 13.93 -2.82
CA TYR F 80 -41.70 13.17 -2.64
C TYR F 80 -41.55 12.20 -1.48
N LEU F 81 -42.67 11.92 -0.81
CA LEU F 81 -42.76 10.90 0.26
C LEU F 81 -43.92 9.99 -0.06
N GLN F 82 -43.63 8.82 -0.65
CA GLN F 82 -44.66 7.85 -0.94
C GLN F 82 -44.98 7.06 0.34
N MET F 83 -46.23 7.15 0.80
CA MET F 83 -46.64 6.53 2.06
C MET F 83 -47.55 5.33 1.80
N ASN F 84 -47.00 4.13 1.94
CA ASN F 84 -47.76 2.90 1.76
C ASN F 84 -48.07 2.29 3.11
N SER F 85 -49.17 1.53 3.14
CA SER F 85 -49.63 0.73 4.29
C SER F 85 -49.83 1.59 5.54
N LEU F 86 -50.70 2.58 5.41
CA LEU F 86 -50.86 3.58 6.45
C LEU F 86 -51.65 3.02 7.63
N LYS F 87 -51.21 3.38 8.83
CA LYS F 87 -51.78 3.01 10.11
C LYS F 87 -52.35 4.25 10.82
N PRO F 88 -53.26 4.06 11.80
CA PRO F 88 -53.77 5.21 12.57
C PRO F 88 -52.72 5.97 13.38
N GLU F 89 -51.57 5.36 13.65
CA GLU F 89 -50.47 6.04 14.30
C GLU F 89 -49.77 7.04 13.38
N ASP F 90 -49.99 6.94 12.07
CA ASP F 90 -49.34 7.88 11.15
C ASP F 90 -50.08 9.20 11.01
N THR F 91 -51.18 9.40 11.74
CA THR F 91 -51.99 10.60 11.60
C THR F 91 -51.25 11.77 12.24
N ALA F 92 -50.87 12.75 11.42
CA ALA F 92 -50.08 13.91 11.84
C ALA F 92 -50.09 14.93 10.70
N VAL F 93 -49.64 16.14 11.03
CA VAL F 93 -49.29 17.16 10.04
C VAL F 93 -47.84 16.91 9.62
N TYR F 94 -47.62 16.73 8.33
CA TYR F 94 -46.33 16.31 7.81
C TYR F 94 -45.55 17.52 7.28
N TYR F 95 -44.35 17.71 7.79
CA TYR F 95 -43.56 18.89 7.47
C TYR F 95 -42.37 18.53 6.61
N CYS F 96 -42.00 19.47 5.76
CA CYS F 96 -40.89 19.33 4.84
C CYS F 96 -39.81 20.34 5.20
N ALA F 97 -38.54 19.95 5.11
CA ALA F 97 -37.48 20.84 5.55
C ALA F 97 -36.23 20.68 4.69
N ILE F 98 -35.47 21.78 4.57
CA ILE F 98 -34.19 21.81 3.85
C ILE F 98 -33.04 21.77 4.86
N ASP F 99 -32.14 20.81 4.70
CA ASP F 99 -30.89 20.77 5.46
C ASP F 99 -29.89 21.74 4.82
N SER F 100 -29.65 22.87 5.49
CA SER F 100 -28.77 23.90 4.97
C SER F 100 -27.30 23.53 5.04
N ASP F 101 -26.94 22.52 5.84
CA ASP F 101 -25.58 22.01 5.84
C ASP F 101 -25.41 21.01 4.72
N THR F 102 -24.41 21.23 3.85
CA THR F 102 -24.22 20.31 2.73
C THR F 102 -23.64 18.97 3.16
N PHE F 103 -23.12 18.84 4.39
CA PHE F 103 -22.54 17.61 4.91
C PHE F 103 -23.45 16.88 5.88
N TYR F 104 -24.76 17.17 5.83
CA TYR F 104 -25.84 16.37 6.42
C TYR F 104 -25.82 16.34 7.95
N SER F 105 -25.43 17.46 8.58
CA SER F 105 -25.47 17.54 10.03
C SER F 105 -26.82 17.96 10.56
N GLY F 106 -27.80 18.21 9.68
CA GLY F 106 -29.15 18.47 10.12
C GLY F 106 -29.50 19.90 10.48
N SER F 107 -28.95 20.88 9.77
CA SER F 107 -29.26 22.29 10.05
C SER F 107 -30.54 22.68 9.30
N TYR F 108 -31.69 22.48 9.94
CA TYR F 108 -32.99 22.70 9.31
C TYR F 108 -33.42 24.15 9.53
N ASP F 109 -33.06 25.01 8.59
CA ASP F 109 -33.42 26.43 8.67
C ASP F 109 -34.73 26.75 7.96
N TYR F 110 -35.07 26.04 6.89
CA TYR F 110 -36.25 26.33 6.07
C TYR F 110 -37.26 25.21 6.21
N TRP F 111 -38.52 25.57 6.46
CA TRP F 111 -39.58 24.62 6.73
C TRP F 111 -40.81 24.95 5.91
N GLY F 112 -41.58 23.92 5.56
CA GLY F 112 -42.88 24.12 4.95
C GLY F 112 -43.96 24.41 5.97
N GLN F 113 -45.15 24.73 5.47
CA GLN F 113 -46.29 25.03 6.32
C GLN F 113 -47.01 23.76 6.80
N GLY F 114 -46.73 22.61 6.22
CA GLY F 114 -47.28 21.33 6.63
C GLY F 114 -48.49 20.94 5.79
N THR F 115 -48.79 19.63 5.81
CA THR F 115 -49.97 19.10 5.14
C THR F 115 -50.59 18.02 6.03
N GLN F 116 -51.91 18.00 6.12
CA GLN F 116 -52.60 17.10 7.04
C GLN F 116 -52.79 15.73 6.40
N VAL F 117 -52.39 14.69 7.12
CA VAL F 117 -52.62 13.30 6.74
C VAL F 117 -53.44 12.68 7.85
N THR F 118 -54.62 12.16 7.52
CA THR F 118 -55.53 11.55 8.48
C THR F 118 -55.84 10.13 8.03
N VAL F 119 -55.63 9.16 8.91
CA VAL F 119 -55.90 7.75 8.64
C VAL F 119 -56.98 7.28 9.61
N SER F 120 -58.18 6.99 9.10
CA SER F 120 -59.24 6.47 9.97
C SER F 120 -60.27 5.65 9.20
N GLN G 1 6.04 -57.01 31.47
CA GLN G 1 4.62 -56.87 31.78
C GLN G 1 3.77 -57.12 30.54
N SER G 2 3.18 -58.31 30.48
CA SER G 2 2.38 -58.71 29.33
C SER G 2 1.42 -59.80 29.77
N LEU G 3 0.42 -60.07 28.93
CA LEU G 3 -0.56 -61.10 29.19
C LEU G 3 -0.72 -61.91 27.90
N GLU G 4 -1.21 -63.13 28.06
CA GLU G 4 -1.49 -63.96 26.90
C GLU G 4 -2.65 -64.88 27.22
N GLU G 5 -3.63 -64.93 26.33
CA GLU G 5 -4.76 -65.83 26.46
C GLU G 5 -4.43 -67.14 25.78
N SER G 6 -5.09 -68.20 26.25
CA SER G 6 -4.98 -69.52 25.63
C SER G 6 -6.27 -70.29 25.90
N GLY G 7 -6.47 -71.34 25.12
CA GLY G 7 -7.59 -72.25 25.32
C GLY G 7 -8.76 -72.06 24.38
N GLY G 8 -8.73 -71.03 23.54
CA GLY G 8 -9.79 -70.82 22.58
C GLY G 8 -9.68 -71.85 21.49
N ARG G 9 -10.77 -72.59 21.25
CA ARG G 9 -10.77 -73.70 20.32
C ARG G 9 -12.21 -73.94 19.88
N LEU G 10 -12.40 -74.95 19.03
CA LEU G 10 -13.73 -75.30 18.54
C LEU G 10 -14.34 -76.38 19.43
N VAL G 11 -15.52 -76.08 20.01
CA VAL G 11 -16.29 -77.06 20.77
C VAL G 11 -17.74 -77.02 20.31
N THR G 12 -18.43 -78.15 20.51
CA THR G 12 -19.86 -78.26 20.18
C THR G 12 -20.68 -77.44 21.17
N PRO G 13 -21.92 -77.07 20.81
CA PRO G 13 -22.79 -76.39 21.79
C PRO G 13 -23.12 -77.28 22.98
N GLY G 14 -23.06 -76.67 24.17
CA GLY G 14 -23.20 -77.38 25.43
C GLY G 14 -21.90 -77.85 26.06
N THR G 15 -20.79 -77.77 25.35
CA THR G 15 -19.51 -78.22 25.90
C THR G 15 -18.92 -77.16 26.81
N PRO G 16 -18.48 -77.52 28.02
CA PRO G 16 -17.79 -76.55 28.88
C PRO G 16 -16.44 -76.19 28.29
N LEU G 17 -16.05 -74.92 28.47
CA LEU G 17 -14.80 -74.44 27.90
C LEU G 17 -14.13 -73.51 28.90
N THR G 18 -12.82 -73.71 29.14
CA THR G 18 -12.03 -72.92 30.07
C THR G 18 -10.88 -72.24 29.33
N LEU G 19 -10.84 -70.91 29.41
CA LEU G 19 -9.74 -70.12 28.87
C LEU G 19 -8.82 -69.70 30.00
N THR G 20 -7.56 -69.40 29.65
CA THR G 20 -6.54 -69.07 30.66
C THR G 20 -5.85 -67.77 30.29
N CYS G 21 -5.85 -66.81 31.21
CA CYS G 21 -5.08 -65.59 31.08
C CYS G 21 -3.79 -65.80 31.86
N THR G 22 -2.66 -65.88 31.14
CA THR G 22 -1.35 -66.11 31.74
C THR G 22 -0.62 -64.78 31.86
N VAL G 23 -0.24 -64.40 33.09
CA VAL G 23 0.44 -63.12 33.32
C VAL G 23 1.95 -63.38 33.41
N SER G 24 2.74 -62.42 32.90
CA SER G 24 4.19 -62.56 32.91
C SER G 24 4.86 -62.00 34.16
N GLY G 25 4.14 -61.21 34.95
CA GLY G 25 4.71 -60.66 36.17
C GLY G 25 4.73 -61.64 37.32
N PHE G 26 5.25 -61.17 38.45
CA PHE G 26 5.35 -62.02 39.63
C PHE G 26 4.37 -61.65 40.73
N SER G 27 3.90 -60.41 40.77
CA SER G 27 2.89 -60.03 41.75
C SER G 27 1.61 -59.73 40.95
N LEU G 28 0.68 -60.69 40.93
CA LEU G 28 -0.68 -60.52 40.40
C LEU G 28 -1.64 -60.08 41.49
N SER G 29 -1.17 -60.11 42.74
CA SER G 29 -1.93 -59.76 43.93
C SER G 29 -2.09 -58.26 44.14
N THR G 30 -1.55 -57.44 43.25
CA THR G 30 -1.76 -56.01 43.29
C THR G 30 -2.79 -55.57 42.26
N TYR G 31 -2.96 -56.31 41.17
CA TYR G 31 -3.81 -55.90 40.07
C TYR G 31 -4.94 -56.91 39.78
N ASN G 32 -6.04 -56.40 39.21
CA ASN G 32 -7.24 -57.18 38.87
C ASN G 32 -7.23 -57.64 37.40
N ILE G 33 -8.07 -58.62 37.09
CA ILE G 33 -8.12 -59.20 35.73
C ILE G 33 -9.54 -59.11 35.19
N HIS G 34 -9.70 -58.39 34.09
CA HIS G 34 -10.96 -58.26 33.38
C HIS G 34 -11.03 -59.32 32.28
N TRP G 35 -12.26 -59.62 31.83
CA TRP G 35 -12.49 -60.43 30.63
C TRP G 35 -13.44 -59.68 29.74
N VAL G 36 -13.03 -59.44 28.51
CA VAL G 36 -13.83 -58.72 27.53
C VAL G 36 -13.82 -59.53 26.25
N ARG G 37 -15.00 -59.79 25.69
CA ARG G 37 -15.10 -60.50 24.43
C ARG G 37 -15.63 -59.59 23.34
N GLN G 38 -15.53 -60.08 22.10
CA GLN G 38 -15.90 -59.34 20.91
C GLN G 38 -16.25 -60.33 19.81
N ALA G 39 -17.53 -60.33 19.40
CA ALA G 39 -17.98 -61.15 18.29
C ALA G 39 -17.40 -60.63 16.97
N PRO G 40 -17.26 -61.49 15.95
CA PRO G 40 -16.70 -61.05 14.65
C PRO G 40 -17.51 -59.95 13.99
N GLY G 41 -16.84 -58.84 13.71
CA GLY G 41 -17.46 -57.65 13.12
C GLY G 41 -18.31 -56.84 14.06
N LYS G 42 -18.28 -57.13 15.35
CA LYS G 42 -19.13 -56.47 16.35
C LYS G 42 -18.25 -55.74 17.36
N GLY G 43 -18.91 -55.12 18.35
CA GLY G 43 -18.21 -54.29 19.31
C GLY G 43 -17.72 -55.08 20.51
N LEU G 44 -17.01 -54.37 21.38
CA LEU G 44 -16.49 -54.96 22.59
C LEU G 44 -17.64 -55.13 23.59
N GLU G 45 -17.54 -56.20 24.39
CA GLU G 45 -18.58 -56.52 25.35
C GLU G 45 -17.94 -57.08 26.61
N TRP G 46 -18.18 -56.40 27.74
CA TRP G 46 -17.56 -56.78 29.01
C TRP G 46 -18.21 -58.03 29.60
N ILE G 47 -17.39 -58.94 30.12
CA ILE G 47 -17.88 -60.17 30.73
C ILE G 47 -17.82 -60.10 32.25
N GLY G 48 -16.63 -59.90 32.79
CA GLY G 48 -16.47 -59.91 34.24
C GLY G 48 -15.09 -59.46 34.66
N VAL G 49 -14.88 -59.48 35.98
CA VAL G 49 -13.60 -59.08 36.58
C VAL G 49 -13.43 -59.85 37.90
N ILE G 50 -12.19 -60.23 38.21
CA ILE G 50 -11.83 -60.77 39.51
C ILE G 50 -10.84 -59.81 40.19
N ASP G 51 -11.02 -59.58 41.49
CA ASP G 51 -10.12 -58.70 42.23
C ASP G 51 -9.02 -59.51 42.91
N THR G 52 -8.18 -58.82 43.70
CA THR G 52 -7.05 -59.48 44.37
C THR G 52 -7.50 -60.35 45.53
N GLY G 53 -8.59 -59.98 46.22
CA GLY G 53 -9.11 -60.77 47.32
C GLY G 53 -9.95 -61.97 46.91
N GLY G 54 -10.28 -62.09 45.61
CA GLY G 54 -11.05 -63.21 45.10
C GLY G 54 -12.49 -62.91 44.74
N GLY G 55 -12.95 -61.67 44.90
CA GLY G 55 -14.32 -61.33 44.57
C GLY G 55 -14.53 -61.18 43.05
N THR G 56 -15.55 -61.86 42.54
CA THR G 56 -15.84 -61.84 41.11
C THR G 56 -17.14 -61.09 40.89
N TYR G 57 -17.15 -60.20 39.90
CA TYR G 57 -18.33 -59.44 39.50
C TYR G 57 -18.48 -59.53 37.98
N PHE G 58 -19.71 -59.68 37.51
CA PHE G 58 -19.98 -59.99 36.11
C PHE G 58 -20.96 -58.99 35.51
N ALA G 59 -21.20 -59.15 34.21
CA ALA G 59 -22.14 -58.33 33.48
C ALA G 59 -23.57 -58.81 33.70
N SER G 60 -24.52 -58.01 33.20
CA SER G 60 -25.95 -58.27 33.45
C SER G 60 -26.44 -59.49 32.70
N TRP G 61 -25.91 -59.72 31.50
CA TRP G 61 -26.30 -60.82 30.64
C TRP G 61 -25.57 -62.12 30.95
N ALA G 62 -24.64 -62.12 31.90
CA ALA G 62 -23.84 -63.32 32.16
C ALA G 62 -24.68 -64.42 32.80
N LYS G 63 -25.41 -64.06 33.87
CA LYS G 63 -26.41 -64.92 34.53
C LYS G 63 -25.81 -66.22 35.06
N GLY G 64 -24.58 -66.16 35.56
CA GLY G 64 -23.97 -67.33 36.15
C GLY G 64 -23.41 -68.34 35.20
N ARG G 65 -23.31 -68.02 33.90
CA ARG G 65 -22.69 -68.89 32.93
C ARG G 65 -21.17 -68.79 32.93
N PHE G 66 -20.61 -67.73 33.52
CA PHE G 66 -19.19 -67.46 33.55
C PHE G 66 -18.70 -67.46 35.00
N ALA G 67 -17.48 -67.96 35.19
CA ALA G 67 -16.82 -67.99 36.49
C ALA G 67 -15.34 -67.70 36.30
N ILE G 68 -14.76 -66.87 37.15
CA ILE G 68 -13.34 -66.51 37.05
C ILE G 68 -12.60 -66.99 38.29
N SER G 69 -11.44 -67.63 38.08
CA SER G 69 -10.70 -68.21 39.18
C SER G 69 -9.20 -68.06 38.97
N LYS G 70 -8.51 -67.63 40.01
CA LYS G 70 -7.05 -67.58 40.00
C LYS G 70 -6.54 -68.94 40.49
N THR G 71 -5.93 -69.71 39.59
CA THR G 71 -5.52 -71.07 39.88
C THR G 71 -4.07 -71.15 40.36
N SER G 72 -3.20 -70.31 39.82
CA SER G 72 -1.82 -70.25 40.25
C SER G 72 -1.43 -68.78 40.32
N SER G 73 -0.15 -68.53 40.61
CA SER G 73 0.34 -67.17 40.72
C SER G 73 0.42 -66.47 39.38
N THR G 74 0.40 -67.23 38.27
CA THR G 74 0.55 -66.68 36.94
C THR G 74 -0.64 -66.89 36.03
N THR G 75 -1.65 -67.66 36.43
CA THR G 75 -2.78 -67.99 35.55
C THR G 75 -4.11 -67.63 36.20
N VAL G 76 -5.00 -67.07 35.39
CA VAL G 76 -6.35 -66.74 35.79
C VAL G 76 -7.28 -67.38 34.77
N ASP G 77 -8.17 -68.25 35.25
CA ASP G 77 -9.00 -69.07 34.37
C ASP G 77 -10.41 -68.48 34.27
N LEU G 78 -11.00 -68.58 33.08
CA LEU G 78 -12.40 -68.20 32.83
C LEU G 78 -13.13 -69.44 32.32
N LYS G 79 -14.06 -69.94 33.12
CA LYS G 79 -14.86 -71.12 32.78
C LYS G 79 -16.23 -70.71 32.28
N MET G 80 -16.61 -71.24 31.12
CA MET G 80 -17.85 -70.85 30.46
C MET G 80 -18.76 -72.07 30.30
N THR G 81 -20.03 -71.93 30.70
CA THR G 81 -20.98 -73.02 30.57
C THR G 81 -22.17 -72.57 29.73
N SER G 82 -22.92 -73.58 29.23
CA SER G 82 -24.11 -73.40 28.39
C SER G 82 -23.80 -72.57 27.13
N LEU G 83 -22.71 -72.92 26.45
CA LEU G 83 -22.26 -72.14 25.31
C LEU G 83 -23.04 -72.50 24.04
N THR G 84 -23.52 -71.49 23.34
CA THR G 84 -24.18 -71.60 22.04
C THR G 84 -23.38 -70.82 21.01
N ALA G 85 -23.90 -70.79 19.78
CA ALA G 85 -23.20 -70.13 18.67
C ALA G 85 -23.14 -68.62 18.82
N ALA G 86 -23.94 -68.04 19.71
CA ALA G 86 -23.83 -66.62 20.04
C ALA G 86 -22.58 -66.27 20.84
N ASP G 87 -21.89 -67.26 21.39
CA ASP G 87 -20.67 -67.07 22.17
C ASP G 87 -19.41 -67.20 21.33
N THR G 88 -19.57 -67.36 20.01
CA THR G 88 -18.42 -67.35 19.10
C THR G 88 -17.88 -65.94 19.02
N ALA G 89 -16.68 -65.73 19.55
CA ALA G 89 -16.13 -64.39 19.73
C ALA G 89 -14.64 -64.53 19.92
N THR G 90 -13.95 -63.40 19.90
CA THR G 90 -12.56 -63.31 20.33
C THR G 90 -12.52 -62.78 21.76
N TYR G 91 -11.85 -63.50 22.66
CA TYR G 91 -11.88 -63.22 24.09
C TYR G 91 -10.57 -62.60 24.56
N PHE G 92 -10.67 -61.43 25.17
CA PHE G 92 -9.52 -60.72 25.69
C PHE G 92 -9.52 -60.77 27.21
N CYS G 93 -8.34 -60.76 27.80
CA CYS G 93 -8.16 -60.46 29.21
C CYS G 93 -7.24 -59.26 29.36
N ALA G 94 -7.40 -58.53 30.46
CA ALA G 94 -6.63 -57.32 30.67
C ALA G 94 -6.33 -57.16 32.16
N LYS G 95 -5.09 -56.71 32.46
CA LYS G 95 -4.66 -56.45 33.84
C LYS G 95 -5.19 -55.09 34.28
N GLY G 96 -6.05 -55.10 35.30
CA GLY G 96 -6.74 -53.91 35.76
C GLY G 96 -6.11 -53.30 37.00
N PHE G 97 -6.11 -51.97 37.05
CA PHE G 97 -5.66 -51.27 38.26
C PHE G 97 -6.75 -51.26 39.34
N ASP G 98 -7.99 -50.99 38.95
CA ASP G 98 -9.14 -51.03 39.85
C ASP G 98 -10.23 -51.84 39.16
N TYR G 99 -11.48 -51.65 39.61
CA TYR G 99 -12.62 -52.37 39.05
C TYR G 99 -13.07 -51.83 37.70
N SER G 100 -12.66 -50.63 37.32
CA SER G 100 -12.93 -50.10 35.99
C SER G 100 -12.08 -50.84 34.96
N ALA G 101 -12.65 -51.05 33.78
CA ALA G 101 -11.89 -51.73 32.73
C ALA G 101 -11.11 -50.73 31.88
N SER G 102 -10.43 -49.80 32.54
CA SER G 102 -9.63 -48.75 31.88
C SER G 102 -8.17 -49.08 32.12
N THR G 103 -7.54 -49.68 31.11
CA THR G 103 -6.19 -50.19 31.29
C THR G 103 -5.49 -50.23 29.94
N ASN G 104 -4.16 -50.16 29.99
CA ASN G 104 -3.33 -50.13 28.80
C ASN G 104 -2.63 -51.45 28.53
N LEU G 105 -2.94 -52.48 29.31
CA LEU G 105 -2.24 -53.76 29.25
C LEU G 105 -3.30 -54.85 28.96
N TRP G 106 -3.35 -55.30 27.70
CA TRP G 106 -4.32 -56.28 27.22
C TRP G 106 -3.60 -57.45 26.56
N GLY G 107 -4.23 -58.62 26.63
CA GLY G 107 -3.74 -59.78 25.92
C GLY G 107 -4.04 -59.69 24.44
N PRO G 108 -3.40 -60.53 23.61
CA PRO G 108 -3.68 -60.47 22.16
C PRO G 108 -5.04 -61.02 21.75
N GLY G 109 -5.70 -61.84 22.58
CA GLY G 109 -7.02 -62.40 22.32
C GLY G 109 -7.00 -63.80 21.77
N THR G 110 -7.93 -64.64 22.19
CA THR G 110 -8.01 -66.01 21.66
C THR G 110 -9.40 -66.25 21.08
N LEU G 111 -9.47 -67.13 20.08
CA LEU G 111 -10.64 -67.27 19.24
C LEU G 111 -11.45 -68.50 19.66
N VAL G 112 -12.69 -68.28 20.06
CA VAL G 112 -13.57 -69.33 20.52
C VAL G 112 -14.65 -69.52 19.48
N THR G 113 -14.83 -70.76 19.01
CA THR G 113 -15.86 -71.10 18.04
C THR G 113 -16.75 -72.18 18.63
N ILE G 114 -18.04 -71.90 18.70
CA ILE G 114 -19.05 -72.84 19.18
C ILE G 114 -19.87 -73.24 17.96
N SER G 115 -19.67 -74.47 17.47
CA SER G 115 -20.39 -74.93 16.29
C SER G 115 -20.43 -76.46 16.28
N SER G 116 -21.24 -77.02 15.40
CA SER G 116 -21.33 -78.46 15.21
C SER G 116 -20.58 -78.93 13.96
N ALA G 117 -19.70 -78.09 13.39
CA ALA G 117 -18.92 -78.45 12.22
C ALA G 117 -17.58 -79.06 12.62
N SER G 118 -16.94 -79.72 11.66
CA SER G 118 -15.68 -80.42 11.87
C SER G 118 -14.47 -79.52 11.63
N THR G 119 -13.41 -79.77 12.39
CA THR G 119 -12.12 -79.13 12.18
C THR G 119 -11.57 -79.57 10.84
N GLN G 120 -11.54 -78.65 9.88
CA GLN G 120 -11.08 -78.91 8.53
C GLN G 120 -9.88 -78.05 8.22
N SER G 121 -8.90 -78.65 7.60
CA SER G 121 -7.68 -77.99 7.18
C SER G 121 -7.90 -77.29 5.84
N PRO G 122 -7.24 -76.16 5.59
CA PRO G 122 -7.45 -75.42 4.34
C PRO G 122 -6.82 -76.09 3.14
N SER G 123 -7.52 -76.02 2.01
CA SER G 123 -6.97 -76.40 0.71
C SER G 123 -6.42 -75.15 0.05
N VAL G 124 -5.13 -75.18 -0.30
CA VAL G 124 -4.43 -73.99 -0.78
C VAL G 124 -4.23 -74.11 -2.28
N PHE G 125 -4.68 -73.09 -3.01
CA PHE G 125 -4.61 -73.05 -4.46
C PHE G 125 -3.99 -71.73 -4.93
N PRO G 126 -3.15 -71.77 -5.95
CA PRO G 126 -2.54 -70.51 -6.43
C PRO G 126 -3.50 -69.67 -7.25
N LEU G 127 -3.30 -68.36 -7.16
CA LEU G 127 -4.06 -67.36 -7.90
C LEU G 127 -3.09 -66.61 -8.80
N THR G 128 -3.07 -66.97 -10.07
CA THR G 128 -2.27 -66.28 -11.06
C THR G 128 -3.18 -65.77 -12.17
N ARG G 129 -2.81 -64.63 -12.75
CA ARG G 129 -3.59 -64.11 -13.85
C ARG G 129 -3.34 -64.93 -15.12
N CYS G 130 -4.20 -64.70 -16.12
CA CYS G 130 -4.03 -65.30 -17.43
C CYS G 130 -2.74 -64.80 -18.07
N CYS G 131 -1.91 -65.73 -18.56
CA CYS G 131 -0.59 -65.34 -19.03
C CYS G 131 -0.64 -64.56 -20.34
N LYS G 132 -1.68 -64.76 -21.16
CA LYS G 132 -1.86 -63.91 -22.34
C LYS G 132 -2.36 -62.51 -21.96
N ASN G 133 -3.03 -62.37 -20.82
CA ASN G 133 -3.55 -61.08 -20.38
C ASN G 133 -2.54 -60.26 -19.58
N ILE G 134 -1.36 -60.81 -19.26
CA ILE G 134 -0.29 -60.04 -18.62
C ILE G 134 0.56 -59.41 -19.71
N PRO G 135 0.81 -58.10 -19.66
CA PRO G 135 1.67 -57.45 -20.66
C PRO G 135 3.12 -57.91 -20.56
N SER G 136 3.80 -57.91 -21.71
CA SER G 136 5.21 -58.31 -21.73
C SER G 136 6.14 -57.27 -21.11
N ASN G 137 5.74 -56.00 -21.09
CA ASN G 137 6.52 -54.92 -20.48
C ASN G 137 6.04 -54.58 -19.07
N ALA G 138 5.52 -55.56 -18.34
CA ALA G 138 5.00 -55.32 -17.00
C ALA G 138 6.14 -55.29 -15.99
N THR G 139 6.31 -54.14 -15.32
CA THR G 139 7.36 -54.00 -14.32
C THR G 139 6.99 -54.67 -13.01
N SER G 140 5.71 -54.78 -12.70
CA SER G 140 5.23 -55.43 -11.48
C SER G 140 4.09 -56.38 -11.83
N VAL G 141 3.87 -57.36 -10.94
CA VAL G 141 2.84 -58.37 -11.15
C VAL G 141 2.16 -58.65 -9.81
N THR G 142 0.88 -59.00 -9.85
CA THR G 142 0.12 -59.34 -8.66
C THR G 142 -0.31 -60.80 -8.74
N LEU G 143 0.10 -61.59 -7.75
CA LEU G 143 -0.27 -62.99 -7.63
C LEU G 143 -0.79 -63.23 -6.23
N GLY G 144 -1.26 -64.45 -5.98
CA GLY G 144 -1.86 -64.70 -4.68
C GLY G 144 -2.08 -66.17 -4.39
N CYS G 145 -2.64 -66.41 -3.19
CA CYS G 145 -3.01 -67.74 -2.70
C CYS G 145 -4.45 -67.71 -2.19
N LEU G 146 -5.22 -68.74 -2.53
CA LEU G 146 -6.60 -68.90 -2.03
C LEU G 146 -6.62 -70.07 -1.04
N ALA G 147 -6.82 -69.77 0.23
CA ALA G 147 -6.95 -70.78 1.28
C ALA G 147 -8.42 -70.94 1.59
N THR G 148 -9.01 -72.07 1.22
CA THR G 148 -10.46 -72.19 1.28
C THR G 148 -10.88 -73.48 1.95
N GLY G 149 -12.09 -73.48 2.51
CA GLY G 149 -12.69 -74.66 3.07
C GLY G 149 -12.21 -75.08 4.44
N TYR G 150 -11.64 -74.18 5.23
CA TYR G 150 -11.10 -74.50 6.54
C TYR G 150 -12.08 -74.11 7.64
N PHE G 151 -11.92 -74.75 8.80
CA PHE G 151 -12.75 -74.47 9.96
C PHE G 151 -12.03 -74.91 11.23
N PRO G 152 -11.99 -74.08 12.28
CA PRO G 152 -12.45 -72.68 12.33
C PRO G 152 -11.34 -71.69 12.01
N GLU G 153 -11.55 -70.43 12.37
CA GLU G 153 -10.53 -69.39 12.22
C GLU G 153 -9.45 -69.58 13.28
N PRO G 154 -8.19 -69.11 13.03
CA PRO G 154 -7.65 -68.45 11.84
C PRO G 154 -6.64 -69.25 11.03
N VAL G 155 -6.25 -68.68 9.88
CA VAL G 155 -5.07 -69.11 9.17
C VAL G 155 -4.11 -67.94 9.12
N MET G 156 -2.83 -68.26 8.90
CA MET G 156 -1.77 -67.26 8.79
C MET G 156 -1.04 -67.54 7.48
N VAL G 157 -1.02 -66.57 6.58
CA VAL G 157 -0.33 -66.73 5.31
C VAL G 157 0.90 -65.81 5.30
N THR G 158 2.08 -66.41 5.12
CA THR G 158 3.31 -65.67 4.89
C THR G 158 3.85 -66.02 3.50
N TRP G 159 4.76 -65.19 3.02
CA TRP G 159 5.25 -65.33 1.65
C TRP G 159 6.78 -65.40 1.61
N ASP G 160 7.29 -66.30 0.77
CA ASP G 160 8.69 -66.36 0.39
C ASP G 160 8.80 -65.80 -1.02
N THR G 161 9.56 -64.71 -1.17
CA THR G 161 9.69 -64.06 -2.46
C THR G 161 11.05 -64.26 -3.09
N GLY G 162 11.93 -65.05 -2.45
CA GLY G 162 13.27 -65.24 -2.95
C GLY G 162 14.10 -63.99 -2.81
N SER G 163 14.66 -63.50 -3.91
CA SER G 163 15.46 -62.29 -3.89
C SER G 163 14.66 -61.03 -4.18
N LEU G 164 13.38 -61.15 -4.54
CA LEU G 164 12.58 -59.98 -4.88
C LEU G 164 11.94 -59.40 -3.62
N ASN G 165 11.77 -58.07 -3.63
CA ASN G 165 11.07 -57.39 -2.56
C ASN G 165 9.60 -57.24 -2.93
N GLY G 166 8.71 -57.56 -1.99
CA GLY G 166 7.30 -57.54 -2.26
C GLY G 166 6.50 -57.04 -1.08
N THR G 167 5.28 -56.58 -1.40
CA THR G 167 4.30 -56.12 -0.41
C THR G 167 3.18 -57.15 -0.35
N THR G 168 2.81 -57.56 0.85
CA THR G 168 1.81 -58.59 1.08
C THR G 168 0.50 -57.97 1.58
N MET G 169 -0.62 -58.61 1.24
CA MET G 169 -1.95 -58.15 1.67
C MET G 169 -2.89 -59.34 1.75
N THR G 170 -3.46 -59.58 2.93
CA THR G 170 -4.41 -60.66 3.13
C THR G 170 -5.77 -60.04 3.44
N LEU G 171 -6.79 -60.43 2.66
CA LEU G 171 -8.14 -59.96 2.90
C LEU G 171 -8.78 -60.75 4.03
N PRO G 172 -9.78 -60.18 4.72
CA PRO G 172 -10.48 -60.93 5.78
C PRO G 172 -11.25 -62.14 5.25
N ALA G 173 -11.44 -63.11 6.13
CA ALA G 173 -12.06 -64.37 5.77
C ALA G 173 -13.56 -64.21 5.58
N THR G 174 -14.10 -64.94 4.60
CA THR G 174 -15.52 -64.98 4.30
C THR G 174 -16.09 -66.35 4.65
N THR G 175 -17.27 -66.37 5.29
CA THR G 175 -17.92 -67.63 5.60
C THR G 175 -18.60 -68.14 4.33
N LEU G 176 -18.20 -69.33 3.88
CA LEU G 176 -18.85 -69.94 2.73
C LEU G 176 -20.28 -70.31 3.08
N THR G 177 -21.22 -69.90 2.23
CA THR G 177 -22.63 -69.98 2.58
C THR G 177 -23.15 -71.41 2.60
N LEU G 178 -22.60 -72.30 1.77
CA LEU G 178 -23.14 -73.66 1.71
C LEU G 178 -22.59 -74.55 2.82
N SER G 179 -21.31 -74.41 3.17
CA SER G 179 -20.69 -75.32 4.13
C SER G 179 -20.45 -74.69 5.50
N GLY G 180 -20.43 -73.36 5.60
CA GLY G 180 -20.09 -72.68 6.84
C GLY G 180 -18.60 -72.52 7.10
N HIS G 181 -17.75 -73.10 6.26
CA HIS G 181 -16.31 -72.96 6.44
C HIS G 181 -15.86 -71.60 5.95
N TYR G 182 -14.61 -71.27 6.24
CA TYR G 182 -14.06 -69.98 5.90
C TYR G 182 -13.15 -70.08 4.69
N ALA G 183 -12.95 -68.93 4.04
CA ALA G 183 -12.03 -68.85 2.91
C ALA G 183 -11.40 -67.47 2.91
N THR G 184 -10.09 -67.42 2.67
CA THR G 184 -9.34 -66.18 2.68
C THR G 184 -8.47 -66.12 1.44
N ILE G 185 -8.06 -64.90 1.09
CA ILE G 185 -7.23 -64.62 -0.07
C ILE G 185 -6.07 -63.77 0.41
N SER G 186 -4.85 -64.26 0.21
CA SER G 186 -3.63 -63.51 0.47
C SER G 186 -2.94 -63.18 -0.85
N LEU G 187 -2.53 -61.93 -1.01
CA LEU G 187 -1.98 -61.43 -2.27
C LEU G 187 -0.56 -60.91 -2.10
N LEU G 188 0.23 -61.01 -3.16
CA LEU G 188 1.61 -60.57 -3.18
C LEU G 188 1.85 -59.72 -4.43
N THR G 189 2.43 -58.54 -4.25
CA THR G 189 2.78 -57.66 -5.36
C THR G 189 4.30 -57.50 -5.36
N VAL G 190 4.95 -58.05 -6.38
CA VAL G 190 6.40 -57.98 -6.49
C VAL G 190 6.77 -57.17 -7.72
N SER G 191 7.96 -56.57 -7.69
CA SER G 191 8.50 -55.84 -8.83
C SER G 191 9.89 -56.35 -9.15
N GLY G 192 10.29 -56.20 -10.41
CA GLY G 192 11.61 -56.60 -10.84
C GLY G 192 11.62 -57.80 -11.77
N ALA G 193 12.48 -58.76 -11.49
CA ALA G 193 12.63 -59.95 -12.31
C ALA G 193 11.70 -61.07 -11.83
N TRP G 194 10.39 -60.80 -11.96
CA TRP G 194 9.35 -61.72 -11.54
C TRP G 194 9.10 -62.84 -12.54
N ALA G 195 9.67 -62.75 -13.75
CA ALA G 195 9.34 -63.69 -14.82
C ALA G 195 9.91 -65.08 -14.54
N LYS G 196 11.10 -65.14 -13.97
CA LYS G 196 11.79 -66.39 -13.73
C LYS G 196 11.82 -66.78 -12.25
N GLN G 197 11.13 -66.04 -11.40
CA GLN G 197 11.18 -66.26 -9.96
C GLN G 197 10.08 -67.21 -9.51
N MET G 198 10.46 -68.13 -8.61
CA MET G 198 9.51 -69.02 -7.95
C MET G 198 9.04 -68.39 -6.65
N PHE G 199 7.73 -68.45 -6.41
CA PHE G 199 7.13 -67.87 -5.23
C PHE G 199 6.46 -68.95 -4.40
N THR G 200 6.53 -68.81 -3.08
CA THR G 200 5.95 -69.77 -2.14
C THR G 200 5.12 -69.02 -1.11
N CYS G 201 3.86 -69.41 -0.95
CA CYS G 201 3.06 -68.94 0.19
C CYS G 201 2.98 -70.06 1.21
N ARG G 202 3.06 -69.67 2.47
CA ARG G 202 3.07 -70.62 3.58
C ARG G 202 1.80 -70.38 4.39
N VAL G 203 0.85 -71.31 4.30
CA VAL G 203 -0.44 -71.24 4.98
C VAL G 203 -0.40 -72.15 6.20
N ALA G 204 -0.52 -71.57 7.39
CA ALA G 204 -0.53 -72.31 8.64
C ALA G 204 -1.94 -72.29 9.24
N HIS G 205 -2.36 -73.41 9.83
CA HIS G 205 -3.68 -73.53 10.43
C HIS G 205 -3.52 -74.19 11.79
N THR G 206 -3.31 -73.38 12.82
CA THR G 206 -3.20 -73.82 14.20
C THR G 206 -4.43 -74.53 14.80
N PRO G 207 -5.69 -74.35 14.33
CA PRO G 207 -6.75 -75.27 14.78
C PRO G 207 -6.61 -76.70 14.31
N SER G 208 -5.96 -76.96 13.18
CA SER G 208 -5.75 -78.34 12.76
C SER G 208 -4.66 -78.99 13.60
N SER G 209 -3.49 -78.37 13.62
CA SER G 209 -2.35 -78.81 14.41
C SER G 209 -1.44 -77.60 14.56
N THR G 210 -0.61 -77.64 15.61
CA THR G 210 0.34 -76.56 15.85
C THR G 210 1.45 -76.52 14.81
N ASP G 211 1.70 -77.61 14.10
CA ASP G 211 2.70 -77.65 13.03
C ASP G 211 2.09 -77.87 11.66
N TRP G 212 0.80 -77.58 11.50
CA TRP G 212 0.19 -77.74 10.20
C TRP G 212 0.64 -76.59 9.30
N VAL G 213 1.40 -76.92 8.26
CA VAL G 213 1.93 -75.95 7.32
C VAL G 213 1.77 -76.53 5.92
N ASP G 214 1.13 -75.77 5.03
CA ASP G 214 1.02 -76.12 3.63
C ASP G 214 1.83 -75.10 2.83
N ASN G 215 2.81 -75.60 2.07
CA ASN G 215 3.70 -74.78 1.25
C ASN G 215 3.32 -74.99 -0.21
N LYS G 216 2.84 -73.93 -0.86
CA LYS G 216 2.46 -73.96 -2.25
C LYS G 216 3.53 -73.18 -3.01
N THR G 217 4.36 -73.88 -3.77
CA THR G 217 5.42 -73.27 -4.57
C THR G 217 4.98 -73.26 -6.03
N PHE G 218 5.03 -72.09 -6.67
CA PHE G 218 4.53 -71.92 -8.03
C PHE G 218 5.14 -70.66 -8.62
N SER G 219 5.02 -70.53 -9.94
CA SER G 219 5.44 -69.34 -10.67
C SER G 219 4.22 -68.61 -11.23
N VAL G 220 4.46 -67.41 -11.75
CA VAL G 220 3.38 -66.62 -12.33
C VAL G 220 2.93 -67.21 -13.66
N CYS G 221 3.89 -67.57 -14.51
CA CYS G 221 3.54 -68.08 -15.82
C CYS G 221 4.21 -69.44 -16.03
N SER G 222 3.42 -70.43 -16.40
CA SER G 222 3.90 -71.78 -16.65
C SER G 222 4.43 -71.92 -18.08
N ARG G 223 5.49 -71.15 -18.36
CA ARG G 223 6.19 -71.28 -19.64
C ARG G 223 7.09 -72.49 -19.62
N GLU H 1 -29.77 -53.25 31.84
CA GLU H 1 -30.78 -52.21 32.04
C GLU H 1 -30.23 -50.87 31.60
N LEU H 2 -29.08 -50.50 32.14
CA LEU H 2 -28.47 -49.21 31.83
C LEU H 2 -27.78 -49.23 30.48
N ASP H 3 -27.74 -48.06 29.84
CA ASP H 3 -27.28 -47.90 28.47
C ASP H 3 -26.07 -46.98 28.40
N MET H 4 -25.17 -47.30 27.48
CA MET H 4 -24.09 -46.40 27.09
C MET H 4 -24.20 -46.24 25.57
N THR H 5 -24.61 -45.06 25.14
CA THR H 5 -24.98 -44.81 23.75
C THR H 5 -23.89 -43.99 23.07
N GLN H 6 -23.28 -44.57 22.04
CA GLN H 6 -22.19 -43.93 21.31
C GLN H 6 -22.69 -43.48 19.94
N THR H 7 -22.55 -42.19 19.66
CA THR H 7 -22.95 -41.58 18.41
C THR H 7 -21.82 -40.69 17.91
N PRO H 8 -21.58 -40.62 16.58
CA PRO H 8 -22.22 -41.39 15.51
C PRO H 8 -21.53 -42.73 15.32
N SER H 9 -22.12 -43.65 14.56
CA SER H 9 -21.46 -44.92 14.30
C SER H 9 -20.37 -44.82 13.25
N SER H 10 -20.41 -43.78 12.40
CA SER H 10 -19.41 -43.56 11.38
C SER H 10 -19.20 -42.06 11.21
N VAL H 11 -17.97 -41.67 10.92
CA VAL H 11 -17.62 -40.27 10.67
C VAL H 11 -16.42 -40.25 9.74
N SER H 12 -16.41 -39.26 8.84
CA SER H 12 -15.35 -39.10 7.85
C SER H 12 -14.83 -37.68 7.90
N ALA H 13 -13.50 -37.52 7.91
CA ALA H 13 -12.87 -36.21 7.96
C ALA H 13 -11.48 -36.33 7.34
N PRO H 14 -11.01 -35.30 6.63
CA PRO H 14 -9.74 -35.41 5.91
C PRO H 14 -8.54 -35.30 6.85
N VAL H 15 -7.35 -35.43 6.27
CA VAL H 15 -6.10 -35.30 7.01
C VAL H 15 -5.93 -33.86 7.47
N GLY H 16 -5.69 -33.70 8.78
CA GLY H 16 -5.59 -32.39 9.40
C GLY H 16 -6.89 -31.90 10.00
N GLY H 17 -7.99 -32.63 9.78
CA GLY H 17 -9.29 -32.24 10.27
C GLY H 17 -9.54 -32.68 11.70
N SER H 18 -10.82 -32.71 12.04
CA SER H 18 -11.25 -32.99 13.40
C SER H 18 -12.51 -33.84 13.36
N VAL H 19 -12.64 -34.72 14.35
CA VAL H 19 -13.87 -35.47 14.55
C VAL H 19 -14.26 -35.35 16.01
N THR H 20 -15.57 -35.42 16.29
CA THR H 20 -16.06 -35.49 17.65
C THR H 20 -16.95 -36.72 17.78
N ILE H 21 -16.65 -37.53 18.79
CA ILE H 21 -17.35 -38.76 19.11
C ILE H 21 -17.98 -38.54 20.47
N ASN H 22 -19.28 -38.79 20.58
CA ASN H 22 -20.02 -38.59 21.82
C ASN H 22 -20.43 -39.91 22.44
N CYS H 23 -20.44 -39.95 23.77
CA CYS H 23 -21.02 -41.07 24.52
C CYS H 23 -21.99 -40.51 25.55
N GLN H 24 -23.24 -40.98 25.50
CA GLN H 24 -24.27 -40.56 26.42
C GLN H 24 -24.75 -41.79 27.19
N SER H 25 -24.69 -41.71 28.52
CA SER H 25 -25.08 -42.79 29.42
C SER H 25 -26.39 -42.48 30.11
N SER H 26 -27.18 -43.52 30.35
CA SER H 26 -28.49 -43.36 31.00
C SER H 26 -28.37 -43.07 32.49
N GLN H 27 -27.27 -43.45 33.11
CA GLN H 27 -27.01 -43.19 34.51
C GLN H 27 -25.60 -42.63 34.60
N SER H 28 -25.38 -41.72 35.56
CA SER H 28 -24.09 -41.13 35.80
C SER H 28 -23.06 -42.19 36.15
N VAL H 29 -21.85 -42.05 35.63
CA VAL H 29 -20.78 -43.01 35.91
C VAL H 29 -20.23 -42.82 37.32
N TYR H 30 -19.39 -43.76 37.76
CA TYR H 30 -18.82 -43.75 39.10
C TYR H 30 -17.95 -42.53 39.34
N GLY H 31 -18.31 -41.74 40.33
CA GLY H 31 -17.57 -40.52 40.62
C GLY H 31 -17.65 -39.44 39.58
N ASN H 32 -18.64 -39.53 38.67
CA ASN H 32 -18.96 -38.60 37.57
C ASN H 32 -17.88 -38.52 36.49
N ASN H 33 -16.82 -39.29 36.59
CA ASN H 33 -15.74 -39.16 35.61
C ASN H 33 -15.03 -40.46 35.28
N TYR H 34 -15.46 -41.62 35.79
CA TYR H 34 -14.83 -42.89 35.42
C TYR H 34 -15.30 -43.28 34.02
N LEU H 35 -14.63 -42.72 33.01
CA LEU H 35 -15.00 -42.93 31.62
C LEU H 35 -13.73 -43.01 30.78
N ALA H 36 -13.60 -44.05 29.97
CA ALA H 36 -12.40 -44.27 29.18
C ALA H 36 -12.74 -44.22 27.70
N TRP H 37 -11.70 -44.09 26.87
CA TRP H 37 -11.83 -44.15 25.42
C TRP H 37 -10.78 -45.11 24.89
N TYR H 38 -11.19 -45.98 23.97
CA TYR H 38 -10.30 -46.97 23.38
C TYR H 38 -10.24 -46.79 21.88
N GLN H 39 -9.11 -47.17 21.28
CA GLN H 39 -8.92 -47.23 19.83
C GLN H 39 -8.59 -48.67 19.47
N GLN H 40 -9.28 -49.21 18.46
CA GLN H 40 -9.07 -50.60 18.08
C GLN H 40 -8.89 -50.72 16.58
N LYS H 41 -7.89 -51.47 16.16
CA LYS H 41 -7.67 -51.80 14.77
C LYS H 41 -7.93 -53.29 14.56
N ALA H 42 -7.84 -53.72 13.30
CA ALA H 42 -8.22 -55.08 12.93
C ALA H 42 -7.20 -56.08 13.47
N GLY H 43 -7.69 -57.09 14.18
CA GLY H 43 -6.82 -58.12 14.71
C GLY H 43 -6.03 -57.72 15.94
N GLN H 44 -6.33 -56.57 16.55
CA GLN H 44 -5.58 -56.13 17.71
C GLN H 44 -6.50 -55.88 18.89
N PRO H 45 -6.00 -56.03 20.11
CA PRO H 45 -6.75 -55.58 21.29
C PRO H 45 -6.81 -54.06 21.30
N PRO H 46 -7.81 -53.47 21.97
CA PRO H 46 -7.94 -52.01 21.96
C PRO H 46 -6.77 -51.36 22.70
N LYS H 47 -6.44 -50.15 22.28
CA LYS H 47 -5.34 -49.39 22.87
C LYS H 47 -5.96 -48.22 23.63
N LEU H 48 -5.58 -48.06 24.90
CA LEU H 48 -6.17 -47.01 25.72
C LEU H 48 -5.65 -45.64 25.32
N LEU H 49 -6.56 -44.67 25.20
CA LEU H 49 -6.19 -43.30 24.87
C LEU H 49 -6.44 -42.32 26.01
N ILE H 50 -7.64 -42.37 26.59
CA ILE H 50 -8.10 -41.47 27.64
C ILE H 50 -8.63 -42.35 28.77
N TYR H 51 -8.32 -42.01 30.02
CA TYR H 51 -8.99 -42.56 31.19
C TYR H 51 -9.35 -41.40 32.11
N ARG H 52 -10.28 -41.64 33.05
CA ARG H 52 -10.86 -40.62 33.95
C ARG H 52 -11.38 -39.40 33.18
N ALA H 53 -12.10 -39.68 32.09
CA ALA H 53 -12.78 -38.74 31.21
C ALA H 53 -11.88 -37.77 30.42
N SER H 54 -10.69 -37.40 30.94
CA SER H 54 -9.92 -36.37 30.25
C SER H 54 -8.40 -36.59 30.35
N THR H 55 -7.96 -37.53 31.20
CA THR H 55 -6.54 -37.77 31.41
C THR H 55 -5.95 -38.56 30.26
N LEU H 56 -4.87 -38.06 29.71
CA LEU H 56 -4.24 -38.71 28.57
C LEU H 56 -3.46 -39.93 29.06
N ALA H 57 -3.64 -41.07 28.39
CA ALA H 57 -2.88 -42.26 28.73
C ALA H 57 -1.44 -42.14 28.25
N SER H 58 -0.55 -42.93 28.88
CA SER H 58 0.87 -42.91 28.54
C SER H 58 1.09 -43.49 27.15
N GLY H 59 1.71 -42.72 26.25
CA GLY H 59 1.93 -43.15 24.89
C GLY H 59 0.91 -42.65 23.89
N ALA H 60 -0.25 -42.15 24.37
CA ALA H 60 -1.25 -41.57 23.48
C ALA H 60 -0.86 -40.15 23.09
N PRO H 61 -1.10 -39.74 21.84
CA PRO H 61 -0.71 -38.41 21.39
C PRO H 61 -1.57 -37.31 22.01
N SER H 62 -1.07 -36.08 21.90
CA SER H 62 -1.75 -34.92 22.48
C SER H 62 -3.01 -34.54 21.71
N ARG H 63 -3.17 -35.03 20.48
CA ARG H 63 -4.29 -34.67 19.62
C ARG H 63 -5.59 -35.36 19.99
N PHE H 64 -5.57 -36.36 20.86
CA PHE H 64 -6.77 -36.97 21.41
C PHE H 64 -7.15 -36.22 22.68
N LYS H 65 -8.34 -35.64 22.71
CA LYS H 65 -8.78 -34.85 23.85
C LYS H 65 -10.13 -35.36 24.33
N GLY H 66 -10.20 -35.78 25.59
CA GLY H 66 -11.44 -36.22 26.19
C GLY H 66 -12.01 -35.15 27.10
N SER H 67 -13.33 -35.13 27.23
CA SER H 67 -13.99 -34.13 28.06
C SER H 67 -15.34 -34.67 28.50
N GLY H 68 -15.89 -34.06 29.54
CA GLY H 68 -17.23 -34.37 29.99
C GLY H 68 -17.28 -34.70 31.47
N SER H 69 -18.51 -34.89 31.94
CA SER H 69 -18.83 -35.19 33.32
C SER H 69 -20.21 -35.81 33.38
N GLY H 70 -20.41 -36.68 34.37
CA GLY H 70 -21.74 -37.23 34.61
C GLY H 70 -22.24 -38.24 33.61
N THR H 71 -23.03 -37.79 32.62
CA THR H 71 -23.58 -38.69 31.61
C THR H 71 -23.13 -38.35 30.19
N GLN H 72 -22.57 -37.17 29.96
CA GLN H 72 -22.28 -36.67 28.62
C GLN H 72 -20.76 -36.51 28.49
N PHE H 73 -20.18 -37.25 27.53
CA PHE H 73 -18.74 -37.27 27.32
C PHE H 73 -18.44 -37.16 25.83
N THR H 74 -17.30 -36.59 25.50
CA THR H 74 -16.94 -36.35 24.11
C THR H 74 -15.45 -36.58 23.90
N LEU H 75 -15.10 -37.38 22.90
CA LEU H 75 -13.73 -37.54 22.43
C LEU H 75 -13.55 -36.74 21.14
N THR H 76 -12.56 -35.85 21.12
CA THR H 76 -12.25 -35.02 19.95
C THR H 76 -10.87 -35.40 19.43
N ILE H 77 -10.79 -35.81 18.18
CA ILE H 77 -9.53 -36.13 17.53
C ILE H 77 -9.24 -35.02 16.53
N SER H 78 -8.42 -34.05 16.92
CA SER H 78 -7.98 -33.01 16.03
C SER H 78 -6.68 -33.44 15.35
N ASP H 79 -6.33 -32.73 14.27
CA ASP H 79 -5.10 -32.94 13.48
C ASP H 79 -4.98 -34.38 13.00
N LEU H 80 -5.94 -34.79 12.17
CA LEU H 80 -6.07 -36.20 11.82
C LEU H 80 -4.96 -36.66 10.88
N GLU H 81 -4.47 -37.86 11.15
CA GLU H 81 -3.49 -38.55 10.34
C GLU H 81 -4.14 -39.82 9.79
N SER H 82 -3.47 -40.43 8.80
CA SER H 82 -3.96 -41.68 8.22
C SER H 82 -3.84 -42.85 9.19
N ASP H 83 -2.98 -42.72 10.20
CA ASP H 83 -2.84 -43.76 11.22
C ASP H 83 -4.06 -43.82 12.15
N ASP H 84 -4.85 -42.74 12.25
CA ASP H 84 -6.00 -42.71 13.15
C ASP H 84 -7.24 -43.40 12.59
N ALA H 85 -7.18 -43.95 11.38
CA ALA H 85 -8.30 -44.68 10.81
C ALA H 85 -8.49 -45.98 11.57
N ALA H 86 -9.48 -46.00 12.45
CA ALA H 86 -9.72 -47.11 13.35
C ALA H 86 -11.15 -47.00 13.87
N THR H 87 -11.52 -47.95 14.74
CA THR H 87 -12.79 -47.97 15.44
C THR H 87 -12.57 -47.57 16.89
N TYR H 88 -13.40 -46.66 17.39
CA TYR H 88 -13.22 -46.08 18.72
C TYR H 88 -14.40 -46.49 19.62
N TYR H 89 -14.08 -46.81 20.89
CA TYR H 89 -15.09 -47.23 21.85
C TYR H 89 -14.92 -46.42 23.12
N CYS H 90 -16.02 -46.10 23.77
CA CYS H 90 -15.95 -45.56 25.12
C CYS H 90 -16.31 -46.65 26.12
N LEU H 91 -15.86 -46.47 27.36
CA LEU H 91 -16.08 -47.47 28.38
C LEU H 91 -16.41 -46.76 29.69
N GLY H 92 -17.60 -47.00 30.20
CA GLY H 92 -18.04 -46.40 31.46
C GLY H 92 -18.03 -47.44 32.57
N TYR H 93 -17.57 -47.02 33.73
CA TYR H 93 -17.61 -47.82 34.94
C TYR H 93 -18.69 -47.25 35.86
N TYR H 94 -19.42 -48.13 36.52
CA TYR H 94 -20.63 -47.74 37.23
C TYR H 94 -20.61 -48.27 38.66
N ASN H 95 -21.42 -47.64 39.52
CA ASN H 95 -21.75 -48.24 40.80
C ASN H 95 -22.43 -49.59 40.59
N GLY H 96 -22.01 -50.57 41.39
CA GLY H 96 -22.39 -51.95 41.27
C GLY H 96 -21.31 -52.83 40.68
N VAL H 97 -20.13 -52.26 40.40
CA VAL H 97 -19.02 -52.88 39.67
C VAL H 97 -19.56 -53.42 38.34
N ILE H 98 -19.92 -52.50 37.45
CA ILE H 98 -20.46 -52.79 36.13
C ILE H 98 -19.70 -51.93 35.14
N ASN H 99 -19.16 -52.55 34.08
CA ASN H 99 -18.55 -51.87 32.95
C ASN H 99 -19.36 -52.10 31.70
N VAL H 100 -19.62 -51.02 30.95
CA VAL H 100 -20.41 -51.09 29.71
C VAL H 100 -19.66 -50.35 28.60
N PHE H 101 -19.30 -51.07 27.54
CA PHE H 101 -18.69 -50.44 26.37
C PHE H 101 -19.75 -49.79 25.50
N GLY H 102 -19.35 -48.72 24.81
CA GLY H 102 -20.21 -48.11 23.82
C GLY H 102 -20.32 -48.97 22.57
N GLY H 103 -21.21 -48.56 21.67
CA GLY H 103 -21.44 -49.35 20.46
C GLY H 103 -20.30 -49.28 19.45
N GLY H 104 -19.48 -48.26 19.52
CA GLY H 104 -18.38 -48.16 18.59
C GLY H 104 -18.61 -47.05 17.59
N THR H 105 -17.50 -46.44 17.16
CA THR H 105 -17.50 -45.38 16.15
C THR H 105 -16.35 -45.64 15.19
N ASN H 106 -16.66 -45.78 13.90
CA ASN H 106 -15.66 -45.97 12.86
C ASN H 106 -15.22 -44.61 12.31
N VAL H 107 -13.92 -44.33 12.36
CA VAL H 107 -13.37 -43.08 11.82
C VAL H 107 -12.71 -43.40 10.48
N GLU H 108 -13.20 -42.77 9.41
CA GLU H 108 -12.66 -42.97 8.07
C GLU H 108 -11.90 -41.71 7.65
N ILE H 109 -10.71 -41.88 7.11
CA ILE H 109 -9.95 -40.73 6.62
C ILE H 109 -10.45 -40.41 5.21
N LYS H 110 -10.98 -39.20 5.04
CA LYS H 110 -11.45 -38.77 3.74
C LYS H 110 -10.26 -38.38 2.87
N ARG H 111 -10.26 -38.86 1.63
CA ARG H 111 -9.19 -38.57 0.67
C ARG H 111 -9.81 -38.37 -0.71
N THR H 112 -8.95 -38.27 -1.72
CA THR H 112 -9.44 -38.08 -3.09
C THR H 112 -9.95 -39.39 -3.66
N VAL H 113 -10.76 -39.28 -4.71
CA VAL H 113 -11.38 -40.43 -5.34
C VAL H 113 -10.35 -41.16 -6.20
N GLY H 114 -10.17 -42.45 -5.92
CA GLY H 114 -9.34 -43.28 -6.76
C GLY H 114 -10.13 -44.44 -7.32
N ALA H 115 -10.04 -44.63 -8.62
CA ALA H 115 -10.74 -45.75 -9.26
C ALA H 115 -10.02 -47.05 -8.95
N PRO H 116 -10.75 -48.15 -8.80
CA PRO H 116 -10.11 -49.45 -8.52
C PRO H 116 -9.42 -50.02 -9.75
N SER H 117 -8.29 -50.68 -9.50
CA SER H 117 -7.60 -51.50 -10.50
C SER H 117 -8.17 -52.92 -10.41
N VAL H 118 -8.69 -53.44 -11.52
CA VAL H 118 -9.40 -54.72 -11.52
C VAL H 118 -8.48 -55.82 -12.03
N PHE H 119 -8.50 -56.98 -11.34
CA PHE H 119 -7.84 -58.17 -11.81
C PHE H 119 -8.79 -59.36 -11.63
N ILE H 120 -8.70 -60.34 -12.55
CA ILE H 120 -9.49 -61.56 -12.48
C ILE H 120 -8.56 -62.77 -12.47
N PHE H 121 -8.92 -63.80 -11.72
CA PHE H 121 -8.09 -64.99 -11.53
C PHE H 121 -8.91 -66.23 -11.86
N PRO H 122 -8.53 -67.02 -12.87
CA PRO H 122 -9.21 -68.30 -13.12
C PRO H 122 -8.86 -69.31 -12.04
N PRO H 123 -9.72 -70.31 -11.82
CA PRO H 123 -9.39 -71.34 -10.83
C PRO H 123 -8.25 -72.22 -11.30
N SER H 124 -7.44 -72.65 -10.33
CA SER H 124 -6.27 -73.46 -10.67
C SER H 124 -6.71 -74.89 -11.01
N ASP H 125 -5.80 -75.60 -11.67
CA ASP H 125 -6.06 -76.99 -12.02
C ASP H 125 -6.05 -77.91 -10.81
N GLU H 126 -5.37 -77.52 -9.72
CA GLU H 126 -5.43 -78.31 -8.50
C GLU H 126 -6.82 -78.27 -7.87
N GLN H 127 -7.51 -77.13 -7.97
CA GLN H 127 -8.83 -76.98 -7.38
C GLN H 127 -9.88 -77.73 -8.18
N LEU H 128 -9.70 -77.82 -9.50
CA LEU H 128 -10.65 -78.53 -10.34
C LEU H 128 -10.62 -80.04 -10.10
N LYS H 129 -9.53 -80.55 -9.53
CA LYS H 129 -9.46 -81.95 -9.11
C LYS H 129 -10.31 -82.24 -7.88
N SER H 130 -10.72 -81.23 -7.12
CA SER H 130 -11.49 -81.43 -5.91
C SER H 130 -13.00 -81.22 -6.10
N GLY H 131 -13.45 -80.83 -7.29
CA GLY H 131 -14.86 -80.74 -7.57
C GLY H 131 -15.47 -79.37 -7.37
N THR H 132 -14.68 -78.36 -7.03
CA THR H 132 -15.15 -77.01 -6.81
C THR H 132 -14.28 -76.07 -7.65
N ALA H 133 -14.88 -75.00 -8.17
CA ALA H 133 -14.15 -74.00 -8.95
C ALA H 133 -14.44 -72.63 -8.36
N SER H 134 -13.39 -71.92 -7.93
CA SER H 134 -13.52 -70.57 -7.41
C SER H 134 -12.87 -69.58 -8.36
N VAL H 135 -13.65 -68.60 -8.81
CA VAL H 135 -13.18 -67.50 -9.64
C VAL H 135 -13.12 -66.24 -8.79
N VAL H 136 -11.98 -65.54 -8.85
CA VAL H 136 -11.70 -64.45 -7.93
C VAL H 136 -11.59 -63.16 -8.74
N CYS H 137 -12.34 -62.14 -8.34
CA CYS H 137 -12.22 -60.81 -8.93
C CYS H 137 -11.71 -59.86 -7.84
N LEU H 138 -10.59 -59.20 -8.12
CA LEU H 138 -9.94 -58.32 -7.15
C LEU H 138 -10.11 -56.88 -7.58
N LEU H 139 -10.53 -56.03 -6.62
CA LEU H 139 -10.62 -54.58 -6.79
C LEU H 139 -9.59 -53.95 -5.85
N ASN H 140 -8.55 -53.34 -6.42
CA ASN H 140 -7.36 -52.96 -5.68
C ASN H 140 -7.24 -51.44 -5.62
N ASN H 141 -7.08 -50.91 -4.39
CA ASN H 141 -6.66 -49.52 -4.10
C ASN H 141 -7.66 -48.48 -4.62
N PHE H 142 -8.79 -48.42 -3.94
CA PHE H 142 -9.84 -47.50 -4.32
C PHE H 142 -10.35 -46.73 -3.12
N TYR H 143 -10.96 -45.58 -3.41
CA TYR H 143 -11.65 -44.76 -2.46
C TYR H 143 -12.73 -44.01 -3.24
N PRO H 144 -13.97 -43.89 -2.72
CA PRO H 144 -14.52 -44.43 -1.45
C PRO H 144 -14.85 -45.92 -1.48
N ARG H 145 -15.39 -46.40 -0.37
CA ARG H 145 -15.62 -47.83 -0.15
C ARG H 145 -16.71 -48.39 -1.08
N GLU H 146 -17.63 -47.54 -1.51
CA GLU H 146 -18.83 -47.99 -2.21
C GLU H 146 -18.52 -48.40 -3.65
N ALA H 147 -18.64 -49.70 -3.93
CA ALA H 147 -18.44 -50.24 -5.27
C ALA H 147 -19.37 -51.43 -5.45
N LYS H 148 -19.57 -51.83 -6.71
CA LYS H 148 -20.51 -52.90 -7.04
C LYS H 148 -19.83 -53.90 -7.96
N VAL H 149 -19.89 -55.18 -7.59
CA VAL H 149 -19.29 -56.27 -8.35
C VAL H 149 -20.41 -57.18 -8.83
N GLN H 150 -20.44 -57.43 -10.14
CA GLN H 150 -21.41 -58.31 -10.77
C GLN H 150 -20.67 -59.44 -11.47
N TRP H 151 -21.13 -60.67 -11.28
CA TRP H 151 -20.57 -61.82 -11.97
C TRP H 151 -21.47 -62.17 -13.15
N LYS H 152 -20.86 -62.44 -14.30
CA LYS H 152 -21.62 -62.83 -15.49
C LYS H 152 -20.99 -64.09 -16.09
N VAL H 153 -21.76 -65.16 -16.17
CA VAL H 153 -21.30 -66.44 -16.70
C VAL H 153 -22.09 -66.73 -17.96
N ASP H 154 -21.40 -66.62 -19.12
CA ASP H 154 -21.99 -66.69 -20.47
C ASP H 154 -23.20 -65.76 -20.61
N ASN H 155 -22.97 -64.50 -20.23
CA ASN H 155 -23.91 -63.36 -20.25
C ASN H 155 -25.10 -63.51 -19.31
N ALA H 156 -25.14 -64.55 -18.47
CA ALA H 156 -26.19 -64.74 -17.50
C ALA H 156 -25.76 -64.14 -16.17
N LEU H 157 -26.59 -63.27 -15.61
CA LEU H 157 -26.21 -62.59 -14.38
C LEU H 157 -26.30 -63.56 -13.20
N GLN H 158 -25.21 -63.71 -12.47
CA GLN H 158 -25.15 -64.65 -11.36
C GLN H 158 -25.81 -64.09 -10.11
N SER H 159 -26.38 -64.99 -9.31
CA SER H 159 -27.01 -64.58 -8.07
C SER H 159 -26.92 -65.74 -7.09
N GLY H 160 -26.43 -65.46 -5.88
CA GLY H 160 -26.39 -66.42 -4.79
C GLY H 160 -25.12 -67.23 -4.64
N ASN H 161 -24.12 -67.05 -5.52
CA ASN H 161 -22.90 -67.86 -5.48
C ASN H 161 -21.64 -67.00 -5.42
N SER H 162 -21.73 -65.80 -4.86
CA SER H 162 -20.57 -64.94 -4.76
C SER H 162 -20.53 -64.30 -3.37
N GLN H 163 -19.31 -64.07 -2.88
CA GLN H 163 -19.09 -63.42 -1.60
C GLN H 163 -17.90 -62.48 -1.68
N GLU H 164 -18.02 -61.36 -0.97
CA GLU H 164 -17.03 -60.29 -0.99
C GLU H 164 -16.35 -60.14 0.36
N SER H 165 -15.10 -59.67 0.30
CA SER H 165 -14.32 -59.33 1.48
C SER H 165 -13.69 -57.97 1.25
N VAL H 166 -13.80 -57.07 2.23
CA VAL H 166 -13.24 -55.73 2.17
C VAL H 166 -12.19 -55.59 3.27
N THR H 167 -11.02 -55.07 2.92
CA THR H 167 -10.01 -54.76 3.91
C THR H 167 -10.40 -53.54 4.73
N GLU H 168 -9.69 -53.34 5.83
CA GLU H 168 -9.77 -52.08 6.54
C GLU H 168 -9.06 -51.00 5.73
N GLN H 169 -9.33 -49.75 6.09
CA GLN H 169 -8.72 -48.63 5.38
C GLN H 169 -7.23 -48.58 5.66
N ASP H 170 -6.44 -48.43 4.61
CA ASP H 170 -4.99 -48.49 4.73
C ASP H 170 -4.47 -47.29 5.52
N SER H 171 -3.44 -47.54 6.32
CA SER H 171 -2.87 -46.51 7.18
C SER H 171 -1.87 -45.61 6.47
N LYS H 172 -1.62 -45.82 5.17
CA LYS H 172 -0.70 -44.99 4.40
C LYS H 172 -1.44 -44.19 3.34
N ASP H 173 -2.12 -44.84 2.41
CA ASP H 173 -2.78 -44.12 1.33
C ASP H 173 -4.29 -44.03 1.49
N SER H 174 -4.83 -44.54 2.60
CA SER H 174 -6.25 -44.45 2.98
C SER H 174 -7.18 -45.10 1.97
N THR H 175 -6.71 -46.13 1.26
CA THR H 175 -7.54 -46.80 0.27
C THR H 175 -8.03 -48.11 0.85
N TYR H 176 -9.00 -48.69 0.15
CA TYR H 176 -9.58 -50.00 0.43
C TYR H 176 -9.23 -50.97 -0.69
N SER H 177 -9.34 -52.26 -0.38
CA SER H 177 -9.23 -53.31 -1.37
C SER H 177 -10.34 -54.33 -1.16
N LEU H 178 -10.85 -54.87 -2.25
CA LEU H 178 -11.99 -55.78 -2.21
C LEU H 178 -11.72 -56.96 -3.11
N SER H 179 -12.12 -58.14 -2.66
CA SER H 179 -12.05 -59.36 -3.46
C SER H 179 -13.43 -60.03 -3.45
N SER H 180 -13.88 -60.47 -4.62
CA SER H 180 -15.15 -61.19 -4.75
C SER H 180 -14.90 -62.57 -5.33
N THR H 181 -15.37 -63.59 -4.62
CA THR H 181 -15.10 -64.99 -4.98
C THR H 181 -16.39 -65.63 -5.45
N LEU H 182 -16.43 -66.03 -6.73
CA LEU H 182 -17.54 -66.75 -7.31
C LEU H 182 -17.27 -68.25 -7.19
N THR H 183 -18.11 -68.96 -6.44
CA THR H 183 -17.92 -70.38 -6.18
C THR H 183 -18.91 -71.21 -6.98
N LEU H 184 -18.40 -72.07 -7.86
CA LEU H 184 -19.21 -72.98 -8.64
C LEU H 184 -18.68 -74.38 -8.43
N SER H 185 -19.53 -75.36 -8.73
CA SER H 185 -19.05 -76.72 -8.79
C SER H 185 -18.26 -76.94 -10.08
N LYS H 186 -17.56 -78.07 -10.14
CA LYS H 186 -16.77 -78.39 -11.33
C LYS H 186 -17.65 -78.69 -12.53
N ALA H 187 -18.80 -79.33 -12.31
CA ALA H 187 -19.72 -79.63 -13.41
C ALA H 187 -20.35 -78.37 -13.97
N ASP H 188 -20.67 -77.41 -13.11
CA ASP H 188 -21.20 -76.13 -13.58
C ASP H 188 -20.12 -75.30 -14.26
N TYR H 189 -18.87 -75.47 -13.83
CA TYR H 189 -17.78 -74.70 -14.41
C TYR H 189 -17.46 -75.16 -15.82
N GLU H 190 -17.48 -76.47 -16.06
CA GLU H 190 -17.10 -77.01 -17.35
C GLU H 190 -18.23 -76.93 -18.38
N LYS H 191 -19.41 -76.45 -18.00
CA LYS H 191 -20.51 -76.25 -18.93
C LYS H 191 -20.49 -74.89 -19.62
N HIS H 192 -19.65 -73.96 -19.17
CA HIS H 192 -19.69 -72.59 -19.65
C HIS H 192 -18.32 -72.14 -20.15
N LYS H 193 -18.32 -71.04 -20.91
CA LYS H 193 -17.13 -70.56 -21.60
C LYS H 193 -16.69 -69.20 -21.08
N VAL H 194 -17.54 -68.18 -21.16
CA VAL H 194 -17.16 -66.81 -20.85
C VAL H 194 -17.49 -66.50 -19.40
N TYR H 195 -16.48 -66.06 -18.66
CA TYR H 195 -16.58 -65.69 -17.24
C TYR H 195 -16.13 -64.25 -17.11
N ALA H 196 -17.06 -63.37 -16.74
CA ALA H 196 -16.79 -61.94 -16.72
C ALA H 196 -17.09 -61.37 -15.35
N CYS H 197 -16.30 -60.37 -14.97
CA CYS H 197 -16.47 -59.63 -13.73
C CYS H 197 -16.66 -58.15 -14.06
N GLU H 198 -17.81 -57.61 -13.69
CA GLU H 198 -18.16 -56.22 -14.01
C GLU H 198 -18.12 -55.37 -12.74
N VAL H 199 -17.34 -54.30 -12.77
CA VAL H 199 -17.04 -53.48 -11.61
C VAL H 199 -17.58 -52.08 -11.83
N THR H 200 -18.39 -51.59 -10.88
CA THR H 200 -18.95 -50.25 -10.94
C THR H 200 -18.48 -49.45 -9.72
N HIS H 201 -17.94 -48.27 -9.96
CA HIS H 201 -17.42 -47.40 -8.91
C HIS H 201 -17.60 -45.96 -9.36
N GLN H 202 -17.65 -45.04 -8.39
CA GLN H 202 -17.87 -43.63 -8.68
C GLN H 202 -16.71 -42.98 -9.42
N GLY H 203 -15.51 -43.54 -9.32
CA GLY H 203 -14.37 -43.07 -10.09
C GLY H 203 -14.32 -43.56 -11.52
N LEU H 204 -15.21 -44.48 -11.91
CA LEU H 204 -15.28 -45.00 -13.28
C LEU H 204 -16.45 -44.36 -14.01
N SER H 205 -16.19 -43.82 -15.20
CA SER H 205 -17.27 -43.21 -15.99
C SER H 205 -18.19 -44.27 -16.59
N SER H 206 -17.69 -45.47 -16.82
CA SER H 206 -18.47 -46.58 -17.33
C SER H 206 -17.99 -47.83 -16.60
N PRO H 207 -18.85 -48.84 -16.46
CA PRO H 207 -18.44 -50.07 -15.75
C PRO H 207 -17.35 -50.82 -16.49
N VAL H 208 -16.28 -51.12 -15.78
CA VAL H 208 -15.15 -51.83 -16.36
C VAL H 208 -15.36 -53.34 -16.19
N THR H 209 -14.98 -54.10 -17.22
CA THR H 209 -15.18 -55.53 -17.24
C THR H 209 -13.86 -56.19 -17.56
N LYS H 210 -13.47 -57.13 -16.71
CA LYS H 210 -12.33 -58.00 -16.98
C LYS H 210 -12.86 -59.42 -17.05
N SER H 211 -12.47 -60.14 -18.10
CA SER H 211 -13.02 -61.46 -18.37
C SER H 211 -11.94 -62.39 -18.90
N PHE H 212 -12.27 -63.68 -18.89
CA PHE H 212 -11.44 -64.71 -19.48
C PHE H 212 -12.34 -65.82 -19.99
N ASN H 213 -11.78 -66.66 -20.85
CA ASN H 213 -12.43 -67.86 -21.33
C ASN H 213 -11.74 -69.09 -20.75
N ARG H 214 -12.54 -70.13 -20.49
CA ARG H 214 -12.06 -71.34 -19.84
C ARG H 214 -11.16 -72.16 -20.75
N GLY H 215 -9.99 -72.54 -20.24
CA GLY H 215 -9.06 -73.38 -20.97
C GLY H 215 -8.14 -72.69 -21.95
N GLU H 216 -8.32 -71.40 -22.21
CA GLU H 216 -7.54 -70.70 -23.21
C GLU H 216 -6.30 -70.01 -22.66
N CYS H 217 -6.23 -69.77 -21.36
CA CYS H 217 -5.07 -69.14 -20.76
C CYS H 217 -3.95 -70.15 -20.51
N GLU I 1 -37.70 -39.41 -20.13
CA GLU I 1 -37.13 -39.47 -18.77
C GLU I 1 -36.34 -38.20 -18.46
N VAL I 2 -35.17 -38.36 -17.83
CA VAL I 2 -34.38 -37.24 -17.33
C VAL I 2 -33.37 -36.78 -18.38
N GLN I 3 -33.30 -35.48 -18.60
CA GLN I 3 -32.32 -34.87 -19.48
C GLN I 3 -31.38 -34.01 -18.66
N LEU I 4 -30.08 -34.11 -18.93
CA LEU I 4 -29.07 -33.30 -18.27
C LEU I 4 -28.51 -32.31 -19.27
N GLN I 5 -28.44 -31.04 -18.86
CA GLN I 5 -27.94 -29.97 -19.72
C GLN I 5 -26.89 -29.18 -18.99
N GLU I 6 -25.65 -29.25 -19.48
CA GLU I 6 -24.56 -28.45 -18.91
C GLU I 6 -24.53 -27.06 -19.50
N SER I 7 -24.01 -26.13 -18.70
CA SER I 7 -23.87 -24.73 -19.07
C SER I 7 -22.75 -24.12 -18.27
N GLY I 8 -22.27 -22.96 -18.73
CA GLY I 8 -21.32 -22.18 -17.97
C GLY I 8 -19.88 -22.25 -18.42
N GLY I 9 -19.57 -22.95 -19.50
CA GLY I 9 -18.21 -23.06 -19.99
C GLY I 9 -17.81 -21.87 -20.85
N GLY I 10 -16.68 -22.03 -21.54
CA GLY I 10 -16.17 -21.06 -22.47
C GLY I 10 -14.69 -20.82 -22.29
N LEU I 11 -14.20 -19.75 -22.91
CA LEU I 11 -12.77 -19.42 -22.90
C LEU I 11 -12.43 -18.61 -21.67
N VAL I 12 -11.29 -18.93 -21.06
CA VAL I 12 -10.87 -18.29 -19.82
C VAL I 12 -9.34 -18.28 -19.78
N GLN I 13 -8.79 -17.23 -19.16
CA GLN I 13 -7.36 -17.11 -18.97
C GLN I 13 -6.86 -18.11 -17.92
N PRO I 14 -5.57 -18.47 -17.95
CA PRO I 14 -4.99 -19.22 -16.84
C PRO I 14 -5.03 -18.41 -15.56
N GLY I 15 -5.46 -19.06 -14.47
CA GLY I 15 -5.75 -18.38 -13.24
C GLY I 15 -7.17 -17.85 -13.13
N GLY I 16 -7.98 -18.00 -14.19
CA GLY I 16 -9.34 -17.52 -14.18
C GLY I 16 -10.31 -18.46 -13.48
N SER I 17 -11.58 -18.07 -13.52
CA SER I 17 -12.64 -18.77 -12.81
C SER I 17 -13.83 -19.00 -13.72
N LEU I 18 -14.48 -20.15 -13.56
CA LEU I 18 -15.75 -20.45 -14.21
C LEU I 18 -16.62 -21.25 -13.26
N ARG I 19 -17.93 -21.07 -13.37
CA ARG I 19 -18.91 -21.86 -12.65
C ARG I 19 -19.75 -22.62 -13.66
N LEU I 20 -19.59 -23.93 -13.69
CA LEU I 20 -20.42 -24.80 -14.52
C LEU I 20 -21.70 -25.13 -13.78
N SER I 21 -22.79 -25.26 -14.51
CA SER I 21 -24.06 -25.69 -13.93
C SER I 21 -24.61 -26.85 -14.76
N CYS I 22 -25.35 -27.74 -14.10
CA CYS I 22 -25.96 -28.89 -14.77
C CYS I 22 -27.42 -28.99 -14.33
N ALA I 23 -28.33 -28.52 -15.17
CA ALA I 23 -29.75 -28.49 -14.84
C ALA I 23 -30.42 -29.78 -15.32
N ALA I 24 -31.13 -30.43 -14.41
CA ALA I 24 -31.83 -31.68 -14.68
C ALA I 24 -33.33 -31.44 -14.81
N SER I 25 -33.93 -32.09 -15.80
CA SER I 25 -35.36 -31.99 -16.04
C SER I 25 -35.88 -33.37 -16.38
N GLY I 26 -36.91 -33.82 -15.66
CA GLY I 26 -37.47 -35.14 -15.86
C GLY I 26 -37.55 -35.96 -14.60
N ARG I 27 -36.48 -35.97 -13.80
CA ARG I 27 -36.46 -36.66 -12.52
C ARG I 27 -35.90 -35.72 -11.46
N THR I 28 -36.43 -35.83 -10.24
CA THR I 28 -35.90 -35.06 -9.12
C THR I 28 -34.58 -35.68 -8.70
N ILE I 29 -33.50 -34.92 -8.78
CA ILE I 29 -32.16 -35.45 -8.53
C ILE I 29 -31.72 -35.22 -7.09
N SER I 30 -32.65 -34.93 -6.18
CA SER I 30 -32.25 -34.83 -4.79
C SER I 30 -31.95 -36.19 -4.18
N ARG I 31 -32.42 -37.28 -4.79
CA ARG I 31 -32.15 -38.60 -4.28
C ARG I 31 -30.92 -39.23 -4.90
N TYR I 32 -30.32 -38.59 -5.90
CA TYR I 32 -29.23 -39.22 -6.64
C TYR I 32 -27.97 -38.40 -6.47
N ALA I 33 -26.83 -39.09 -6.43
CA ALA I 33 -25.57 -38.39 -6.48
C ALA I 33 -25.34 -37.86 -7.87
N MET I 34 -24.71 -36.69 -7.97
CA MET I 34 -24.38 -36.05 -9.23
C MET I 34 -22.87 -35.92 -9.34
N SER I 35 -22.32 -36.43 -10.43
CA SER I 35 -20.87 -36.45 -10.63
C SER I 35 -20.49 -35.61 -11.84
N TRP I 36 -19.26 -35.07 -11.77
CA TRP I 36 -18.64 -34.33 -12.86
C TRP I 36 -17.46 -35.12 -13.40
N PHE I 37 -17.37 -35.18 -14.73
CA PHE I 37 -16.29 -35.86 -15.42
C PHE I 37 -15.75 -34.90 -16.47
N ARG I 38 -14.55 -35.19 -16.97
CA ARG I 38 -13.98 -34.37 -18.03
C ARG I 38 -13.21 -35.28 -18.99
N GLN I 39 -13.12 -34.85 -20.25
CA GLN I 39 -12.43 -35.64 -21.26
C GLN I 39 -11.69 -34.70 -22.20
N ALA I 40 -10.37 -34.80 -22.19
CA ALA I 40 -9.58 -34.12 -23.19
C ALA I 40 -9.78 -34.79 -24.54
N PRO I 41 -9.61 -34.07 -25.66
CA PRO I 41 -9.73 -34.71 -26.98
C PRO I 41 -8.62 -35.72 -27.21
N GLY I 42 -9.02 -36.95 -27.55
CA GLY I 42 -8.11 -38.06 -27.75
C GLY I 42 -7.58 -38.70 -26.49
N LYS I 43 -8.17 -38.39 -25.34
CA LYS I 43 -7.74 -38.93 -24.05
C LYS I 43 -8.95 -39.64 -23.43
N GLU I 44 -8.74 -40.34 -22.32
CA GLU I 44 -9.81 -41.06 -21.63
C GLU I 44 -10.61 -40.09 -20.77
N ARG I 45 -11.88 -40.42 -20.55
CA ARG I 45 -12.73 -39.63 -19.66
C ARG I 45 -12.34 -39.89 -18.21
N GLU I 46 -12.03 -38.83 -17.48
CA GLU I 46 -11.54 -38.94 -16.11
C GLU I 46 -12.48 -38.28 -15.12
N PHE I 47 -12.35 -38.69 -13.87
CA PHE I 47 -13.21 -38.19 -12.81
C PHE I 47 -12.80 -36.79 -12.40
N VAL I 48 -13.79 -35.98 -12.03
CA VAL I 48 -13.51 -34.66 -11.48
C VAL I 48 -14.06 -34.58 -10.06
N ALA I 49 -15.37 -34.64 -9.90
CA ALA I 49 -15.97 -34.43 -8.59
C ALA I 49 -17.33 -35.10 -8.56
N THR I 50 -17.79 -35.40 -7.35
CA THR I 50 -19.14 -35.90 -7.12
C THR I 50 -19.79 -35.14 -5.97
N ALA I 51 -21.08 -34.92 -6.09
CA ALA I 51 -21.90 -34.36 -5.02
C ALA I 51 -22.94 -35.42 -4.65
N ARG I 52 -22.85 -35.93 -3.43
CA ARG I 52 -23.85 -36.88 -2.96
C ARG I 52 -25.05 -36.12 -2.43
N ARG I 53 -25.94 -36.83 -1.72
CA ARG I 53 -27.12 -36.20 -1.14
C ARG I 53 -26.73 -35.24 -0.03
N SER I 54 -27.64 -34.33 0.29
CA SER I 54 -27.40 -33.28 1.25
C SER I 54 -27.17 -33.85 2.65
N GLY I 55 -25.94 -33.75 3.13
CA GLY I 55 -25.52 -34.38 4.36
C GLY I 55 -24.53 -35.50 4.16
N ASP I 56 -24.36 -35.98 2.94
CA ASP I 56 -23.45 -37.09 2.67
C ASP I 56 -22.10 -36.62 2.14
N GLY I 57 -21.88 -35.32 1.99
CA GLY I 57 -20.57 -34.78 1.72
C GLY I 57 -20.22 -34.78 0.25
N ALA I 58 -19.01 -34.29 -0.04
CA ALA I 58 -18.55 -34.15 -1.42
C ALA I 58 -17.15 -34.74 -1.56
N PHE I 59 -16.89 -35.31 -2.74
CA PHE I 59 -15.61 -35.97 -3.01
C PHE I 59 -15.05 -35.48 -4.35
N TYR I 60 -13.73 -35.42 -4.43
CA TYR I 60 -13.05 -34.75 -5.54
C TYR I 60 -11.93 -35.63 -6.07
N ALA I 61 -11.49 -35.32 -7.29
CA ALA I 61 -10.31 -35.97 -7.84
C ALA I 61 -9.04 -35.34 -7.29
N ASP I 62 -7.91 -36.02 -7.50
CA ASP I 62 -6.66 -35.51 -6.96
C ASP I 62 -6.17 -34.31 -7.73
N SER I 63 -6.46 -34.25 -9.04
CA SER I 63 -6.00 -33.12 -9.84
C SER I 63 -6.78 -31.83 -9.54
N VAL I 64 -7.96 -31.93 -8.95
CA VAL I 64 -8.83 -30.78 -8.78
C VAL I 64 -9.07 -30.41 -7.32
N GLN I 65 -8.46 -31.13 -6.37
CA GLN I 65 -8.72 -30.89 -4.96
C GLN I 65 -8.10 -29.59 -4.48
N GLY I 66 -8.90 -28.79 -3.78
CA GLY I 66 -8.51 -27.50 -3.26
C GLY I 66 -8.81 -26.33 -4.17
N ARG I 67 -9.06 -26.57 -5.45
CA ARG I 67 -9.36 -25.52 -6.42
C ARG I 67 -10.80 -25.59 -6.92
N PHE I 68 -11.35 -26.78 -7.06
CA PHE I 68 -12.70 -26.94 -7.58
C PHE I 68 -13.65 -27.22 -6.43
N THR I 69 -14.90 -26.81 -6.59
CA THR I 69 -15.91 -26.95 -5.55
C THR I 69 -17.22 -27.37 -6.19
N VAL I 70 -17.77 -28.49 -5.74
CA VAL I 70 -19.06 -28.96 -6.21
C VAL I 70 -20.12 -28.61 -5.17
N SER I 71 -21.34 -28.29 -5.63
CA SER I 71 -22.42 -27.90 -4.74
C SER I 71 -23.76 -28.23 -5.39
N ARG I 72 -24.82 -28.11 -4.59
CA ARG I 72 -26.16 -28.48 -5.02
C ARG I 72 -27.15 -27.34 -4.79
N ASP I 73 -28.15 -27.29 -5.67
CA ASP I 73 -29.35 -26.47 -5.48
C ASP I 73 -30.51 -27.44 -5.69
N ASP I 74 -30.98 -28.08 -4.62
CA ASP I 74 -32.02 -29.10 -4.76
C ASP I 74 -33.38 -28.51 -5.10
N ALA I 75 -33.62 -27.23 -4.79
CA ALA I 75 -34.89 -26.60 -5.13
C ALA I 75 -34.99 -26.32 -6.63
N LYS I 76 -33.86 -26.12 -7.31
CA LYS I 76 -33.86 -25.86 -8.75
C LYS I 76 -33.38 -27.05 -9.58
N ASN I 77 -33.17 -28.21 -8.96
CA ASN I 77 -32.78 -29.47 -9.60
C ASN I 77 -31.48 -29.34 -10.41
N THR I 78 -30.52 -28.61 -9.85
CA THR I 78 -29.31 -28.18 -10.55
C THR I 78 -28.12 -28.31 -9.62
N VAL I 79 -27.01 -28.85 -10.12
CA VAL I 79 -25.76 -28.86 -9.37
C VAL I 79 -24.74 -27.98 -10.06
N TYR I 80 -23.73 -27.56 -9.29
CA TYR I 80 -22.77 -26.57 -9.73
C TYR I 80 -21.35 -27.08 -9.52
N LEU I 81 -20.44 -26.65 -10.38
CA LEU I 81 -19.01 -26.92 -10.24
C LEU I 81 -18.26 -25.60 -10.39
N GLN I 82 -17.89 -25.01 -9.26
CA GLN I 82 -17.09 -23.79 -9.25
C GLN I 82 -15.64 -24.16 -9.50
N MET I 83 -15.08 -23.66 -10.59
CA MET I 83 -13.72 -23.98 -11.02
C MET I 83 -12.83 -22.76 -10.82
N ASN I 84 -12.00 -22.79 -9.78
CA ASN I 84 -11.06 -21.73 -9.48
C ASN I 84 -9.65 -22.17 -9.82
N SER I 85 -8.80 -21.17 -10.10
CA SER I 85 -7.36 -21.33 -10.32
C SER I 85 -7.06 -22.28 -11.48
N LEU I 86 -7.63 -21.95 -12.64
CA LEU I 86 -7.61 -22.88 -13.77
C LEU I 86 -6.23 -22.94 -14.41
N LYS I 87 -5.85 -24.14 -14.85
CA LYS I 87 -4.59 -24.45 -15.51
C LYS I 87 -4.83 -24.86 -16.96
N PRO I 88 -3.81 -24.79 -17.83
CA PRO I 88 -3.98 -25.30 -19.21
C PRO I 88 -4.26 -26.79 -19.31
N GLU I 89 -3.94 -27.58 -18.29
CA GLU I 89 -4.30 -28.99 -18.25
C GLU I 89 -5.78 -29.22 -18.00
N ASP I 90 -6.53 -28.21 -17.57
CA ASP I 90 -7.96 -28.34 -17.33
C ASP I 90 -8.80 -28.22 -18.59
N THR I 91 -8.20 -28.03 -19.76
CA THR I 91 -8.95 -27.87 -21.00
C THR I 91 -9.53 -29.22 -21.44
N ALA I 92 -10.86 -29.34 -21.41
CA ALA I 92 -11.55 -30.59 -21.68
C ALA I 92 -13.03 -30.28 -21.88
N VAL I 93 -13.76 -31.27 -22.37
CA VAL I 93 -15.22 -31.24 -22.38
C VAL I 93 -15.72 -31.79 -21.06
N TYR I 94 -16.51 -31.00 -20.33
CA TYR I 94 -16.93 -31.36 -18.99
C TYR I 94 -18.34 -31.91 -19.02
N TYR I 95 -18.50 -33.13 -18.50
CA TYR I 95 -19.75 -33.87 -18.55
C TYR I 95 -20.36 -34.00 -17.17
N CYS I 96 -21.69 -34.06 -17.14
CA CYS I 96 -22.48 -34.23 -15.93
C CYS I 96 -23.20 -35.57 -15.99
N ALA I 97 -23.28 -36.27 -14.85
CA ALA I 97 -23.84 -37.62 -14.81
C ALA I 97 -24.60 -37.86 -13.51
N ILE I 98 -25.65 -38.68 -13.60
CA ILE I 98 -26.46 -39.09 -12.45
C ILE I 98 -26.07 -40.50 -12.02
N ASP I 99 -25.71 -40.65 -10.75
CA ASP I 99 -25.55 -41.97 -10.14
C ASP I 99 -26.93 -42.52 -9.83
N SER I 100 -27.36 -43.49 -10.64
CA SER I 100 -28.69 -44.09 -10.52
C SER I 100 -28.80 -44.99 -9.30
N ASP I 101 -27.68 -45.43 -8.75
CA ASP I 101 -27.69 -46.17 -7.50
C ASP I 101 -27.74 -45.20 -6.32
N THR I 102 -28.74 -45.39 -5.45
CA THR I 102 -28.90 -44.53 -4.28
C THR I 102 -27.86 -44.78 -3.19
N PHE I 103 -27.08 -45.86 -3.28
CA PHE I 103 -26.01 -46.20 -2.34
C PHE I 103 -24.62 -45.95 -2.90
N TYR I 104 -24.50 -45.11 -3.93
CA TYR I 104 -23.23 -44.49 -4.37
C TYR I 104 -22.23 -45.50 -4.96
N SER I 105 -22.73 -46.48 -5.70
CA SER I 105 -21.88 -47.44 -6.40
C SER I 105 -21.45 -46.95 -7.78
N GLY I 106 -21.91 -45.77 -8.22
CA GLY I 106 -21.40 -45.20 -9.44
C GLY I 106 -22.04 -45.69 -10.73
N SER I 107 -23.32 -46.01 -10.71
CA SER I 107 -24.05 -46.49 -11.88
C SER I 107 -24.51 -45.29 -12.68
N TYR I 108 -23.63 -44.80 -13.57
CA TYR I 108 -23.88 -43.57 -14.32
C TYR I 108 -24.62 -43.94 -15.60
N ASP I 109 -25.96 -43.91 -15.53
CA ASP I 109 -26.81 -44.21 -16.70
C ASP I 109 -27.20 -42.99 -17.51
N TYR I 110 -27.34 -41.82 -16.88
CA TYR I 110 -27.81 -40.62 -17.56
C TYR I 110 -26.70 -39.59 -17.58
N TRP I 111 -26.43 -39.03 -18.76
CA TRP I 111 -25.34 -38.11 -18.97
C TRP I 111 -25.82 -36.89 -19.75
N GLY I 112 -25.16 -35.75 -19.51
CA GLY I 112 -25.37 -34.57 -20.34
C GLY I 112 -24.57 -34.60 -21.63
N GLN I 113 -24.81 -33.61 -22.48
CA GLN I 113 -24.11 -33.53 -23.77
C GLN I 113 -22.72 -32.93 -23.65
N GLY I 114 -22.39 -32.30 -22.53
CA GLY I 114 -21.08 -31.74 -22.31
C GLY I 114 -21.01 -30.26 -22.64
N THR I 115 -19.99 -29.60 -22.09
CA THR I 115 -19.71 -28.20 -22.38
C THR I 115 -18.21 -28.00 -22.46
N GLN I 116 -17.77 -27.13 -23.37
CA GLN I 116 -16.36 -26.95 -23.64
C GLN I 116 -15.77 -25.92 -22.69
N VAL I 117 -14.67 -26.28 -22.04
CA VAL I 117 -13.89 -25.37 -21.21
C VAL I 117 -12.48 -25.33 -21.78
N THR I 118 -12.04 -24.13 -22.18
CA THR I 118 -10.72 -23.93 -22.78
C THR I 118 -9.94 -22.93 -21.95
N VAL I 119 -8.75 -23.33 -21.51
CA VAL I 119 -7.88 -22.49 -20.70
C VAL I 119 -6.61 -22.24 -21.51
N SER I 120 -6.45 -21.01 -21.98
CA SER I 120 -5.27 -20.59 -22.75
C SER I 120 -5.06 -19.10 -22.64
N GLN J 1 -4.78 41.32 -14.67
CA GLN J 1 -5.54 40.26 -14.01
C GLN J 1 -4.63 39.17 -13.46
N SER J 2 -4.45 39.20 -12.14
CA SER J 2 -3.58 38.27 -11.43
C SER J 2 -4.03 38.25 -9.98
N LEU J 3 -3.52 37.26 -9.25
CA LEU J 3 -3.78 37.13 -7.83
C LEU J 3 -2.45 36.87 -7.14
N GLU J 4 -2.38 37.22 -5.86
CA GLU J 4 -1.17 36.98 -5.11
C GLU J 4 -1.54 36.74 -3.66
N GLU J 5 -1.03 35.66 -3.08
CA GLU J 5 -1.30 35.33 -1.69
C GLU J 5 -0.24 35.96 -0.79
N SER J 6 -0.61 36.17 0.47
CA SER J 6 0.34 36.68 1.46
C SER J 6 -0.03 36.16 2.83
N GLY J 7 0.96 36.18 3.74
CA GLY J 7 0.72 35.79 5.11
C GLY J 7 1.22 34.44 5.53
N GLY J 8 1.77 33.64 4.61
CA GLY J 8 2.28 32.34 4.96
C GLY J 8 3.54 32.48 5.76
N ARG J 9 3.58 31.88 6.95
CA ARG J 9 4.71 32.05 7.85
C ARG J 9 4.74 30.85 8.80
N LEU J 10 5.70 30.88 9.72
CA LEU J 10 5.83 29.82 10.71
C LEU J 10 5.07 30.23 11.97
N VAL J 11 4.14 29.38 12.40
CA VAL J 11 3.42 29.58 13.64
C VAL J 11 3.48 28.25 14.42
N THR J 12 3.34 28.34 15.74
CA THR J 12 3.28 27.16 16.59
C THR J 12 1.92 26.48 16.43
N PRO J 13 1.79 25.18 16.78
CA PRO J 13 0.46 24.54 16.74
C PRO J 13 -0.53 25.18 17.70
N GLY J 14 -1.77 25.32 17.23
CA GLY J 14 -2.82 26.01 17.94
C GLY J 14 -2.94 27.49 17.62
N THR J 15 -1.97 28.07 16.94
CA THR J 15 -1.98 29.50 16.66
C THR J 15 -2.93 29.79 15.50
N PRO J 16 -3.85 30.74 15.65
CA PRO J 16 -4.68 31.13 14.49
C PRO J 16 -3.86 31.85 13.45
N LEU J 17 -4.17 31.58 12.19
CA LEU J 17 -3.44 32.12 11.06
C LEU J 17 -4.41 32.51 9.97
N THR J 18 -4.22 33.72 9.45
CA THR J 18 -5.06 34.30 8.41
C THR J 18 -4.19 34.58 7.20
N LEU J 19 -4.56 34.02 6.05
CA LEU J 19 -3.93 34.35 4.79
C LEU J 19 -4.83 35.30 4.01
N THR J 20 -4.23 36.03 3.09
CA THR J 20 -4.94 37.02 2.29
C THR J 20 -4.65 36.78 0.81
N CYS J 21 -5.70 36.65 0.00
CA CYS J 21 -5.58 36.62 -1.45
C CYS J 21 -5.89 38.01 -1.99
N THR J 22 -4.87 38.69 -2.50
CA THR J 22 -5.03 40.03 -3.04
C THR J 22 -5.22 39.91 -4.54
N VAL J 23 -6.38 40.32 -5.01
CA VAL J 23 -6.72 40.24 -6.43
C VAL J 23 -6.47 41.62 -7.03
N SER J 24 -5.96 41.65 -8.25
CA SER J 24 -5.59 42.89 -8.93
C SER J 24 -6.61 43.08 -10.03
N GLY J 25 -7.60 43.91 -9.72
CA GLY J 25 -8.67 44.18 -10.64
C GLY J 25 -9.79 44.89 -9.89
N PHE J 26 -10.68 45.46 -10.67
CA PHE J 26 -11.78 46.28 -10.19
C PHE J 26 -13.14 45.60 -10.36
N SER J 27 -13.17 44.26 -10.35
CA SER J 27 -14.43 43.52 -10.47
C SER J 27 -14.27 42.14 -9.83
N LEU J 28 -14.27 42.14 -8.50
CA LEU J 28 -14.32 40.93 -7.68
C LEU J 28 -15.77 40.56 -7.38
N SER J 29 -16.71 41.46 -7.67
CA SER J 29 -18.14 41.23 -7.54
C SER J 29 -18.72 40.42 -8.68
N THR J 30 -17.90 40.03 -9.64
CA THR J 30 -18.33 39.17 -10.74
C THR J 30 -17.81 37.75 -10.56
N TYR J 31 -16.66 37.58 -9.91
CA TYR J 31 -15.98 36.30 -9.85
C TYR J 31 -15.84 35.81 -8.40
N ASN J 32 -15.72 34.48 -8.24
CA ASN J 32 -15.54 33.81 -6.95
C ASN J 32 -14.06 33.52 -6.65
N ILE J 33 -13.75 33.22 -5.38
CA ILE J 33 -12.37 32.97 -4.95
C ILE J 33 -12.30 31.60 -4.27
N HIS J 34 -11.52 30.69 -4.86
CA HIS J 34 -11.26 29.36 -4.33
C HIS J 34 -10.01 29.35 -3.47
N TRP J 35 -9.90 28.36 -2.59
CA TRP J 35 -8.67 28.12 -1.83
C TRP J 35 -8.28 26.66 -1.96
N VAL J 36 -7.06 26.41 -2.40
CA VAL J 36 -6.54 25.05 -2.62
C VAL J 36 -5.17 24.99 -1.93
N ARG J 37 -4.92 23.91 -1.20
CA ARG J 37 -3.62 23.70 -0.59
C ARG J 37 -2.92 22.49 -1.16
N GLN J 38 -1.64 22.34 -0.82
CA GLN J 38 -0.84 21.26 -1.37
C GLN J 38 0.26 20.93 -0.38
N ALA J 39 0.19 19.72 0.19
CA ALA J 39 1.23 19.26 1.09
C ALA J 39 2.53 19.01 0.31
N PRO J 40 3.69 19.13 0.97
CA PRO J 40 4.97 18.90 0.28
C PRO J 40 5.12 17.47 -0.24
N GLY J 41 5.34 17.37 -1.54
CA GLY J 41 5.41 16.11 -2.24
C GLY J 41 4.08 15.44 -2.50
N LYS J 42 2.96 16.12 -2.22
CA LYS J 42 1.64 15.53 -2.35
C LYS J 42 0.81 16.33 -3.35
N GLY J 43 -0.44 15.87 -3.55
CA GLY J 43 -1.30 16.41 -4.58
C GLY J 43 -2.13 17.58 -4.12
N LEU J 44 -2.89 18.12 -5.07
CA LEU J 44 -3.74 19.27 -4.81
C LEU J 44 -4.95 18.84 -3.98
N GLU J 45 -5.41 19.77 -3.13
CA GLU J 45 -6.51 19.53 -2.19
C GLU J 45 -7.36 20.79 -2.07
N TRP J 46 -8.62 20.70 -2.44
CA TRP J 46 -9.55 21.83 -2.39
C TRP J 46 -9.99 22.12 -0.96
N ILE J 47 -10.03 23.41 -0.60
CA ILE J 47 -10.45 23.75 0.76
C ILE J 47 -11.86 24.32 0.74
N GLY J 48 -12.06 25.40 -0.02
CA GLY J 48 -13.37 26.03 0.01
C GLY J 48 -13.47 27.14 -1.01
N VAL J 49 -14.64 27.79 -1.02
CA VAL J 49 -14.93 28.85 -2.00
C VAL J 49 -15.88 29.87 -1.36
N ILE J 50 -15.66 31.15 -1.69
CA ILE J 50 -16.58 32.24 -1.35
C ILE J 50 -17.20 32.76 -2.64
N ASP J 51 -18.51 33.03 -2.60
CA ASP J 51 -19.17 33.52 -3.82
C ASP J 51 -19.19 35.04 -3.82
N THR J 52 -19.84 35.63 -4.83
CA THR J 52 -19.90 37.09 -4.90
C THR J 52 -20.82 37.66 -3.84
N GLY J 53 -21.86 36.90 -3.45
CA GLY J 53 -22.73 37.33 -2.38
C GLY J 53 -22.20 37.09 -0.99
N GLY J 54 -21.13 36.32 -0.83
CA GLY J 54 -20.52 36.05 0.46
C GLY J 54 -20.80 34.69 1.06
N GLY J 55 -21.58 33.84 0.38
CA GLY J 55 -21.86 32.51 0.89
C GLY J 55 -20.66 31.60 0.69
N THR J 56 -20.24 30.94 1.76
CA THR J 56 -19.04 30.12 1.72
C THR J 56 -19.42 28.64 1.81
N TYR J 57 -18.73 27.83 0.99
CA TYR J 57 -18.88 26.37 0.96
C TYR J 57 -17.49 25.77 1.02
N PHE J 58 -17.33 24.67 1.78
CA PHE J 58 -16.02 24.12 2.09
C PHE J 58 -15.95 22.63 1.76
N ALA J 59 -14.78 22.04 2.01
CA ALA J 59 -14.56 20.62 1.79
C ALA J 59 -15.15 19.80 2.92
N SER J 60 -15.16 18.47 2.74
CA SER J 60 -15.76 17.59 3.75
C SER J 60 -14.92 17.51 5.02
N TRP J 61 -13.60 17.57 4.88
CA TRP J 61 -12.67 17.45 5.99
C TRP J 61 -12.42 18.74 6.75
N ALA J 62 -13.01 19.85 6.30
CA ALA J 62 -12.71 21.16 6.90
C ALA J 62 -13.24 21.27 8.31
N LYS J 63 -14.51 20.89 8.52
CA LYS J 63 -15.16 20.78 9.83
C LYS J 63 -15.21 22.10 10.58
N GLY J 64 -15.38 23.20 9.83
CA GLY J 64 -15.49 24.51 10.43
C GLY J 64 -14.19 25.15 10.87
N ARG J 65 -13.05 24.55 10.54
CA ARG J 65 -11.75 25.12 10.87
C ARG J 65 -11.36 26.26 9.94
N PHE J 66 -12.02 26.38 8.79
CA PHE J 66 -11.67 27.38 7.80
C PHE J 66 -12.86 28.30 7.57
N ALA J 67 -12.57 29.58 7.37
CA ALA J 67 -13.58 30.58 7.09
C ALA J 67 -13.01 31.57 6.08
N ILE J 68 -13.83 31.96 5.12
CA ILE J 68 -13.41 32.89 4.06
C ILE J 68 -14.26 34.15 4.13
N SER J 69 -13.62 35.31 4.02
CA SER J 69 -14.29 36.60 4.09
C SER J 69 -13.65 37.60 3.15
N LYS J 70 -14.49 38.39 2.50
CA LYS J 70 -14.06 39.52 1.69
C LYS J 70 -13.94 40.75 2.60
N THR J 71 -12.71 41.24 2.80
CA THR J 71 -12.46 42.34 3.73
C THR J 71 -12.41 43.70 3.05
N SER J 72 -11.92 43.78 1.82
CA SER J 72 -11.97 45.00 1.03
C SER J 72 -12.33 44.61 -0.41
N SER J 73 -12.32 45.58 -1.32
CA SER J 73 -12.66 45.31 -2.72
C SER J 73 -11.58 44.54 -3.45
N THR J 74 -10.38 44.48 -2.89
CA THR J 74 -9.24 43.82 -3.52
C THR J 74 -8.68 42.67 -2.70
N THR J 75 -9.19 42.42 -1.49
CA THR J 75 -8.64 41.40 -0.59
C THR J 75 -9.72 40.42 -0.12
N VAL J 76 -9.35 39.13 -0.10
CA VAL J 76 -10.19 38.03 0.38
C VAL J 76 -9.35 37.24 1.36
N ASP J 77 -9.83 37.10 2.60
CA ASP J 77 -9.08 36.48 3.67
C ASP J 77 -9.53 35.05 3.89
N LEU J 78 -8.59 34.19 4.30
CA LEU J 78 -8.84 32.81 4.73
C LEU J 78 -8.31 32.64 6.15
N LYS J 79 -9.20 32.44 7.11
CA LYS J 79 -8.80 32.29 8.51
C LYS J 79 -8.78 30.81 8.86
N MET J 80 -7.67 30.35 9.42
CA MET J 80 -7.47 28.94 9.72
C MET J 80 -7.29 28.75 11.22
N THR J 81 -8.05 27.84 11.80
CA THR J 81 -7.92 27.54 13.21
C THR J 81 -7.64 26.05 13.40
N SER J 82 -7.17 25.71 14.61
CA SER J 82 -6.84 24.35 15.04
C SER J 82 -5.80 23.70 14.12
N LEU J 83 -4.77 24.47 13.78
CA LEU J 83 -3.75 24.04 12.86
C LEU J 83 -2.74 23.13 13.56
N THR J 84 -2.46 21.99 12.93
CA THR J 84 -1.42 21.05 13.36
C THR J 84 -0.41 20.92 12.23
N ALA J 85 0.57 20.02 12.41
CA ALA J 85 1.64 19.84 11.43
C ALA J 85 1.15 19.26 10.11
N ALA J 86 -0.03 18.63 10.08
CA ALA J 86 -0.60 18.14 8.83
C ALA J 86 -1.11 19.27 7.93
N ASP J 87 -1.23 20.49 8.43
CA ASP J 87 -1.62 21.65 7.65
C ASP J 87 -0.43 22.40 7.07
N THR J 88 0.78 21.87 7.23
CA THR J 88 1.95 22.45 6.57
C THR J 88 1.85 22.20 5.08
N ALA J 89 1.63 23.26 4.31
CA ALA J 89 1.31 23.16 2.89
C ALA J 89 1.55 24.50 2.21
N THR J 90 1.55 24.46 0.89
CA THR J 90 1.54 25.66 0.06
C THR J 90 0.09 25.97 -0.30
N TYR J 91 -0.34 27.19 -0.01
CA TYR J 91 -1.75 27.56 -0.11
C TYR J 91 -1.97 28.45 -1.33
N PHE J 92 -2.87 28.01 -2.20
CA PHE J 92 -3.19 28.76 -3.40
C PHE J 92 -4.60 29.34 -3.28
N CYS J 93 -4.77 30.50 -3.90
CA CYS J 93 -6.09 31.06 -4.19
C CYS J 93 -6.24 31.17 -5.70
N ALA J 94 -7.49 31.17 -6.17
CA ALA J 94 -7.75 31.27 -7.59
C ALA J 94 -9.07 32.01 -7.81
N LYS J 95 -9.10 32.85 -8.86
CA LYS J 95 -10.30 33.58 -9.27
C LYS J 95 -11.24 32.68 -10.08
N GLY J 96 -12.42 32.42 -9.53
CA GLY J 96 -13.38 31.50 -10.12
C GLY J 96 -14.53 32.19 -10.83
N PHE J 97 -14.92 31.65 -11.98
CA PHE J 97 -16.09 32.13 -12.70
C PHE J 97 -17.38 31.64 -12.05
N ASP J 98 -17.42 30.36 -11.66
CA ASP J 98 -18.55 29.76 -10.96
C ASP J 98 -18.00 29.04 -9.74
N TYR J 99 -18.80 28.12 -9.18
CA TYR J 99 -18.45 27.34 -8.01
C TYR J 99 -17.50 26.20 -8.31
N SER J 100 -17.30 25.87 -9.57
CA SER J 100 -16.30 24.90 -9.96
C SER J 100 -14.92 25.52 -9.81
N ALA J 101 -13.95 24.70 -9.40
CA ALA J 101 -12.56 25.14 -9.26
C ALA J 101 -11.79 24.89 -10.54
N SER J 102 -12.40 25.27 -11.67
CA SER J 102 -11.81 25.12 -13.00
C SER J 102 -11.51 26.52 -13.52
N THR J 103 -10.25 26.94 -13.40
CA THR J 103 -9.88 28.31 -13.76
C THR J 103 -8.41 28.35 -14.14
N ASN J 104 -8.08 29.35 -14.96
CA ASN J 104 -6.74 29.54 -15.48
C ASN J 104 -5.98 30.64 -14.77
N LEU J 105 -6.54 31.19 -13.70
CA LEU J 105 -5.97 32.34 -13.02
C LEU J 105 -5.73 31.96 -11.56
N TRP J 106 -4.47 31.66 -11.22
CA TRP J 106 -4.09 31.22 -9.88
C TRP J 106 -2.97 32.10 -9.35
N GLY J 107 -2.93 32.24 -8.03
CA GLY J 107 -1.82 32.91 -7.38
C GLY J 107 -0.62 31.99 -7.33
N PRO J 108 0.56 32.56 -7.09
CA PRO J 108 1.79 31.74 -7.05
C PRO J 108 1.88 30.83 -5.82
N GLY J 109 1.12 31.12 -4.76
CA GLY J 109 1.11 30.31 -3.56
C GLY J 109 1.95 30.82 -2.43
N THR J 110 1.46 30.67 -1.21
CA THR J 110 2.21 31.05 -0.03
C THR J 110 2.38 29.82 0.86
N LEU J 111 3.52 29.75 1.54
CA LEU J 111 3.95 28.53 2.22
C LEU J 111 3.67 28.67 3.70
N VAL J 112 2.86 27.77 4.24
CA VAL J 112 2.49 27.79 5.65
C VAL J 112 3.16 26.60 6.33
N THR J 113 3.87 26.87 7.43
CA THR J 113 4.56 25.85 8.22
C THR J 113 3.99 25.89 9.64
N ILE J 114 3.56 24.74 10.14
CA ILE J 114 3.05 24.59 11.51
C ILE J 114 4.02 23.71 12.28
N SER J 115 4.84 24.30 13.16
CA SER J 115 5.84 23.51 13.88
C SER J 115 6.20 24.22 15.18
N SER J 116 6.88 23.49 16.07
CA SER J 116 7.37 24.07 17.33
C SER J 116 8.86 24.38 17.28
N ALA J 117 9.44 24.44 16.10
CA ALA J 117 10.84 24.79 15.98
C ALA J 117 11.00 26.29 15.83
N SER J 118 12.24 26.74 15.98
CA SER J 118 12.63 28.14 15.94
C SER J 118 12.96 28.57 14.51
N THR J 119 12.64 29.84 14.20
CA THR J 119 13.06 30.43 12.93
C THR J 119 14.57 30.58 12.90
N GLN J 120 15.26 29.80 12.06
CA GLN J 120 16.71 29.80 11.98
C GLN J 120 17.18 30.21 10.59
N SER J 121 18.21 31.07 10.54
CA SER J 121 18.78 31.55 9.28
C SER J 121 19.76 30.52 8.72
N PRO J 122 19.90 30.43 7.39
CA PRO J 122 20.78 29.41 6.80
C PRO J 122 22.24 29.74 6.99
N SER J 123 23.04 28.70 7.22
CA SER J 123 24.48 28.81 7.20
C SER J 123 24.98 28.42 5.81
N VAL J 124 25.73 29.31 5.17
CA VAL J 124 26.12 29.15 3.78
C VAL J 124 27.57 28.71 3.74
N PHE J 125 27.83 27.59 3.05
CA PHE J 125 29.17 27.05 2.95
C PHE J 125 29.49 26.76 1.50
N PRO J 126 30.71 27.05 1.05
CA PRO J 126 31.07 26.77 -0.34
C PRO J 126 31.29 25.29 -0.57
N LEU J 127 30.97 24.87 -1.79
CA LEU J 127 31.15 23.50 -2.25
C LEU J 127 32.15 23.52 -3.40
N THR J 128 33.39 23.16 -3.12
CA THR J 128 34.41 23.04 -4.15
C THR J 128 35.02 21.64 -4.06
N ARG J 129 35.45 21.11 -5.20
CA ARG J 129 36.16 19.84 -5.19
C ARG J 129 37.58 20.02 -4.67
N CYS J 130 38.23 18.89 -4.36
CA CYS J 130 39.65 18.92 -4.03
C CYS J 130 40.48 19.31 -5.24
N CYS J 131 41.40 20.25 -5.04
CA CYS J 131 42.21 20.75 -6.14
C CYS J 131 43.20 19.70 -6.65
N LYS J 132 43.54 18.70 -5.84
CA LYS J 132 44.36 17.58 -6.30
C LYS J 132 43.61 16.68 -7.28
N ASN J 133 42.30 16.53 -7.13
CA ASN J 133 41.47 15.72 -8.02
C ASN J 133 40.89 16.52 -9.18
N ILE J 134 41.11 17.83 -9.22
CA ILE J 134 40.68 18.65 -10.35
C ILE J 134 41.77 18.63 -11.41
N PRO J 135 41.44 18.31 -12.66
CA PRO J 135 42.46 18.32 -13.72
C PRO J 135 42.91 19.73 -14.08
N SER J 136 44.19 19.85 -14.45
CA SER J 136 44.75 21.13 -14.86
C SER J 136 44.27 21.56 -16.25
N ASN J 137 43.88 20.61 -17.11
CA ASN J 137 43.38 20.92 -18.44
C ASN J 137 41.86 20.95 -18.49
N ALA J 138 41.21 21.26 -17.37
CA ALA J 138 39.76 21.30 -17.30
C ALA J 138 39.27 22.64 -17.84
N THR J 139 38.48 22.58 -18.91
CA THR J 139 37.91 23.79 -19.48
C THR J 139 36.70 24.27 -18.68
N SER J 140 36.00 23.36 -18.00
CA SER J 140 34.85 23.71 -17.19
C SER J 140 34.97 23.09 -15.80
N VAL J 141 34.25 23.68 -14.85
CA VAL J 141 34.27 23.23 -13.46
C VAL J 141 32.86 23.36 -12.88
N THR J 142 32.56 22.48 -11.92
CA THR J 142 31.28 22.50 -11.21
C THR J 142 31.54 22.84 -9.75
N LEU J 143 30.94 23.93 -9.28
CA LEU J 143 31.08 24.37 -7.90
C LEU J 143 29.68 24.60 -7.33
N GLY J 144 29.62 24.99 -6.06
CA GLY J 144 28.30 25.13 -5.47
C GLY J 144 28.30 25.84 -4.12
N CYS J 145 27.09 25.99 -3.60
CA CYS J 145 26.82 26.55 -2.29
C CYS J 145 25.86 25.65 -1.54
N LEU J 146 26.19 25.38 -0.28
CA LEU J 146 25.33 24.59 0.60
C LEU J 146 24.70 25.56 1.60
N ALA J 147 23.40 25.75 1.52
CA ALA J 147 22.65 26.51 2.51
C ALA J 147 21.93 25.51 3.40
N THR J 148 22.38 25.41 4.65
CA THR J 148 21.90 24.34 5.52
C THR J 148 21.47 24.92 6.86
N GLY J 149 20.61 24.16 7.55
CA GLY J 149 20.23 24.49 8.91
C GLY J 149 19.19 25.56 9.08
N TYR J 150 18.40 25.85 8.04
CA TYR J 150 17.41 26.91 8.08
C TYR J 150 16.01 26.37 8.30
N PHE J 151 15.13 27.25 8.79
CA PHE J 151 13.72 26.94 9.02
C PHE J 151 12.92 28.24 9.07
N PRO J 152 11.79 28.32 8.38
CA PRO J 152 11.24 27.34 7.43
C PRO J 152 11.65 27.59 5.98
N GLU J 153 10.94 26.92 5.08
CA GLU J 153 11.12 27.14 3.66
C GLU J 153 10.53 28.50 3.28
N PRO J 154 11.01 29.16 2.19
CA PRO J 154 12.10 28.79 1.27
C PRO J 154 13.34 29.67 1.33
N VAL J 155 14.40 29.26 0.62
CA VAL J 155 15.53 30.13 0.35
C VAL J 155 15.62 30.32 -1.16
N MET J 156 16.27 31.41 -1.55
CA MET J 156 16.50 31.79 -2.94
C MET J 156 17.98 32.01 -3.12
N VAL J 157 18.61 31.19 -3.98
CA VAL J 157 20.03 31.29 -4.29
C VAL J 157 20.19 31.82 -5.70
N THR J 158 20.88 32.95 -5.83
CA THR J 158 21.29 33.50 -7.12
C THR J 158 22.82 33.49 -7.18
N TRP J 159 23.37 33.61 -8.38
CA TRP J 159 24.81 33.49 -8.58
C TRP J 159 25.38 34.69 -9.33
N ASP J 160 26.54 35.17 -8.86
CA ASP J 160 27.36 36.14 -9.57
C ASP J 160 28.54 35.41 -10.18
N THR J 161 28.63 35.43 -11.52
CA THR J 161 29.66 34.70 -12.24
C THR J 161 30.72 35.61 -12.85
N GLY J 162 30.63 36.92 -12.62
CA GLY J 162 31.55 37.86 -13.22
C GLY J 162 31.35 37.99 -14.72
N SER J 163 32.42 37.75 -15.49
CA SER J 163 32.38 37.83 -16.94
C SER J 163 32.09 36.49 -17.60
N LEU J 164 32.09 35.39 -16.85
CA LEU J 164 31.88 34.07 -17.40
C LEU J 164 30.40 33.76 -17.47
N ASN J 165 30.01 32.96 -18.46
CA ASN J 165 28.64 32.47 -18.57
C ASN J 165 28.52 31.10 -17.90
N GLY J 166 27.48 30.95 -17.08
CA GLY J 166 27.30 29.72 -16.34
C GLY J 166 25.84 29.33 -16.25
N THR J 167 25.63 28.03 -16.02
CA THR J 167 24.32 27.44 -15.83
C THR J 167 24.15 27.06 -14.37
N THR J 168 23.03 27.45 -13.77
CA THR J 168 22.75 27.21 -12.35
C THR J 168 21.71 26.11 -12.19
N MET J 169 21.79 25.39 -11.06
CA MET J 169 20.84 24.32 -10.76
C MET J 169 20.69 24.21 -9.26
N THR J 170 19.45 24.34 -8.77
CA THR J 170 19.16 24.24 -7.35
C THR J 170 18.31 23.01 -7.10
N LEU J 171 18.81 22.11 -6.24
CA LEU J 171 18.10 20.90 -5.88
C LEU J 171 17.02 21.23 -4.84
N PRO J 172 15.99 20.39 -4.71
CA PRO J 172 15.00 20.61 -3.66
C PRO J 172 15.57 20.43 -2.26
N ALA J 173 14.92 21.10 -1.30
CA ALA J 173 15.40 21.10 0.07
C ALA J 173 15.13 19.76 0.75
N THR J 174 16.06 19.33 1.58
CA THR J 174 15.89 18.13 2.38
C THR J 174 15.73 18.52 3.84
N THR J 175 14.80 17.86 4.52
CA THR J 175 14.58 18.06 5.93
C THR J 175 15.60 17.24 6.72
N LEU J 176 16.42 17.93 7.50
CA LEU J 176 17.40 17.26 8.34
C LEU J 176 16.69 16.46 9.42
N THR J 177 17.13 15.22 9.60
CA THR J 177 16.39 14.27 10.43
C THR J 177 16.53 14.58 11.91
N LEU J 178 17.66 15.13 12.34
CA LEU J 178 17.84 15.32 13.77
C LEU J 178 17.16 16.60 14.26
N SER J 179 17.26 17.69 13.49
CA SER J 179 16.75 18.99 13.95
C SER J 179 15.42 19.39 13.33
N GLY J 180 15.05 18.80 12.19
CA GLY J 180 13.87 19.20 11.46
C GLY J 180 14.07 20.38 10.54
N HIS J 181 15.24 21.00 10.54
CA HIS J 181 15.52 22.14 9.68
C HIS J 181 15.82 21.68 8.27
N TYR J 182 15.88 22.64 7.37
CA TYR J 182 16.07 22.35 5.96
C TYR J 182 17.51 22.60 5.53
N ALA J 183 17.86 22.01 4.39
CA ALA J 183 19.15 22.19 3.76
C ALA J 183 18.96 22.04 2.25
N THR J 184 19.61 22.90 1.47
CA THR J 184 19.50 22.88 0.02
C THR J 184 20.89 23.04 -0.61
N ILE J 185 21.02 22.62 -1.85
CA ILE J 185 22.28 22.70 -2.59
C ILE J 185 22.02 23.38 -3.93
N SER J 186 22.69 24.51 -4.14
CA SER J 186 22.69 25.21 -5.42
C SER J 186 24.07 25.08 -6.04
N LEU J 187 24.11 24.71 -7.32
CA LEU J 187 25.34 24.41 -8.04
C LEU J 187 25.46 25.29 -9.26
N LEU J 188 26.70 25.60 -9.61
CA LEU J 188 27.01 26.46 -10.76
C LEU J 188 28.04 25.74 -11.61
N THR J 189 27.78 25.66 -12.91
CA THR J 189 28.72 25.06 -13.87
C THR J 189 29.16 26.13 -14.85
N VAL J 190 30.43 26.53 -14.76
CA VAL J 190 30.98 27.57 -15.61
C VAL J 190 32.06 26.99 -16.50
N SER J 191 32.28 27.65 -17.63
CA SER J 191 33.34 27.30 -18.57
C SER J 191 34.18 28.53 -18.89
N GLY J 192 35.43 28.28 -19.28
CA GLY J 192 36.34 29.34 -19.64
C GLY J 192 37.49 29.54 -18.66
N ALA J 193 37.75 30.79 -18.30
CA ALA J 193 38.85 31.12 -17.39
C ALA J 193 38.36 31.13 -15.93
N TRP J 194 37.95 29.94 -15.47
CA TRP J 194 37.41 29.78 -14.13
C TRP J 194 38.48 29.70 -13.04
N ALA J 195 39.76 29.58 -13.42
CA ALA J 195 40.83 29.37 -12.44
C ALA J 195 41.13 30.63 -11.63
N LYS J 196 40.99 31.80 -12.25
CA LYS J 196 41.30 33.07 -11.59
C LYS J 196 40.04 33.85 -11.24
N GLN J 197 38.86 33.28 -11.45
CA GLN J 197 37.59 33.99 -11.26
C GLN J 197 37.05 33.79 -9.84
N MET J 198 36.56 34.89 -9.26
CA MET J 198 35.86 34.87 -7.99
C MET J 198 34.36 34.72 -8.22
N PHE J 199 33.74 33.82 -7.47
CA PHE J 199 32.34 33.50 -7.61
C PHE J 199 31.60 33.83 -6.31
N THR J 200 30.38 34.34 -6.45
CA THR J 200 29.56 34.72 -5.30
C THR J 200 28.18 34.11 -5.44
N CYS J 201 27.73 33.36 -4.44
CA CYS J 201 26.32 32.98 -4.40
C CYS J 201 25.62 33.86 -3.37
N ARG J 202 24.40 34.27 -3.69
CA ARG J 202 23.62 35.18 -2.85
C ARG J 202 22.40 34.42 -2.35
N VAL J 203 22.42 34.05 -1.06
CA VAL J 203 21.36 33.26 -0.44
C VAL J 203 20.45 34.20 0.35
N ALA J 204 19.19 34.30 -0.07
CA ALA J 204 18.20 35.11 0.61
C ALA J 204 17.20 34.22 1.33
N HIS J 205 16.81 34.62 2.54
CA HIS J 205 15.89 33.84 3.35
C HIS J 205 14.84 34.79 3.91
N THR J 206 13.77 35.00 3.14
CA THR J 206 12.66 35.87 3.52
C THR J 206 11.86 35.48 4.78
N PRO J 207 11.80 34.23 5.27
CA PRO J 207 11.22 34.05 6.62
C PRO J 207 12.05 34.68 7.73
N SER J 208 13.36 34.84 7.55
CA SER J 208 14.16 35.50 8.58
C SER J 208 13.90 37.00 8.57
N SER J 209 14.11 37.62 7.42
CA SER J 209 13.88 39.04 7.23
C SER J 209 13.71 39.25 5.74
N THR J 210 13.02 40.32 5.38
CA THR J 210 12.84 40.62 3.96
C THR J 210 14.14 41.03 3.28
N ASP J 211 15.10 41.53 4.06
CA ASP J 211 16.41 41.93 3.54
C ASP J 211 17.55 41.06 4.05
N TRP J 212 17.26 39.84 4.53
CA TRP J 212 18.32 38.92 4.95
C TRP J 212 18.99 38.34 3.71
N VAL J 213 20.27 38.67 3.53
CA VAL J 213 21.06 38.21 2.40
C VAL J 213 22.43 37.81 2.93
N ASP J 214 22.87 36.59 2.58
CA ASP J 214 24.22 36.13 2.88
C ASP J 214 24.98 35.99 1.57
N ASN J 215 26.10 36.69 1.45
CA ASN J 215 26.92 36.65 0.24
C ASN J 215 28.20 35.89 0.54
N LYS J 216 28.38 34.75 -0.11
CA LYS J 216 29.56 33.91 0.04
C LYS J 216 30.40 34.06 -1.22
N THR J 217 31.50 34.81 -1.12
CA THR J 217 32.41 35.04 -2.24
C THR J 217 33.63 34.15 -2.08
N PHE J 218 33.93 33.36 -3.10
CA PHE J 218 35.02 32.38 -3.04
C PHE J 218 35.45 31.99 -4.44
N SER J 219 36.63 31.37 -4.51
CA SER J 219 37.18 30.81 -5.74
C SER J 219 37.19 29.30 -5.66
N VAL J 220 37.48 28.68 -6.81
CA VAL J 220 37.48 27.21 -6.89
C VAL J 220 38.70 26.63 -6.17
N CYS J 221 39.88 27.20 -6.39
CA CYS J 221 41.10 26.67 -5.81
C CYS J 221 41.81 27.77 -5.02
N SER J 222 42.13 27.48 -3.76
CA SER J 222 42.82 28.40 -2.87
C SER J 222 44.34 28.33 -3.05
N ARG J 223 44.79 28.65 -4.27
CA ARG J 223 46.23 28.73 -4.55
C ARG J 223 46.83 30.04 -4.06
N GLU K 1 -16.75 11.42 1.58
CA GLU K 1 -17.44 10.19 1.19
C GLU K 1 -17.15 9.84 -0.26
N LEU K 2 -17.39 10.78 -1.17
CA LEU K 2 -17.22 10.51 -2.59
C LEU K 2 -15.76 10.53 -3.02
N ASP K 3 -15.44 9.73 -4.04
CA ASP K 3 -14.07 9.50 -4.47
C ASP K 3 -13.85 10.02 -5.88
N MET K 4 -12.65 10.51 -6.13
CA MET K 4 -12.19 10.82 -7.49
C MET K 4 -10.90 10.03 -7.72
N THR K 5 -10.97 9.02 -8.59
CA THR K 5 -9.90 8.03 -8.75
C THR K 5 -9.15 8.27 -10.05
N GLN K 6 -7.89 8.69 -9.94
CA GLN K 6 -7.07 9.01 -11.11
C GLN K 6 -6.05 7.89 -11.31
N THR K 7 -6.08 7.26 -12.49
CA THR K 7 -5.19 6.17 -12.84
C THR K 7 -4.57 6.42 -14.21
N PRO K 8 -3.29 6.08 -14.42
CA PRO K 8 -2.30 5.55 -13.45
C PRO K 8 -1.64 6.67 -12.66
N SER K 9 -0.89 6.37 -11.61
CA SER K 9 -0.18 7.41 -10.87
C SER K 9 1.07 7.88 -11.58
N SER K 10 1.64 7.04 -12.45
CA SER K 10 2.85 7.37 -13.19
C SER K 10 2.74 6.70 -14.56
N VAL K 11 3.27 7.37 -15.59
CA VAL K 11 3.26 6.84 -16.95
C VAL K 11 4.47 7.40 -17.69
N SER K 12 5.06 6.58 -18.56
CA SER K 12 6.22 6.93 -19.36
C SER K 12 5.96 6.67 -20.84
N ALA K 13 6.36 7.62 -21.68
CA ALA K 13 6.21 7.54 -23.13
C ALA K 13 7.25 8.47 -23.77
N PRO K 14 7.78 8.13 -24.94
CA PRO K 14 8.84 8.94 -25.55
C PRO K 14 8.31 10.21 -26.21
N VAL K 15 9.24 11.01 -26.75
CA VAL K 15 8.90 12.22 -27.48
C VAL K 15 8.18 11.83 -28.76
N GLY K 16 6.98 12.37 -28.96
CA GLY K 16 6.14 11.99 -30.06
C GLY K 16 5.12 10.92 -29.72
N GLY K 17 5.22 10.31 -28.54
CA GLY K 17 4.29 9.27 -28.15
C GLY K 17 3.02 9.85 -27.56
N SER K 18 2.29 8.98 -26.87
CA SER K 18 0.98 9.32 -26.36
C SER K 18 0.83 8.73 -24.96
N VAL K 19 0.07 9.43 -24.11
CA VAL K 19 -0.31 8.93 -22.80
C VAL K 19 -1.81 9.16 -22.62
N THR K 20 -2.47 8.25 -21.90
CA THR K 20 -3.88 8.39 -21.58
C THR K 20 -4.05 8.33 -20.07
N ILE K 21 -4.67 9.36 -19.51
CA ILE K 21 -4.87 9.49 -18.07
C ILE K 21 -6.37 9.47 -17.82
N ASN K 22 -6.82 8.56 -16.96
CA ASN K 22 -8.24 8.35 -16.71
C ASN K 22 -8.63 8.82 -15.32
N CYS K 23 -9.83 9.38 -15.20
CA CYS K 23 -10.41 9.75 -13.91
C CYS K 23 -11.78 9.11 -13.78
N GLN K 24 -11.98 8.38 -12.69
CA GLN K 24 -13.22 7.68 -12.42
C GLN K 24 -13.80 8.22 -11.12
N SER K 25 -15.04 8.69 -11.18
CA SER K 25 -15.71 9.25 -10.01
C SER K 25 -16.73 8.27 -9.45
N SER K 26 -16.90 8.30 -8.13
CA SER K 26 -17.90 7.43 -7.49
C SER K 26 -19.32 7.92 -7.70
N GLN K 27 -19.51 9.21 -7.98
CA GLN K 27 -20.80 9.82 -8.26
C GLN K 27 -20.63 10.71 -9.48
N SER K 28 -21.67 10.79 -10.31
CA SER K 28 -21.65 11.62 -11.52
C SER K 28 -21.43 13.08 -11.17
N VAL K 29 -20.61 13.75 -11.98
CA VAL K 29 -20.29 15.16 -11.73
C VAL K 29 -21.48 16.04 -12.07
N TYR K 30 -21.38 17.33 -11.74
CA TYR K 30 -22.45 18.29 -11.99
C TYR K 30 -22.65 18.47 -13.50
N GLY K 31 -23.88 18.24 -13.95
CA GLY K 31 -24.24 18.34 -15.36
C GLY K 31 -23.60 17.31 -16.27
N ASN K 32 -23.02 16.25 -15.69
CA ASN K 32 -22.33 15.10 -16.29
C ASN K 32 -21.06 15.47 -17.03
N ASN K 33 -20.61 16.73 -16.97
CA ASN K 33 -19.41 17.11 -17.71
C ASN K 33 -18.56 18.17 -17.03
N TYR K 34 -18.89 18.61 -15.81
CA TYR K 34 -18.07 19.59 -15.12
C TYR K 34 -16.81 18.88 -14.62
N LEU K 35 -15.83 18.76 -15.51
CA LEU K 35 -14.59 18.06 -15.21
C LEU K 35 -13.44 18.82 -15.86
N ALA K 36 -12.42 19.12 -15.07
CA ALA K 36 -11.29 19.89 -15.60
C ALA K 36 -10.03 19.04 -15.56
N TRP K 37 -9.00 19.52 -16.27
CA TRP K 37 -7.67 18.91 -16.22
C TRP K 37 -6.61 19.99 -16.06
N TYR K 38 -5.66 19.74 -15.17
CA TYR K 38 -4.61 20.68 -14.82
C TYR K 38 -3.23 20.10 -15.09
N GLN K 39 -2.28 20.99 -15.37
CA GLN K 39 -0.88 20.62 -15.49
C GLN K 39 -0.05 21.38 -14.48
N GLN K 40 0.74 20.68 -13.69
CA GLN K 40 1.54 21.33 -12.66
C GLN K 40 2.98 20.86 -12.75
N LYS K 41 3.89 21.82 -12.68
CA LYS K 41 5.31 21.57 -12.53
C LYS K 41 5.75 22.03 -11.16
N ALA K 42 7.03 21.81 -10.88
CA ALA K 42 7.57 22.06 -9.54
C ALA K 42 7.64 23.56 -9.28
N GLY K 43 7.10 23.97 -8.14
CA GLY K 43 7.16 25.35 -7.72
C GLY K 43 6.18 26.27 -8.41
N GLN K 44 5.26 25.74 -9.19
CA GLN K 44 4.36 26.58 -9.92
C GLN K 44 2.92 26.24 -9.56
N PRO K 45 1.99 27.18 -9.69
CA PRO K 45 0.58 26.84 -9.59
C PRO K 45 0.16 26.01 -10.79
N PRO K 46 -0.90 25.21 -10.68
CA PRO K 46 -1.32 24.38 -11.81
C PRO K 46 -1.87 25.21 -12.96
N LYS K 47 -1.70 24.71 -14.16
CA LYS K 47 -2.14 25.40 -15.36
C LYS K 47 -3.33 24.65 -15.94
N LEU K 48 -4.41 25.38 -16.21
CA LEU K 48 -5.61 24.77 -16.78
C LEU K 48 -5.40 24.41 -18.25
N LEU K 49 -5.77 23.18 -18.60
CA LEU K 49 -5.71 22.69 -19.98
C LEU K 49 -7.09 22.43 -20.57
N ILE K 50 -7.96 21.74 -19.83
CA ILE K 50 -9.27 21.31 -20.29
C ILE K 50 -10.31 21.77 -19.25
N TYR K 51 -11.44 22.32 -19.71
CA TYR K 51 -12.59 22.50 -18.83
C TYR K 51 -13.85 22.01 -19.55
N ARG K 52 -14.90 21.75 -18.75
CA ARG K 52 -16.15 21.11 -19.20
C ARG K 52 -15.87 19.82 -19.97
N ALA K 53 -14.97 19.00 -19.42
CA ALA K 53 -14.55 17.68 -19.90
C ALA K 53 -13.85 17.63 -21.24
N SER K 54 -14.07 18.59 -22.14
CA SER K 54 -13.52 18.49 -23.48
C SER K 54 -13.13 19.82 -24.10
N THR K 55 -13.58 20.94 -23.53
CA THR K 55 -13.27 22.24 -24.11
C THR K 55 -11.86 22.63 -23.70
N LEU K 56 -11.05 22.99 -24.68
CA LEU K 56 -9.67 23.34 -24.48
C LEU K 56 -9.58 24.75 -23.88
N ALA K 57 -8.71 24.93 -22.90
CA ALA K 57 -8.50 26.25 -22.29
C ALA K 57 -7.68 27.16 -23.20
N SER K 58 -7.77 28.48 -22.92
CA SER K 58 -7.05 29.50 -23.67
C SER K 58 -5.55 29.39 -23.42
N GLY K 59 -4.78 29.24 -24.49
CA GLY K 59 -3.35 29.09 -24.41
C GLY K 59 -2.86 27.66 -24.40
N ALA K 60 -3.74 26.71 -24.13
CA ALA K 60 -3.39 25.30 -24.10
C ALA K 60 -3.26 24.76 -25.54
N PRO K 61 -2.28 23.89 -25.80
CA PRO K 61 -2.12 23.36 -27.16
C PRO K 61 -3.20 22.35 -27.51
N SER K 62 -3.37 22.15 -28.82
CA SER K 62 -4.40 21.28 -29.37
C SER K 62 -4.11 19.80 -29.17
N ARG K 63 -2.88 19.45 -28.80
CA ARG K 63 -2.48 18.07 -28.61
C ARG K 63 -3.03 17.48 -27.31
N PHE K 64 -3.59 18.32 -26.44
CA PHE K 64 -4.28 17.87 -25.24
C PHE K 64 -5.75 17.67 -25.59
N LYS K 65 -6.23 16.43 -25.48
CA LYS K 65 -7.59 16.07 -25.84
C LYS K 65 -8.28 15.40 -24.66
N GLY K 66 -9.33 16.05 -24.16
CA GLY K 66 -10.12 15.49 -23.08
C GLY K 66 -11.45 14.96 -23.57
N SER K 67 -11.93 13.94 -22.88
CA SER K 67 -13.18 13.30 -23.27
C SER K 67 -13.78 12.65 -22.04
N GLY K 68 -15.06 12.33 -22.16
CA GLY K 68 -15.77 11.59 -21.13
C GLY K 68 -17.05 12.29 -20.73
N SER K 69 -17.83 11.58 -19.92
CA SER K 69 -19.13 12.07 -19.48
C SER K 69 -19.51 11.32 -18.21
N GLY K 70 -20.19 12.01 -17.30
CA GLY K 70 -20.71 11.35 -16.11
C GLY K 70 -19.68 10.97 -15.07
N THR K 71 -19.22 9.71 -15.09
CA THR K 71 -18.27 9.24 -14.10
C THR K 71 -16.93 8.83 -14.69
N GLN K 72 -16.82 8.67 -16.00
CA GLN K 72 -15.60 8.15 -16.63
C GLN K 72 -15.05 9.21 -17.57
N PHE K 73 -13.81 9.66 -17.32
CA PHE K 73 -13.19 10.74 -18.08
C PHE K 73 -11.77 10.37 -18.45
N THR K 74 -11.28 10.92 -19.56
CA THR K 74 -9.97 10.57 -20.10
C THR K 74 -9.26 11.78 -20.68
N LEU K 75 -8.00 11.99 -20.26
CA LEU K 75 -7.12 12.97 -20.88
C LEU K 75 -6.10 12.23 -21.76
N THR K 76 -6.03 12.61 -23.03
CA THR K 76 -5.10 12.01 -23.99
C THR K 76 -4.15 13.10 -24.47
N ILE K 77 -2.86 12.91 -24.22
CA ILE K 77 -1.80 13.81 -24.67
C ILE K 77 -1.07 13.13 -25.81
N SER K 78 -1.39 13.50 -27.05
CA SER K 78 -0.65 12.99 -28.20
C SER K 78 0.48 13.95 -28.56
N ASP K 79 1.43 13.45 -29.37
CA ASP K 79 2.58 14.19 -29.90
C ASP K 79 3.39 14.82 -28.75
N LEU K 80 3.98 13.94 -27.92
CA LEU K 80 4.58 14.37 -26.66
C LEU K 80 5.88 15.13 -26.87
N GLU K 81 6.05 16.18 -26.09
CA GLU K 81 7.27 16.97 -26.09
C GLU K 81 7.94 16.86 -24.72
N SER K 82 9.21 17.28 -24.67
CA SER K 82 9.96 17.29 -23.41
C SER K 82 9.45 18.34 -22.44
N ASP K 83 8.70 19.33 -22.95
CA ASP K 83 8.07 20.34 -22.12
C ASP K 83 6.91 19.76 -21.31
N ASP K 84 6.32 18.66 -21.78
CA ASP K 84 5.12 18.06 -21.19
C ASP K 84 5.40 17.20 -19.95
N ALA K 85 6.66 17.08 -19.53
CA ALA K 85 7.02 16.32 -18.33
C ALA K 85 6.54 17.09 -17.11
N ALA K 86 5.44 16.63 -16.53
CA ALA K 86 4.79 17.33 -15.43
C ALA K 86 3.88 16.36 -14.70
N THR K 87 3.23 16.86 -13.66
CA THR K 87 2.21 16.13 -12.92
C THR K 87 0.84 16.71 -13.30
N TYR K 88 -0.10 15.82 -13.60
CA TYR K 88 -1.41 16.19 -14.11
C TYR K 88 -2.49 15.81 -13.11
N TYR K 89 -3.48 16.68 -12.95
CA TYR K 89 -4.58 16.43 -12.02
C TYR K 89 -5.89 16.65 -12.75
N CYS K 90 -6.90 15.85 -12.43
CA CYS K 90 -8.26 16.17 -12.87
C CYS K 90 -9.04 16.73 -11.68
N LEU K 91 -10.07 17.51 -12.00
CA LEU K 91 -10.85 18.21 -10.99
C LEU K 91 -12.33 18.12 -11.35
N GLY K 92 -13.11 17.47 -10.50
CA GLY K 92 -14.55 17.36 -10.71
C GLY K 92 -15.33 18.23 -9.73
N TYR K 93 -16.34 18.91 -10.26
CA TYR K 93 -17.29 19.68 -9.47
C TYR K 93 -18.57 18.89 -9.33
N TYR K 94 -19.20 18.97 -8.15
CA TYR K 94 -20.32 18.10 -7.81
C TYR K 94 -21.48 18.92 -7.27
N ASN K 95 -22.67 18.33 -7.34
CA ASN K 95 -23.81 18.85 -6.62
C ASN K 95 -23.53 18.88 -5.12
N GLY K 96 -23.90 19.99 -4.50
CA GLY K 96 -23.55 20.29 -3.13
C GLY K 96 -22.46 21.33 -2.98
N VAL K 97 -21.98 21.91 -4.09
CA VAL K 97 -20.80 22.78 -4.19
C VAL K 97 -19.60 22.08 -3.54
N ILE K 98 -19.09 21.06 -4.23
CA ILE K 98 -17.94 20.25 -3.80
C ILE K 98 -17.01 20.08 -4.99
N ASN K 99 -15.72 20.37 -4.77
CA ASN K 99 -14.65 20.10 -5.73
C ASN K 99 -13.69 19.09 -5.12
N VAL K 100 -13.32 18.06 -5.90
CA VAL K 100 -12.38 17.04 -5.44
C VAL K 100 -11.30 16.87 -6.51
N PHE K 101 -10.05 17.08 -6.14
CA PHE K 101 -8.95 16.83 -7.07
C PHE K 101 -8.61 15.35 -7.12
N GLY K 102 -8.16 14.92 -8.29
CA GLY K 102 -7.65 13.57 -8.44
C GLY K 102 -6.30 13.41 -7.78
N GLY K 103 -5.87 12.14 -7.68
CA GLY K 103 -4.65 11.84 -6.97
C GLY K 103 -3.39 12.28 -7.67
N GLY K 104 -3.43 12.48 -8.97
CA GLY K 104 -2.27 12.94 -9.67
C GLY K 104 -1.66 11.85 -10.53
N THR K 105 -1.08 12.27 -11.63
CA THR K 105 -0.41 11.36 -12.57
C THR K 105 0.87 12.02 -13.00
N ASN K 106 2.00 11.37 -12.73
CA ASN K 106 3.29 11.89 -13.16
C ASN K 106 3.59 11.37 -14.56
N VAL K 107 3.81 12.28 -15.50
CA VAL K 107 4.16 11.90 -16.87
C VAL K 107 5.66 12.11 -17.01
N GLU K 108 6.37 11.04 -17.33
CA GLU K 108 7.81 11.06 -17.53
C GLU K 108 8.08 10.90 -19.01
N ILE K 109 8.98 11.71 -19.55
CA ILE K 109 9.40 11.58 -20.93
C ILE K 109 10.50 10.53 -20.99
N LYS K 110 10.26 9.46 -21.77
CA LYS K 110 11.23 8.39 -21.95
C LYS K 110 12.29 8.79 -22.96
N ARG K 111 13.54 8.53 -22.63
CA ARG K 111 14.64 8.86 -23.52
C ARG K 111 15.69 7.75 -23.40
N THR K 112 16.85 8.00 -24.01
CA THR K 112 17.94 7.04 -23.96
C THR K 112 18.61 7.08 -22.59
N VAL K 113 19.39 6.05 -22.33
CA VAL K 113 20.10 5.87 -21.06
C VAL K 113 21.33 6.78 -21.01
N GLY K 114 21.41 7.60 -19.96
CA GLY K 114 22.62 8.34 -19.69
C GLY K 114 23.15 8.01 -18.31
N ALA K 115 24.44 7.66 -18.22
CA ALA K 115 25.07 7.38 -16.93
C ALA K 115 25.36 8.69 -16.18
N PRO K 116 25.24 8.69 -14.85
CA PRO K 116 25.48 9.94 -14.11
C PRO K 116 26.96 10.29 -14.00
N SER K 117 27.24 11.59 -14.09
CA SER K 117 28.57 12.13 -13.83
C SER K 117 28.68 12.44 -12.34
N VAL K 118 29.63 11.77 -11.68
CA VAL K 118 29.74 11.80 -10.22
C VAL K 118 30.79 12.81 -9.81
N PHE K 119 30.47 13.61 -8.80
CA PHE K 119 31.39 14.54 -8.17
C PHE K 119 31.21 14.43 -6.66
N ILE K 120 32.31 14.61 -5.93
CA ILE K 120 32.31 14.59 -4.47
C ILE K 120 32.89 15.91 -3.97
N PHE K 121 32.31 16.43 -2.89
CA PHE K 121 32.69 17.72 -2.34
C PHE K 121 33.04 17.50 -0.86
N PRO K 122 34.26 17.81 -0.43
CA PRO K 122 34.59 17.76 0.99
C PRO K 122 33.94 18.92 1.73
N PRO K 123 33.71 18.79 3.03
CA PRO K 123 33.15 19.91 3.80
C PRO K 123 34.14 21.06 3.92
N SER K 124 33.59 22.26 3.94
CA SER K 124 34.40 23.47 4.02
C SER K 124 34.97 23.63 5.42
N ASP K 125 36.04 24.42 5.51
CA ASP K 125 36.66 24.68 6.80
C ASP K 125 35.82 25.57 7.69
N GLU K 126 34.94 26.41 7.11
CA GLU K 126 34.03 27.20 7.92
C GLU K 126 32.99 26.33 8.60
N GLN K 127 32.60 25.23 7.95
CA GLN K 127 31.62 24.34 8.55
C GLN K 127 32.21 23.54 9.70
N LEU K 128 33.50 23.20 9.61
CA LEU K 128 34.17 22.43 10.65
C LEU K 128 34.36 23.20 11.94
N LYS K 129 34.35 24.54 11.89
CA LYS K 129 34.45 25.32 13.12
C LYS K 129 33.18 25.26 13.96
N SER K 130 32.04 24.90 13.35
CA SER K 130 30.76 24.87 14.03
C SER K 130 30.37 23.46 14.47
N GLY K 131 31.20 22.46 14.20
CA GLY K 131 30.98 21.14 14.77
C GLY K 131 30.24 20.13 13.92
N THR K 132 29.92 20.47 12.66
CA THR K 132 29.20 19.57 11.78
C THR K 132 30.03 19.47 10.49
N ALA K 133 30.04 18.31 9.86
CA ALA K 133 30.72 18.14 8.58
C ALA K 133 29.76 17.53 7.59
N SER K 134 29.51 18.22 6.49
CA SER K 134 28.66 17.72 5.42
C SER K 134 29.51 17.39 4.20
N VAL K 135 29.47 16.13 3.79
CA VAL K 135 30.13 15.68 2.57
C VAL K 135 29.04 15.45 1.53
N VAL K 136 29.23 15.99 0.33
CA VAL K 136 28.19 16.04 -0.69
C VAL K 136 28.65 15.21 -1.90
N CYS K 137 27.80 14.29 -2.34
CA CYS K 137 28.03 13.52 -3.56
C CYS K 137 26.97 13.88 -4.57
N LEU K 138 27.37 14.31 -5.76
CA LEU K 138 26.46 14.79 -6.80
C LEU K 138 26.41 13.79 -7.94
N LEU K 139 25.20 13.45 -8.39
CA LEU K 139 24.97 12.61 -9.58
C LEU K 139 24.32 13.50 -10.62
N ASN K 140 25.02 13.75 -11.73
CA ASN K 140 24.66 14.80 -12.68
C ASN K 140 24.21 14.21 -14.00
N ASN K 141 22.99 14.58 -14.43
CA ASN K 141 22.46 14.36 -15.79
C ASN K 141 22.38 12.88 -16.16
N PHE K 142 21.42 12.19 -15.55
CA PHE K 142 21.25 10.77 -15.80
C PHE K 142 19.79 10.45 -16.11
N TYR K 143 19.60 9.32 -16.80
CA TYR K 143 18.30 8.74 -17.09
C TYR K 143 18.50 7.24 -17.28
N PRO K 144 17.62 6.39 -16.70
CA PRO K 144 16.41 6.68 -15.89
C PRO K 144 16.66 7.18 -14.44
N ARG K 145 15.60 7.44 -13.67
CA ARG K 145 15.71 8.10 -12.37
C ARG K 145 16.39 7.24 -11.33
N GLU K 146 16.27 5.94 -11.44
CA GLU K 146 16.70 5.06 -10.38
C GLU K 146 18.22 4.89 -10.37
N ALA K 147 18.83 5.32 -9.26
CA ALA K 147 20.26 5.18 -8.99
C ALA K 147 20.40 4.93 -7.49
N LYS K 148 21.56 4.41 -7.08
CA LYS K 148 21.81 4.04 -5.69
C LYS K 148 23.12 4.63 -5.23
N VAL K 149 23.10 5.34 -4.09
CA VAL K 149 24.30 5.99 -3.57
C VAL K 149 24.63 5.38 -2.21
N GLN K 150 25.85 4.89 -2.06
CA GLN K 150 26.33 4.32 -0.81
C GLN K 150 27.55 5.10 -0.33
N TRP K 151 27.57 5.43 0.95
CA TRP K 151 28.70 6.12 1.56
C TRP K 151 29.60 5.13 2.26
N LYS K 152 30.91 5.31 2.12
CA LYS K 152 31.88 4.50 2.82
C LYS K 152 32.89 5.42 3.48
N VAL K 153 32.99 5.34 4.80
CA VAL K 153 33.89 6.15 5.61
C VAL K 153 34.91 5.20 6.22
N ASP K 154 36.17 5.31 5.76
CA ASP K 154 37.26 4.36 6.04
C ASP K 154 36.85 2.93 5.75
N ASN K 155 36.29 2.74 4.56
CA ASN K 155 35.75 1.51 3.99
C ASN K 155 34.55 0.94 4.75
N ALA K 156 34.04 1.64 5.76
CA ALA K 156 32.90 1.18 6.54
C ALA K 156 31.63 1.79 5.99
N LEU K 157 30.65 0.92 5.71
CA LEU K 157 29.43 1.37 5.03
C LEU K 157 28.52 2.11 5.99
N GLN K 158 28.17 3.34 5.62
CA GLN K 158 27.36 4.21 6.46
C GLN K 158 25.90 3.83 6.39
N SER K 159 25.18 4.14 7.47
CA SER K 159 23.75 3.92 7.50
C SER K 159 23.12 4.92 8.46
N GLY K 160 22.07 5.60 7.99
CA GLY K 160 21.26 6.47 8.81
C GLY K 160 21.67 7.93 8.85
N ASN K 161 22.76 8.30 8.17
CA ASN K 161 23.33 9.64 8.26
C ASN K 161 23.47 10.32 6.90
N SER K 162 22.63 9.93 5.94
CA SER K 162 22.67 10.53 4.61
C SER K 162 21.25 10.79 4.14
N GLN K 163 21.09 11.84 3.34
CA GLN K 163 19.80 12.21 2.76
C GLN K 163 19.99 12.63 1.32
N GLU K 164 19.01 12.29 0.47
CA GLU K 164 19.10 12.55 -0.96
C GLU K 164 18.07 13.56 -1.41
N SER K 165 18.40 14.28 -2.47
CA SER K 165 17.50 15.23 -3.11
C SER K 165 17.55 15.00 -4.62
N VAL K 166 16.38 14.90 -5.25
CA VAL K 166 16.27 14.65 -6.69
C VAL K 166 15.58 15.84 -7.34
N THR K 167 16.13 16.33 -8.45
CA THR K 167 15.43 17.36 -9.20
C THR K 167 14.25 16.75 -9.97
N GLU K 168 13.37 17.64 -10.44
CA GLU K 168 12.36 17.25 -11.41
C GLU K 168 13.04 16.95 -12.74
N GLN K 169 12.32 16.27 -13.61
CA GLN K 169 12.84 15.94 -14.92
C GLN K 169 13.01 17.20 -15.76
N ASP K 170 14.17 17.34 -16.39
CA ASP K 170 14.51 18.54 -17.14
C ASP K 170 13.64 18.70 -18.37
N SER K 171 13.28 19.96 -18.66
CA SER K 171 12.41 20.21 -19.81
C SER K 171 13.16 20.24 -21.13
N LYS K 172 14.48 20.05 -21.13
CA LYS K 172 15.27 20.08 -22.35
C LYS K 172 15.84 18.71 -22.69
N ASP K 173 16.65 18.11 -21.82
CA ASP K 173 17.27 16.84 -22.14
C ASP K 173 16.64 15.67 -21.39
N SER K 174 15.60 15.93 -20.58
CA SER K 174 14.82 14.92 -19.84
C SER K 174 15.66 14.10 -18.86
N THR K 175 16.69 14.69 -18.27
CA THR K 175 17.52 13.99 -17.30
C THR K 175 17.21 14.42 -15.87
N TYR K 176 17.70 13.62 -14.93
CA TYR K 176 17.58 13.90 -13.51
C TYR K 176 18.94 14.22 -12.92
N SER K 177 18.93 14.90 -11.79
CA SER K 177 20.14 15.09 -11.01
C SER K 177 19.84 14.81 -9.55
N LEU K 178 20.81 14.21 -8.88
CA LEU K 178 20.65 13.75 -7.52
C LEU K 178 21.88 14.15 -6.72
N SER K 179 21.65 14.57 -5.48
CA SER K 179 22.73 14.87 -4.54
C SER K 179 22.45 14.13 -3.25
N SER K 180 23.48 13.52 -2.68
CA SER K 180 23.38 12.85 -1.39
C SER K 180 24.35 13.54 -0.42
N THR K 181 23.83 13.94 0.74
CA THR K 181 24.59 14.70 1.74
C THR K 181 24.84 13.79 2.94
N LEU K 182 26.11 13.49 3.22
CA LEU K 182 26.50 12.74 4.40
C LEU K 182 26.82 13.71 5.54
N THR K 183 26.05 13.64 6.62
CA THR K 183 26.20 14.56 7.74
C THR K 183 26.88 13.86 8.92
N LEU K 184 28.02 14.39 9.32
CA LEU K 184 28.76 13.91 10.47
C LEU K 184 29.02 15.07 11.41
N SER K 185 29.31 14.71 12.66
CA SER K 185 29.87 15.64 13.62
C SER K 185 31.36 15.86 13.31
N LYS K 186 31.93 16.93 13.88
CA LYS K 186 33.34 17.25 13.62
C LYS K 186 34.27 16.21 14.22
N ALA K 187 33.92 15.70 15.40
CA ALA K 187 34.72 14.67 16.05
C ALA K 187 34.69 13.37 15.27
N ASP K 188 33.52 13.02 14.72
CA ASP K 188 33.40 11.84 13.88
C ASP K 188 34.07 12.04 12.54
N TYR K 189 34.11 13.29 12.05
CA TYR K 189 34.75 13.55 10.77
C TYR K 189 36.27 13.47 10.88
N GLU K 190 36.85 14.03 11.95
CA GLU K 190 38.30 14.13 12.04
C GLU K 190 38.95 12.84 12.56
N LYS K 191 38.15 11.82 12.90
CA LYS K 191 38.68 10.52 13.29
C LYS K 191 38.95 9.61 12.10
N HIS K 192 38.49 9.96 10.91
CA HIS K 192 38.59 9.11 9.75
C HIS K 192 39.27 9.83 8.59
N LYS K 193 39.75 9.04 7.63
CA LYS K 193 40.56 9.57 6.55
C LYS K 193 39.87 9.43 5.20
N VAL K 194 39.49 8.23 4.80
CA VAL K 194 38.96 8.00 3.45
C VAL K 194 37.44 8.16 3.49
N TYR K 195 36.94 9.02 2.61
CA TYR K 195 35.52 9.29 2.46
C TYR K 195 35.20 9.01 1.00
N ALA K 196 34.37 8.00 0.76
CA ALA K 196 34.09 7.49 -0.57
C ALA K 196 32.59 7.55 -0.83
N CYS K 197 32.22 7.82 -2.08
CA CYS K 197 30.83 7.79 -2.54
C CYS K 197 30.72 6.80 -3.69
N GLU K 198 29.92 5.75 -3.50
CA GLU K 198 29.80 4.66 -4.48
C GLU K 198 28.43 4.71 -5.17
N VAL K 199 28.44 4.82 -6.49
CA VAL K 199 27.26 5.13 -7.28
C VAL K 199 26.92 3.96 -8.19
N THR K 200 25.67 3.50 -8.12
CA THR K 200 25.18 2.39 -8.93
C THR K 200 24.04 2.89 -9.81
N HIS K 201 24.13 2.62 -11.11
CA HIS K 201 23.14 3.01 -12.11
C HIS K 201 23.15 1.97 -13.21
N GLN K 202 22.01 1.82 -13.91
CA GLN K 202 21.89 0.81 -14.97
C GLN K 202 22.73 1.15 -16.20
N GLY K 203 23.07 2.42 -16.40
CA GLY K 203 23.99 2.79 -17.45
C GLY K 203 25.45 2.54 -17.14
N LEU K 204 25.76 2.18 -15.89
CA LEU K 204 27.11 1.86 -15.45
C LEU K 204 27.25 0.35 -15.34
N SER K 205 28.33 -0.20 -15.91
CA SER K 205 28.57 -1.64 -15.85
C SER K 205 29.00 -2.10 -14.46
N SER K 206 29.67 -1.22 -13.71
CA SER K 206 30.19 -1.49 -12.39
C SER K 206 30.00 -0.23 -11.56
N PRO K 207 29.92 -0.34 -10.23
CA PRO K 207 29.70 0.85 -9.40
C PRO K 207 30.90 1.78 -9.39
N VAL K 208 30.66 3.07 -9.73
CA VAL K 208 31.72 4.07 -9.80
C VAL K 208 31.88 4.70 -8.42
N THR K 209 33.12 4.99 -8.05
CA THR K 209 33.45 5.52 -6.73
C THR K 209 34.29 6.77 -6.89
N LYS K 210 33.85 7.84 -6.23
CA LYS K 210 34.65 9.04 -6.09
C LYS K 210 34.97 9.25 -4.62
N SER K 211 36.24 9.51 -4.33
CA SER K 211 36.70 9.56 -2.95
C SER K 211 37.74 10.67 -2.80
N PHE K 212 38.04 10.98 -1.53
CA PHE K 212 39.10 11.90 -1.16
C PHE K 212 39.62 11.50 0.21
N ASN K 213 40.80 12.02 0.56
CA ASN K 213 41.36 11.86 1.90
C ASN K 213 41.26 13.18 2.63
N ARG K 214 40.99 13.14 3.93
CA ARG K 214 40.76 14.35 4.70
C ARG K 214 42.05 15.12 4.89
N GLY K 215 42.03 16.41 4.52
CA GLY K 215 43.19 17.26 4.69
C GLY K 215 44.26 17.13 3.63
N GLU K 216 44.13 16.18 2.71
CA GLU K 216 45.18 15.92 1.73
C GLU K 216 44.99 16.67 0.42
N CYS K 217 43.77 17.12 0.12
CA CYS K 217 43.47 17.93 -1.08
C CYS K 217 44.32 19.19 -1.26
N GLU L 1 25.05 -21.42 -8.40
CA GLU L 1 23.85 -20.66 -8.68
C GLU L 1 23.64 -20.48 -10.19
N VAL L 2 23.26 -19.25 -10.66
CA VAL L 2 22.88 -19.05 -12.05
C VAL L 2 24.10 -18.68 -12.89
N GLN L 3 24.19 -19.31 -14.06
CA GLN L 3 25.21 -19.03 -15.07
C GLN L 3 24.53 -18.42 -16.29
N LEU L 4 25.18 -17.43 -16.88
CA LEU L 4 24.70 -16.75 -18.09
C LEU L 4 25.55 -17.17 -19.27
N GLN L 5 24.92 -17.54 -20.37
CA GLN L 5 25.64 -17.97 -21.55
C GLN L 5 25.12 -17.24 -22.78
N GLU L 6 25.97 -16.43 -23.39
CA GLU L 6 25.61 -15.74 -24.62
C GLU L 6 25.84 -16.62 -25.84
N SER L 7 25.06 -16.35 -26.89
CA SER L 7 25.21 -17.06 -28.15
C SER L 7 24.66 -16.19 -29.27
N GLY L 8 25.04 -16.54 -30.49
CA GLY L 8 24.51 -15.91 -31.68
C GLY L 8 25.39 -14.87 -32.34
N GLY L 9 26.61 -14.66 -31.87
CA GLY L 9 27.50 -13.69 -32.49
C GLY L 9 28.20 -14.24 -33.70
N GLY L 10 29.17 -13.46 -34.20
CA GLY L 10 30.00 -13.84 -35.32
C GLY L 10 30.13 -12.72 -36.33
N LEU L 11 30.62 -13.08 -37.51
CA LEU L 11 30.93 -12.13 -38.57
C LEU L 11 29.71 -11.85 -39.45
N VAL L 12 29.55 -10.57 -39.81
CA VAL L 12 28.39 -10.10 -40.55
C VAL L 12 28.82 -8.91 -41.39
N GLN L 13 28.18 -8.75 -42.55
CA GLN L 13 28.43 -7.61 -43.41
C GLN L 13 27.82 -6.34 -42.80
N PRO L 14 28.30 -5.16 -43.22
CA PRO L 14 27.63 -3.91 -42.84
C PRO L 14 26.21 -3.87 -43.40
N GLY L 15 25.26 -3.48 -42.56
CA GLY L 15 23.86 -3.58 -42.91
C GLY L 15 23.20 -4.90 -42.58
N GLY L 16 23.95 -5.87 -42.06
CA GLY L 16 23.38 -7.16 -41.73
C GLY L 16 22.62 -7.16 -40.41
N SER L 17 22.15 -8.35 -40.05
CA SER L 17 21.34 -8.56 -38.86
C SER L 17 21.91 -9.71 -38.05
N LEU L 18 21.84 -9.58 -36.72
CA LEU L 18 22.17 -10.66 -35.80
C LEU L 18 21.22 -10.61 -34.61
N ARG L 19 20.90 -11.79 -34.08
CA ARG L 19 20.14 -11.92 -32.86
C ARG L 19 21.03 -12.60 -31.85
N LEU L 20 21.40 -11.88 -30.80
CA LEU L 20 22.11 -12.45 -29.68
C LEU L 20 21.09 -13.01 -28.68
N SER L 21 21.43 -14.12 -28.06
CA SER L 21 20.59 -14.68 -27.02
C SER L 21 21.44 -14.88 -25.78
N CYS L 22 20.81 -14.77 -24.61
CA CYS L 22 21.52 -14.97 -23.36
C CYS L 22 20.66 -15.85 -22.48
N ALA L 23 21.01 -17.13 -22.41
CA ALA L 23 20.23 -18.12 -21.68
C ALA L 23 20.75 -18.28 -20.25
N ALA L 24 19.84 -18.15 -19.29
CA ALA L 24 20.16 -18.28 -17.87
C ALA L 24 19.72 -19.64 -17.36
N SER L 25 20.57 -20.26 -16.53
CA SER L 25 20.24 -21.57 -15.99
C SER L 25 20.64 -21.64 -14.53
N GLY L 26 19.70 -22.03 -13.68
CA GLY L 26 19.97 -22.17 -12.27
C GLY L 26 19.00 -21.38 -11.43
N ARG L 27 18.80 -20.11 -11.79
CA ARG L 27 17.85 -19.26 -11.08
C ARG L 27 16.93 -18.60 -12.09
N THR L 28 15.66 -18.44 -11.68
CA THR L 28 14.66 -17.83 -12.53
C THR L 28 14.89 -16.33 -12.65
N ILE L 29 15.10 -15.85 -13.87
CA ILE L 29 15.45 -14.47 -14.11
C ILE L 29 14.22 -13.63 -14.48
N SER L 30 13.01 -14.14 -14.20
CA SER L 30 11.80 -13.37 -14.50
C SER L 30 11.60 -12.23 -13.50
N ARG L 31 12.30 -12.24 -12.36
CA ARG L 31 12.22 -11.19 -11.37
C ARG L 31 13.28 -10.10 -11.53
N TYR L 32 14.24 -10.28 -12.43
CA TYR L 32 15.39 -9.39 -12.53
C TYR L 32 15.45 -8.74 -13.90
N ALA L 33 15.92 -7.50 -13.95
CA ALA L 33 16.20 -6.87 -15.23
C ALA L 33 17.46 -7.46 -15.82
N MET L 34 17.46 -7.60 -17.15
CA MET L 34 18.59 -8.14 -17.90
C MET L 34 19.13 -7.06 -18.81
N SER L 35 20.43 -6.84 -18.77
CA SER L 35 21.06 -5.79 -19.56
C SER L 35 22.06 -6.40 -20.52
N TRP L 36 22.29 -5.68 -21.61
CA TRP L 36 23.31 -6.00 -22.60
C TRP L 36 24.39 -4.94 -22.57
N PHE L 37 25.64 -5.39 -22.62
CA PHE L 37 26.80 -4.51 -22.65
C PHE L 37 27.72 -4.95 -23.79
N ARG L 38 28.60 -4.05 -24.20
CA ARG L 38 29.58 -4.36 -25.23
C ARG L 38 30.91 -3.68 -24.92
N GLN L 39 31.99 -4.28 -25.42
CA GLN L 39 33.35 -3.81 -25.15
C GLN L 39 34.11 -3.80 -26.46
N ALA L 40 34.37 -2.59 -26.97
CA ALA L 40 35.21 -2.41 -28.14
C ALA L 40 36.65 -2.74 -27.82
N PRO L 41 37.47 -3.10 -28.82
CA PRO L 41 38.90 -3.35 -28.57
C PRO L 41 39.60 -2.10 -28.06
N GLY L 42 40.24 -2.24 -26.89
CA GLY L 42 40.90 -1.16 -26.21
C GLY L 42 40.00 -0.20 -25.46
N LYS L 43 38.74 -0.55 -25.27
CA LYS L 43 37.81 0.34 -24.57
C LYS L 43 37.18 -0.36 -23.38
N GLU L 44 36.44 0.40 -22.60
CA GLU L 44 35.72 -0.13 -21.45
C GLU L 44 34.39 -0.71 -21.87
N ARG L 45 33.81 -1.51 -20.97
CA ARG L 45 32.50 -2.08 -21.21
C ARG L 45 31.43 -0.99 -21.13
N GLU L 46 30.66 -0.82 -22.21
CA GLU L 46 29.68 0.26 -22.29
C GLU L 46 28.27 -0.31 -22.42
N PHE L 47 27.28 0.53 -22.09
CA PHE L 47 25.88 0.10 -22.08
C PHE L 47 25.33 -0.01 -23.49
N VAL L 48 24.45 -1.00 -23.68
CA VAL L 48 23.76 -1.14 -24.96
C VAL L 48 22.27 -1.00 -24.71
N ALA L 49 21.70 -1.94 -23.97
CA ALA L 49 20.25 -2.00 -23.80
C ALA L 49 19.94 -2.75 -22.52
N THR L 50 18.75 -2.50 -21.97
CA THR L 50 18.21 -3.24 -20.85
C THR L 50 16.79 -3.65 -21.11
N ALA L 51 16.44 -4.83 -20.62
CA ALA L 51 15.06 -5.32 -20.62
C ALA L 51 14.66 -5.47 -19.15
N ARG L 52 13.72 -4.65 -18.71
CA ARG L 52 13.25 -4.79 -17.34
C ARG L 52 12.19 -5.90 -17.29
N ARG L 53 11.48 -6.01 -16.16
CA ARG L 53 10.45 -7.02 -16.02
C ARG L 53 9.29 -6.71 -16.96
N SER L 54 8.50 -7.74 -17.25
CA SER L 54 7.42 -7.63 -18.23
C SER L 54 6.38 -6.62 -17.78
N GLY L 55 6.31 -5.49 -18.48
CA GLY L 55 5.49 -4.37 -18.09
C GLY L 55 6.28 -3.16 -17.65
N ASP L 56 7.57 -3.31 -17.36
CA ASP L 56 8.40 -2.18 -16.93
C ASP L 56 9.23 -1.62 -18.08
N GLY L 57 9.08 -2.18 -19.29
CA GLY L 57 9.62 -1.53 -20.47
C GLY L 57 11.08 -1.86 -20.68
N ALA L 58 11.62 -1.30 -21.76
CA ALA L 58 13.00 -1.52 -22.19
C ALA L 58 13.66 -0.18 -22.52
N PHE L 59 14.96 -0.08 -22.25
CA PHE L 59 15.69 1.16 -22.45
C PHE L 59 16.97 0.88 -23.24
N TYR L 60 17.41 1.87 -24.02
CA TYR L 60 18.49 1.68 -24.99
C TYR L 60 19.49 2.82 -24.88
N ALA L 61 20.72 2.56 -25.34
CA ALA L 61 21.74 3.59 -25.41
C ALA L 61 21.47 4.47 -26.62
N ASP L 62 22.11 5.64 -26.68
CA ASP L 62 21.85 6.53 -27.82
C ASP L 62 22.49 5.99 -29.09
N SER L 63 23.60 5.26 -28.97
CA SER L 63 24.29 4.73 -30.13
C SER L 63 23.54 3.59 -30.82
N VAL L 64 22.61 2.94 -30.13
CA VAL L 64 21.92 1.77 -30.66
C VAL L 64 20.42 1.98 -30.79
N GLN L 65 19.91 3.16 -30.45
CA GLN L 65 18.47 3.40 -30.41
C GLN L 65 17.90 3.41 -31.83
N GLY L 66 16.82 2.64 -32.02
CA GLY L 66 16.16 2.52 -33.31
C GLY L 66 16.64 1.38 -34.19
N ARG L 67 17.80 0.80 -33.88
CA ARG L 67 18.41 -0.27 -34.63
C ARG L 67 18.42 -1.58 -33.87
N PHE L 68 18.61 -1.53 -32.56
CA PHE L 68 18.68 -2.72 -31.72
C PHE L 68 17.36 -2.83 -30.96
N THR L 69 16.95 -4.07 -30.70
CA THR L 69 15.70 -4.37 -30.00
C THR L 69 15.94 -5.49 -29.00
N VAL L 70 15.68 -5.23 -27.70
CA VAL L 70 15.85 -6.21 -26.64
C VAL L 70 14.47 -6.78 -26.26
N SER L 71 14.45 -8.07 -25.90
CA SER L 71 13.20 -8.75 -25.60
C SER L 71 13.46 -9.92 -24.66
N ARG L 72 12.36 -10.49 -24.14
CA ARG L 72 12.42 -11.55 -23.13
C ARG L 72 11.60 -12.76 -23.55
N ASP L 73 12.08 -13.93 -23.15
CA ASP L 73 11.30 -15.17 -23.18
C ASP L 73 11.40 -15.74 -21.77
N ASP L 74 10.46 -15.34 -20.91
CA ASP L 74 10.50 -15.74 -19.50
C ASP L 74 10.18 -17.21 -19.31
N ALA L 75 9.51 -17.85 -20.28
CA ALA L 75 9.25 -19.27 -20.17
C ALA L 75 10.51 -20.09 -20.39
N LYS L 76 11.44 -19.58 -21.18
CA LYS L 76 12.68 -20.29 -21.50
C LYS L 76 13.88 -19.71 -20.79
N ASN L 77 13.65 -18.74 -19.89
CA ASN L 77 14.67 -18.09 -19.04
C ASN L 77 15.77 -17.46 -19.88
N THR L 78 15.37 -16.85 -21.00
CA THR L 78 16.31 -16.38 -22.02
C THR L 78 15.84 -15.02 -22.51
N VAL L 79 16.78 -14.08 -22.63
CA VAL L 79 16.51 -12.76 -23.21
C VAL L 79 17.27 -12.67 -24.53
N TYR L 80 16.80 -11.77 -25.41
CA TYR L 80 17.29 -11.69 -26.77
C TYR L 80 17.72 -10.27 -27.11
N LEU L 81 18.68 -10.13 -28.02
CA LEU L 81 19.07 -8.83 -28.56
C LEU L 81 19.05 -8.92 -30.09
N GLN L 82 18.00 -8.42 -30.70
CA GLN L 82 17.94 -8.34 -32.16
C GLN L 82 18.71 -7.11 -32.62
N MET L 83 19.76 -7.31 -33.41
CA MET L 83 20.63 -6.23 -33.86
C MET L 83 20.43 -6.03 -35.36
N ASN L 84 19.73 -4.96 -35.73
CA ASN L 84 19.47 -4.60 -37.11
C ASN L 84 20.35 -3.41 -37.50
N SER L 85 20.65 -3.34 -38.81
CA SER L 85 21.39 -2.24 -39.46
C SER L 85 22.78 -2.03 -38.87
N LEU L 86 23.59 -3.10 -38.89
CA LEU L 86 24.88 -3.07 -38.20
C LEU L 86 25.90 -2.23 -38.95
N LYS L 87 26.73 -1.53 -38.19
CA LYS L 87 27.82 -0.64 -38.60
C LYS L 87 29.15 -1.20 -38.13
N PRO L 88 30.28 -0.78 -38.72
CA PRO L 88 31.60 -1.20 -38.18
C PRO L 88 31.90 -0.73 -36.77
N GLU L 89 31.21 0.32 -36.27
CA GLU L 89 31.37 0.77 -34.90
C GLU L 89 30.73 -0.16 -33.87
N ASP L 90 29.85 -1.05 -34.30
CA ASP L 90 29.22 -2.02 -33.42
C ASP L 90 30.09 -3.25 -33.14
N THR L 91 31.31 -3.31 -33.70
CA THR L 91 32.18 -4.47 -33.51
C THR L 91 32.78 -4.48 -32.10
N ALA L 92 32.40 -5.48 -31.31
CA ALA L 92 32.73 -5.56 -29.89
C ALA L 92 32.42 -6.97 -29.39
N VAL L 93 32.90 -7.28 -28.18
CA VAL L 93 32.47 -8.47 -27.46
C VAL L 93 31.23 -8.10 -26.65
N TYR L 94 30.12 -8.80 -26.88
CA TYR L 94 28.84 -8.41 -26.31
C TYR L 94 28.51 -9.24 -25.08
N TYR L 95 28.29 -8.56 -23.96
CA TYR L 95 28.09 -9.21 -22.68
C TYR L 95 26.67 -9.02 -22.19
N CYS L 96 26.19 -10.02 -21.47
CA CYS L 96 24.87 -10.06 -20.87
C CYS L 96 25.02 -10.09 -19.36
N ALA L 97 24.14 -9.35 -18.65
CA ALA L 97 24.28 -9.18 -17.21
C ALA L 97 22.92 -9.16 -16.55
N ILE L 98 22.86 -9.64 -15.30
CA ILE L 98 21.64 -9.62 -14.49
C ILE L 98 21.73 -8.49 -13.49
N ASP L 99 20.73 -7.60 -13.51
CA ASP L 99 20.60 -6.60 -12.44
C ASP L 99 20.00 -7.31 -11.24
N SER L 100 20.83 -7.52 -10.20
CA SER L 100 20.39 -8.24 -9.01
C SER L 100 19.49 -7.39 -8.14
N ASP L 101 19.47 -6.08 -8.33
CA ASP L 101 18.51 -5.24 -7.65
C ASP L 101 17.16 -5.32 -8.34
N THR L 102 16.11 -5.64 -7.57
CA THR L 102 14.80 -5.75 -8.16
C THR L 102 14.18 -4.40 -8.50
N PHE L 103 14.70 -3.31 -7.96
CA PHE L 103 14.20 -1.97 -8.25
C PHE L 103 15.07 -1.21 -9.23
N TYR L 104 15.88 -1.93 -10.02
CA TYR L 104 16.55 -1.42 -11.24
C TYR L 104 17.61 -0.36 -10.96
N SER L 105 18.36 -0.54 -9.89
CA SER L 105 19.45 0.40 -9.62
C SER L 105 20.74 0.00 -10.31
N GLY L 106 20.79 -1.13 -11.02
CA GLY L 106 21.98 -1.48 -11.78
C GLY L 106 23.08 -2.21 -11.04
N SER L 107 22.73 -3.10 -10.10
CA SER L 107 23.69 -3.87 -9.33
C SER L 107 24.08 -5.13 -10.12
N TYR L 108 25.08 -5.01 -10.99
CA TYR L 108 25.42 -6.10 -11.91
C TYR L 108 26.40 -7.07 -11.25
N ASP L 109 25.86 -8.11 -10.64
CA ASP L 109 26.67 -9.13 -9.98
C ASP L 109 26.98 -10.33 -10.88
N TYR L 110 26.08 -10.68 -11.81
CA TYR L 110 26.18 -11.91 -12.61
C TYR L 110 26.37 -11.55 -14.07
N TRP L 111 27.37 -12.15 -14.70
CA TRP L 111 27.73 -11.80 -16.07
C TRP L 111 27.93 -13.05 -16.91
N GLY L 112 27.68 -12.90 -18.21
CA GLY L 112 28.03 -13.93 -19.16
C GLY L 112 29.46 -13.83 -19.63
N GLN L 113 29.90 -14.87 -20.36
CA GLN L 113 31.27 -14.91 -20.88
C GLN L 113 31.44 -14.10 -22.15
N GLY L 114 30.36 -13.64 -22.76
CA GLY L 114 30.47 -12.78 -23.92
C GLY L 114 30.42 -13.56 -25.22
N THR L 115 30.10 -12.84 -26.28
CA THR L 115 30.12 -13.39 -27.62
C THR L 115 30.71 -12.33 -28.54
N GLN L 116 31.47 -12.76 -29.54
CA GLN L 116 32.13 -11.83 -30.45
C GLN L 116 31.19 -11.44 -31.57
N VAL L 117 31.04 -10.13 -31.80
CA VAL L 117 30.31 -9.63 -32.96
C VAL L 117 31.29 -8.79 -33.79
N THR L 118 31.51 -9.18 -35.03
CA THR L 118 32.43 -8.51 -35.95
C THR L 118 31.65 -8.05 -37.16
N VAL L 119 31.74 -6.75 -37.47
CA VAL L 119 31.06 -6.15 -38.61
C VAL L 119 32.14 -5.60 -39.55
N SER L 120 32.28 -6.23 -40.72
CA SER L 120 33.24 -5.78 -41.73
C SER L 120 32.83 -6.25 -43.12
N GLN M 1 -11.05 94.57 30.53
CA GLN M 1 -12.34 93.92 30.79
C GLN M 1 -12.28 92.45 30.42
N SER M 2 -12.22 91.58 31.43
CA SER M 2 -12.09 90.15 31.20
C SER M 2 -12.56 89.40 32.43
N LEU M 3 -12.73 88.09 32.26
CA LEU M 3 -13.09 87.16 33.32
C LEU M 3 -12.15 85.97 33.23
N GLU M 4 -12.01 85.25 34.34
CA GLU M 4 -11.19 84.05 34.35
C GLU M 4 -11.76 83.07 35.36
N GLU M 5 -11.98 81.84 34.94
CA GLU M 5 -12.44 80.80 35.84
C GLU M 5 -11.26 80.04 36.44
N SER M 6 -11.46 79.51 37.65
CA SER M 6 -10.46 78.68 38.28
C SER M 6 -11.15 77.69 39.22
N GLY M 7 -10.43 76.62 39.57
CA GLY M 7 -10.93 75.62 40.48
C GLY M 7 -11.40 74.33 39.86
N GLY M 8 -11.44 74.25 38.52
CA GLY M 8 -11.82 73.01 37.87
C GLY M 8 -10.72 71.96 37.95
N ARG M 9 -11.06 70.79 38.48
CA ARG M 9 -10.10 69.74 38.77
C ARG M 9 -10.84 68.41 38.79
N LEU M 10 -10.12 67.34 39.10
CA LEU M 10 -10.67 66.01 39.20
C LEU M 10 -11.07 65.73 40.65
N VAL M 11 -12.34 65.38 40.87
CA VAL M 11 -12.83 64.96 42.17
C VAL M 11 -13.62 63.67 42.01
N THR M 12 -13.74 62.93 43.10
CA THR M 12 -14.59 61.74 43.10
C THR M 12 -16.07 62.16 43.15
N PRO M 13 -16.98 61.26 42.73
CA PRO M 13 -18.41 61.55 42.88
C PRO M 13 -18.82 61.66 44.35
N GLY M 14 -19.73 62.60 44.60
CA GLY M 14 -20.16 62.97 45.92
C GLY M 14 -19.41 64.11 46.55
N THR M 15 -18.28 64.52 45.99
CA THR M 15 -17.46 65.57 46.58
C THR M 15 -18.01 66.95 46.22
N PRO M 16 -18.13 67.88 47.17
CA PRO M 16 -18.48 69.26 46.82
C PRO M 16 -17.34 69.93 46.08
N LEU M 17 -17.70 70.83 45.16
CA LEU M 17 -16.70 71.50 44.35
C LEU M 17 -17.08 72.96 44.18
N THR M 18 -16.12 73.87 44.42
CA THR M 18 -16.34 75.31 44.32
C THR M 18 -15.44 75.86 43.24
N LEU M 19 -16.05 76.48 42.23
CA LEU M 19 -15.34 77.20 41.18
C LEU M 19 -15.43 78.70 41.45
N THR M 20 -14.48 79.44 40.87
CA THR M 20 -14.38 80.88 41.10
C THR M 20 -14.26 81.61 39.78
N CYS M 21 -15.13 82.58 39.54
CA CYS M 21 -15.02 83.50 38.42
C CYS M 21 -14.43 84.82 38.92
N THR M 22 -13.18 85.09 38.53
CA THR M 22 -12.47 86.31 38.94
C THR M 22 -12.59 87.34 37.84
N VAL M 23 -13.24 88.45 38.12
CA VAL M 23 -13.44 89.48 37.10
C VAL M 23 -12.44 90.60 37.28
N SER M 24 -12.03 91.17 36.14
CA SER M 24 -11.15 92.32 36.06
C SER M 24 -11.77 93.34 35.12
N GLY M 25 -11.83 94.61 35.56
CA GLY M 25 -12.33 95.65 34.68
C GLY M 25 -13.65 96.28 35.06
N PHE M 26 -14.69 95.45 35.16
CA PHE M 26 -16.05 95.90 35.40
C PHE M 26 -16.48 95.57 36.82
N SER M 27 -17.39 96.38 37.35
CA SER M 27 -17.91 96.19 38.70
C SER M 27 -19.03 95.16 38.68
N LEU M 28 -19.18 94.44 39.80
CA LEU M 28 -20.28 93.51 39.99
C LEU M 28 -21.53 94.16 40.54
N SER M 29 -21.44 95.43 40.96
CA SER M 29 -22.62 96.18 41.35
C SER M 29 -23.36 96.76 40.15
N THR M 30 -22.81 96.60 38.94
CA THR M 30 -23.46 97.03 37.70
C THR M 30 -23.87 95.88 36.80
N TYR M 31 -23.11 94.78 36.78
CA TYR M 31 -23.31 93.70 35.82
C TYR M 31 -23.61 92.39 36.54
N ASN M 32 -24.29 91.49 35.84
CA ASN M 32 -24.57 90.16 36.38
C ASN M 32 -23.52 89.16 35.92
N ILE M 33 -23.49 88.01 36.60
CA ILE M 33 -22.55 86.94 36.31
C ILE M 33 -23.35 85.68 36.04
N HIS M 34 -23.24 85.17 34.83
CA HIS M 34 -23.86 83.91 34.41
C HIS M 34 -22.88 82.77 34.59
N TRP M 35 -23.43 81.55 34.63
CA TRP M 35 -22.64 80.33 34.58
C TRP M 35 -23.21 79.43 33.51
N VAL M 36 -22.35 79.03 32.57
CA VAL M 36 -22.73 78.15 31.47
C VAL M 36 -21.69 77.02 31.45
N ARG M 37 -22.16 75.77 31.36
CA ARG M 37 -21.27 74.63 31.23
C ARG M 37 -21.46 73.95 29.88
N GLN M 38 -20.54 73.04 29.57
CA GLN M 38 -20.52 72.35 28.29
C GLN M 38 -19.81 71.01 28.46
N ALA M 39 -20.55 69.92 28.29
CA ALA M 39 -19.99 68.58 28.32
C ALA M 39 -19.06 68.36 27.12
N PRO M 40 -18.10 67.43 27.22
CA PRO M 40 -17.20 67.16 26.09
C PRO M 40 -17.93 66.65 24.86
N GLY M 41 -17.79 67.40 23.76
CA GLY M 41 -18.48 67.07 22.52
C GLY M 41 -19.95 67.37 22.50
N LYS M 42 -20.48 68.09 23.48
CA LYS M 42 -21.91 68.37 23.58
C LYS M 42 -22.14 69.87 23.49
N GLY M 43 -23.41 70.25 23.64
CA GLY M 43 -23.80 71.64 23.43
C GLY M 43 -23.76 72.46 24.70
N LEU M 44 -24.08 73.74 24.54
CA LEU M 44 -24.10 74.65 25.67
C LEU M 44 -25.34 74.41 26.52
N GLU M 45 -25.17 74.63 27.82
CA GLU M 45 -26.20 74.40 28.82
C GLU M 45 -26.07 75.46 29.90
N TRP M 46 -27.13 76.25 30.08
CA TRP M 46 -27.16 77.32 31.08
C TRP M 46 -27.36 76.76 32.47
N ILE M 47 -26.62 77.30 33.45
CA ILE M 47 -26.73 76.87 34.85
C ILE M 47 -27.50 77.89 35.69
N GLY M 48 -26.98 79.12 35.79
CA GLY M 48 -27.62 80.08 36.66
C GLY M 48 -27.05 81.47 36.49
N VAL M 49 -27.57 82.41 37.29
CA VAL M 49 -27.14 83.81 37.22
C VAL M 49 -27.33 84.42 38.61
N ILE M 50 -26.41 85.30 38.99
CA ILE M 50 -26.56 86.11 40.19
C ILE M 50 -26.71 87.56 39.74
N ASP M 51 -27.63 88.28 40.39
CA ASP M 51 -27.84 89.66 39.99
C ASP M 51 -26.94 90.57 40.83
N THR M 52 -27.14 91.88 40.70
CA THR M 52 -26.33 92.85 41.43
C THR M 52 -26.69 92.87 42.91
N GLY M 53 -27.96 92.54 43.24
CA GLY M 53 -28.45 92.45 44.59
C GLY M 53 -28.14 91.16 45.32
N GLY M 54 -27.64 90.14 44.63
CA GLY M 54 -27.28 88.89 45.27
C GLY M 54 -28.28 87.78 45.07
N GLY M 55 -29.38 88.04 44.36
CA GLY M 55 -30.39 87.03 44.11
C GLY M 55 -29.92 86.09 43.02
N THR M 56 -30.11 84.80 43.25
CA THR M 56 -29.72 83.77 42.31
C THR M 56 -30.94 83.06 41.75
N TYR M 57 -30.92 82.81 40.44
CA TYR M 57 -31.95 82.05 39.71
C TYR M 57 -31.26 80.99 38.87
N PHE M 58 -31.84 79.79 38.79
CA PHE M 58 -31.16 78.66 38.19
C PHE M 58 -32.03 78.04 37.10
N ALA M 59 -31.49 77.01 36.44
CA ALA M 59 -32.25 76.28 35.45
C ALA M 59 -33.15 75.26 36.14
N SER M 60 -34.03 74.63 35.35
CA SER M 60 -34.99 73.69 35.91
C SER M 60 -34.32 72.42 36.41
N TRP M 61 -33.25 71.97 35.73
CA TRP M 61 -32.61 70.72 36.08
C TRP M 61 -31.64 70.85 37.25
N ALA M 62 -31.40 72.07 37.75
CA ALA M 62 -30.40 72.28 38.80
C ALA M 62 -30.85 71.68 40.13
N LYS M 63 -32.10 71.95 40.52
CA LYS M 63 -32.79 71.31 41.66
C LYS M 63 -32.08 71.55 43.00
N GLY M 64 -31.54 72.75 43.16
CA GLY M 64 -30.88 73.14 44.40
C GLY M 64 -29.48 72.60 44.61
N ARG M 65 -28.90 71.94 43.60
CA ARG M 65 -27.53 71.43 43.67
C ARG M 65 -26.48 72.49 43.42
N PHE M 66 -26.87 73.65 42.88
CA PHE M 66 -25.95 74.72 42.54
C PHE M 66 -26.27 75.96 43.36
N ALA M 67 -25.23 76.70 43.76
CA ALA M 67 -25.39 77.93 44.52
C ALA M 67 -24.33 78.93 44.09
N ILE M 68 -24.74 80.19 43.91
CA ILE M 68 -23.84 81.25 43.45
C ILE M 68 -23.75 82.33 44.53
N SER M 69 -22.53 82.78 44.82
CA SER M 69 -22.28 83.75 45.89
C SER M 69 -21.17 84.71 45.49
N LYS M 70 -21.37 86.01 45.77
CA LYS M 70 -20.33 87.01 45.59
C LYS M 70 -19.49 87.11 46.87
N THR M 71 -18.21 86.73 46.78
CA THR M 71 -17.35 86.71 47.96
C THR M 71 -16.57 88.01 48.09
N SER M 72 -16.15 88.60 46.97
CA SER M 72 -15.46 89.88 47.02
C SER M 72 -15.98 90.75 45.87
N SER M 73 -15.33 91.91 45.69
CA SER M 73 -15.72 92.83 44.63
C SER M 73 -15.32 92.34 43.24
N THR M 74 -14.43 91.36 43.17
CA THR M 74 -13.93 90.82 41.91
C THR M 74 -14.20 89.33 41.71
N THR M 75 -14.72 88.61 42.70
CA THR M 75 -14.85 87.17 42.61
C THR M 75 -16.30 86.73 42.80
N VAL M 76 -16.71 85.74 42.01
CA VAL M 76 -18.03 85.12 42.10
C VAL M 76 -17.83 83.61 42.16
N ASP M 77 -18.35 82.99 43.21
CA ASP M 77 -18.16 81.57 43.48
C ASP M 77 -19.39 80.77 43.05
N LEU M 78 -19.13 79.55 42.56
CA LEU M 78 -20.17 78.58 42.21
C LEU M 78 -19.93 77.28 42.97
N LYS M 79 -20.84 76.96 43.89
CA LYS M 79 -20.74 75.75 44.69
C LYS M 79 -21.70 74.69 44.13
N MET M 80 -21.15 73.50 43.83
CA MET M 80 -21.92 72.42 43.24
C MET M 80 -21.83 71.20 44.15
N THR M 81 -22.97 70.59 44.44
CA THR M 81 -23.03 69.39 45.27
C THR M 81 -23.68 68.28 44.48
N SER M 82 -23.53 67.05 45.02
CA SER M 82 -24.11 65.81 44.48
C SER M 82 -23.66 65.53 43.04
N LEU M 83 -22.36 65.68 42.81
CA LEU M 83 -21.79 65.57 41.48
C LEU M 83 -21.61 64.11 41.09
N THR M 84 -22.07 63.77 39.89
CA THR M 84 -21.85 62.49 39.25
C THR M 84 -21.08 62.76 37.97
N ALA M 85 -20.85 61.70 37.18
CA ALA M 85 -20.04 61.82 35.96
C ALA M 85 -20.70 62.68 34.90
N ALA M 86 -22.03 62.88 34.97
CA ALA M 86 -22.74 63.74 34.04
C ALA M 86 -22.42 65.22 34.23
N ASP M 87 -21.81 65.59 35.35
CA ASP M 87 -21.41 66.97 35.58
C ASP M 87 -19.98 67.23 35.13
N THR M 88 -19.35 66.27 34.46
CA THR M 88 -18.05 66.49 33.85
C THR M 88 -18.23 67.42 32.65
N ALA M 89 -17.69 68.63 32.77
CA ALA M 89 -17.91 69.69 31.79
C ALA M 89 -16.86 70.78 31.96
N THR M 90 -16.75 71.65 30.94
CA THR M 90 -15.99 72.89 31.00
C THR M 90 -16.93 74.02 31.37
N TYR M 91 -16.63 74.71 32.47
CA TYR M 91 -17.56 75.65 33.08
C TYR M 91 -17.10 77.06 32.77
N PHE M 92 -17.99 77.84 32.14
CA PHE M 92 -17.73 79.22 31.77
C PHE M 92 -18.51 80.14 32.67
N CYS M 93 -17.95 81.32 32.90
CA CYS M 93 -18.70 82.44 33.45
C CYS M 93 -18.68 83.58 32.43
N ALA M 94 -19.73 84.41 32.46
CA ALA M 94 -19.89 85.45 31.46
C ALA M 94 -20.55 86.68 32.09
N LYS M 95 -20.11 87.86 31.66
CA LYS M 95 -20.62 89.12 32.19
C LYS M 95 -21.98 89.42 31.59
N GLY M 96 -23.03 89.45 32.44
CA GLY M 96 -24.37 89.66 31.96
C GLY M 96 -24.78 91.13 32.14
N PHE M 97 -25.31 91.70 31.06
CA PHE M 97 -25.85 93.05 31.11
C PHE M 97 -27.19 93.07 31.81
N ASP M 98 -28.03 92.08 31.49
CA ASP M 98 -29.33 91.89 32.14
C ASP M 98 -29.41 90.41 32.50
N TYR M 99 -30.64 89.93 32.72
CA TYR M 99 -30.86 88.53 33.07
C TYR M 99 -30.74 87.60 31.87
N SER M 100 -30.74 88.13 30.65
CA SER M 100 -30.47 87.30 29.48
C SER M 100 -28.99 86.95 29.41
N ALA M 101 -28.70 85.73 28.96
CA ALA M 101 -27.32 85.29 28.80
C ALA M 101 -26.79 85.59 27.39
N SER M 102 -27.04 86.80 26.90
CA SER M 102 -26.60 87.25 25.59
C SER M 102 -25.50 88.28 25.80
N THR M 103 -24.25 87.86 25.61
CA THR M 103 -23.12 88.69 25.96
C THR M 103 -21.92 88.32 25.10
N ASN M 104 -21.01 89.28 24.96
CA ASN M 104 -19.81 89.11 24.16
C ASN M 104 -18.55 88.90 24.98
N LEU M 105 -18.68 88.81 26.31
CA LEU M 105 -17.54 88.74 27.21
C LEU M 105 -17.65 87.45 28.02
N TRP M 106 -16.82 86.46 27.67
CA TRP M 106 -16.85 85.16 28.31
C TRP M 106 -15.48 84.81 28.84
N GLY M 107 -15.44 83.99 29.90
CA GLY M 107 -14.20 83.46 30.41
C GLY M 107 -13.71 82.33 29.53
N PRO M 108 -12.43 81.95 29.67
CA PRO M 108 -11.91 80.85 28.84
C PRO M 108 -12.44 79.48 29.24
N GLY M 109 -12.93 79.33 30.47
CA GLY M 109 -13.49 78.07 30.93
C GLY M 109 -12.52 77.22 31.72
N THR M 110 -13.00 76.53 32.75
CA THR M 110 -12.18 75.61 33.52
C THR M 110 -12.81 74.23 33.47
N LEU M 111 -11.97 73.20 33.50
CA LEU M 111 -12.36 71.84 33.14
C LEU M 111 -12.63 71.03 34.40
N VAL M 112 -13.87 70.56 34.54
CA VAL M 112 -14.29 69.80 35.71
C VAL M 112 -14.51 68.36 35.28
N THR M 113 -13.85 67.44 35.99
CA THR M 113 -13.95 66.01 35.73
C THR M 113 -14.43 65.32 37.00
N ILE M 114 -15.51 64.56 36.89
CA ILE M 114 -16.04 63.79 38.01
C ILE M 114 -15.79 62.31 37.68
N SER M 115 -14.81 61.71 38.36
CA SER M 115 -14.46 60.31 38.14
C SER M 115 -13.75 59.75 39.36
N SER M 116 -13.69 58.42 39.42
CA SER M 116 -12.99 57.71 40.48
C SER M 116 -11.64 57.18 40.02
N ALA M 117 -11.08 57.73 38.95
CA ALA M 117 -9.76 57.32 38.51
C ALA M 117 -8.68 58.21 39.12
N SER M 118 -7.45 57.72 39.06
CA SER M 118 -6.30 58.41 39.61
C SER M 118 -5.70 59.34 38.56
N THR M 119 -5.20 60.46 39.03
CA THR M 119 -4.47 61.41 38.19
C THR M 119 -3.14 60.80 37.75
N GLN M 120 -3.02 60.56 36.45
CA GLN M 120 -1.84 59.96 35.87
C GLN M 120 -1.18 60.94 34.91
N SER M 121 0.13 61.01 34.97
CA SER M 121 0.91 61.88 34.12
C SER M 121 1.12 61.21 32.75
N PRO M 122 1.16 61.99 31.67
CA PRO M 122 1.27 61.39 30.33
C PRO M 122 2.66 60.84 30.06
N SER M 123 2.68 59.74 29.32
CA SER M 123 3.90 59.19 28.77
C SER M 123 4.07 59.72 27.35
N VAL M 124 5.19 60.38 27.07
CA VAL M 124 5.41 61.03 25.78
C VAL M 124 6.39 60.21 24.96
N PHE M 125 5.96 59.80 23.76
CA PHE M 125 6.72 58.95 22.86
C PHE M 125 6.77 59.55 21.46
N PRO M 126 7.90 59.44 20.78
CA PRO M 126 8.01 60.02 19.42
C PRO M 126 7.31 59.19 18.35
N LEU M 127 6.82 59.89 17.34
CA LEU M 127 6.17 59.28 16.19
C LEU M 127 6.98 59.61 14.93
N THR M 128 7.78 58.66 14.47
CA THR M 128 8.52 58.77 13.22
C THR M 128 8.19 57.56 12.37
N ARG M 129 8.20 57.76 11.05
CA ARG M 129 8.02 56.66 10.11
C ARG M 129 9.30 55.83 10.00
N CYS M 130 9.18 54.67 9.35
CA CYS M 130 10.35 53.86 9.03
C CYS M 130 11.20 54.58 7.98
N CYS M 131 12.51 54.64 8.26
CA CYS M 131 13.42 55.43 7.44
C CYS M 131 13.63 54.84 6.06
N LYS M 132 13.42 53.52 5.88
CA LYS M 132 13.45 52.98 4.53
C LYS M 132 12.20 53.38 3.75
N ASN M 133 11.08 53.64 4.44
CA ASN M 133 9.85 54.04 3.77
C ASN M 133 9.76 55.54 3.51
N ILE M 134 10.70 56.34 4.02
CA ILE M 134 10.77 57.75 3.70
C ILE M 134 11.63 57.89 2.44
N PRO M 135 11.16 58.59 1.42
CA PRO M 135 12.00 58.80 0.22
C PRO M 135 13.19 59.73 0.50
N SER M 136 14.28 59.48 -0.22
CA SER M 136 15.47 60.30 -0.07
C SER M 136 15.31 61.68 -0.69
N ASN M 137 14.40 61.83 -1.67
CA ASN M 137 14.12 63.12 -2.29
C ASN M 137 12.87 63.77 -1.70
N ALA M 138 12.59 63.52 -0.42
CA ALA M 138 11.43 64.09 0.25
C ALA M 138 11.75 65.50 0.69
N THR M 139 10.99 66.48 0.21
CA THR M 139 11.20 67.85 0.62
C THR M 139 10.60 68.14 1.99
N SER M 140 9.55 67.42 2.37
CA SER M 140 8.92 67.61 3.67
C SER M 140 8.72 66.26 4.34
N VAL M 141 8.59 66.29 5.67
CA VAL M 141 8.38 65.09 6.46
C VAL M 141 7.36 65.40 7.55
N THR M 142 6.60 64.38 7.92
CA THR M 142 5.61 64.48 8.99
C THR M 142 6.04 63.60 10.14
N LEU M 143 6.24 64.21 11.31
CA LEU M 143 6.60 63.53 12.54
C LEU M 143 5.63 64.01 13.61
N GLY M 144 5.70 63.39 14.78
CA GLY M 144 4.73 63.71 15.81
C GLY M 144 5.13 63.17 17.17
N CYS M 145 4.28 63.45 18.15
CA CYS M 145 4.45 62.98 19.53
C CYS M 145 3.16 62.38 20.03
N LEU M 146 3.26 61.25 20.72
CA LEU M 146 2.11 60.59 21.32
C LEU M 146 2.16 60.77 22.83
N ALA M 147 1.21 61.52 23.37
CA ALA M 147 1.03 61.65 24.82
C ALA M 147 -0.15 60.78 25.20
N THR M 148 0.12 59.68 25.92
CA THR M 148 -0.89 58.67 26.19
C THR M 148 -0.89 58.32 27.67
N GLY M 149 -2.04 57.81 28.13
CA GLY M 149 -2.19 57.32 29.49
C GLY M 149 -2.41 58.37 30.55
N TYR M 150 -2.83 59.57 30.19
CA TYR M 150 -3.01 60.66 31.15
C TYR M 150 -4.47 60.81 31.54
N PHE M 151 -4.67 61.40 32.73
CA PHE M 151 -6.00 61.68 33.27
C PHE M 151 -5.87 62.79 34.32
N PRO M 152 -6.73 63.80 34.30
CA PRO M 152 -7.75 64.10 33.29
C PRO M 152 -7.25 65.01 32.17
N GLU M 153 -8.18 65.55 31.40
CA GLU M 153 -7.87 66.56 30.39
C GLU M 153 -7.53 67.88 31.08
N PRO M 154 -6.73 68.77 30.44
CA PRO M 154 -6.05 68.70 29.15
C PRO M 154 -4.53 68.61 29.23
N VAL M 155 -3.94 68.42 28.06
CA VAL M 155 -2.51 68.61 27.87
C VAL M 155 -2.30 69.74 26.87
N MET M 156 -1.11 70.35 26.92
CA MET M 156 -0.71 71.40 26.01
C MET M 156 0.61 71.00 25.39
N VAL M 157 0.61 70.81 24.07
CA VAL M 157 1.80 70.40 23.33
C VAL M 157 2.29 71.56 22.46
N THR M 158 3.54 71.98 22.68
CA THR M 158 4.22 72.94 21.82
C THR M 158 5.43 72.27 21.17
N TRP M 159 5.93 72.87 20.08
CA TRP M 159 7.01 72.28 19.30
C TRP M 159 8.17 73.26 19.15
N ASP M 160 9.39 72.73 19.32
CA ASP M 160 10.61 73.44 19.00
C ASP M 160 11.14 72.86 17.69
N THR M 161 11.24 73.70 16.66
CA THR M 161 11.66 73.26 15.34
C THR M 161 13.06 73.72 14.97
N GLY M 162 13.75 74.43 15.86
CA GLY M 162 15.06 74.98 15.55
C GLY M 162 15.00 76.12 14.55
N SER M 163 15.70 75.97 13.43
CA SER M 163 15.71 76.99 12.38
C SER M 163 14.68 76.73 11.29
N LEU M 164 14.01 75.58 11.31
CA LEU M 164 13.05 75.22 10.27
C LEU M 164 11.66 75.76 10.60
N ASN M 165 10.91 76.10 9.55
CA ASN M 165 9.52 76.52 9.69
C ASN M 165 8.59 75.33 9.54
N GLY M 166 7.64 75.19 10.47
CA GLY M 166 6.75 74.06 10.47
C GLY M 166 5.34 74.44 10.90
N THR M 167 4.39 73.62 10.48
CA THR M 167 2.99 73.76 10.85
C THR M 167 2.59 72.63 11.81
N THR M 168 1.94 72.99 12.91
CA THR M 168 1.55 72.04 13.95
C THR M 168 0.06 71.76 13.91
N MET M 169 -0.30 70.54 14.33
CA MET M 169 -1.70 70.11 14.36
C MET M 169 -1.90 69.07 15.45
N THR M 170 -2.77 69.37 16.41
CA THR M 170 -3.06 68.45 17.51
C THR M 170 -4.48 67.94 17.37
N LEU M 171 -4.63 66.61 17.33
CA LEU M 171 -5.92 65.96 17.23
C LEU M 171 -6.59 65.95 18.59
N PRO M 172 -7.93 65.85 18.64
CA PRO M 172 -8.61 65.71 19.92
C PRO M 172 -8.29 64.41 20.64
N ALA M 173 -8.44 64.43 21.95
CA ALA M 173 -8.06 63.31 22.80
C ALA M 173 -9.06 62.17 22.66
N THR M 174 -8.56 60.94 22.72
CA THR M 174 -9.41 59.75 22.73
C THR M 174 -9.33 59.08 24.08
N THR M 175 -10.47 58.68 24.62
CA THR M 175 -10.49 57.97 25.89
C THR M 175 -10.14 56.51 25.66
N LEU M 176 -9.06 56.02 26.30
CA LEU M 176 -8.68 54.62 26.19
C LEU M 176 -9.74 53.74 26.86
N THR M 177 -10.17 52.70 26.14
CA THR M 177 -11.33 51.93 26.56
C THR M 177 -11.02 51.06 27.78
N LEU M 178 -9.78 50.60 27.92
CA LEU M 178 -9.46 49.67 29.00
C LEU M 178 -9.14 50.38 30.32
N SER M 179 -8.48 51.55 30.26
CA SER M 179 -8.05 52.23 31.48
C SER M 179 -8.89 53.45 31.82
N GLY M 180 -9.61 54.02 30.85
CA GLY M 180 -10.36 55.26 31.04
C GLY M 180 -9.54 56.51 30.90
N HIS M 181 -8.23 56.40 30.72
CA HIS M 181 -7.35 57.54 30.54
C HIS M 181 -7.40 58.05 29.09
N TYR M 182 -6.82 59.23 28.90
CA TYR M 182 -6.84 59.92 27.62
C TYR M 182 -5.50 59.75 26.90
N ALA M 183 -5.55 59.96 25.58
CA ALA M 183 -4.38 59.92 24.72
C ALA M 183 -4.58 60.91 23.58
N THR M 184 -3.52 61.66 23.24
CA THR M 184 -3.59 62.66 22.18
C THR M 184 -2.37 62.53 21.28
N ILE M 185 -2.50 63.05 20.07
CA ILE M 185 -1.43 63.03 19.06
C ILE M 185 -1.27 64.45 18.54
N SER M 186 -0.08 65.01 18.71
CA SER M 186 0.28 66.29 18.12
C SER M 186 1.30 66.03 17.02
N LEU M 187 1.11 66.65 15.87
CA LEU M 187 1.91 66.39 14.68
C LEU M 187 2.61 67.66 14.21
N LEU M 188 3.78 67.48 13.62
CA LEU M 188 4.58 68.58 13.09
C LEU M 188 5.00 68.22 11.67
N THR M 189 4.78 69.15 10.74
CA THR M 189 5.19 68.98 9.33
C THR M 189 6.18 70.09 8.98
N VAL M 190 7.43 69.71 8.77
CA VAL M 190 8.49 70.68 8.45
C VAL M 190 9.02 70.41 7.05
N SER M 191 9.59 71.47 6.45
CA SER M 191 10.21 71.39 5.13
C SER M 191 11.64 71.94 5.21
N GLY M 192 12.48 71.45 4.30
CA GLY M 192 13.85 71.91 4.23
C GLY M 192 14.87 70.86 4.64
N ALA M 193 15.84 71.25 5.46
CA ALA M 193 16.90 70.34 5.91
C ALA M 193 16.50 69.64 7.21
N TRP M 194 15.45 68.84 7.12
CA TRP M 194 14.93 68.09 8.26
C TRP M 194 15.75 66.85 8.59
N ALA M 195 16.69 66.47 7.71
CA ALA M 195 17.43 65.22 7.89
C ALA M 195 18.42 65.32 9.05
N LYS M 196 19.00 66.49 9.25
CA LYS M 196 20.00 66.70 10.30
C LYS M 196 19.45 67.52 11.45
N GLN M 197 18.16 67.84 11.45
CA GLN M 197 17.57 68.69 12.47
C GLN M 197 17.02 67.86 13.63
N MET M 198 17.28 68.33 14.85
CA MET M 198 16.70 67.78 16.07
C MET M 198 15.40 68.50 16.40
N PHE M 199 14.36 67.74 16.73
CA PHE M 199 13.04 68.27 17.01
C PHE M 199 12.63 67.94 18.43
N THR M 200 11.96 68.89 19.09
CA THR M 200 11.53 68.72 20.48
C THR M 200 10.05 69.07 20.59
N CYS M 201 9.24 68.15 21.14
CA CYS M 201 7.88 68.48 21.51
C CYS M 201 7.80 68.66 23.03
N ARG M 202 7.08 69.68 23.47
CA ARG M 202 7.00 70.04 24.89
C ARG M 202 5.56 69.79 25.33
N VAL M 203 5.36 68.73 26.09
CA VAL M 203 4.04 68.31 26.55
C VAL M 203 3.87 68.73 28.01
N ALA M 204 2.95 69.64 28.28
CA ALA M 204 2.66 70.09 29.64
C ALA M 204 1.30 69.54 30.06
N HIS M 205 1.20 69.11 31.32
CA HIS M 205 -0.03 68.54 31.86
C HIS M 205 -0.32 69.20 33.22
N THR M 206 -1.06 70.31 33.19
CA THR M 206 -1.42 71.04 34.40
C THR M 206 -2.26 70.32 35.47
N PRO M 207 -3.07 69.27 35.19
CA PRO M 207 -3.62 68.50 36.32
C PRO M 207 -2.60 67.73 37.13
N SER M 208 -1.47 67.33 36.56
CA SER M 208 -0.45 66.67 37.37
C SER M 208 0.31 67.69 38.23
N SER M 209 0.82 68.74 37.59
CA SER M 209 1.54 69.81 38.25
C SER M 209 1.49 71.04 37.36
N THR M 210 1.59 72.22 37.98
CA THR M 210 1.62 73.46 37.21
C THR M 210 2.94 73.61 36.44
N ASP M 211 4.00 72.94 36.91
CA ASP M 211 5.29 72.96 36.23
C ASP M 211 5.66 71.59 35.64
N TRP M 212 4.68 70.72 35.42
CA TRP M 212 4.95 69.42 34.81
C TRP M 212 5.18 69.63 33.30
N VAL M 213 6.40 69.40 32.85
CA VAL M 213 6.77 69.54 31.44
C VAL M 213 7.63 68.34 31.09
N ASP M 214 7.27 67.63 30.03
CA ASP M 214 8.08 66.52 29.55
C ASP M 214 8.63 66.91 28.18
N ASN M 215 9.96 66.85 28.05
CA ASN M 215 10.64 67.24 26.82
C ASN M 215 11.16 65.99 26.13
N LYS M 216 10.62 65.71 24.96
CA LYS M 216 11.03 64.58 24.14
C LYS M 216 11.81 65.17 22.98
N THR M 217 13.14 64.98 22.99
CA THR M 217 14.01 65.44 21.91
C THR M 217 14.48 64.25 21.08
N PHE M 218 14.27 64.33 19.76
CA PHE M 218 14.54 63.23 18.86
C PHE M 218 14.68 63.77 17.44
N SER M 219 15.21 62.94 16.56
CA SER M 219 15.29 63.24 15.13
C SER M 219 14.35 62.33 14.35
N VAL M 220 14.20 62.63 13.06
CA VAL M 220 13.32 61.86 12.19
C VAL M 220 13.92 60.49 11.90
N CYS M 221 15.22 60.44 11.63
CA CYS M 221 15.87 59.21 11.26
C CYS M 221 17.03 58.95 12.21
N SER M 222 17.05 57.76 12.80
CA SER M 222 18.13 57.35 13.71
C SER M 222 19.31 56.77 12.91
N ARG M 223 19.91 57.63 12.09
CA ARG M 223 21.14 57.28 11.36
C ARG M 223 22.38 57.42 12.22
N GLU N 1 -38.91 72.05 31.49
CA GLU N 1 -40.21 71.86 30.87
C GLU N 1 -40.23 72.37 29.42
N LEU N 2 -39.88 73.65 29.24
CA LEU N 2 -39.93 74.27 27.92
C LEU N 2 -38.70 73.91 27.09
N ASP N 3 -38.90 73.86 25.77
CA ASP N 3 -37.90 73.39 24.81
C ASP N 3 -37.48 74.52 23.87
N MET N 4 -36.22 74.47 23.45
CA MET N 4 -35.72 75.32 22.36
C MET N 4 -35.15 74.39 21.31
N THR N 5 -35.80 74.33 20.14
CA THR N 5 -35.55 73.31 19.14
C THR N 5 -34.77 73.92 17.98
N GLN N 6 -33.53 73.49 17.81
CA GLN N 6 -32.67 74.01 16.76
C GLN N 6 -32.52 72.96 15.68
N THR N 7 -32.86 73.35 14.45
CA THR N 7 -32.82 72.53 13.25
C THR N 7 -32.10 73.28 12.14
N PRO N 8 -31.29 72.61 11.30
CA PRO N 8 -30.88 71.19 11.36
C PRO N 8 -29.68 71.06 12.29
N SER N 9 -29.26 69.84 12.64
CA SER N 9 -28.06 69.70 13.45
C SER N 9 -26.80 69.87 12.61
N SER N 10 -26.89 69.67 11.30
CA SER N 10 -25.72 69.79 10.43
C SER N 10 -26.18 70.30 9.07
N VAL N 11 -25.34 71.10 8.43
CA VAL N 11 -25.65 71.70 7.12
C VAL N 11 -24.34 71.93 6.37
N SER N 12 -24.37 71.73 5.05
CA SER N 12 -23.21 71.90 4.18
C SER N 12 -23.58 72.83 3.03
N ALA N 13 -22.69 73.78 2.72
CA ALA N 13 -22.87 74.73 1.64
C ALA N 13 -21.50 75.24 1.22
N PRO N 14 -21.27 75.51 -0.07
CA PRO N 14 -19.93 75.88 -0.53
C PRO N 14 -19.57 77.31 -0.18
N VAL N 15 -18.33 77.70 -0.54
CA VAL N 15 -17.88 79.07 -0.34
C VAL N 15 -18.65 80.01 -1.27
N GLY N 16 -19.25 81.05 -0.69
CA GLY N 16 -20.11 81.96 -1.41
C GLY N 16 -21.58 81.64 -1.31
N GLY N 17 -21.92 80.50 -0.71
CA GLY N 17 -23.30 80.09 -0.56
C GLY N 17 -23.97 80.67 0.67
N SER N 18 -25.08 80.04 1.04
CA SER N 18 -25.90 80.50 2.14
C SER N 18 -26.40 79.30 2.93
N VAL N 19 -26.57 79.51 4.22
CA VAL N 19 -27.20 78.55 5.11
C VAL N 19 -28.24 79.28 5.94
N THR N 20 -29.28 78.55 6.33
CA THR N 20 -30.32 79.04 7.21
C THR N 20 -30.46 78.10 8.40
N ILE N 21 -30.35 78.65 9.61
CA ILE N 21 -30.45 77.89 10.84
C ILE N 21 -31.68 78.41 11.59
N ASN N 22 -32.58 77.51 11.95
CA ASN N 22 -33.84 77.87 12.58
C ASN N 22 -33.85 77.47 14.05
N CYS N 23 -34.48 78.30 14.88
CA CYS N 23 -34.71 77.99 16.29
C CYS N 23 -36.19 78.18 16.61
N GLN N 24 -36.82 77.12 17.12
CA GLN N 24 -38.24 77.13 17.44
C GLN N 24 -38.43 76.86 18.92
N SER N 25 -39.12 77.77 19.61
CA SER N 25 -39.34 77.71 21.05
C SER N 25 -40.77 77.25 21.36
N SER N 26 -40.91 76.49 22.45
CA SER N 26 -42.23 76.00 22.88
C SER N 26 -43.07 77.08 23.54
N GLN N 27 -42.46 78.11 24.08
CA GLN N 27 -43.15 79.23 24.68
C GLN N 27 -42.47 80.49 24.16
N SER N 28 -43.24 81.57 23.97
CA SER N 28 -42.69 82.82 23.48
C SER N 28 -41.64 83.40 24.43
N VAL N 29 -40.57 83.93 23.86
CA VAL N 29 -39.46 84.48 24.63
C VAL N 29 -39.88 85.80 25.27
N TYR N 30 -39.02 86.32 26.16
CA TYR N 30 -39.28 87.56 26.88
C TYR N 30 -39.34 88.74 25.92
N GLY N 31 -40.46 89.45 25.89
CA GLY N 31 -40.63 90.58 25.01
C GLY N 31 -40.69 90.27 23.53
N ASN N 32 -40.92 89.01 23.16
CA ASN N 32 -41.06 88.47 21.80
C ASN N 32 -39.79 88.60 20.96
N ASN N 33 -38.64 89.00 21.54
CA ASN N 33 -37.43 89.14 20.72
C ASN N 33 -36.14 88.89 21.48
N TYR N 34 -36.15 88.53 22.76
CA TYR N 34 -34.90 88.26 23.49
C TYR N 34 -34.36 86.92 23.03
N LEU N 35 -33.62 86.95 21.93
CA LEU N 35 -33.06 85.75 21.31
C LEU N 35 -31.67 86.09 20.80
N ALA N 36 -30.70 85.24 21.12
CA ALA N 36 -29.30 85.46 20.77
C ALA N 36 -28.80 84.37 19.84
N TRP N 37 -27.68 84.63 19.17
CA TRP N 37 -27.01 83.64 18.35
C TRP N 37 -25.52 83.65 18.65
N TYR N 38 -24.95 82.45 18.80
CA TYR N 38 -23.55 82.31 19.15
C TYR N 38 -22.82 81.50 18.09
N GLN N 39 -21.52 81.73 17.98
CA GLN N 39 -20.63 80.94 17.16
C GLN N 39 -19.53 80.37 18.05
N GLN N 40 -19.32 79.06 17.99
CA GLN N 40 -18.32 78.43 18.85
C GLN N 40 -17.42 77.51 18.04
N LYS N 41 -16.11 77.63 18.26
CA LYS N 41 -15.12 76.73 17.69
C LYS N 41 -14.48 75.90 18.81
N ALA N 42 -13.58 75.00 18.42
CA ALA N 42 -13.04 74.01 19.35
C ALA N 42 -12.10 74.66 20.36
N GLY N 43 -12.36 74.42 21.65
CA GLY N 43 -11.51 74.94 22.69
C GLY N 43 -11.68 76.40 23.00
N GLN N 44 -12.72 77.05 22.48
CA GLN N 44 -12.92 78.47 22.66
C GLN N 44 -14.26 78.74 23.33
N PRO N 45 -14.40 79.88 24.02
CA PRO N 45 -15.74 80.29 24.46
C PRO N 45 -16.56 80.73 23.27
N PRO N 46 -17.89 80.69 23.38
CA PRO N 46 -18.73 81.15 22.26
C PRO N 46 -18.65 82.66 22.04
N LYS N 47 -18.79 83.05 20.78
CA LYS N 47 -18.74 84.45 20.38
C LYS N 47 -20.12 84.90 19.95
N LEU N 48 -20.58 86.01 20.52
CA LEU N 48 -21.90 86.53 20.22
C LEU N 48 -21.94 87.12 18.82
N LEU N 49 -22.97 86.76 18.05
CA LEU N 49 -23.16 87.30 16.71
C LEU N 49 -24.39 88.19 16.62
N ILE N 50 -25.51 87.72 17.12
CA ILE N 50 -26.78 88.42 17.08
C ILE N 50 -27.33 88.44 18.50
N TYR N 51 -27.86 89.58 18.93
CA TYR N 51 -28.66 89.67 20.14
C TYR N 51 -29.92 90.45 19.81
N ARG N 52 -30.92 90.31 20.69
CA ARG N 52 -32.27 90.88 20.53
C ARG N 52 -32.88 90.51 19.18
N ALA N 53 -32.71 89.23 18.80
CA ALA N 53 -33.20 88.55 17.60
C ALA N 53 -32.63 89.06 16.27
N SER N 54 -32.21 90.31 16.17
CA SER N 54 -31.81 90.81 14.86
C SER N 54 -30.67 91.82 14.91
N THR N 55 -30.33 92.33 16.09
CA THR N 55 -29.29 93.35 16.20
C THR N 55 -27.91 92.71 16.14
N LEU N 56 -27.08 93.21 15.22
CA LEU N 56 -25.75 92.67 15.00
C LEU N 56 -24.79 93.09 16.11
N ALA N 57 -24.02 92.12 16.61
CA ALA N 57 -23.04 92.36 17.65
C ALA N 57 -21.84 93.13 17.11
N SER N 58 -21.15 93.84 18.01
CA SER N 58 -20.00 94.65 17.62
C SER N 58 -18.82 93.74 17.28
N GLY N 59 -18.31 93.86 16.07
CA GLY N 59 -17.25 93.03 15.57
C GLY N 59 -17.70 91.85 14.72
N ALA N 60 -18.98 91.50 14.78
CA ALA N 60 -19.49 90.45 13.92
C ALA N 60 -19.66 91.00 12.50
N PRO N 61 -19.40 90.20 11.48
CA PRO N 61 -19.53 90.70 10.10
C PRO N 61 -20.98 90.92 9.71
N SER N 62 -21.16 91.66 8.61
CA SER N 62 -22.49 92.00 8.11
C SER N 62 -23.23 90.81 7.50
N ARG N 63 -22.53 89.71 7.20
CA ARG N 63 -23.16 88.56 6.57
C ARG N 63 -23.98 87.72 7.55
N PHE N 64 -23.87 87.97 8.85
CA PHE N 64 -24.74 87.34 9.83
C PHE N 64 -25.98 88.22 9.99
N LYS N 65 -27.14 87.67 9.65
CA LYS N 65 -28.41 88.38 9.72
C LYS N 65 -29.40 87.53 10.50
N GLY N 66 -29.91 88.07 11.60
CA GLY N 66 -30.92 87.39 12.39
C GLY N 66 -32.29 87.97 12.13
N SER N 67 -33.31 87.13 12.32
CA SER N 67 -34.69 87.58 12.13
C SER N 67 -35.59 86.70 12.97
N GLY N 68 -36.82 87.15 13.17
CA GLY N 68 -37.83 86.38 13.85
C GLY N 68 -38.52 87.17 14.94
N SER N 69 -39.56 86.55 15.48
CA SER N 69 -40.41 87.13 16.51
C SER N 69 -41.12 86.00 17.23
N GLY N 70 -41.39 86.20 18.51
CA GLY N 70 -42.18 85.27 19.28
C GLY N 70 -41.50 83.94 19.54
N THR N 71 -41.81 82.95 18.69
CA THR N 71 -41.32 81.60 18.86
C THR N 71 -40.46 81.10 17.71
N GLN N 72 -40.47 81.76 16.55
CA GLN N 72 -39.78 81.28 15.36
C GLN N 72 -38.71 82.30 14.99
N PHE N 73 -37.45 81.86 14.96
CA PHE N 73 -36.31 82.72 14.70
C PHE N 73 -35.38 82.05 13.71
N THR N 74 -34.63 82.85 12.97
CA THR N 74 -33.77 82.34 11.90
C THR N 74 -32.47 83.13 11.84
N LEU N 75 -31.35 82.40 11.77
CA LEU N 75 -30.04 82.96 11.44
C LEU N 75 -29.67 82.58 10.00
N THR N 76 -29.34 83.59 9.20
CA THR N 76 -28.94 83.38 7.81
C THR N 76 -27.49 83.84 7.63
N ILE N 77 -26.61 82.91 7.27
CA ILE N 77 -25.21 83.21 7.01
C ILE N 77 -25.03 83.12 5.49
N SER N 78 -25.11 84.26 4.81
CA SER N 78 -24.88 84.27 3.37
C SER N 78 -23.42 84.58 3.08
N ASP N 79 -23.00 84.27 1.84
CA ASP N 79 -21.66 84.49 1.30
C ASP N 79 -20.60 83.83 2.20
N LEU N 80 -20.65 82.50 2.23
CA LEU N 80 -19.89 81.73 3.21
C LEU N 80 -18.40 81.75 2.92
N GLU N 81 -17.61 81.85 3.99
CA GLU N 81 -16.16 81.76 3.97
C GLU N 81 -15.72 80.52 4.73
N SER N 82 -14.43 80.18 4.57
CA SER N 82 -13.86 79.05 5.29
C SER N 82 -13.69 79.31 6.79
N ASP N 83 -13.70 80.58 7.21
CA ASP N 83 -13.68 80.89 8.63
C ASP N 83 -15.00 80.57 9.31
N ASP N 84 -16.10 80.51 8.56
CA ASP N 84 -17.43 80.32 9.13
C ASP N 84 -17.76 78.87 9.50
N ALA N 85 -16.84 77.93 9.26
CA ALA N 85 -17.06 76.54 9.64
C ALA N 85 -16.92 76.43 11.15
N ALA N 86 -18.05 76.34 11.85
CA ALA N 86 -18.09 76.31 13.30
C ALA N 86 -19.44 75.74 13.72
N THR N 87 -19.63 75.61 15.02
CA THR N 87 -20.90 75.15 15.58
C THR N 87 -21.65 76.36 16.11
N TYR N 88 -22.93 76.46 15.75
CA TYR N 88 -23.74 77.63 16.04
C TYR N 88 -24.83 77.27 17.03
N TYR N 89 -25.10 78.17 17.97
CA TYR N 89 -26.10 77.96 19.01
C TYR N 89 -27.01 79.17 19.07
N CYS N 90 -28.27 78.93 19.39
CA CYS N 90 -29.16 80.03 19.76
C CYS N 90 -29.44 80.03 21.25
N LEU N 91 -29.80 81.20 21.77
CA LEU N 91 -30.02 81.36 23.20
C LEU N 91 -31.25 82.24 23.41
N GLY N 92 -32.27 81.66 24.02
CA GLY N 92 -33.51 82.36 24.33
C GLY N 92 -33.59 82.68 25.82
N TYR N 93 -34.03 83.89 26.12
CA TYR N 93 -34.32 84.29 27.49
C TYR N 93 -35.84 84.34 27.67
N TYR N 94 -36.30 83.91 28.84
CA TYR N 94 -37.72 83.68 29.09
C TYR N 94 -38.17 84.38 30.36
N ASN N 95 -39.48 84.57 30.47
CA ASN N 95 -40.09 84.94 31.75
C ASN N 95 -39.82 83.87 32.79
N GLY N 96 -39.44 84.31 33.99
CA GLY N 96 -39.00 83.42 35.04
C GLY N 96 -37.51 83.40 35.26
N VAL N 97 -36.76 84.25 34.56
CA VAL N 97 -35.29 84.28 34.50
C VAL N 97 -34.79 82.89 34.15
N ILE N 98 -35.00 82.50 32.89
CA ILE N 98 -34.61 81.19 32.37
C ILE N 98 -33.91 81.43 31.04
N ASN N 99 -32.73 80.85 30.86
CA ASN N 99 -32.04 80.84 29.58
C ASN N 99 -31.92 79.40 29.10
N VAL N 100 -32.27 79.15 27.83
CA VAL N 100 -32.23 77.81 27.25
C VAL N 100 -31.46 77.88 25.94
N PHE N 101 -30.38 77.12 25.83
CA PHE N 101 -29.62 77.05 24.59
C PHE N 101 -30.28 76.10 23.60
N GLY N 102 -30.07 76.37 22.31
CA GLY N 102 -30.47 75.43 21.29
C GLY N 102 -29.55 74.23 21.26
N GLY N 103 -29.97 73.20 20.51
CA GLY N 103 -29.20 71.97 20.47
C GLY N 103 -27.89 72.07 19.71
N GLY N 104 -27.77 73.05 18.84
CA GLY N 104 -26.54 73.28 18.11
C GLY N 104 -26.66 72.90 16.65
N THR N 105 -25.90 73.62 15.81
CA THR N 105 -25.86 73.35 14.37
C THR N 105 -24.43 73.42 13.92
N ASN N 106 -23.92 72.33 13.34
CA ASN N 106 -22.58 72.29 12.78
C ASN N 106 -22.63 72.71 11.31
N VAL N 107 -21.87 73.74 10.96
CA VAL N 107 -21.80 74.24 9.59
C VAL N 107 -20.51 73.73 8.96
N GLU N 108 -20.64 72.98 7.88
CA GLU N 108 -19.52 72.44 7.14
C GLU N 108 -19.37 73.20 5.83
N ILE N 109 -18.15 73.62 5.51
CA ILE N 109 -17.88 74.26 4.23
C ILE N 109 -17.66 73.19 3.17
N LYS N 110 -18.51 73.19 2.15
CA LYS N 110 -18.41 72.21 1.08
C LYS N 110 -17.28 72.62 0.14
N ARG N 111 -16.46 71.65 -0.26
CA ARG N 111 -15.35 71.89 -1.17
C ARG N 111 -15.21 70.69 -2.11
N THR N 112 -14.12 70.65 -2.87
CA THR N 112 -13.86 69.53 -3.79
C THR N 112 -13.37 68.32 -3.01
N VAL N 113 -13.44 67.16 -3.65
CA VAL N 113 -13.02 65.91 -3.00
C VAL N 113 -11.50 65.84 -2.99
N GLY N 114 -10.93 65.63 -1.80
CA GLY N 114 -9.53 65.35 -1.67
C GLY N 114 -9.30 64.00 -1.02
N ALA N 115 -8.45 63.19 -1.66
CA ALA N 115 -8.08 61.91 -1.10
C ALA N 115 -7.08 62.10 0.04
N PRO N 116 -7.14 61.27 1.09
CA PRO N 116 -6.23 61.45 2.22
C PRO N 116 -4.81 60.99 1.94
N SER N 117 -3.84 61.71 2.51
CA SER N 117 -2.45 61.26 2.52
C SER N 117 -2.25 60.37 3.74
N VAL N 118 -1.90 59.11 3.51
CA VAL N 118 -1.83 58.11 4.57
C VAL N 118 -0.38 57.97 5.02
N PHE N 119 -0.19 57.95 6.34
CA PHE N 119 1.10 57.68 6.96
C PHE N 119 0.87 56.68 8.08
N ILE N 120 1.87 55.83 8.30
CA ILE N 120 1.83 54.86 9.40
C ILE N 120 3.06 55.08 10.28
N PHE N 121 2.88 54.92 11.58
CA PHE N 121 3.94 55.16 12.57
C PHE N 121 4.12 53.93 13.45
N PRO N 122 5.28 53.28 13.42
CA PRO N 122 5.53 52.15 14.32
C PRO N 122 5.69 52.63 15.75
N PRO N 123 5.43 51.77 16.74
CA PRO N 123 5.65 52.18 18.13
C PRO N 123 7.12 52.36 18.40
N SER N 124 7.40 53.30 19.28
CA SER N 124 8.76 53.64 19.66
C SER N 124 9.33 52.59 20.60
N ASP N 125 10.67 52.53 20.66
CA ASP N 125 11.32 51.62 21.59
C ASP N 125 11.17 52.04 23.05
N GLU N 126 10.93 53.32 23.30
CA GLU N 126 10.65 53.76 24.67
C GLU N 126 9.31 53.22 25.16
N GLN N 127 8.33 53.11 24.26
CA GLN N 127 7.01 52.63 24.66
C GLN N 127 7.00 51.12 24.90
N LEU N 128 7.85 50.39 24.17
CA LEU N 128 7.93 48.94 24.35
C LEU N 128 8.53 48.55 25.70
N LYS N 129 9.30 49.45 26.33
CA LYS N 129 9.84 49.16 27.66
C LYS N 129 8.76 49.17 28.74
N SER N 130 7.61 49.80 28.50
CA SER N 130 6.55 49.90 29.48
C SER N 130 5.46 48.86 29.27
N GLY N 131 5.56 48.03 28.23
CA GLY N 131 4.65 46.93 28.06
C GLY N 131 3.45 47.17 27.17
N THR N 132 3.38 48.32 26.50
CA THR N 132 2.27 48.68 25.62
C THR N 132 2.85 49.08 24.27
N ALA N 133 2.17 48.75 23.18
CA ALA N 133 2.61 49.15 21.84
C ALA N 133 1.45 49.84 21.12
N SER N 134 1.66 51.10 20.74
CA SER N 134 0.67 51.87 20.01
C SER N 134 1.14 52.09 18.59
N VAL N 135 0.36 51.62 17.63
CA VAL N 135 0.61 51.83 16.21
C VAL N 135 -0.38 52.87 15.72
N VAL N 136 0.12 53.89 15.03
CA VAL N 136 -0.67 55.07 14.67
C VAL N 136 -0.74 55.17 13.15
N CYS N 137 -1.95 55.27 12.62
CA CYS N 137 -2.18 55.51 11.19
C CYS N 137 -2.84 56.88 11.02
N LEU N 138 -2.20 57.74 10.23
CA LEU N 138 -2.65 59.12 10.06
C LEU N 138 -3.21 59.33 8.65
N LEU N 139 -4.39 59.94 8.58
CA LEU N 139 -5.03 60.33 7.32
C LEU N 139 -5.02 61.85 7.30
N ASN N 140 -4.28 62.43 6.35
CA ASN N 140 -3.99 63.86 6.37
C ASN N 140 -4.67 64.54 5.19
N ASN N 141 -5.46 65.59 5.49
CA ASN N 141 -6.00 66.59 4.55
C ASN N 141 -6.91 65.97 3.49
N PHE N 142 -8.10 65.57 3.94
CA PHE N 142 -9.08 64.95 3.05
C PHE N 142 -10.44 65.61 3.23
N TYR N 143 -11.26 65.48 2.19
CA TYR N 143 -12.65 65.92 2.14
C TYR N 143 -13.36 64.95 1.21
N PRO N 144 -14.57 64.48 1.53
CA PRO N 144 -15.43 64.74 2.71
C PRO N 144 -14.98 64.03 3.99
N ARG N 145 -15.73 64.18 5.09
CA ARG N 145 -15.28 63.67 6.40
C ARG N 145 -15.29 62.14 6.44
N GLU N 146 -16.16 61.50 5.68
CA GLU N 146 -16.41 60.06 5.83
C GLU N 146 -15.26 59.25 5.22
N ALA N 147 -14.56 58.48 6.07
CA ALA N 147 -13.49 57.57 5.66
C ALA N 147 -13.49 56.36 6.58
N LYS N 148 -12.84 55.28 6.14
CA LYS N 148 -12.82 54.03 6.87
C LYS N 148 -11.40 53.50 7.01
N VAL N 149 -11.02 53.17 8.24
CA VAL N 149 -9.70 52.67 8.57
C VAL N 149 -9.84 51.24 9.11
N GLN N 150 -9.11 50.31 8.51
CA GLN N 150 -9.05 48.93 8.97
C GLN N 150 -7.61 48.57 9.27
N TRP N 151 -7.42 47.91 10.42
CA TRP N 151 -6.11 47.44 10.85
C TRP N 151 -5.96 45.96 10.55
N LYS N 152 -4.81 45.57 10.02
CA LYS N 152 -4.52 44.18 9.73
C LYS N 152 -3.18 43.83 10.35
N VAL N 153 -3.19 42.87 11.25
CA VAL N 153 -2.01 42.40 11.97
C VAL N 153 -1.80 40.96 11.56
N ASP N 154 -0.72 40.72 10.78
CA ASP N 154 -0.44 39.47 10.08
C ASP N 154 -1.64 38.99 9.27
N ASN N 155 -2.18 39.92 8.49
CA ASN N 155 -3.32 39.79 7.59
C ASN N 155 -4.65 39.51 8.31
N ALA N 156 -4.67 39.54 9.63
CA ALA N 156 -5.87 39.31 10.42
C ALA N 156 -6.51 40.65 10.77
N LEU N 157 -7.79 40.78 10.47
CA LEU N 157 -8.48 42.05 10.66
C LEU N 157 -8.73 42.28 12.15
N GLN N 158 -8.26 43.42 12.65
CA GLN N 158 -8.36 43.74 14.07
C GLN N 158 -9.74 44.27 14.42
N SER N 159 -10.15 43.99 15.66
CA SER N 159 -11.44 44.48 16.15
C SER N 159 -11.38 44.68 17.66
N GLY N 160 -11.80 45.86 18.10
CA GLY N 160 -11.92 46.16 19.52
C GLY N 160 -10.70 46.81 20.15
N ASN N 161 -9.64 47.04 19.39
CA ASN N 161 -8.41 47.56 19.97
C ASN N 161 -7.90 48.79 19.22
N SER N 162 -8.80 49.57 18.63
CA SER N 162 -8.39 50.78 17.92
C SER N 162 -9.36 51.92 18.25
N GLN N 163 -8.83 53.15 18.24
CA GLN N 163 -9.64 54.34 18.45
C GLN N 163 -9.21 55.46 17.51
N GLU N 164 -10.20 56.20 17.00
CA GLU N 164 -10.00 57.27 16.03
C GLU N 164 -10.29 58.63 16.65
N SER N 165 -9.60 59.63 16.10
CA SER N 165 -9.74 61.03 16.47
C SER N 165 -9.80 61.87 15.20
N VAL N 166 -10.79 62.75 15.09
CA VAL N 166 -10.95 63.59 13.90
C VAL N 166 -10.83 65.03 14.34
N THR N 167 -10.03 65.82 13.62
CA THR N 167 -9.91 67.24 13.89
C THR N 167 -11.18 67.98 13.43
N GLU N 168 -11.28 69.23 13.84
CA GLU N 168 -12.30 70.10 13.26
C GLU N 168 -11.91 70.46 11.82
N GLN N 169 -12.89 70.97 11.08
CA GLN N 169 -12.67 71.35 9.70
C GLN N 169 -11.75 72.56 9.63
N ASP N 170 -10.75 72.48 8.75
CA ASP N 170 -9.69 73.47 8.67
C ASP N 170 -10.21 74.81 8.17
N SER N 171 -9.66 75.90 8.72
CA SER N 171 -10.13 77.22 8.37
C SER N 171 -9.51 77.78 7.09
N LYS N 172 -8.62 77.05 6.43
CA LYS N 172 -7.97 77.54 5.21
C LYS N 172 -8.34 76.70 3.99
N ASP N 173 -8.06 75.40 4.00
CA ASP N 173 -8.36 74.54 2.85
C ASP N 173 -9.57 73.64 3.07
N SER N 174 -10.25 73.78 4.23
CA SER N 174 -11.51 73.13 4.57
C SER N 174 -11.44 71.60 4.57
N THR N 175 -10.29 71.04 4.92
CA THR N 175 -10.10 69.60 4.95
C THR N 175 -10.16 69.09 6.38
N TYR N 176 -10.26 67.77 6.51
CA TYR N 176 -10.23 67.07 7.79
C TYR N 176 -8.97 66.23 7.87
N SER N 177 -8.60 65.90 9.09
CA SER N 177 -7.53 64.95 9.31
C SER N 177 -7.95 63.94 10.36
N LEU N 178 -7.49 62.70 10.19
CA LEU N 178 -7.92 61.62 11.05
C LEU N 178 -6.72 60.76 11.43
N SER N 179 -6.68 60.35 12.70
CA SER N 179 -5.66 59.46 13.20
C SER N 179 -6.33 58.28 13.89
N SER N 180 -5.87 57.07 13.59
CA SER N 180 -6.36 55.86 14.23
C SER N 180 -5.22 55.17 14.95
N THR N 181 -5.43 54.87 16.24
CA THR N 181 -4.38 54.33 17.09
C THR N 181 -4.72 52.89 17.48
N LEU N 182 -3.88 51.95 17.04
CA LEU N 182 -4.02 50.54 17.41
C LEU N 182 -3.18 50.24 18.65
N THR N 183 -3.84 49.88 19.75
CA THR N 183 -3.16 49.64 21.02
C THR N 183 -3.07 48.14 21.26
N LEU N 184 -1.84 47.65 21.40
CA LEU N 184 -1.59 46.26 21.70
C LEU N 184 -0.65 46.19 22.91
N SER N 185 -0.65 45.05 23.58
CA SER N 185 0.36 44.75 24.57
C SER N 185 1.65 44.36 23.86
N LYS N 186 2.75 44.32 24.64
CA LYS N 186 4.06 43.97 24.08
C LYS N 186 4.12 42.51 23.62
N ALA N 187 3.51 41.60 24.39
CA ALA N 187 3.52 40.19 24.02
C ALA N 187 2.73 39.93 22.75
N ASP N 188 1.61 40.64 22.59
CA ASP N 188 0.85 40.53 21.36
C ASP N 188 1.55 41.21 20.19
N TYR N 189 2.32 42.27 20.48
CA TYR N 189 3.01 42.99 19.42
C TYR N 189 4.18 42.17 18.87
N GLU N 190 4.95 41.53 19.75
CA GLU N 190 6.14 40.82 19.31
C GLU N 190 5.83 39.43 18.78
N LYS N 191 4.57 39.00 18.80
CA LYS N 191 4.20 37.75 18.17
C LYS N 191 3.92 37.89 16.69
N HIS N 192 3.81 39.10 16.17
CA HIS N 192 3.40 39.31 14.80
C HIS N 192 4.42 40.14 14.03
N LYS N 193 4.32 40.09 12.71
CA LYS N 193 5.33 40.68 11.83
C LYS N 193 4.77 41.83 11.02
N VAL N 194 3.72 41.60 10.24
CA VAL N 194 3.21 42.59 9.31
C VAL N 194 2.09 43.39 9.97
N TYR N 195 2.23 44.71 9.96
CA TYR N 195 1.26 45.62 10.57
C TYR N 195 0.80 46.59 9.50
N ALA N 196 -0.47 46.49 9.11
CA ALA N 196 -0.98 47.21 7.97
C ALA N 196 -2.15 48.07 8.38
N CYS N 197 -2.27 49.23 7.74
CA CYS N 197 -3.39 50.14 7.89
C CYS N 197 -4.04 50.32 6.53
N GLU N 198 -5.30 49.93 6.40
CA GLU N 198 -6.00 49.97 5.11
C GLU N 198 -7.06 51.07 5.13
N VAL N 199 -6.95 52.02 4.20
CA VAL N 199 -7.72 53.26 4.22
C VAL N 199 -8.66 53.31 3.02
N THR N 200 -9.95 53.51 3.28
CA THR N 200 -10.98 53.58 2.25
C THR N 200 -11.64 54.95 2.25
N HIS N 201 -11.66 55.61 1.09
CA HIS N 201 -12.24 56.93 0.97
C HIS N 201 -12.84 57.08 -0.42
N GLN N 202 -13.82 58.00 -0.55
CA GLN N 202 -14.54 58.18 -1.80
C GLN N 202 -13.68 58.76 -2.92
N GLY N 203 -12.61 59.50 -2.60
CA GLY N 203 -11.72 59.91 -3.66
C GLY N 203 -10.75 58.85 -4.13
N LEU N 204 -10.68 57.73 -3.40
CA LEU N 204 -9.79 56.62 -3.74
C LEU N 204 -10.60 55.55 -4.44
N SER N 205 -10.12 55.13 -5.62
CA SER N 205 -10.81 54.11 -6.38
C SER N 205 -10.64 52.72 -5.76
N SER N 206 -9.56 52.51 -5.02
CA SER N 206 -9.28 51.26 -4.34
C SER N 206 -8.69 51.59 -2.98
N PRO N 207 -8.83 50.71 -1.98
CA PRO N 207 -8.30 51.01 -0.65
C PRO N 207 -6.78 51.03 -0.64
N VAL N 208 -6.21 52.12 -0.11
CA VAL N 208 -4.75 52.25 -0.01
C VAL N 208 -4.30 51.65 1.32
N THR N 209 -3.15 50.96 1.28
CA THR N 209 -2.61 50.29 2.45
C THR N 209 -1.16 50.71 2.63
N LYS N 210 -0.83 51.14 3.84
CA LYS N 210 0.55 51.40 4.21
C LYS N 210 0.95 50.43 5.32
N SER N 211 2.11 49.80 5.17
CA SER N 211 2.50 48.74 6.09
C SER N 211 3.99 48.83 6.41
N PHE N 212 4.38 48.10 7.46
CA PHE N 212 5.76 47.93 7.87
C PHE N 212 5.91 46.56 8.51
N ASN N 213 7.15 46.11 8.65
CA ASN N 213 7.46 44.88 9.37
C ASN N 213 8.13 45.24 10.69
N ARG N 214 7.87 44.47 11.73
CA ARG N 214 8.39 44.79 13.05
C ARG N 214 9.89 44.54 13.12
N GLY N 215 10.65 45.56 13.51
CA GLY N 215 12.09 45.47 13.65
C GLY N 215 12.88 45.62 12.36
N GLU N 216 12.21 45.66 11.21
CA GLU N 216 12.90 45.65 9.93
C GLU N 216 13.18 47.04 9.36
N CYS N 217 12.46 48.06 9.82
CA CYS N 217 12.65 49.46 9.43
C CYS N 217 14.08 49.99 9.58
N GLU O 1 -25.46 39.02 -9.41
CA GLU O 1 -25.93 40.22 -8.74
C GLU O 1 -26.04 41.38 -9.74
N VAL O 2 -25.60 42.59 -9.34
CA VAL O 2 -25.84 43.79 -10.14
C VAL O 2 -24.66 44.02 -11.08
N GLN O 3 -24.99 44.36 -12.32
CA GLN O 3 -24.07 44.73 -13.38
C GLN O 3 -24.24 46.21 -13.68
N LEU O 4 -23.14 46.89 -13.94
CA LEU O 4 -23.13 48.31 -14.33
C LEU O 4 -22.73 48.42 -15.79
N GLN O 5 -23.46 49.23 -16.56
CA GLN O 5 -23.18 49.41 -17.96
C GLN O 5 -23.11 50.90 -18.27
N GLU O 6 -21.93 51.37 -18.67
CA GLU O 6 -21.76 52.75 -19.11
C GLU O 6 -22.13 52.89 -20.58
N SER O 7 -22.58 54.10 -20.93
CA SER O 7 -22.95 54.43 -22.30
C SER O 7 -22.83 55.95 -22.45
N GLY O 8 -22.81 56.40 -23.70
CA GLY O 8 -22.84 57.82 -24.01
C GLY O 8 -21.52 58.45 -24.38
N GLY O 9 -20.45 57.66 -24.49
CA GLY O 9 -19.15 58.20 -24.85
C GLY O 9 -18.99 58.37 -26.34
N GLY O 10 -17.74 58.61 -26.75
CA GLY O 10 -17.38 58.73 -28.14
C GLY O 10 -16.53 59.94 -28.40
N LEU O 11 -16.40 60.29 -29.68
CA LEU O 11 -15.57 61.40 -30.13
C LEU O 11 -16.34 62.72 -30.08
N VAL O 12 -15.67 63.78 -29.65
CA VAL O 12 -16.28 65.09 -29.47
C VAL O 12 -15.22 66.15 -29.72
N GLN O 13 -15.66 67.30 -30.25
CA GLN O 13 -14.79 68.45 -30.46
C GLN O 13 -14.40 69.08 -29.12
N PRO O 14 -13.31 69.85 -29.08
CA PRO O 14 -13.02 70.67 -27.90
C PRO O 14 -14.10 71.73 -27.70
N GLY O 15 -14.58 71.83 -26.46
CA GLY O 15 -15.74 72.63 -26.14
C GLY O 15 -17.08 71.95 -26.30
N GLY O 16 -17.11 70.71 -26.81
CA GLY O 16 -18.37 70.00 -27.01
C GLY O 16 -18.93 69.41 -25.73
N SER O 17 -20.05 68.69 -25.89
CA SER O 17 -20.78 68.15 -24.75
C SER O 17 -21.11 66.68 -24.95
N LEU O 18 -21.09 65.95 -23.84
CA LEU O 18 -21.52 64.56 -23.80
C LEU O 18 -22.25 64.29 -22.49
N ARG O 19 -23.22 63.38 -22.54
CA ARG O 19 -23.90 62.91 -21.34
C ARG O 19 -23.63 61.42 -21.21
N LEU O 20 -22.88 61.04 -20.18
CA LEU O 20 -22.69 59.63 -19.89
C LEU O 20 -23.84 59.10 -19.06
N SER O 21 -24.18 57.83 -19.26
CA SER O 21 -25.20 57.18 -18.47
C SER O 21 -24.63 55.89 -17.90
N CYS O 22 -25.11 55.50 -16.72
CA CYS O 22 -24.68 54.26 -16.08
C CYS O 22 -25.91 53.52 -15.57
N ALA O 23 -26.37 52.53 -16.32
CA ALA O 23 -27.57 51.78 -15.98
C ALA O 23 -27.23 50.53 -15.19
N ALA O 24 -27.84 50.40 -14.01
CA ALA O 24 -27.64 49.28 -13.11
C ALA O 24 -28.85 48.36 -13.13
N SER O 25 -28.60 47.06 -13.11
CA SER O 25 -29.65 46.06 -13.14
C SER O 25 -29.27 44.95 -12.18
N GLY O 26 -30.16 44.61 -11.25
CA GLY O 26 -29.82 43.58 -10.30
C GLY O 26 -30.00 44.00 -8.85
N ARG O 27 -29.56 45.20 -8.52
CA ARG O 27 -29.72 45.76 -7.18
C ARG O 27 -30.30 47.16 -7.30
N THR O 28 -31.15 47.54 -6.35
CA THR O 28 -31.69 48.90 -6.35
C THR O 28 -30.61 49.87 -5.88
N ILE O 29 -30.21 50.80 -6.75
CA ILE O 29 -29.11 51.70 -6.45
C ILE O 29 -29.60 53.04 -5.92
N SER O 30 -30.86 53.13 -5.48
CA SER O 30 -31.33 54.34 -4.83
C SER O 30 -30.80 54.44 -3.40
N ARG O 31 -30.32 53.34 -2.84
CA ARG O 31 -29.75 53.35 -1.50
C ARG O 31 -28.24 53.56 -1.50
N TYR O 32 -27.59 53.59 -2.67
CA TYR O 32 -26.15 53.67 -2.71
C TYR O 32 -25.72 54.93 -3.46
N ALA O 33 -24.59 55.50 -3.03
CA ALA O 33 -23.95 56.55 -3.80
C ALA O 33 -23.29 55.96 -5.03
N MET O 34 -23.30 56.74 -6.12
CA MET O 34 -22.71 56.34 -7.39
C MET O 34 -21.60 57.30 -7.75
N SER O 35 -20.43 56.77 -8.08
CA SER O 35 -19.27 57.60 -8.35
C SER O 35 -18.78 57.40 -9.78
N TRP O 36 -18.16 58.45 -10.30
CA TRP O 36 -17.54 58.43 -11.61
C TRP O 36 -16.03 58.54 -11.48
N PHE O 37 -15.31 57.74 -12.25
CA PHE O 37 -13.86 57.73 -12.29
C PHE O 37 -13.43 57.77 -13.74
N ARG O 38 -12.17 58.14 -13.97
CA ARG O 38 -11.62 58.14 -15.32
C ARG O 38 -10.17 57.70 -15.28
N GLN O 39 -9.71 57.11 -16.39
CA GLN O 39 -8.36 56.59 -16.52
C GLN O 39 -7.86 56.88 -17.92
N ALA O 40 -6.87 57.76 -18.05
CA ALA O 40 -6.17 57.93 -19.30
C ALA O 40 -5.31 56.68 -19.57
N PRO O 41 -4.98 56.38 -20.84
CA PRO O 41 -4.11 55.22 -21.11
C PRO O 41 -2.70 55.42 -20.56
N GLY O 42 -2.26 54.46 -19.74
CA GLY O 42 -0.98 54.52 -19.08
C GLY O 42 -0.92 55.41 -17.87
N LYS O 43 -2.06 55.86 -17.36
CA LYS O 43 -2.13 56.73 -16.19
C LYS O 43 -2.97 56.07 -15.12
N GLU O 44 -2.99 56.70 -13.95
CA GLU O 44 -3.73 56.16 -12.81
C GLU O 44 -5.22 56.50 -12.92
N ARG O 45 -6.04 55.65 -12.31
CA ARG O 45 -7.47 55.91 -12.25
C ARG O 45 -7.72 56.99 -11.20
N GLU O 46 -8.35 58.10 -11.61
CA GLU O 46 -8.57 59.24 -10.72
C GLU O 46 -10.07 59.53 -10.57
N PHE O 47 -10.41 60.23 -9.49
CA PHE O 47 -11.80 60.55 -9.15
C PHE O 47 -12.34 61.66 -10.04
N VAL O 48 -13.64 61.57 -10.37
CA VAL O 48 -14.32 62.60 -11.16
C VAL O 48 -15.45 63.22 -10.33
N ALA O 49 -16.47 62.44 -10.02
CA ALA O 49 -17.66 63.00 -9.36
C ALA O 49 -18.37 61.89 -8.63
N THR O 50 -19.13 62.26 -7.60
CA THR O 50 -19.99 61.31 -6.92
C THR O 50 -21.36 61.92 -6.70
N ALA O 51 -22.40 61.09 -6.82
CA ALA O 51 -23.76 61.49 -6.47
C ALA O 51 -24.22 60.61 -5.31
N ARG O 52 -24.47 61.21 -4.16
CA ARG O 52 -24.93 60.46 -3.00
C ARG O 52 -26.44 60.26 -3.09
N ARG O 53 -27.08 59.85 -2.00
CA ARG O 53 -28.52 59.62 -2.01
C ARG O 53 -29.26 60.96 -2.15
N SER O 54 -30.50 60.89 -2.63
CA SER O 54 -31.32 62.07 -2.93
C SER O 54 -31.55 62.88 -1.66
N GLY O 55 -30.90 64.05 -1.61
CA GLY O 55 -30.86 64.88 -0.42
C GLY O 55 -29.49 64.96 0.21
N ASP O 56 -28.58 64.06 -0.12
CA ASP O 56 -27.25 64.04 0.48
C ASP O 56 -26.20 64.73 -0.39
N GLY O 57 -26.61 65.22 -1.57
CA GLY O 57 -25.77 66.10 -2.36
C GLY O 57 -24.87 65.38 -3.35
N ALA O 58 -24.07 66.20 -4.04
CA ALA O 58 -23.11 65.75 -5.03
C ALA O 58 -21.77 66.43 -4.77
N PHE O 59 -20.69 65.69 -5.03
CA PHE O 59 -19.33 66.17 -4.81
C PHE O 59 -18.47 65.90 -6.04
N TYR O 60 -17.51 66.79 -6.28
CA TYR O 60 -16.76 66.82 -7.53
C TYR O 60 -15.27 66.94 -7.25
N ALA O 61 -14.48 66.55 -8.25
CA ALA O 61 -13.03 66.73 -8.25
C ALA O 61 -12.69 68.16 -8.64
N ASP O 62 -11.42 68.52 -8.43
CA ASP O 62 -11.01 69.88 -8.72
C ASP O 62 -10.87 70.14 -10.22
N SER O 63 -10.46 69.12 -10.98
CA SER O 63 -10.27 69.28 -12.43
C SER O 63 -11.58 69.38 -13.20
N VAL O 64 -12.69 68.93 -12.61
CA VAL O 64 -13.97 68.84 -13.30
C VAL O 64 -15.03 69.73 -12.67
N GLN O 65 -14.69 70.49 -11.62
CA GLN O 65 -15.68 71.30 -10.93
C GLN O 65 -16.11 72.47 -11.81
N GLY O 66 -17.41 72.66 -11.94
CA GLY O 66 -17.95 73.70 -12.77
C GLY O 66 -18.19 73.30 -14.20
N ARG O 67 -17.64 72.18 -14.65
CA ARG O 67 -17.84 71.72 -16.01
C ARG O 67 -18.68 70.46 -16.07
N PHE O 68 -18.53 69.55 -15.12
CA PHE O 68 -19.26 68.30 -15.12
C PHE O 68 -20.38 68.37 -14.09
N THR O 69 -21.50 67.68 -14.37
CA THR O 69 -22.64 67.66 -13.47
C THR O 69 -23.20 66.25 -13.38
N VAL O 70 -23.23 65.70 -12.16
CA VAL O 70 -23.73 64.35 -11.92
C VAL O 70 -25.15 64.45 -11.36
N SER O 71 -25.99 63.48 -11.72
CA SER O 71 -27.38 63.46 -11.32
C SER O 71 -27.86 62.02 -11.28
N ARG O 72 -29.10 61.84 -10.78
CA ARG O 72 -29.67 60.52 -10.59
C ARG O 72 -31.04 60.45 -11.26
N ASP O 73 -31.38 59.24 -11.71
CA ASP O 73 -32.74 58.88 -12.10
C ASP O 73 -33.00 57.58 -11.35
N ASP O 74 -33.52 57.69 -10.12
CA ASP O 74 -33.71 56.49 -9.30
C ASP O 74 -34.85 55.59 -9.78
N ALA O 75 -35.80 56.13 -10.55
CA ALA O 75 -36.90 55.31 -11.05
C ALA O 75 -36.45 54.37 -12.16
N LYS O 76 -35.42 54.73 -12.92
CA LYS O 76 -34.92 53.92 -14.02
C LYS O 76 -33.61 53.21 -13.62
N ASN O 77 -33.21 53.35 -12.34
CA ASN O 77 -32.00 52.73 -11.75
C ASN O 77 -30.73 53.13 -12.51
N THR O 78 -30.64 54.40 -12.90
CA THR O 78 -29.57 54.88 -13.77
C THR O 78 -29.12 56.26 -13.31
N VAL O 79 -27.80 56.48 -13.22
CA VAL O 79 -27.25 57.80 -12.91
C VAL O 79 -26.52 58.34 -14.13
N TYR O 80 -26.40 59.67 -14.18
CA TYR O 80 -25.94 60.37 -15.37
C TYR O 80 -24.78 61.29 -15.05
N LEU O 81 -23.90 61.50 -16.03
CA LEU O 81 -22.81 62.46 -15.91
C LEU O 81 -22.79 63.36 -17.14
N GLN O 82 -23.39 64.55 -16.99
CA GLN O 82 -23.38 65.56 -18.04
C GLN O 82 -22.02 66.24 -18.07
N MET O 83 -21.33 66.12 -19.21
CA MET O 83 -19.97 66.64 -19.36
C MET O 83 -19.99 67.81 -20.34
N ASN O 84 -19.90 69.03 -19.80
CA ASN O 84 -19.87 70.23 -20.61
C ASN O 84 -18.46 70.82 -20.61
N SER O 85 -18.17 71.58 -21.69
CA SER O 85 -16.92 72.33 -21.89
C SER O 85 -15.69 71.43 -21.83
N LEU O 86 -15.72 70.39 -22.68
CA LEU O 86 -14.71 69.33 -22.63
C LEU O 86 -13.38 69.80 -23.19
N LYS O 87 -12.30 69.36 -22.56
CA LYS O 87 -10.94 69.66 -22.95
C LYS O 87 -10.24 68.39 -23.42
N PRO O 88 -9.16 68.50 -24.20
CA PRO O 88 -8.37 67.29 -24.55
C PRO O 88 -7.73 66.57 -23.36
N GLU O 89 -7.58 67.24 -22.20
CA GLU O 89 -7.10 66.56 -20.99
C GLU O 89 -8.16 65.64 -20.39
N ASP O 90 -9.42 65.79 -20.77
CA ASP O 90 -10.51 64.94 -20.28
C ASP O 90 -10.60 63.61 -21.03
N THR O 91 -9.70 63.36 -21.97
CA THR O 91 -9.73 62.13 -22.76
C THR O 91 -9.28 60.96 -21.90
N ALA O 92 -10.20 60.04 -21.63
CA ALA O 92 -9.98 58.92 -20.74
C ALA O 92 -11.09 57.92 -20.93
N VAL O 93 -10.90 56.72 -20.39
CA VAL O 93 -11.97 55.74 -20.27
C VAL O 93 -12.69 56.02 -18.95
N TYR O 94 -14.01 56.27 -19.04
CA TYR O 94 -14.80 56.74 -17.90
C TYR O 94 -15.55 55.58 -17.27
N TYR O 95 -15.34 55.38 -15.97
CA TYR O 95 -15.91 54.23 -15.27
C TYR O 95 -16.95 54.68 -14.25
N CYS O 96 -17.93 53.81 -14.05
CA CYS O 96 -19.00 54.01 -13.09
C CYS O 96 -18.92 52.98 -11.98
N ALA O 97 -19.21 53.41 -10.75
CA ALA O 97 -19.02 52.55 -9.59
C ALA O 97 -20.09 52.79 -8.54
N ILE O 98 -20.44 51.72 -7.83
CA ILE O 98 -21.38 51.74 -6.72
C ILE O 98 -20.58 51.78 -5.43
N ASP O 99 -20.89 52.74 -4.56
CA ASP O 99 -20.35 52.77 -3.20
C ASP O 99 -21.17 51.83 -2.34
N SER O 100 -20.61 50.64 -2.04
CA SER O 100 -21.32 49.60 -1.30
C SER O 100 -21.52 49.94 0.17
N ASP O 101 -20.78 50.92 0.68
CA ASP O 101 -21.06 51.44 2.00
C ASP O 101 -22.21 52.44 1.92
N THR O 102 -23.23 52.26 2.76
CA THR O 102 -24.32 53.22 2.77
C THR O 102 -23.97 54.52 3.49
N PHE O 103 -22.87 54.56 4.25
CA PHE O 103 -22.43 55.75 4.96
C PHE O 103 -21.22 56.40 4.28
N TYR O 104 -21.00 56.08 3.01
CA TYR O 104 -20.15 56.83 2.08
C TYR O 104 -18.67 56.75 2.45
N SER O 105 -18.21 55.57 2.86
CA SER O 105 -16.78 55.41 3.13
C SER O 105 -15.97 55.07 1.88
N GLY O 106 -16.62 54.91 0.73
CA GLY O 106 -15.90 54.69 -0.51
C GLY O 106 -15.53 53.24 -0.78
N SER O 107 -16.35 52.29 -0.36
CA SER O 107 -16.11 50.86 -0.60
C SER O 107 -16.64 50.47 -1.97
N TYR O 108 -15.82 50.64 -3.00
CA TYR O 108 -16.22 50.43 -4.40
C TYR O 108 -16.00 48.97 -4.77
N ASP O 109 -17.02 48.15 -4.61
CA ASP O 109 -16.96 46.74 -4.98
C ASP O 109 -17.43 46.46 -6.40
N TYR O 110 -18.38 47.25 -6.91
CA TYR O 110 -19.02 47.00 -8.21
C TYR O 110 -18.66 48.10 -9.18
N TRP O 111 -18.19 47.72 -10.37
CA TRP O 111 -17.71 48.67 -11.38
C TRP O 111 -18.29 48.34 -12.73
N GLY O 112 -18.43 49.37 -13.57
CA GLY O 112 -18.80 49.18 -14.96
C GLY O 112 -17.60 48.80 -15.82
N GLN O 113 -17.91 48.46 -17.06
CA GLN O 113 -16.86 48.06 -18.00
C GLN O 113 -16.15 49.26 -18.62
N GLY O 114 -16.68 50.46 -18.46
CA GLY O 114 -16.06 51.69 -18.90
C GLY O 114 -16.60 52.16 -20.25
N THR O 115 -16.39 53.45 -20.52
CA THR O 115 -16.73 54.01 -21.81
C THR O 115 -15.65 55.00 -22.24
N GLN O 116 -15.34 55.00 -23.53
CA GLN O 116 -14.26 55.82 -24.09
C GLN O 116 -14.79 57.20 -24.42
N VAL O 117 -14.13 58.23 -23.91
CA VAL O 117 -14.42 59.61 -24.27
C VAL O 117 -13.14 60.21 -24.85
N THR O 118 -13.20 60.64 -26.11
CA THR O 118 -12.05 61.20 -26.81
C THR O 118 -12.40 62.62 -27.25
N VAL O 119 -11.57 63.58 -26.87
CA VAL O 119 -11.75 64.99 -27.19
C VAL O 119 -10.57 65.42 -28.06
N SER O 120 -10.83 65.68 -29.33
CA SER O 120 -9.78 66.13 -30.26
C SER O 120 -10.37 66.91 -31.42
N GLN P 1 -2.17 13.93 -41.03
CA GLN P 1 -1.08 13.67 -41.98
C GLN P 1 -1.53 12.69 -43.04
N SER P 2 -1.76 13.21 -44.25
CA SER P 2 -2.29 12.41 -45.35
C SER P 2 -1.94 13.09 -46.67
N LEU P 3 -2.15 12.36 -47.76
CA LEU P 3 -1.97 12.86 -49.11
C LEU P 3 -3.18 12.46 -49.94
N GLU P 4 -3.45 13.22 -51.00
CA GLU P 4 -4.57 12.88 -51.87
C GLU P 4 -4.27 13.26 -53.31
N GLU P 5 -4.40 12.29 -54.22
CA GLU P 5 -4.14 12.50 -55.63
C GLU P 5 -5.40 12.98 -56.34
N SER P 6 -5.19 13.74 -57.40
CA SER P 6 -6.29 14.21 -58.21
C SER P 6 -5.79 14.39 -59.64
N GLY P 7 -6.75 14.48 -60.56
CA GLY P 7 -6.44 14.72 -61.95
C GLY P 7 -6.53 13.49 -62.83
N GLY P 8 -6.78 12.32 -62.27
CA GLY P 8 -6.89 11.11 -63.07
C GLY P 8 -8.21 11.09 -63.84
N ARG P 9 -8.13 10.94 -65.15
CA ARG P 9 -9.31 10.99 -66.01
C ARG P 9 -8.97 10.24 -67.28
N LEU P 10 -9.91 10.22 -68.22
CA LEU P 10 -9.73 9.56 -69.51
C LEU P 10 -9.25 10.58 -70.52
N VAL P 11 -8.10 10.31 -71.16
CA VAL P 11 -7.60 11.14 -72.25
C VAL P 11 -7.19 10.25 -73.41
N THR P 12 -7.18 10.85 -74.60
CA THR P 12 -6.73 10.18 -75.82
C THR P 12 -5.21 10.00 -75.77
N PRO P 13 -4.67 9.04 -76.53
CA PRO P 13 -3.20 8.92 -76.63
C PRO P 13 -2.55 10.12 -77.29
N GLY P 14 -1.40 10.52 -76.74
CA GLY P 14 -0.72 11.72 -77.18
C GLY P 14 -1.11 12.97 -76.41
N THR P 15 -2.15 12.90 -75.59
CA THR P 15 -2.59 14.08 -74.83
C THR P 15 -1.74 14.24 -73.58
N PRO P 16 -1.25 15.46 -73.30
CA PRO P 16 -0.56 15.70 -72.02
C PRO P 16 -1.54 15.66 -70.87
N LEU P 17 -1.08 15.14 -69.74
CA LEU P 17 -1.92 14.96 -68.56
C LEU P 17 -1.11 15.31 -67.32
N THR P 18 -1.71 16.09 -66.43
CA THR P 18 -1.06 16.51 -65.20
C THR P 18 -1.87 16.02 -64.00
N LEU P 19 -1.23 15.28 -63.12
CA LEU P 19 -1.84 14.86 -61.86
C LEU P 19 -1.34 15.75 -60.73
N THR P 20 -2.13 15.82 -59.67
CA THR P 20 -1.83 16.71 -58.56
C THR P 20 -1.87 15.92 -57.26
N CYS P 21 -0.76 15.92 -56.53
CA CYS P 21 -0.70 15.34 -55.20
C CYS P 21 -0.79 16.45 -54.17
N THR P 22 -1.91 16.49 -53.43
CA THR P 22 -2.16 17.50 -52.41
C THR P 22 -1.80 16.95 -51.04
N VAL P 23 -0.82 17.56 -50.39
CA VAL P 23 -0.35 17.10 -49.10
C VAL P 23 -0.92 17.95 -47.97
N SER P 24 -1.13 17.31 -46.82
CA SER P 24 -1.59 17.96 -45.59
C SER P 24 -0.98 17.22 -44.41
N GLY P 25 -0.53 17.99 -43.41
CA GLY P 25 0.03 17.39 -42.20
C GLY P 25 1.52 17.60 -42.01
N PHE P 26 2.31 17.24 -43.02
CA PHE P 26 3.76 17.29 -42.98
C PHE P 26 4.26 18.41 -43.90
N SER P 27 5.39 18.99 -43.52
CA SER P 27 6.04 20.05 -44.29
C SER P 27 6.74 19.48 -45.52
N LEU P 28 6.69 20.22 -46.63
CA LEU P 28 7.37 19.82 -47.84
C LEU P 28 8.84 20.25 -47.87
N SER P 29 9.25 21.10 -46.93
CA SER P 29 10.66 21.43 -46.77
C SER P 29 11.42 20.39 -45.96
N THR P 30 10.73 19.38 -45.46
CA THR P 30 11.33 18.27 -44.73
C THR P 30 11.24 16.94 -45.49
N TYR P 31 10.18 16.74 -46.26
CA TYR P 31 9.90 15.44 -46.83
C TYR P 31 9.85 15.51 -48.36
N ASN P 32 10.19 14.38 -48.99
CA ASN P 32 10.15 14.20 -50.44
C ASN P 32 8.81 13.62 -50.87
N ILE P 33 8.56 13.66 -52.17
CA ILE P 33 7.33 13.16 -52.77
C ILE P 33 7.70 12.16 -53.85
N HIS P 34 7.31 10.89 -53.64
CA HIS P 34 7.49 9.83 -54.63
C HIS P 34 6.28 9.74 -55.55
N TRP P 35 6.49 9.13 -56.71
CA TRP P 35 5.39 8.76 -57.58
C TRP P 35 5.54 7.31 -57.98
N VAL P 36 4.50 6.52 -57.71
CA VAL P 36 4.44 5.09 -58.00
C VAL P 36 3.12 4.84 -58.70
N ARG P 37 3.15 4.08 -59.81
CA ARG P 37 1.94 3.68 -60.50
C ARG P 37 1.77 2.16 -60.46
N GLN P 38 0.60 1.71 -60.89
CA GLN P 38 0.24 0.28 -60.87
C GLN P 38 -0.79 0.03 -61.96
N ALA P 39 -0.41 -0.75 -62.97
CA ALA P 39 -1.34 -1.14 -64.01
C ALA P 39 -2.40 -2.09 -63.43
N PRO P 40 -3.61 -2.14 -64.01
CA PRO P 40 -4.67 -3.03 -63.49
C PRO P 40 -4.27 -4.49 -63.54
N GLY P 41 -4.35 -5.15 -62.38
CA GLY P 41 -3.97 -6.53 -62.25
C GLY P 41 -2.49 -6.81 -62.29
N LYS P 42 -1.64 -5.77 -62.22
CA LYS P 42 -0.18 -5.87 -62.30
C LYS P 42 0.45 -5.32 -61.02
N GLY P 43 1.78 -5.29 -61.02
CA GLY P 43 2.52 -4.92 -59.83
C GLY P 43 2.77 -3.42 -59.73
N LEU P 44 3.44 -3.05 -58.66
CA LEU P 44 3.84 -1.66 -58.44
C LEU P 44 5.04 -1.32 -59.33
N GLU P 45 5.11 -0.06 -59.73
CA GLU P 45 6.15 0.42 -60.61
C GLU P 45 6.49 1.84 -60.20
N TRP P 46 7.75 2.05 -59.80
CA TRP P 46 8.20 3.37 -59.36
C TRP P 46 8.40 4.28 -60.57
N ILE P 47 7.98 5.53 -60.44
CA ILE P 47 8.14 6.49 -61.52
C ILE P 47 9.27 7.47 -61.23
N GLY P 48 9.18 8.19 -60.13
CA GLY P 48 10.18 9.20 -59.85
C GLY P 48 10.02 9.79 -58.46
N VAL P 49 10.88 10.74 -58.14
CA VAL P 49 10.87 11.40 -56.83
C VAL P 49 11.40 12.82 -57.00
N ILE P 50 10.81 13.75 -56.26
CA ILE P 50 11.32 15.11 -56.15
C ILE P 50 11.77 15.31 -54.70
N ASP P 51 12.91 15.97 -54.51
CA ASP P 51 13.46 16.18 -53.18
C ASP P 51 12.95 17.50 -52.61
N THR P 52 13.48 17.89 -51.45
CA THR P 52 13.03 19.13 -50.83
C THR P 52 13.56 20.35 -51.57
N GLY P 53 14.75 20.24 -52.18
CA GLY P 53 15.32 21.33 -52.96
C GLY P 53 14.78 21.46 -54.37
N GLY P 54 14.01 20.48 -54.85
CA GLY P 54 13.42 20.54 -56.18
C GLY P 54 14.08 19.68 -57.23
N GLY P 55 15.12 18.93 -56.88
CA GLY P 55 15.76 18.05 -57.85
C GLY P 55 14.92 16.80 -58.07
N THR P 56 14.71 16.46 -59.33
CA THR P 56 13.88 15.33 -59.69
C THR P 56 14.74 14.21 -60.26
N TYR P 57 14.47 12.98 -59.84
CA TYR P 57 15.13 11.77 -60.32
C TYR P 57 14.07 10.74 -60.67
N PHE P 58 14.27 10.00 -61.76
CA PHE P 58 13.23 9.15 -62.32
C PHE P 58 13.71 7.71 -62.51
N ALA P 59 12.81 6.87 -62.99
CA ALA P 59 13.14 5.49 -63.30
C ALA P 59 13.85 5.40 -64.63
N SER P 60 14.36 4.19 -64.95
CA SER P 60 15.13 4.00 -66.18
C SER P 60 14.25 4.09 -67.41
N TRP P 61 13.02 3.59 -67.31
CA TRP P 61 12.11 3.54 -68.44
C TRP P 61 11.38 4.86 -68.66
N ALA P 62 11.61 5.86 -67.81
CA ALA P 62 10.87 7.11 -67.91
C ALA P 62 11.28 7.90 -69.14
N LYS P 63 12.60 8.05 -69.35
CA LYS P 63 13.20 8.62 -70.56
C LYS P 63 12.74 10.05 -70.81
N GLY P 64 12.55 10.81 -69.74
CA GLY P 64 12.15 12.19 -69.86
C GLY P 64 10.69 12.42 -70.19
N ARG P 65 9.86 11.39 -70.17
CA ARG P 65 8.44 11.56 -70.43
C ARG P 65 7.69 12.11 -69.23
N PHE P 66 8.29 12.07 -68.05
CA PHE P 66 7.65 12.50 -66.82
C PHE P 66 8.43 13.65 -66.22
N ALA P 67 7.71 14.59 -65.60
CA ALA P 67 8.32 15.74 -64.94
C ALA P 67 7.53 16.04 -63.67
N ILE P 68 8.24 16.31 -62.59
CA ILE P 68 7.62 16.60 -61.30
C ILE P 68 7.98 18.02 -60.91
N SER P 69 6.98 18.77 -60.42
CA SER P 69 7.18 20.18 -60.06
C SER P 69 6.38 20.50 -58.81
N LYS P 70 7.01 21.22 -57.88
CA LYS P 70 6.35 21.70 -56.67
C LYS P 70 5.73 23.06 -56.97
N THR P 71 4.40 23.12 -56.94
CA THR P 71 3.66 24.32 -57.35
C THR P 71 3.29 25.25 -56.20
N SER P 72 2.95 24.71 -55.03
CA SER P 72 2.67 25.50 -53.83
C SER P 72 3.23 24.76 -52.64
N SER P 73 2.91 25.23 -51.42
CA SER P 73 3.38 24.56 -50.22
C SER P 73 2.66 23.25 -49.95
N THR P 74 1.50 23.02 -50.57
CA THR P 74 0.68 21.84 -50.34
C THR P 74 0.47 20.95 -51.56
N THR P 75 0.91 21.37 -52.76
CA THR P 75 0.63 20.64 -54.00
C THR P 75 1.92 20.32 -54.74
N VAL P 76 1.98 19.11 -55.30
CA VAL P 76 3.10 18.65 -56.12
C VAL P 76 2.52 18.04 -57.40
N ASP P 77 2.93 18.57 -58.55
CA ASP P 77 2.36 18.19 -59.83
C ASP P 77 3.25 17.18 -60.55
N LEU P 78 2.62 16.25 -61.27
CA LEU P 78 3.31 15.28 -62.12
C LEU P 78 2.78 15.44 -63.54
N LYS P 79 3.63 15.91 -64.45
CA LYS P 79 3.26 16.15 -65.84
C LYS P 79 3.77 15.01 -66.73
N MET P 80 2.86 14.44 -67.52
CA MET P 80 3.13 13.25 -68.33
C MET P 80 2.92 13.56 -69.81
N THR P 81 3.90 13.19 -70.64
CA THR P 81 3.80 13.34 -72.09
C THR P 81 4.01 12.00 -72.79
N SER P 82 3.62 11.97 -74.07
CA SER P 82 3.73 10.80 -74.98
C SER P 82 2.99 9.59 -74.43
N LEU P 83 1.77 9.82 -73.92
CA LEU P 83 1.02 8.77 -73.24
C LEU P 83 0.39 7.82 -74.25
N THR P 84 0.57 6.52 -74.02
CA THR P 84 -0.07 5.43 -74.76
C THR P 84 -0.90 4.59 -73.79
N ALA P 85 -1.48 3.51 -74.31
CA ALA P 85 -2.36 2.65 -73.52
C ALA P 85 -1.62 1.87 -72.45
N ALA P 86 -0.29 1.74 -72.57
CA ALA P 86 0.53 1.10 -71.54
C ALA P 86 0.67 1.92 -70.27
N ASP P 87 0.30 3.21 -70.29
CA ASP P 87 0.35 4.05 -69.11
C ASP P 87 -0.97 4.11 -68.35
N THR P 88 -1.95 3.29 -68.74
CA THR P 88 -3.22 3.18 -68.02
C THR P 88 -2.97 2.50 -66.69
N ALA P 89 -3.11 3.25 -65.60
CA ALA P 89 -2.69 2.77 -64.29
C ALA P 89 -3.36 3.61 -63.20
N THR P 90 -3.25 3.11 -61.98
CA THR P 90 -3.61 3.87 -60.78
C THR P 90 -2.33 4.51 -60.25
N TYR P 91 -2.32 5.82 -60.10
CA TYR P 91 -1.10 6.57 -59.79
C TYR P 91 -1.09 7.02 -58.34
N PHE P 92 -0.06 6.63 -57.60
CA PHE P 92 0.08 6.96 -56.19
C PHE P 92 1.18 7.99 -55.97
N CYS P 93 0.97 8.83 -54.97
CA CYS P 93 2.03 9.67 -54.43
C CYS P 93 2.21 9.35 -52.95
N ALA P 94 3.44 9.54 -52.47
CA ALA P 94 3.81 9.11 -51.12
C ALA P 94 4.81 10.07 -50.50
N LYS P 95 4.69 10.25 -49.19
CA LYS P 95 5.57 11.12 -48.41
C LYS P 95 6.90 10.40 -48.18
N GLY P 96 7.99 10.96 -48.70
CA GLY P 96 9.29 10.31 -48.62
C GLY P 96 10.14 10.86 -47.51
N PHE P 97 10.74 9.95 -46.73
CA PHE P 97 11.71 10.33 -45.70
C PHE P 97 13.07 10.59 -46.33
N ASP P 98 13.48 9.74 -47.25
CA ASP P 98 14.71 9.92 -48.02
C ASP P 98 14.39 9.64 -49.50
N TYR P 99 15.43 9.35 -50.28
CA TYR P 99 15.23 9.02 -51.69
C TYR P 99 14.71 7.60 -51.89
N SER P 100 14.75 6.77 -50.86
CA SER P 100 14.14 5.46 -50.91
C SER P 100 12.63 5.58 -50.87
N ALA P 101 11.94 4.68 -51.58
CA ALA P 101 10.48 4.66 -51.58
C ALA P 101 9.93 3.74 -50.51
N SER P 102 10.47 3.86 -49.30
CA SER P 102 10.08 3.08 -48.13
C SER P 102 9.34 4.02 -47.18
N THR P 103 8.01 3.91 -47.15
CA THR P 103 7.20 4.87 -46.42
C THR P 103 5.87 4.24 -46.01
N ASN P 104 5.29 4.78 -44.94
CA ASN P 104 4.02 4.28 -44.42
C ASN P 104 2.86 5.21 -44.74
N LEU P 105 3.12 6.27 -45.51
CA LEU P 105 2.12 7.30 -45.78
C LEU P 105 1.95 7.43 -47.30
N TRP P 106 0.84 6.89 -47.82
CA TRP P 106 0.55 6.89 -49.25
C TRP P 106 -0.81 7.53 -49.48
N GLY P 107 -1.00 8.09 -50.67
CA GLY P 107 -2.30 8.57 -51.10
C GLY P 107 -3.17 7.40 -51.53
N PRO P 108 -4.49 7.64 -51.65
CA PRO P 108 -5.38 6.55 -52.08
C PRO P 108 -5.23 6.18 -53.55
N GLY P 109 -4.63 7.04 -54.37
CA GLY P 109 -4.43 6.73 -55.78
C GLY P 109 -5.50 7.30 -56.66
N THR P 110 -5.14 7.74 -57.86
CA THR P 110 -6.09 8.26 -58.84
C THR P 110 -5.94 7.43 -60.12
N LEU P 111 -7.04 7.29 -60.86
CA LEU P 111 -7.10 6.33 -61.96
C LEU P 111 -6.99 7.06 -63.30
N VAL P 112 -5.96 6.71 -64.07
CA VAL P 112 -5.69 7.33 -65.37
C VAL P 112 -5.97 6.30 -66.46
N THR P 113 -6.78 6.67 -67.44
CA THR P 113 -7.10 5.80 -68.56
C THR P 113 -6.66 6.50 -69.84
N ILE P 114 -5.85 5.83 -70.63
CA ILE P 114 -5.40 6.34 -71.92
C ILE P 114 -6.08 5.48 -72.98
N SER P 115 -7.09 6.04 -73.63
CA SER P 115 -7.80 5.30 -74.67
C SER P 115 -8.50 6.28 -75.60
N SER P 116 -8.90 5.78 -76.76
CA SER P 116 -9.63 6.58 -77.74
C SER P 116 -11.12 6.29 -77.71
N ALA P 117 -11.63 5.67 -76.64
CA ALA P 117 -13.04 5.36 -76.52
C ALA P 117 -13.78 6.52 -75.85
N SER P 118 -15.11 6.52 -75.99
CA SER P 118 -15.95 7.58 -75.46
C SER P 118 -16.37 7.25 -74.03
N THR P 119 -16.47 8.29 -73.22
CA THR P 119 -16.99 8.16 -71.86
C THR P 119 -18.47 7.79 -71.90
N GLN P 120 -18.77 6.55 -71.50
CA GLN P 120 -20.12 6.02 -71.53
C GLN P 120 -20.58 5.75 -70.10
N SER P 121 -21.83 6.12 -69.81
CA SER P 121 -22.39 5.94 -68.48
C SER P 121 -22.93 4.51 -68.33
N PRO P 122 -22.90 3.96 -67.11
CA PRO P 122 -23.37 2.58 -66.92
C PRO P 122 -24.87 2.45 -67.03
N SER P 123 -25.31 1.33 -67.60
CA SER P 123 -26.71 0.93 -67.55
C SER P 123 -26.90 -0.01 -66.36
N VAL P 124 -27.83 0.32 -65.47
CA VAL P 124 -28.01 -0.40 -64.22
C VAL P 124 -29.27 -1.25 -64.33
N PHE P 125 -29.12 -2.55 -64.09
CA PHE P 125 -30.19 -3.52 -64.21
C PHE P 125 -30.26 -4.41 -62.96
N PRO P 126 -31.45 -4.76 -62.50
CA PRO P 126 -31.56 -5.63 -61.32
C PRO P 126 -31.26 -7.08 -61.65
N LEU P 127 -30.69 -7.78 -60.67
CA LEU P 127 -30.38 -9.21 -60.76
C LEU P 127 -31.20 -9.91 -59.69
N THR P 128 -32.31 -10.53 -60.08
CA THR P 128 -33.11 -11.31 -59.15
C THR P 128 -33.25 -12.72 -59.68
N ARG P 129 -33.30 -13.68 -58.78
CA ARG P 129 -33.55 -15.05 -59.20
C ARG P 129 -35.02 -15.25 -59.58
N CYS P 130 -35.29 -16.38 -60.22
CA CYS P 130 -36.65 -16.80 -60.52
C CYS P 130 -37.43 -17.12 -59.25
N CYS P 131 -38.66 -16.62 -59.18
CA CYS P 131 -39.49 -16.80 -58.00
C CYS P 131 -40.00 -18.25 -57.86
N LYS P 132 -40.06 -19.00 -58.96
CA LYS P 132 -40.34 -20.43 -58.88
C LYS P 132 -39.13 -21.21 -58.37
N ASN P 133 -37.91 -20.72 -58.63
CA ASN P 133 -36.70 -21.34 -58.14
C ASN P 133 -36.28 -20.83 -56.77
N ILE P 134 -36.94 -19.80 -56.26
CA ILE P 134 -36.70 -19.31 -54.90
C ILE P 134 -37.61 -20.12 -53.98
N PRO P 135 -37.08 -20.74 -52.93
CA PRO P 135 -37.92 -21.48 -51.99
C PRO P 135 -38.85 -20.57 -51.20
N SER P 136 -40.03 -21.11 -50.87
CA SER P 136 -41.00 -20.37 -50.08
C SER P 136 -40.57 -20.28 -48.62
N ASN P 137 -39.76 -21.24 -48.15
CA ASN P 137 -39.22 -21.26 -46.80
C ASN P 137 -37.79 -20.73 -46.74
N ALA P 138 -37.44 -19.80 -47.63
CA ALA P 138 -36.09 -19.24 -47.66
C ALA P 138 -35.95 -18.17 -46.59
N THR P 139 -35.02 -18.37 -45.65
CA THR P 139 -34.80 -17.37 -44.61
C THR P 139 -33.97 -16.20 -45.12
N SER P 140 -33.10 -16.44 -46.11
CA SER P 140 -32.28 -15.38 -46.69
C SER P 140 -32.36 -15.46 -48.21
N VAL P 141 -32.03 -14.34 -48.85
CA VAL P 141 -32.07 -14.24 -50.31
C VAL P 141 -30.87 -13.41 -50.75
N THR P 142 -30.37 -13.71 -51.96
CA THR P 142 -29.27 -12.98 -52.57
C THR P 142 -29.78 -12.30 -53.82
N LEU P 143 -29.62 -10.98 -53.87
CA LEU P 143 -30.03 -10.17 -55.01
C LEU P 143 -28.84 -9.31 -55.43
N GLY P 144 -29.02 -8.57 -56.51
CA GLY P 144 -27.89 -7.79 -56.99
C GLY P 144 -28.30 -6.78 -58.05
N CYS P 145 -27.29 -6.01 -58.47
CA CYS P 145 -27.40 -5.02 -59.54
C CYS P 145 -26.26 -5.24 -60.51
N LEU P 146 -26.58 -5.15 -61.80
CA LEU P 146 -25.57 -5.26 -62.84
C LEU P 146 -25.35 -3.87 -63.43
N ALA P 147 -24.16 -3.32 -63.23
CA ALA P 147 -23.76 -2.06 -63.85
C ALA P 147 -22.84 -2.42 -65.02
N THR P 148 -23.33 -2.20 -66.24
CA THR P 148 -22.63 -2.66 -67.43
C THR P 148 -22.53 -1.55 -68.48
N GLY P 149 -21.55 -1.71 -69.36
CA GLY P 149 -21.41 -0.82 -70.50
C GLY P 149 -20.79 0.52 -70.21
N TYR P 150 -20.05 0.65 -69.12
CA TYR P 150 -19.47 1.93 -68.73
C TYR P 150 -18.00 2.01 -69.11
N PHE P 151 -17.51 3.25 -69.22
CA PHE P 151 -16.11 3.55 -69.52
C PHE P 151 -15.81 4.98 -69.08
N PRO P 152 -14.69 5.23 -68.41
CA PRO P 152 -13.74 4.25 -67.89
C PRO P 152 -14.08 3.85 -66.45
N GLU P 153 -13.12 3.23 -65.77
CA GLU P 153 -13.24 2.88 -64.36
C GLU P 153 -13.12 4.16 -63.52
N PRO P 154 -13.69 4.19 -62.30
CA PRO P 154 -14.52 3.18 -61.61
C PRO P 154 -15.97 3.57 -61.39
N VAL P 155 -16.76 2.61 -60.90
CA VAL P 155 -18.08 2.90 -60.37
C VAL P 155 -18.10 2.53 -58.90
N MET P 156 -19.00 3.16 -58.16
CA MET P 156 -19.15 2.95 -56.73
C MET P 156 -20.61 2.58 -56.46
N VAL P 157 -20.84 1.37 -55.95
CA VAL P 157 -22.19 0.88 -55.69
C VAL P 157 -22.40 0.77 -54.18
N THR P 158 -23.39 1.48 -53.66
CA THR P 158 -23.84 1.33 -52.29
C THR P 158 -25.28 0.84 -52.30
N TRP P 159 -25.74 0.34 -51.16
CA TRP P 159 -27.05 -0.29 -51.08
C TRP P 159 -27.90 0.33 -49.98
N ASP P 160 -29.18 0.52 -50.29
CA ASP P 160 -30.19 0.87 -49.30
C ASP P 160 -31.02 -0.39 -49.03
N THR P 161 -31.00 -0.85 -47.78
CA THR P 161 -31.69 -2.09 -47.41
C THR P 161 -32.93 -1.85 -46.58
N GLY P 162 -33.30 -0.60 -46.30
CA GLY P 162 -34.42 -0.31 -45.44
C GLY P 162 -34.17 -0.65 -43.98
N SER P 163 -35.02 -1.50 -43.40
CA SER P 163 -34.86 -1.90 -42.01
C SER P 163 -34.08 -3.20 -41.84
N LEU P 164 -33.77 -3.89 -42.94
CA LEU P 164 -33.08 -5.17 -42.89
C LEU P 164 -31.57 -4.98 -42.85
N ASN P 165 -30.88 -5.91 -42.19
CA ASN P 165 -29.43 -5.92 -42.17
C ASN P 165 -28.92 -6.83 -43.28
N GLY P 166 -27.95 -6.34 -44.06
CA GLY P 166 -27.43 -7.09 -45.18
C GLY P 166 -25.93 -6.91 -45.33
N THR P 167 -25.31 -7.88 -46.00
CA THR P 167 -23.88 -7.86 -46.31
C THR P 167 -23.71 -7.65 -47.81
N THR P 168 -22.83 -6.72 -48.19
CA THR P 168 -22.61 -6.39 -49.59
C THR P 168 -21.27 -6.93 -50.09
N MET P 169 -21.23 -7.25 -51.38
CA MET P 169 -20.04 -7.78 -52.02
C MET P 169 -20.03 -7.35 -53.49
N THR P 170 -18.98 -6.65 -53.89
CA THR P 170 -18.83 -6.19 -55.27
C THR P 170 -17.67 -6.93 -55.91
N LEU P 171 -17.92 -7.59 -57.03
CA LEU P 171 -16.89 -8.30 -57.75
C LEU P 171 -16.07 -7.33 -58.60
N PRO P 172 -14.84 -7.71 -58.95
CA PRO P 172 -14.06 -6.87 -59.87
C PRO P 172 -14.70 -6.77 -61.25
N ALA P 173 -14.39 -5.68 -61.94
CA ALA P 173 -14.97 -5.39 -63.24
C ALA P 173 -14.35 -6.27 -64.33
N THR P 174 -15.17 -6.64 -65.31
CA THR P 174 -14.70 -7.37 -66.48
C THR P 174 -14.77 -6.44 -67.69
N THR P 175 -13.73 -6.48 -68.53
CA THR P 175 -13.74 -5.71 -69.76
C THR P 175 -14.54 -6.49 -70.81
N LEU P 176 -15.61 -5.87 -71.32
CA LEU P 176 -16.41 -6.50 -72.36
C LEU P 176 -15.59 -6.65 -73.65
N THR P 177 -15.65 -7.85 -74.25
CA THR P 177 -14.75 -8.20 -75.33
C THR P 177 -15.09 -7.46 -76.62
N LEU P 178 -16.37 -7.16 -76.85
CA LEU P 178 -16.72 -6.55 -78.12
C LEU P 178 -16.54 -5.04 -78.10
N SER P 179 -16.89 -4.39 -76.99
CA SER P 179 -16.90 -2.93 -76.95
C SER P 179 -15.71 -2.31 -76.24
N GLY P 180 -15.03 -3.06 -75.38
CA GLY P 180 -13.98 -2.52 -74.55
C GLY P 180 -14.46 -1.87 -73.27
N HIS P 181 -15.77 -1.76 -73.09
CA HIS P 181 -16.33 -1.18 -71.89
C HIS P 181 -16.30 -2.19 -70.75
N TYR P 182 -16.57 -1.69 -69.55
CA TYR P 182 -16.51 -2.49 -68.33
C TYR P 182 -17.90 -2.88 -67.85
N ALA P 183 -17.94 -3.91 -67.01
CA ALA P 183 -19.18 -4.35 -66.39
C ALA P 183 -18.86 -4.91 -65.02
N THR P 184 -19.69 -4.57 -64.03
CA THR P 184 -19.46 -5.04 -62.67
C THR P 184 -20.77 -5.55 -62.09
N ILE P 185 -20.65 -6.40 -61.06
CA ILE P 185 -21.78 -7.00 -60.37
C ILE P 185 -21.61 -6.76 -58.88
N SER P 186 -22.57 -6.07 -58.28
CA SER P 186 -22.61 -5.87 -56.82
C SER P 186 -23.77 -6.67 -56.24
N LEU P 187 -23.51 -7.41 -55.18
CA LEU P 187 -24.49 -8.34 -54.63
C LEU P 187 -24.82 -8.00 -53.18
N LEU P 188 -26.07 -8.27 -52.81
CA LEU P 188 -26.58 -8.01 -51.47
C LEU P 188 -27.27 -9.25 -50.95
N THR P 189 -26.91 -9.67 -49.74
CA THR P 189 -27.53 -10.83 -49.09
C THR P 189 -28.20 -10.34 -47.81
N VAL P 190 -29.54 -10.38 -47.79
CA VAL P 190 -30.32 -9.93 -46.66
C VAL P 190 -31.09 -11.10 -46.08
N SER P 191 -31.48 -10.97 -44.82
CA SER P 191 -32.31 -11.96 -44.15
C SER P 191 -33.53 -11.27 -43.53
N GLY P 192 -34.60 -12.05 -43.37
CA GLY P 192 -35.81 -11.55 -42.74
C GLY P 192 -37.01 -11.41 -43.66
N ALA P 193 -37.72 -10.28 -43.54
CA ALA P 193 -38.94 -10.02 -44.31
C ALA P 193 -38.62 -9.28 -45.61
N TRP P 194 -37.87 -9.96 -46.47
CA TRP P 194 -37.42 -9.37 -47.73
C TRP P 194 -38.46 -9.42 -48.84
N ALA P 195 -39.62 -10.08 -48.61
CA ALA P 195 -40.56 -10.34 -49.71
C ALA P 195 -41.23 -9.07 -50.22
N LYS P 196 -41.64 -8.16 -49.32
CA LYS P 196 -42.27 -6.92 -49.75
C LYS P 196 -41.41 -5.70 -49.50
N GLN P 197 -40.15 -5.89 -49.11
CA GLN P 197 -39.26 -4.78 -48.82
C GLN P 197 -38.61 -4.38 -50.13
N MET P 198 -38.53 -3.08 -50.37
CA MET P 198 -37.85 -2.55 -51.54
C MET P 198 -36.38 -2.26 -51.25
N PHE P 199 -35.51 -2.67 -52.17
CA PHE P 199 -34.07 -2.50 -52.05
C PHE P 199 -33.60 -1.58 -53.17
N THR P 200 -32.64 -0.72 -52.86
CA THR P 200 -32.14 0.25 -53.82
C THR P 200 -30.63 0.15 -53.90
N CYS P 201 -30.11 -0.01 -55.11
CA CYS P 201 -28.67 0.13 -55.34
C CYS P 201 -28.43 1.50 -55.94
N ARG P 202 -27.37 2.14 -55.48
CA ARG P 202 -27.01 3.49 -55.90
C ARG P 202 -25.70 3.35 -56.65
N VAL P 203 -25.77 3.45 -57.98
CA VAL P 203 -24.59 3.31 -58.84
C VAL P 203 -24.15 4.70 -59.26
N ALA P 204 -22.96 5.10 -58.82
CA ALA P 204 -22.37 6.38 -59.16
C ALA P 204 -21.19 6.15 -60.10
N HIS P 205 -21.03 7.03 -61.08
CA HIS P 205 -19.95 6.93 -62.06
C HIS P 205 -19.33 8.32 -62.22
N THR P 206 -18.34 8.63 -61.37
CA THR P 206 -17.64 9.90 -61.40
C THR P 206 -16.87 10.28 -62.68
N PRO P 207 -16.43 9.37 -63.58
CA PRO P 207 -15.95 9.86 -64.88
C PRO P 207 -17.02 10.50 -65.76
N SER P 208 -18.30 10.11 -65.63
CA SER P 208 -19.35 10.78 -66.38
C SER P 208 -19.67 12.16 -65.80
N SER P 209 -19.95 12.21 -64.51
CA SER P 209 -20.20 13.45 -63.78
C SER P 209 -19.96 13.20 -62.31
N THR P 210 -19.62 14.27 -61.58
CA THR P 210 -19.40 14.14 -60.14
C THR P 210 -20.71 13.89 -59.40
N ASP P 211 -21.85 14.26 -59.98
CA ASP P 211 -23.16 14.01 -59.41
C ASP P 211 -23.96 13.00 -60.22
N TRP P 212 -23.29 12.17 -61.03
CA TRP P 212 -23.96 11.13 -61.78
C TRP P 212 -24.33 10.01 -60.82
N VAL P 213 -25.63 9.80 -60.61
CA VAL P 213 -26.14 8.77 -59.71
C VAL P 213 -27.31 8.10 -60.40
N ASP P 214 -27.30 6.78 -60.48
CA ASP P 214 -28.42 6.00 -60.99
C ASP P 214 -28.96 5.18 -59.83
N ASN P 215 -30.25 5.34 -59.52
CA ASN P 215 -30.92 4.62 -58.43
C ASN P 215 -31.88 3.61 -59.01
N LYS P 216 -31.60 2.33 -58.79
CA LYS P 216 -32.47 1.25 -59.26
C LYS P 216 -33.18 0.63 -58.05
N THR P 217 -34.46 0.93 -57.91
CA THR P 217 -35.29 0.43 -56.81
C THR P 217 -36.18 -0.70 -57.33
N PHE P 218 -36.14 -1.84 -56.66
CA PHE P 218 -36.83 -3.04 -57.11
C PHE P 218 -37.00 -3.98 -55.93
N SER P 219 -37.87 -4.98 -56.12
CA SER P 219 -38.08 -6.03 -55.13
C SER P 219 -37.54 -7.35 -55.67
N VAL P 220 -37.49 -8.36 -54.80
CA VAL P 220 -37.00 -9.68 -55.19
C VAL P 220 -38.02 -10.39 -56.08
N CYS P 221 -39.30 -10.34 -55.71
CA CYS P 221 -40.34 -11.04 -56.46
C CYS P 221 -41.41 -10.05 -56.89
N SER P 222 -41.73 -10.07 -58.18
CA SER P 222 -42.75 -9.20 -58.77
C SER P 222 -44.15 -9.82 -58.63
N ARG P 223 -44.57 -10.01 -57.37
CA ARG P 223 -45.93 -10.48 -57.10
C ARG P 223 -46.94 -9.33 -57.19
N GLU Q 1 18.05 -1.76 -66.51
CA GLU Q 1 19.18 -2.67 -66.64
C GLU Q 1 19.19 -3.67 -65.47
N LEU Q 2 19.17 -3.15 -64.25
CA LEU Q 2 19.22 -4.00 -63.05
C LEU Q 2 17.86 -4.61 -62.74
N ASP Q 3 17.89 -5.78 -62.10
CA ASP Q 3 16.71 -6.60 -61.83
C ASP Q 3 16.47 -6.76 -60.34
N MET Q 4 15.20 -6.84 -59.96
CA MET Q 4 14.80 -7.24 -58.61
C MET Q 4 13.83 -8.43 -58.73
N THR Q 5 14.28 -9.62 -58.32
CA THR Q 5 13.60 -10.88 -58.59
C THR Q 5 12.92 -11.38 -57.31
N GLN Q 6 11.59 -11.42 -57.32
CA GLN Q 6 10.82 -11.86 -56.17
C GLN Q 6 10.25 -13.24 -56.45
N THR Q 7 10.58 -14.21 -55.60
CA THR Q 7 10.15 -15.59 -55.73
C THR Q 7 9.62 -16.07 -54.37
N PRO Q 8 8.55 -16.87 -54.37
CA PRO Q 8 7.71 -17.29 -55.50
C PRO Q 8 6.67 -16.25 -55.83
N SER Q 9 5.98 -16.44 -56.95
CA SER Q 9 4.86 -15.56 -57.29
C SER Q 9 3.61 -15.91 -56.50
N SER Q 10 3.48 -17.15 -56.03
CA SER Q 10 2.33 -17.57 -55.24
C SER Q 10 2.77 -18.61 -54.21
N VAL Q 11 2.16 -18.56 -53.03
CA VAL Q 11 2.48 -19.50 -51.96
C VAL Q 11 1.24 -19.67 -51.08
N SER Q 12 1.03 -20.91 -50.62
CA SER Q 12 -0.12 -21.25 -49.80
C SER Q 12 0.32 -21.96 -48.52
N ALA Q 13 -0.27 -21.57 -47.40
CA ALA Q 13 0.04 -22.17 -46.11
C ALA Q 13 -1.15 -21.97 -45.19
N PRO Q 14 -1.44 -22.92 -44.30
CA PRO Q 14 -2.63 -22.81 -43.46
C PRO Q 14 -2.46 -21.79 -42.35
N VAL Q 15 -3.53 -21.61 -41.57
CA VAL Q 15 -3.51 -20.72 -40.42
C VAL Q 15 -2.58 -21.29 -39.36
N GLY Q 16 -1.62 -20.49 -38.92
CA GLY Q 16 -0.62 -20.93 -37.97
C GLY Q 16 0.68 -21.39 -38.59
N GLY Q 17 0.73 -21.52 -39.92
CA GLY Q 17 1.93 -21.91 -40.62
C GLY Q 17 2.82 -20.72 -40.91
N SER Q 18 3.73 -20.91 -41.86
CA SER Q 18 4.71 -19.90 -42.20
C SER Q 18 4.95 -19.89 -43.70
N VAL Q 19 5.26 -18.71 -44.24
CA VAL Q 19 5.68 -18.54 -45.63
C VAL Q 19 6.96 -17.72 -45.66
N THR Q 20 7.80 -17.99 -46.66
CA THR Q 20 9.03 -17.24 -46.88
C THR Q 20 9.01 -16.68 -48.29
N ILE Q 21 9.22 -15.37 -48.40
CA ILE Q 21 9.27 -14.67 -49.67
C ILE Q 21 10.67 -14.09 -49.81
N ASN Q 22 11.33 -14.42 -50.91
CA ASN Q 22 12.71 -14.01 -51.13
C ASN Q 22 12.78 -12.95 -52.22
N CYS Q 23 13.68 -11.99 -52.04
CA CYS Q 23 13.96 -10.99 -53.07
C CYS Q 23 15.45 -11.01 -53.38
N GLN Q 24 15.77 -11.17 -54.66
CA GLN Q 24 17.14 -11.27 -55.15
C GLN Q 24 17.40 -10.13 -56.10
N SER Q 25 18.43 -9.33 -55.80
CA SER Q 25 18.81 -8.18 -56.59
C SER Q 25 20.08 -8.48 -57.38
N SER Q 26 20.14 -7.95 -58.60
CA SER Q 26 21.30 -8.17 -59.45
C SER Q 26 22.51 -7.37 -58.99
N GLN Q 27 22.29 -6.26 -58.30
CA GLN Q 27 23.34 -5.42 -57.75
C GLN Q 27 22.95 -5.13 -56.30
N SER Q 28 23.96 -5.05 -55.41
CA SER Q 28 23.73 -4.77 -54.01
C SER Q 28 23.06 -3.40 -53.81
N VAL Q 29 22.10 -3.37 -52.88
CA VAL Q 29 21.35 -2.16 -52.60
C VAL Q 29 22.22 -1.15 -51.85
N TYR Q 30 21.71 0.07 -51.70
CA TYR Q 30 22.43 1.16 -51.05
C TYR Q 30 22.65 0.86 -49.57
N GLY Q 31 23.91 0.88 -49.14
CA GLY Q 31 24.27 0.57 -47.77
C GLY Q 31 24.05 -0.88 -47.38
N ASN Q 32 23.89 -1.77 -48.36
CA ASN Q 32 23.67 -3.21 -48.27
C ASN Q 32 22.38 -3.60 -47.55
N ASN Q 33 21.51 -2.65 -47.20
CA ASN Q 33 20.30 -3.00 -46.46
C ASN Q 33 19.10 -2.13 -46.78
N TYR Q 34 19.18 -1.16 -47.70
CA TYR Q 34 18.02 -0.31 -48.01
C TYR Q 34 17.02 -1.14 -48.80
N LEU Q 35 16.22 -1.91 -48.07
CA LEU Q 35 15.24 -2.82 -48.66
C LEU Q 35 13.99 -2.79 -47.81
N ALA Q 36 12.84 -2.63 -48.45
CA ALA Q 36 11.57 -2.53 -47.77
C ALA Q 36 10.66 -3.69 -48.16
N TRP Q 37 9.58 -3.88 -47.40
CA TRP Q 37 8.54 -4.85 -47.74
C TRP Q 37 7.18 -4.21 -47.56
N TYR Q 38 6.30 -4.42 -48.54
CA TYR Q 38 4.97 -3.83 -48.56
C TYR Q 38 3.91 -4.92 -48.58
N GLN Q 39 2.75 -4.56 -48.04
CA GLN Q 39 1.55 -5.38 -48.15
C GLN Q 39 0.47 -4.54 -48.78
N GLN Q 40 -0.15 -5.06 -49.83
CA GLN Q 40 -1.17 -4.36 -50.59
C GLN Q 40 -2.38 -5.27 -50.77
N LYS Q 41 -3.56 -4.73 -50.52
CA LYS Q 41 -4.81 -5.43 -50.82
C LYS Q 41 -5.51 -4.72 -51.96
N ALA Q 42 -6.65 -5.28 -52.37
CA ALA Q 42 -7.34 -4.81 -53.56
C ALA Q 42 -7.97 -3.44 -53.34
N GLY Q 43 -7.62 -2.49 -54.21
CA GLY Q 43 -8.14 -1.16 -54.13
C GLY Q 43 -7.52 -0.28 -53.07
N GLN Q 44 -6.43 -0.71 -52.45
CA GLN Q 44 -5.80 0.04 -51.38
C GLN Q 44 -4.36 0.38 -51.73
N PRO Q 45 -3.82 1.49 -51.23
CA PRO Q 45 -2.39 1.75 -51.39
C PRO Q 45 -1.57 0.77 -50.57
N PRO Q 46 -0.31 0.54 -50.96
CA PRO Q 46 0.50 -0.43 -50.22
C PRO Q 46 0.84 0.03 -48.80
N LYS Q 47 0.98 -0.95 -47.90
CA LYS Q 47 1.23 -0.70 -46.48
C LYS Q 47 2.63 -1.18 -46.10
N LEU Q 48 3.42 -0.32 -45.45
CA LEU Q 48 4.78 -0.69 -45.04
C LEU Q 48 4.80 -1.61 -43.83
N LEU Q 49 5.55 -2.70 -43.93
CA LEU Q 49 5.78 -3.65 -42.85
C LEU Q 49 7.23 -3.64 -42.40
N ILE Q 50 8.17 -3.71 -43.34
CA ILE Q 50 9.59 -3.77 -43.05
C ILE Q 50 10.27 -2.65 -43.84
N TYR Q 51 11.19 -1.94 -43.20
CA TYR Q 51 12.13 -1.06 -43.88
C TYR Q 51 13.51 -1.34 -43.34
N ARG Q 52 14.52 -0.92 -44.12
CA ARG Q 52 15.95 -1.18 -43.86
C ARG Q 52 16.23 -2.66 -43.63
N ALA Q 53 15.66 -3.50 -44.49
CA ALA Q 53 15.78 -4.96 -44.55
C ALA Q 53 15.20 -5.72 -43.35
N SER Q 54 15.23 -5.17 -42.14
CA SER Q 54 14.80 -5.97 -40.99
C SER Q 54 14.09 -5.17 -39.91
N THR Q 55 14.13 -3.84 -39.98
CA THR Q 55 13.54 -3.01 -38.94
C THR Q 55 12.02 -2.95 -39.13
N LEU Q 56 11.28 -3.32 -38.07
CA LEU Q 56 9.83 -3.41 -38.16
C LEU Q 56 9.19 -2.03 -38.18
N ALA Q 57 8.25 -1.82 -39.09
CA ALA Q 57 7.54 -0.55 -39.19
C ALA Q 57 6.56 -0.40 -38.05
N SER Q 58 6.20 0.86 -37.77
CA SER Q 58 5.25 1.15 -36.69
C SER Q 58 3.85 0.71 -37.10
N GLY Q 59 3.22 -0.11 -36.26
CA GLY Q 59 1.90 -0.65 -36.51
C GLY Q 59 1.91 -2.02 -37.14
N ALA Q 60 3.04 -2.43 -37.70
CA ALA Q 60 3.12 -3.78 -38.23
C ALA Q 60 3.31 -4.78 -37.09
N PRO Q 61 2.69 -5.96 -37.18
CA PRO Q 61 2.80 -6.95 -36.10
C PRO Q 61 4.20 -7.55 -36.00
N SER Q 62 4.45 -8.24 -34.90
CA SER Q 62 5.75 -8.86 -34.69
C SER Q 62 5.99 -10.07 -35.59
N ARG Q 63 4.93 -10.66 -36.17
CA ARG Q 63 5.04 -11.88 -36.95
C ARG Q 63 5.58 -11.66 -38.37
N PHE Q 64 5.71 -10.42 -38.81
CA PHE Q 64 6.40 -10.09 -40.06
C PHE Q 64 7.86 -9.83 -39.76
N LYS Q 65 8.75 -10.69 -40.23
CA LYS Q 65 10.18 -10.60 -39.93
C LYS Q 65 10.95 -10.55 -41.23
N GLY Q 66 11.73 -9.50 -41.42
CA GLY Q 66 12.58 -9.36 -42.58
C GLY Q 66 14.03 -9.65 -42.23
N SER Q 67 14.77 -10.10 -43.24
CA SER Q 67 16.18 -10.42 -43.06
C SER Q 67 16.86 -10.31 -44.40
N GLY Q 68 18.19 -10.23 -44.35
CA GLY Q 68 19.01 -10.26 -45.53
C GLY Q 68 19.99 -9.10 -45.58
N SER Q 69 20.90 -9.20 -46.55
CA SER Q 69 21.95 -8.22 -46.72
C SER Q 69 22.48 -8.30 -48.13
N GLY Q 70 22.92 -7.16 -48.65
CA GLY Q 70 23.53 -7.11 -49.96
C GLY Q 70 22.55 -7.32 -51.09
N THR Q 71 22.45 -8.56 -51.56
CA THR Q 71 21.62 -8.89 -52.71
C THR Q 71 20.49 -9.86 -52.40
N GLN Q 72 20.52 -10.53 -51.26
CA GLN Q 72 19.58 -11.60 -50.94
C GLN Q 72 18.78 -11.21 -49.71
N PHE Q 73 17.46 -11.14 -49.85
CA PHE Q 73 16.59 -10.67 -48.78
C PHE Q 73 15.42 -11.63 -48.62
N THR Q 74 14.87 -11.69 -47.41
CA THR Q 74 13.83 -12.66 -47.08
C THR Q 74 12.81 -12.05 -46.13
N LEU Q 75 11.54 -12.18 -46.48
CA LEU Q 75 10.43 -11.87 -45.57
C LEU Q 75 9.82 -13.17 -45.08
N THR Q 76 9.74 -13.32 -43.75
CA THR Q 76 9.16 -14.50 -43.12
C THR Q 76 7.91 -14.07 -42.37
N ILE Q 77 6.76 -14.63 -42.77
CA ILE Q 77 5.48 -14.38 -42.10
C ILE Q 77 5.14 -15.65 -41.35
N SER Q 78 5.44 -15.70 -40.06
CA SER Q 78 5.03 -16.83 -39.24
C SER Q 78 3.68 -16.53 -38.60
N ASP Q 79 3.06 -17.59 -38.08
CA ASP Q 79 1.78 -17.55 -37.35
C ASP Q 79 0.68 -16.89 -38.19
N LEU Q 80 0.35 -17.53 -39.31
CA LEU Q 80 -0.49 -16.90 -40.32
C LEU Q 80 -1.93 -16.77 -39.86
N GLU Q 81 -2.50 -15.61 -40.16
CA GLU Q 81 -3.90 -15.33 -39.92
C GLU Q 81 -4.58 -15.14 -41.26
N SER Q 82 -5.92 -15.16 -41.22
CA SER Q 82 -6.71 -14.94 -42.42
C SER Q 82 -6.61 -13.50 -42.92
N ASP Q 83 -6.19 -12.57 -42.04
CA ASP Q 83 -5.97 -11.18 -42.39
C ASP Q 83 -4.78 -11.01 -43.32
N ASP Q 84 -3.83 -11.95 -43.32
CA ASP Q 84 -2.58 -11.82 -44.05
C ASP Q 84 -2.70 -12.19 -45.53
N ALA Q 85 -3.88 -12.58 -46.01
CA ALA Q 85 -4.06 -12.89 -47.43
C ALA Q 85 -4.03 -11.61 -48.24
N ALA Q 86 -2.92 -11.37 -48.92
CA ALA Q 86 -2.69 -10.14 -49.68
C ALA Q 86 -1.54 -10.40 -50.65
N THR Q 87 -1.18 -9.36 -51.40
CA THR Q 87 -0.05 -9.39 -52.32
C THR Q 87 1.11 -8.60 -51.72
N TYR Q 88 2.31 -9.21 -51.70
CA TYR Q 88 3.47 -8.64 -51.02
C TYR Q 88 4.57 -8.30 -52.01
N TYR Q 89 5.20 -7.14 -51.81
CA TYR Q 89 6.22 -6.60 -52.71
C TYR Q 89 7.45 -6.21 -51.91
N CYS Q 90 8.63 -6.38 -52.49
CA CYS Q 90 9.82 -5.77 -51.91
C CYS Q 90 10.23 -4.57 -52.76
N LEU Q 91 10.97 -3.66 -52.11
CA LEU Q 91 11.38 -2.41 -52.73
C LEU Q 91 12.82 -2.14 -52.36
N GLY Q 92 13.70 -2.11 -53.35
CA GLY Q 92 15.12 -1.83 -53.15
C GLY Q 92 15.49 -0.45 -53.64
N TYR Q 93 16.30 0.25 -52.86
CA TYR Q 93 16.86 1.53 -53.24
C TYR Q 93 18.33 1.34 -53.62
N TYR Q 94 18.78 2.07 -54.63
CA TYR Q 94 20.09 1.81 -55.23
C TYR Q 94 20.90 3.10 -55.32
N ASN Q 95 22.22 2.92 -55.44
CA ASN Q 95 23.08 4.02 -55.88
C ASN Q 95 22.64 4.49 -57.25
N GLY Q 96 22.56 5.80 -57.43
CA GLY Q 96 22.00 6.41 -58.61
C GLY Q 96 20.61 6.99 -58.44
N VAL Q 97 20.07 6.96 -57.21
CA VAL Q 97 18.70 7.31 -56.82
C VAL Q 97 17.70 6.57 -57.72
N ILE Q 98 17.63 5.25 -57.52
CA ILE Q 98 16.76 4.39 -58.30
C ILE Q 98 16.04 3.45 -57.33
N ASN Q 99 14.71 3.39 -57.42
CA ASN Q 99 13.92 2.45 -56.64
C ASN Q 99 13.30 1.43 -57.59
N VAL Q 100 13.40 0.15 -57.23
CA VAL Q 100 12.90 -0.93 -58.07
C VAL Q 100 12.05 -1.85 -57.21
N PHE Q 101 10.76 -1.97 -57.54
CA PHE Q 101 9.87 -2.88 -56.84
C PHE Q 101 10.06 -4.32 -57.34
N GLY Q 102 9.78 -5.26 -56.44
CA GLY Q 102 9.74 -6.66 -56.82
C GLY Q 102 8.52 -6.99 -57.64
N GLY Q 103 8.51 -8.21 -58.19
CA GLY Q 103 7.42 -8.61 -59.09
C GLY Q 103 6.11 -8.89 -58.41
N GLY Q 104 6.12 -9.20 -57.12
CA GLY Q 104 4.92 -9.44 -56.35
C GLY Q 104 4.78 -10.92 -56.01
N THR Q 105 4.19 -11.17 -54.84
CA THR Q 105 3.91 -12.52 -54.36
C THR Q 105 2.51 -12.50 -53.76
N ASN Q 106 1.62 -13.33 -54.30
CA ASN Q 106 0.27 -13.46 -53.76
C ASN Q 106 0.29 -14.56 -52.70
N VAL Q 107 -0.14 -14.23 -51.48
CA VAL Q 107 -0.19 -15.21 -50.39
C VAL Q 107 -1.64 -15.65 -50.18
N GLU Q 108 -1.88 -16.94 -50.31
CA GLU Q 108 -3.20 -17.55 -50.10
C GLU Q 108 -3.22 -18.31 -48.79
N ILE Q 109 -4.27 -18.10 -47.99
CA ILE Q 109 -4.48 -18.87 -46.77
C ILE Q 109 -5.14 -20.20 -47.14
N LYS Q 110 -4.46 -21.29 -46.84
CA LYS Q 110 -4.95 -22.64 -47.15
C LYS Q 110 -5.99 -23.06 -46.12
N ARG Q 111 -7.12 -23.58 -46.62
CA ARG Q 111 -8.21 -24.06 -45.77
C ARG Q 111 -8.77 -25.32 -46.40
N THR Q 112 -9.90 -25.77 -45.86
CA THR Q 112 -10.60 -26.96 -46.30
C THR Q 112 -11.32 -26.72 -47.63
N VAL Q 113 -11.66 -27.80 -48.31
CA VAL Q 113 -12.37 -27.70 -49.58
C VAL Q 113 -13.84 -27.40 -49.31
N GLY Q 114 -14.34 -26.33 -49.93
CA GLY Q 114 -15.76 -26.02 -49.86
C GLY Q 114 -16.40 -25.99 -51.24
N ALA Q 115 -17.51 -26.69 -51.40
CA ALA Q 115 -18.20 -26.70 -52.68
C ALA Q 115 -18.91 -25.37 -52.89
N PRO Q 116 -18.99 -24.88 -54.13
CA PRO Q 116 -19.67 -23.62 -54.40
C PRO Q 116 -21.19 -23.75 -54.37
N SER Q 117 -21.83 -22.70 -53.83
CA SER Q 117 -23.27 -22.54 -53.91
C SER Q 117 -23.59 -21.80 -55.20
N VAL Q 118 -24.37 -22.41 -56.08
CA VAL Q 118 -24.60 -21.87 -57.41
C VAL Q 118 -25.95 -21.17 -57.44
N PHE Q 119 -25.99 -19.98 -58.04
CA PHE Q 119 -27.22 -19.25 -58.30
C PHE Q 119 -27.20 -18.77 -59.74
N ILE Q 120 -28.38 -18.74 -60.37
CA ILE Q 120 -28.51 -18.26 -61.74
C ILE Q 120 -29.53 -17.12 -61.75
N PHE Q 121 -29.26 -16.11 -62.58
CA PHE Q 121 -30.05 -14.89 -62.65
C PHE Q 121 -30.47 -14.67 -64.09
N PRO Q 122 -31.77 -14.64 -64.40
CA PRO Q 122 -32.23 -14.30 -65.74
C PRO Q 122 -32.06 -12.82 -66.00
N PRO Q 123 -31.97 -12.41 -67.27
CA PRO Q 123 -31.91 -10.97 -67.56
C PRO Q 123 -33.24 -10.28 -67.28
N SER Q 124 -33.14 -9.06 -66.79
CA SER Q 124 -34.31 -8.29 -66.40
C SER Q 124 -35.07 -7.77 -67.62
N ASP Q 125 -36.34 -7.41 -67.39
CA ASP Q 125 -37.16 -6.85 -68.45
C ASP Q 125 -36.73 -5.44 -68.86
N GLU Q 126 -36.04 -4.71 -67.97
CA GLU Q 126 -35.49 -3.42 -68.35
C GLU Q 126 -34.35 -3.57 -69.33
N GLN Q 127 -33.57 -4.65 -69.20
CA GLN Q 127 -32.41 -4.87 -70.06
C GLN Q 127 -32.81 -5.32 -71.46
N LEU Q 128 -33.92 -6.05 -71.59
CA LEU Q 128 -34.37 -6.53 -72.91
C LEU Q 128 -34.84 -5.41 -73.81
N LYS Q 129 -35.23 -4.26 -73.25
CA LYS Q 129 -35.61 -3.10 -74.03
C LYS Q 129 -34.43 -2.44 -74.73
N SER Q 130 -33.20 -2.70 -74.29
CA SER Q 130 -32.01 -2.07 -74.84
C SER Q 130 -31.26 -2.94 -75.84
N GLY Q 131 -31.73 -4.16 -76.11
CA GLY Q 131 -31.16 -4.96 -77.16
C GLY Q 131 -30.06 -5.91 -76.76
N THR Q 132 -29.74 -5.99 -75.47
CA THR Q 132 -28.69 -6.86 -74.92
C THR Q 132 -29.30 -7.67 -73.80
N ALA Q 133 -28.91 -8.95 -73.67
CA ALA Q 133 -29.37 -9.79 -72.58
C ALA Q 133 -28.16 -10.42 -71.89
N SER Q 134 -28.00 -10.17 -70.59
CA SER Q 134 -26.92 -10.74 -69.79
C SER Q 134 -27.46 -11.73 -68.75
N VAL Q 135 -26.97 -12.96 -68.81
CA VAL Q 135 -27.32 -14.01 -67.85
C VAL Q 135 -26.13 -14.23 -66.92
N VAL Q 136 -26.38 -14.25 -65.61
CA VAL Q 136 -25.33 -14.25 -64.59
C VAL Q 136 -25.42 -15.52 -63.76
N CYS Q 137 -24.29 -16.25 -63.68
CA CYS Q 137 -24.19 -17.42 -62.82
C CYS Q 137 -23.16 -17.14 -61.74
N LEU Q 138 -23.59 -17.20 -60.49
CA LEU Q 138 -22.78 -16.87 -59.33
C LEU Q 138 -22.39 -18.14 -58.60
N LEU Q 139 -21.10 -18.27 -58.28
CA LEU Q 139 -20.56 -19.35 -57.47
C LEU Q 139 -20.10 -18.71 -56.17
N ASN Q 140 -20.75 -19.06 -55.07
CA ASN Q 140 -20.57 -18.34 -53.81
C ASN Q 140 -19.85 -19.22 -52.80
N ASN Q 141 -18.76 -18.69 -52.23
CA ASN Q 141 -18.07 -19.21 -51.03
C ASN Q 141 -17.52 -20.63 -51.25
N PHE Q 142 -16.46 -20.70 -52.05
CA PHE Q 142 -15.84 -21.98 -52.35
C PHE Q 142 -14.34 -21.89 -52.17
N TYR Q 143 -13.72 -23.07 -51.99
CA TYR Q 143 -12.28 -23.24 -51.92
C TYR Q 143 -12.00 -24.62 -52.47
N PRO Q 144 -10.95 -24.80 -53.32
CA PRO Q 144 -9.96 -23.82 -53.83
C PRO Q 144 -10.46 -22.88 -54.91
N ARG Q 145 -9.56 -22.04 -55.45
CA ARG Q 145 -9.96 -21.01 -56.41
C ARG Q 145 -10.37 -21.61 -57.75
N GLU Q 146 -9.82 -22.79 -58.10
CA GLU Q 146 -10.00 -23.36 -59.43
C GLU Q 146 -11.40 -23.93 -59.61
N ALA Q 147 -12.17 -23.33 -60.53
CA ALA Q 147 -13.50 -23.77 -60.88
C ALA Q 147 -13.73 -23.53 -62.36
N LYS Q 148 -14.71 -24.24 -62.91
CA LYS Q 148 -15.01 -24.20 -64.34
C LYS Q 148 -16.50 -23.95 -64.52
N VAL Q 149 -16.83 -22.96 -65.34
CA VAL Q 149 -18.20 -22.59 -65.64
C VAL Q 149 -18.42 -22.76 -67.14
N GLN Q 150 -19.43 -23.56 -67.49
CA GLN Q 150 -19.82 -23.79 -68.87
C GLN Q 150 -21.26 -23.34 -69.05
N TRP Q 151 -21.52 -22.59 -70.11
CA TRP Q 151 -22.86 -22.14 -70.44
C TRP Q 151 -23.47 -23.04 -71.51
N LYS Q 152 -24.75 -23.38 -71.33
CA LYS Q 152 -25.47 -24.18 -72.32
C LYS Q 152 -26.77 -23.47 -72.66
N VAL Q 153 -26.93 -23.15 -73.94
CA VAL Q 153 -28.12 -22.45 -74.45
C VAL Q 153 -28.83 -23.43 -75.38
N ASP Q 154 -29.96 -23.96 -74.90
CA ASP Q 154 -30.71 -25.06 -75.55
C ASP Q 154 -29.79 -26.22 -75.90
N ASN Q 155 -29.03 -26.66 -74.90
CA ASN Q 155 -28.05 -27.75 -74.88
C ASN Q 155 -26.83 -27.52 -75.76
N ALA Q 156 -26.69 -26.34 -76.35
CA ALA Q 156 -25.54 -26.03 -77.18
C ALA Q 156 -24.51 -25.32 -76.33
N LEU Q 157 -23.29 -25.84 -76.36
CA LEU Q 157 -22.22 -25.33 -75.52
C LEU Q 157 -21.77 -23.97 -76.04
N GLN Q 158 -21.79 -22.97 -75.16
CA GLN Q 158 -21.38 -21.63 -75.55
C GLN Q 158 -19.87 -21.50 -75.51
N SER Q 159 -19.38 -20.61 -76.39
CA SER Q 159 -17.95 -20.30 -76.48
C SER Q 159 -17.81 -18.88 -76.99
N GLY Q 160 -17.04 -18.05 -76.27
CA GLY Q 160 -16.73 -16.71 -76.74
C GLY Q 160 -17.65 -15.60 -76.30
N ASN Q 161 -18.68 -15.89 -75.49
CA ASN Q 161 -19.65 -14.87 -75.09
C ASN Q 161 -19.84 -14.82 -73.58
N SER Q 162 -18.84 -15.25 -72.81
CA SER Q 162 -18.94 -15.25 -71.36
C SER Q 162 -17.65 -14.75 -70.76
N GLN Q 163 -17.77 -14.09 -69.61
CA GLN Q 163 -16.63 -13.58 -68.89
C GLN Q 163 -16.80 -13.81 -67.39
N GLU Q 164 -15.68 -14.08 -66.71
CA GLU Q 164 -15.69 -14.38 -65.29
C GLU Q 164 -15.00 -13.29 -64.48
N SER Q 165 -15.45 -13.15 -63.24
CA SER Q 165 -14.89 -12.23 -62.28
C SER Q 165 -14.71 -12.96 -60.95
N VAL Q 166 -13.50 -12.91 -60.40
CA VAL Q 166 -13.17 -13.59 -59.14
C VAL Q 166 -12.79 -12.54 -58.11
N THR Q 167 -13.40 -12.65 -56.94
CA THR Q 167 -13.06 -11.79 -55.81
C THR Q 167 -11.71 -12.21 -55.23
N GLU Q 168 -11.17 -11.34 -54.39
CA GLU Q 168 -10.02 -11.72 -53.58
C GLU Q 168 -10.45 -12.73 -52.51
N GLN Q 169 -9.46 -13.41 -51.93
CA GLN Q 169 -9.73 -14.35 -50.86
C GLN Q 169 -10.25 -13.60 -49.64
N ASP Q 170 -11.32 -14.10 -49.06
CA ASP Q 170 -11.98 -13.43 -47.96
C ASP Q 170 -11.11 -13.48 -46.70
N SER Q 171 -11.18 -12.42 -45.91
CA SER Q 171 -10.40 -12.29 -44.69
C SER Q 171 -11.04 -12.97 -43.48
N LYS Q 172 -12.19 -13.63 -43.65
CA LYS Q 172 -12.84 -14.33 -42.54
C LYS Q 172 -12.87 -15.83 -42.75
N ASP Q 173 -13.47 -16.31 -43.85
CA ASP Q 173 -13.60 -17.74 -44.10
C ASP Q 173 -12.66 -18.27 -45.18
N SER Q 174 -11.81 -17.40 -45.75
CA SER Q 174 -10.77 -17.74 -46.73
C SER Q 174 -11.33 -18.39 -48.00
N THR Q 175 -12.54 -18.00 -48.39
CA THR Q 175 -13.19 -18.55 -49.56
C THR Q 175 -13.12 -17.55 -50.71
N TYR Q 176 -13.46 -18.04 -51.90
CA TYR Q 176 -13.56 -17.22 -53.10
C TYR Q 176 -15.00 -17.17 -53.57
N SER Q 177 -15.31 -16.15 -54.37
CA SER Q 177 -16.60 -16.04 -55.06
C SER Q 177 -16.36 -15.69 -56.51
N LEU Q 178 -17.19 -16.23 -57.40
CA LEU Q 178 -17.02 -16.09 -58.83
C LEU Q 178 -18.38 -15.79 -59.46
N SER Q 179 -18.40 -14.90 -60.46
CA SER Q 179 -19.60 -14.63 -61.24
C SER Q 179 -19.28 -14.75 -62.73
N SER Q 180 -20.14 -15.44 -63.47
CA SER Q 180 -19.98 -15.60 -64.92
C SER Q 180 -21.16 -15.00 -65.65
N THR Q 181 -20.89 -14.05 -66.56
CA THR Q 181 -21.93 -13.31 -67.26
C THR Q 181 -21.95 -13.70 -68.73
N LEU Q 182 -23.04 -14.32 -69.14
CA LEU Q 182 -23.24 -14.71 -70.54
C LEU Q 182 -23.93 -13.56 -71.27
N THR Q 183 -23.24 -12.98 -72.25
CA THR Q 183 -23.74 -11.83 -72.98
C THR Q 183 -24.25 -12.25 -74.36
N LEU Q 184 -25.53 -12.02 -74.61
CA LEU Q 184 -26.17 -12.29 -75.90
C LEU Q 184 -26.93 -11.06 -76.35
N SER Q 185 -27.22 -11.01 -77.65
CA SER Q 185 -28.12 -9.99 -78.16
C SER Q 185 -29.56 -10.35 -77.79
N LYS Q 186 -30.46 -9.38 -77.96
CA LYS Q 186 -31.88 -9.60 -77.69
C LYS Q 186 -32.50 -10.58 -78.68
N ALA Q 187 -32.07 -10.49 -79.95
CA ALA Q 187 -32.57 -11.39 -80.98
C ALA Q 187 -32.09 -12.82 -80.75
N ASP Q 188 -30.86 -13.01 -80.27
CA ASP Q 188 -30.43 -14.36 -79.95
C ASP Q 188 -31.07 -14.89 -78.68
N TYR Q 189 -31.41 -14.00 -77.74
CA TYR Q 189 -32.00 -14.45 -76.47
C TYR Q 189 -33.44 -14.94 -76.66
N GLU Q 190 -34.22 -14.24 -77.48
CA GLU Q 190 -35.62 -14.59 -77.65
C GLU Q 190 -35.85 -15.72 -78.64
N LYS Q 191 -34.79 -16.23 -79.26
CA LYS Q 191 -34.86 -17.42 -80.11
C LYS Q 191 -34.64 -18.71 -79.34
N HIS Q 192 -34.26 -18.65 -78.07
CA HIS Q 192 -33.94 -19.85 -77.32
C HIS Q 192 -34.73 -19.90 -76.02
N LYS Q 193 -34.80 -21.11 -75.45
CA LYS Q 193 -35.64 -21.40 -74.29
C LYS Q 193 -34.83 -21.79 -73.07
N VAL Q 194 -34.03 -22.84 -73.15
CA VAL Q 194 -33.36 -23.39 -71.97
C VAL Q 194 -31.98 -22.75 -71.84
N TYR Q 195 -31.71 -22.17 -70.68
CA TYR Q 195 -30.45 -21.52 -70.35
C TYR Q 195 -29.92 -22.17 -69.09
N ALA Q 196 -28.80 -22.87 -69.19
CA ALA Q 196 -28.26 -23.65 -68.09
C ALA Q 196 -26.83 -23.21 -67.82
N CYS Q 197 -26.46 -23.25 -66.54
CA CYS Q 197 -25.12 -22.99 -66.05
C CYS Q 197 -24.61 -24.24 -65.36
N GLU Q 198 -23.52 -24.82 -65.88
CA GLU Q 198 -22.96 -26.07 -65.36
C GLU Q 198 -21.63 -25.79 -64.69
N VAL Q 199 -21.54 -26.15 -63.41
CA VAL Q 199 -20.45 -25.76 -62.52
C VAL Q 199 -19.67 -27.00 -62.11
N THR Q 200 -18.37 -26.99 -62.37
CA THR Q 200 -17.49 -28.11 -62.06
C THR Q 200 -16.46 -27.65 -61.04
N HIS Q 201 -16.36 -28.40 -59.94
CA HIS Q 201 -15.44 -28.06 -58.86
C HIS Q 201 -15.00 -29.34 -58.18
N GLN Q 202 -13.84 -29.29 -57.52
CA GLN Q 202 -13.26 -30.47 -56.88
C GLN Q 202 -14.05 -30.94 -55.66
N GLY Q 203 -14.80 -30.05 -55.01
CA GLY Q 203 -15.67 -30.48 -53.92
C GLY Q 203 -16.97 -31.11 -54.35
N LEU Q 204 -17.28 -31.06 -55.65
CA LEU Q 204 -18.48 -31.67 -56.21
C LEU Q 204 -18.10 -32.98 -56.89
N SER Q 205 -18.80 -34.06 -56.52
CA SER Q 205 -18.52 -35.36 -57.14
C SER Q 205 -19.01 -35.41 -58.58
N SER Q 206 -19.99 -34.59 -58.92
CA SER Q 206 -20.55 -34.51 -60.26
C SER Q 206 -20.88 -33.05 -60.54
N PRO Q 207 -20.85 -32.63 -61.82
CA PRO Q 207 -21.14 -31.22 -62.14
C PRO Q 207 -22.59 -30.85 -61.85
N VAL Q 208 -22.77 -29.78 -61.06
CA VAL Q 208 -24.10 -29.29 -60.68
C VAL Q 208 -24.57 -28.32 -61.77
N THR Q 209 -25.87 -28.34 -62.05
CA THR Q 209 -26.46 -27.54 -63.10
C THR Q 209 -27.66 -26.79 -62.56
N LYS Q 210 -27.67 -25.46 -62.75
CA LYS Q 210 -28.83 -24.65 -62.45
C LYS Q 210 -29.33 -24.01 -63.73
N SER Q 211 -30.64 -24.08 -63.98
CA SER Q 211 -31.17 -23.65 -65.26
C SER Q 211 -32.52 -22.96 -65.08
N PHE Q 212 -32.94 -22.27 -66.15
CA PHE Q 212 -34.26 -21.65 -66.21
C PHE Q 212 -34.72 -21.65 -67.66
N ASN Q 213 -36.02 -21.44 -67.84
CA ASN Q 213 -36.61 -21.29 -69.16
C ASN Q 213 -37.03 -19.84 -69.38
N ARG Q 214 -36.86 -19.36 -70.61
CA ARG Q 214 -37.14 -17.94 -70.91
C ARG Q 214 -38.64 -17.69 -70.90
N GLY Q 215 -39.06 -16.68 -70.14
CA GLY Q 215 -40.46 -16.30 -70.03
C GLY Q 215 -41.25 -17.12 -69.04
N GLU Q 216 -40.70 -18.21 -68.52
CA GLU Q 216 -41.37 -19.03 -67.52
C GLU Q 216 -40.90 -18.64 -66.13
N CYS Q 217 -39.59 -18.73 -65.91
CA CYS Q 217 -38.85 -18.37 -64.68
C CYS Q 217 -39.43 -19.02 -63.42
N GLU R 1 -9.94 -47.94 -71.85
CA GLU R 1 -9.23 -46.81 -71.26
C GLU R 1 -8.74 -47.13 -69.86
N VAL R 2 -8.89 -46.19 -68.94
CA VAL R 2 -8.33 -46.31 -67.60
C VAL R 2 -9.38 -46.94 -66.68
N GLN R 3 -8.95 -47.90 -65.86
CA GLN R 3 -9.77 -48.54 -64.85
C GLN R 3 -9.21 -48.23 -63.47
N LEU R 4 -10.10 -47.90 -62.51
CA LEU R 4 -9.73 -47.64 -61.13
C LEU R 4 -10.23 -48.77 -60.24
N GLN R 5 -9.35 -49.28 -59.38
CA GLN R 5 -9.70 -50.37 -58.47
C GLN R 5 -9.27 -49.99 -57.06
N GLU R 6 -10.24 -49.86 -56.16
CA GLU R 6 -9.97 -49.58 -54.76
C GLU R 6 -9.69 -50.86 -53.99
N SER R 7 -8.89 -50.74 -52.94
CA SER R 7 -8.56 -51.86 -52.07
C SER R 7 -8.14 -51.33 -50.70
N GLY R 8 -8.14 -52.23 -49.72
CA GLY R 8 -7.65 -51.90 -48.39
C GLY R 8 -8.71 -51.62 -47.36
N GLY R 9 -9.99 -51.80 -47.69
CA GLY R 9 -11.07 -51.56 -46.75
C GLY R 9 -11.33 -52.75 -45.84
N GLY R 10 -12.46 -52.69 -45.14
CA GLY R 10 -12.87 -53.78 -44.29
C GLY R 10 -13.29 -53.28 -42.92
N LEU R 11 -13.38 -54.22 -41.98
CA LEU R 11 -13.83 -53.93 -40.63
C LEU R 11 -12.65 -53.42 -39.80
N VAL R 12 -12.92 -52.44 -38.94
CA VAL R 12 -11.89 -51.82 -38.11
C VAL R 12 -12.53 -51.31 -36.83
N GLN R 13 -11.77 -51.36 -35.73
CA GLN R 13 -12.21 -50.84 -34.45
C GLN R 13 -12.22 -49.31 -34.46
N PRO R 14 -13.02 -48.68 -33.59
CA PRO R 14 -12.91 -47.22 -33.41
C PRO R 14 -11.56 -46.81 -32.86
N GLY R 15 -10.97 -45.79 -33.48
CA GLY R 15 -9.62 -45.38 -33.20
C GLY R 15 -8.55 -46.11 -34.00
N GLY R 16 -8.93 -47.11 -34.79
CA GLY R 16 -7.99 -47.88 -35.56
C GLY R 16 -7.51 -47.19 -36.81
N SER R 17 -6.72 -47.92 -37.60
CA SER R 17 -6.11 -47.37 -38.81
C SER R 17 -6.29 -48.32 -39.98
N LEU R 18 -6.52 -47.74 -41.17
CA LEU R 18 -6.57 -48.47 -42.42
C LEU R 18 -5.94 -47.62 -43.50
N ARG R 19 -5.32 -48.29 -44.49
CA ARG R 19 -4.75 -47.62 -45.65
C ARG R 19 -5.49 -48.10 -46.90
N LEU R 20 -6.25 -47.21 -47.52
CA LEU R 20 -6.87 -47.50 -48.79
C LEU R 20 -5.89 -47.23 -49.91
N SER R 21 -5.97 -48.04 -50.96
CA SER R 21 -5.15 -47.85 -52.14
C SER R 21 -6.07 -47.80 -53.36
N CYS R 22 -5.62 -47.06 -54.37
CA CYS R 22 -6.39 -46.96 -55.61
C CYS R 22 -5.44 -47.13 -56.79
N ALA R 23 -5.41 -48.34 -57.34
CA ALA R 23 -4.51 -48.69 -58.42
C ALA R 23 -5.18 -48.43 -59.76
N ALA R 24 -4.49 -47.68 -60.62
CA ALA R 24 -4.99 -47.37 -61.95
C ALA R 24 -4.25 -48.19 -62.99
N SER R 25 -4.98 -48.69 -63.98
CA SER R 25 -4.38 -49.49 -65.05
C SER R 25 -4.98 -49.06 -66.38
N GLY R 26 -4.12 -48.73 -67.34
CA GLY R 26 -4.56 -48.32 -68.64
C GLY R 26 -4.02 -46.98 -69.09
N ARG R 27 -4.07 -45.98 -68.21
CA ARG R 27 -3.54 -44.66 -68.50
C ARG R 27 -2.65 -44.21 -67.33
N THR R 28 -1.60 -43.47 -67.68
CA THR R 28 -0.67 -42.96 -66.68
C THR R 28 -1.32 -41.81 -65.92
N ILE R 29 -1.49 -41.98 -64.61
CA ILE R 29 -2.24 -41.01 -63.81
C ILE R 29 -1.31 -40.07 -63.04
N SER R 30 -0.04 -39.98 -63.43
CA SER R 30 0.85 -39.03 -62.76
C SER R 30 0.57 -37.59 -63.16
N ARG R 31 -0.13 -37.37 -64.27
CA ARG R 31 -0.45 -36.02 -64.71
C ARG R 31 -1.78 -35.52 -64.19
N TYR R 32 -2.54 -36.33 -63.48
CA TYR R 32 -3.88 -35.96 -63.04
C TYR R 32 -3.98 -35.95 -61.52
N ALA R 33 -4.82 -35.07 -61.00
CA ALA R 33 -5.17 -35.10 -59.59
C ALA R 33 -6.08 -36.28 -59.31
N MET R 34 -5.91 -36.87 -58.13
CA MET R 34 -6.70 -38.01 -57.70
C MET R 34 -7.46 -37.63 -56.43
N SER R 35 -8.76 -37.88 -56.43
CA SER R 35 -9.61 -37.52 -55.31
C SER R 35 -10.23 -38.77 -54.69
N TRP R 36 -10.51 -38.66 -53.40
CA TRP R 36 -11.22 -39.68 -52.65
C TRP R 36 -12.56 -39.12 -52.22
N PHE R 37 -13.60 -39.94 -52.35
CA PHE R 37 -14.95 -39.60 -51.94
C PHE R 37 -15.52 -40.74 -51.11
N ARG R 38 -16.57 -40.45 -50.34
CA ARG R 38 -17.22 -41.48 -49.56
C ARG R 38 -18.73 -41.26 -49.60
N GLN R 39 -19.48 -42.35 -49.47
CA GLN R 39 -20.93 -42.28 -49.51
C GLN R 39 -21.49 -43.31 -48.53
N ALA R 40 -22.11 -42.82 -47.46
CA ALA R 40 -22.89 -43.67 -46.58
C ALA R 40 -24.14 -44.15 -47.31
N PRO R 41 -24.70 -45.31 -46.94
CA PRO R 41 -25.94 -45.78 -47.58
C PRO R 41 -27.11 -44.87 -47.28
N GLY R 42 -27.77 -44.40 -48.34
CA GLY R 42 -28.89 -43.50 -48.23
C GLY R 42 -28.52 -42.04 -47.95
N LYS R 43 -27.25 -41.67 -48.10
CA LYS R 43 -26.78 -40.31 -47.88
C LYS R 43 -26.11 -39.82 -49.16
N GLU R 44 -25.69 -38.56 -49.14
CA GLU R 44 -25.05 -37.96 -50.31
C GLU R 44 -23.58 -38.37 -50.38
N ARG R 45 -23.07 -38.41 -51.60
CA ARG R 45 -21.63 -38.63 -51.81
C ARG R 45 -20.89 -37.35 -51.47
N GLU R 46 -19.97 -37.41 -50.52
CA GLU R 46 -19.28 -36.23 -50.04
C GLU R 46 -17.79 -36.33 -50.29
N PHE R 47 -17.13 -35.17 -50.30
CA PHE R 47 -15.71 -35.07 -50.54
C PHE R 47 -14.92 -35.50 -49.31
N VAL R 48 -13.77 -36.13 -49.55
CA VAL R 48 -12.86 -36.50 -48.46
C VAL R 48 -11.54 -35.78 -48.66
N ALA R 49 -10.81 -36.11 -49.72
CA ALA R 49 -9.46 -35.58 -49.89
C ALA R 49 -9.10 -35.64 -51.35
N THR R 50 -8.16 -34.78 -51.73
CA THR R 50 -7.60 -34.81 -53.07
C THR R 50 -6.09 -34.78 -52.98
N ALA R 51 -5.45 -35.50 -53.90
CA ALA R 51 -4.00 -35.44 -54.09
C ALA R 51 -3.75 -34.88 -55.48
N ARG R 52 -3.17 -33.69 -55.55
CA ARG R 52 -2.83 -33.11 -56.84
C ARG R 52 -1.51 -33.69 -57.31
N ARG R 53 -0.92 -33.08 -58.34
CA ARG R 53 0.36 -33.55 -58.86
C ARG R 53 1.47 -33.29 -57.85
N SER R 54 2.57 -34.02 -58.03
CA SER R 54 3.70 -33.96 -57.12
C SER R 54 4.34 -32.58 -57.11
N GLY R 55 4.17 -31.85 -56.00
CA GLY R 55 4.57 -30.47 -55.89
C GLY R 55 3.42 -29.49 -55.78
N ASP R 56 2.20 -29.91 -56.12
CA ASP R 56 1.03 -29.05 -56.10
C ASP R 56 0.19 -29.23 -54.84
N GLY R 57 0.59 -30.12 -53.93
CA GLY R 57 -0.01 -30.17 -52.61
C GLY R 57 -1.23 -31.08 -52.53
N ALA R 58 -1.81 -31.09 -51.32
CA ALA R 58 -2.97 -31.90 -50.99
C ALA R 58 -3.98 -31.06 -50.23
N PHE R 59 -5.26 -31.38 -50.44
CA PHE R 59 -6.37 -30.66 -49.80
C PHE R 59 -7.34 -31.66 -49.20
N TYR R 60 -7.99 -31.25 -48.10
CA TYR R 60 -8.80 -32.17 -47.30
C TYR R 60 -10.13 -31.51 -46.98
N ALA R 61 -11.11 -32.36 -46.63
CA ALA R 61 -12.40 -31.91 -46.14
C ALA R 61 -12.29 -31.55 -44.66
N ASP R 62 -13.32 -30.86 -44.15
CA ASP R 62 -13.28 -30.40 -42.77
C ASP R 62 -13.46 -31.55 -41.78
N SER R 63 -14.25 -32.56 -42.15
CA SER R 63 -14.52 -33.70 -41.27
C SER R 63 -13.33 -34.64 -41.14
N VAL R 64 -12.36 -34.57 -42.04
CA VAL R 64 -11.25 -35.52 -42.10
C VAL R 64 -9.89 -34.88 -41.84
N GLN R 65 -9.84 -33.58 -41.55
CA GLN R 65 -8.57 -32.87 -41.38
C GLN R 65 -7.88 -33.28 -40.08
N GLY R 66 -6.58 -33.57 -40.17
CA GLY R 66 -5.81 -33.98 -39.03
C GLY R 66 -5.80 -35.47 -38.79
N ARG R 67 -6.71 -36.21 -39.40
CA ARG R 67 -6.83 -37.65 -39.23
C ARG R 67 -6.49 -38.44 -40.48
N PHE R 68 -6.87 -37.96 -41.66
CA PHE R 68 -6.64 -38.67 -42.90
C PHE R 68 -5.47 -38.02 -43.64
N THR R 69 -4.73 -38.85 -44.40
CA THR R 69 -3.57 -38.36 -45.15
C THR R 69 -3.55 -39.03 -46.51
N VAL R 70 -3.54 -38.22 -47.57
CA VAL R 70 -3.49 -38.71 -48.94
C VAL R 70 -2.06 -38.59 -49.47
N SER R 71 -1.66 -39.54 -50.30
CA SER R 71 -0.31 -39.58 -50.84
C SER R 71 -0.33 -40.27 -52.19
N ARG R 72 0.80 -40.21 -52.89
CA ARG R 72 0.91 -40.77 -54.23
C ARG R 72 2.11 -41.71 -54.33
N ASP R 73 1.96 -42.69 -55.22
CA ASP R 73 3.07 -43.51 -55.71
C ASP R 73 2.97 -43.44 -57.24
N ASP R 74 3.62 -42.43 -57.83
CA ASP R 74 3.50 -42.23 -59.27
C ASP R 74 4.27 -43.28 -60.07
N ALA R 75 5.22 -43.98 -59.45
CA ALA R 75 5.94 -45.04 -60.15
C ALA R 75 5.09 -46.29 -60.33
N LYS R 76 4.15 -46.54 -59.42
CA LYS R 76 3.28 -47.72 -59.48
C LYS R 76 1.86 -47.37 -59.93
N ASN R 77 1.63 -46.12 -60.34
CA ASN R 77 0.35 -45.61 -60.85
C ASN R 77 -0.77 -45.77 -59.82
N THR R 78 -0.45 -45.51 -58.55
CA THR R 78 -1.32 -45.82 -57.44
C THR R 78 -1.25 -44.69 -56.42
N VAL R 79 -2.41 -44.26 -55.92
CA VAL R 79 -2.46 -43.28 -54.84
C VAL R 79 -3.06 -43.94 -53.60
N TYR R 80 -2.78 -43.36 -52.44
CA TYR R 80 -3.11 -43.95 -51.16
C TYR R 80 -3.87 -42.96 -50.31
N LEU R 81 -4.71 -43.49 -49.41
CA LEU R 81 -5.40 -42.68 -48.40
C LEU R 81 -5.19 -43.35 -47.04
N GLN R 82 -4.23 -42.84 -46.29
CA GLN R 82 -3.98 -43.33 -44.94
C GLN R 82 -5.03 -42.74 -44.01
N MET R 83 -5.81 -43.61 -43.37
CA MET R 83 -6.91 -43.21 -42.49
C MET R 83 -6.54 -43.56 -41.06
N ASN R 84 -6.20 -42.56 -40.26
CA ASN R 84 -5.90 -42.73 -38.85
C ASN R 84 -7.04 -42.19 -38.01
N SER R 85 -7.18 -42.75 -36.79
CA SER R 85 -8.14 -42.33 -35.76
C SER R 85 -9.58 -42.37 -36.28
N LEU R 86 -9.98 -43.57 -36.74
CA LEU R 86 -11.25 -43.71 -37.42
C LEU R 86 -12.40 -43.67 -36.42
N LYS R 87 -13.50 -43.04 -36.83
CA LYS R 87 -14.72 -42.89 -36.04
C LYS R 87 -15.86 -43.66 -36.70
N PRO R 88 -16.91 -44.00 -35.93
CA PRO R 88 -18.09 -44.64 -36.54
C PRO R 88 -18.83 -43.80 -37.58
N GLU R 89 -18.65 -42.48 -37.58
CA GLU R 89 -19.21 -41.64 -38.64
C GLU R 89 -18.50 -41.81 -39.97
N ASP R 90 -17.30 -42.41 -39.98
CA ASP R 90 -16.55 -42.61 -41.21
C ASP R 90 -17.00 -43.84 -41.99
N THR R 91 -18.01 -44.57 -41.51
CA THR R 91 -18.47 -45.80 -42.18
C THR R 91 -19.23 -45.46 -43.45
N ALA R 92 -18.65 -45.83 -44.59
CA ALA R 92 -19.14 -45.49 -45.92
C ALA R 92 -18.42 -46.37 -46.93
N VAL R 93 -18.93 -46.37 -48.15
CA VAL R 93 -18.22 -46.95 -49.29
C VAL R 93 -17.34 -45.86 -49.88
N TYR R 94 -16.04 -46.12 -49.98
CA TYR R 94 -15.08 -45.10 -50.37
C TYR R 94 -14.69 -45.25 -51.83
N TYR R 95 -14.86 -44.17 -52.60
CA TYR R 95 -14.66 -44.18 -54.03
C TYR R 95 -13.42 -43.37 -54.40
N CYS R 96 -12.77 -43.78 -55.47
CA CYS R 96 -11.59 -43.12 -56.00
C CYS R 96 -11.92 -42.54 -57.36
N ALA R 97 -11.41 -41.34 -57.65
CA ALA R 97 -11.79 -40.63 -58.87
C ALA R 97 -10.59 -39.90 -59.46
N ILE R 98 -10.58 -39.78 -60.78
CA ILE R 98 -9.55 -39.05 -61.52
C ILE R 98 -10.10 -37.69 -61.92
N ASP R 99 -9.35 -36.62 -61.59
CA ASP R 99 -9.65 -35.30 -62.14
C ASP R 99 -9.08 -35.22 -63.55
N SER R 100 -9.97 -35.26 -64.56
CA SER R 100 -9.55 -35.24 -65.95
C SER R 100 -9.04 -33.87 -66.41
N ASP R 101 -9.37 -32.81 -65.67
CA ASP R 101 -8.78 -31.50 -65.92
C ASP R 101 -7.42 -31.42 -65.25
N THR R 102 -6.39 -31.06 -66.01
CA THR R 102 -5.05 -30.94 -65.44
C THR R 102 -4.90 -29.69 -64.62
N PHE R 103 -5.85 -28.75 -64.69
CA PHE R 103 -5.80 -27.52 -63.92
C PHE R 103 -6.75 -27.54 -62.73
N TYR R 104 -7.16 -28.75 -62.29
CA TYR R 104 -7.82 -29.01 -61.00
C TYR R 104 -9.20 -28.37 -60.93
N SER R 105 -9.96 -28.43 -62.03
CA SER R 105 -11.34 -27.95 -62.05
C SER R 105 -12.34 -29.00 -61.61
N GLY R 106 -11.90 -30.21 -61.30
CA GLY R 106 -12.77 -31.22 -60.72
C GLY R 106 -13.62 -31.99 -61.70
N SER R 107 -13.11 -32.24 -62.91
CA SER R 107 -13.85 -32.95 -63.93
C SER R 107 -13.66 -34.45 -63.71
N TYR R 108 -14.51 -35.02 -62.87
CA TYR R 108 -14.40 -36.42 -62.45
C TYR R 108 -15.16 -37.27 -63.47
N ASP R 109 -14.44 -37.76 -64.47
CA ASP R 109 -15.07 -38.62 -65.48
C ASP R 109 -14.95 -40.10 -65.15
N TYR R 110 -13.88 -40.52 -64.48
CA TYR R 110 -13.59 -41.92 -64.21
C TYR R 110 -13.64 -42.22 -62.70
N TRP R 111 -14.36 -43.27 -62.33
CA TRP R 111 -14.57 -43.61 -60.93
C TRP R 111 -14.28 -45.09 -60.71
N GLY R 112 -13.82 -45.43 -59.51
CA GLY R 112 -13.67 -46.80 -59.11
C GLY R 112 -14.98 -47.41 -58.64
N GLN R 113 -14.94 -48.72 -58.38
CA GLN R 113 -16.13 -49.44 -57.93
C GLN R 113 -16.38 -49.31 -56.43
N GLY R 114 -15.41 -48.83 -55.68
CA GLY R 114 -15.59 -48.60 -54.26
C GLY R 114 -15.11 -49.77 -53.42
N THR R 115 -14.85 -49.46 -52.14
CA THR R 115 -14.47 -50.45 -51.14
C THR R 115 -15.17 -50.11 -49.84
N GLN R 116 -15.59 -51.14 -49.10
CA GLN R 116 -16.36 -50.95 -47.89
C GLN R 116 -15.42 -50.75 -46.71
N VAL R 117 -15.64 -49.67 -45.96
CA VAL R 117 -14.95 -49.41 -44.70
C VAL R 117 -16.04 -49.28 -43.64
N THR R 118 -15.98 -50.16 -42.63
CA THR R 118 -16.95 -50.17 -41.56
C THR R 118 -16.21 -50.03 -40.23
N VAL R 119 -16.61 -49.05 -39.43
CA VAL R 119 -15.97 -48.76 -38.14
C VAL R 119 -17.00 -49.04 -37.06
N SER R 120 -16.77 -50.10 -36.28
CA SER R 120 -17.67 -50.50 -35.20
C SER R 120 -16.95 -51.30 -34.12
#